data_6MRD
#
_entry.id   6MRD
#
_cell.length_a   1
_cell.length_b   1
_cell.length_c   1
_cell.angle_alpha   90.00
_cell.angle_beta   90.00
_cell.angle_gamma   90.00
#
_symmetry.space_group_name_H-M   'P 1'
#
loop_
_entity.id
_entity.type
_entity.pdbx_description
1 polymer '60 kDa heat shock protein, mitochondrial'
2 polymer '10 kDa heat shock protein, mitochondrial'
3 non-polymer "ADENOSINE-5'-DIPHOSPHATE"
4 non-polymer 'MAGNESIUM ION'
#
loop_
_entity_poly.entity_id
_entity_poly.type
_entity_poly.pdbx_seq_one_letter_code
_entity_poly.pdbx_strand_id
1 'polypeptide(L)'
;GSAKDVKFGADARALMLQGVDLLADAVAVTMGPKGRTVIIEQSWGSPKVTKDGVTVAKSIDLKDKYKNIGAKLVQDVANN
TNEEAGDGTTTATVLARSIAKEGFEKISKGANPVEIRRGVMLAVDAVIAELKKQSKPVTTPEEIAQVATISANGDKEIGN
IISDAMKKVGRKGVITVKDGKTLNDELEIIEGMKFDRGYISPYFINTSKGQKCEFQDAYVLLSEKKISSIQSIVPALEIA
NAHRKPLVIIAEDVDGEALSTLVLNRLKVGLQVVAVKAPGFGDNRKNQLKDMAIATGGAVFGEEGLTLNLEDVQPHDLGK
VGEVIVTKDDAMLLKGKGDKAQIEKRIQEIIEQLDVTTSEYEKEKLNERLAKLSDGVAVLKVGGTSDVEVNEKKDRVTDA
LNATRAAVEEGIVLGGGCALLRCIPALDSLTPANEDQKIGIEIIKRTLKIPAMTIAKNAGVEGSLIVEKIMQSSSEVGYD
AMAGDFVNMVEKGIIDPTKVVRTALLDAAGVASLLTTAEVVVTEIPKE
;
A,G,F,E,D,C,B
2 'polypeptide(L)'
;GQAFRKFLPLFDRVLVERSAAETVTKGGIMLPEKSQGKVLQATVVAVGSGSKGKGGEIQPVSVKVGDKVLLPEYGGTKVV
LDDKDYFLFRDGDILGKYVD
;
O,U,T,S,R,Q,P
#
loop_
_chem_comp.id
_chem_comp.type
_chem_comp.name
_chem_comp.formula
ADP non-polymer ADENOSINE-5'-DIPHOSPHATE 'C10 H15 N5 O10 P2'
MG non-polymer 'MAGNESIUM ION' 'Mg 2'
#
# COMPACT_ATOMS: atom_id res chain seq x y z
N GLY A 1 30.30 11.01 -4.94
CA GLY A 1 31.12 11.20 -6.13
C GLY A 1 31.81 9.94 -6.57
N SER A 2 31.47 9.46 -7.76
CA SER A 2 32.08 8.24 -8.28
C SER A 2 33.56 8.46 -8.52
N ALA A 3 34.34 7.40 -8.29
CA ALA A 3 35.76 7.45 -8.57
C ALA A 3 35.96 7.77 -10.05
N LYS A 4 36.83 8.72 -10.34
CA LYS A 4 36.99 9.21 -11.69
C LYS A 4 38.38 8.83 -12.21
N ASP A 5 38.67 9.28 -13.43
CA ASP A 5 39.93 9.01 -14.09
C ASP A 5 40.37 10.26 -14.81
N VAL A 6 41.68 10.44 -14.92
CA VAL A 6 42.23 11.66 -15.49
C VAL A 6 43.20 11.32 -16.61
N LYS A 7 43.29 12.23 -17.58
CA LYS A 7 44.27 12.12 -18.65
C LYS A 7 44.81 13.50 -18.98
N PHE A 8 46.04 13.51 -19.51
CA PHE A 8 46.81 14.72 -19.69
C PHE A 8 47.24 14.89 -21.15
N GLY A 9 47.24 16.14 -21.59
CA GLY A 9 48.00 16.52 -22.77
C GLY A 9 47.59 15.81 -24.03
N ALA A 10 48.58 15.26 -24.73
CA ALA A 10 48.36 14.73 -26.06
C ALA A 10 47.39 13.55 -26.03
N ASP A 11 47.33 12.80 -24.94
CA ASP A 11 46.44 11.66 -24.88
C ASP A 11 44.99 12.09 -24.95
N ALA A 12 44.57 12.93 -23.99
CA ALA A 12 43.19 13.41 -23.97
C ALA A 12 42.89 14.19 -25.24
N ARG A 13 43.85 14.96 -25.73
CA ARG A 13 43.64 15.70 -26.97
C ARG A 13 43.34 14.75 -28.12
N ALA A 14 44.15 13.72 -28.26
CA ALA A 14 43.96 12.77 -29.36
C ALA A 14 42.63 12.05 -29.23
N LEU A 15 42.25 11.67 -28.01
CA LEU A 15 40.98 10.96 -27.85
C LEU A 15 39.80 11.85 -28.19
N MET A 16 39.79 13.08 -27.65
CA MET A 16 38.69 13.98 -27.94
C MET A 16 38.62 14.31 -29.43
N LEU A 17 39.77 14.54 -30.05
CA LEU A 17 39.77 14.82 -31.48
C LEU A 17 39.29 13.61 -32.27
N GLN A 18 39.62 12.40 -31.83
CA GLN A 18 39.12 11.21 -32.51
C GLN A 18 37.61 11.13 -32.41
N GLY A 19 37.07 11.39 -31.23
CA GLY A 19 35.62 11.38 -31.07
C GLY A 19 34.94 12.42 -31.96
N VAL A 20 35.48 13.63 -31.98
CA VAL A 20 34.90 14.68 -32.79
C VAL A 20 35.02 14.33 -34.27
N ASP A 21 36.13 13.72 -34.67
CA ASP A 21 36.28 13.31 -36.06
C ASP A 21 35.29 12.22 -36.42
N LEU A 22 35.03 11.30 -35.50
CA LEU A 22 33.98 10.31 -35.72
C LEU A 22 32.65 10.99 -35.96
N LEU A 23 32.28 11.89 -35.06
CA LEU A 23 30.96 12.51 -35.18
C LEU A 23 30.87 13.40 -36.41
N ALA A 24 31.98 13.99 -36.83
CA ALA A 24 31.95 14.92 -37.95
C ALA A 24 32.04 14.22 -39.30
N ASP A 25 32.78 13.12 -39.38
CA ASP A 25 32.73 12.32 -40.59
C ASP A 25 31.36 11.72 -40.79
N ALA A 26 30.63 11.48 -39.70
CA ALA A 26 29.29 10.93 -39.79
C ALA A 26 28.34 11.87 -40.51
N VAL A 27 28.66 13.16 -40.53
CA VAL A 27 27.72 14.20 -40.91
C VAL A 27 28.19 14.96 -42.14
N ALA A 28 29.50 15.15 -42.29
CA ALA A 28 30.04 16.08 -43.29
C ALA A 28 29.59 15.78 -44.70
N VAL A 29 29.09 14.56 -44.95
CA VAL A 29 28.56 14.22 -46.25
C VAL A 29 27.38 15.10 -46.62
N THR A 30 26.52 15.40 -45.65
CA THR A 30 25.23 16.02 -45.93
C THR A 30 25.35 17.53 -46.04
N MET A 31 26.02 17.95 -47.10
CA MET A 31 26.13 19.35 -47.44
C MET A 31 25.91 19.51 -48.93
N GLY A 32 25.11 20.50 -49.29
CA GLY A 32 24.85 20.79 -50.67
C GLY A 32 24.22 19.63 -51.39
N PRO A 33 24.01 19.78 -52.69
CA PRO A 33 23.61 18.63 -53.49
C PRO A 33 24.70 17.58 -53.49
N LYS A 34 24.30 16.37 -53.87
CA LYS A 34 25.15 15.19 -53.86
C LYS A 34 25.47 14.71 -52.45
N GLY A 35 25.05 15.42 -51.41
CA GLY A 35 25.06 14.84 -50.08
C GLY A 35 24.21 13.60 -50.03
N ARG A 36 24.43 12.79 -48.99
CA ARG A 36 23.82 11.47 -48.91
C ARG A 36 23.18 11.26 -47.54
N THR A 37 21.98 10.67 -47.56
CA THR A 37 21.17 10.56 -46.38
C THR A 37 21.83 9.65 -45.35
N VAL A 38 21.23 9.60 -44.17
CA VAL A 38 21.70 8.82 -43.04
C VAL A 38 20.52 8.13 -42.41
N ILE A 39 20.65 6.84 -42.13
CA ILE A 39 19.59 6.07 -41.50
C ILE A 39 19.98 5.85 -40.05
N ILE A 40 19.09 6.23 -39.14
CA ILE A 40 19.28 6.01 -37.72
C ILE A 40 18.21 5.03 -37.26
N GLU A 41 18.57 4.18 -36.30
CA GLU A 41 17.65 3.16 -35.82
C GLU A 41 16.78 3.74 -34.71
N GLN A 42 15.48 3.84 -34.98
CA GLN A 42 14.52 4.18 -33.96
C GLN A 42 14.25 2.97 -33.09
N SER A 43 14.26 3.17 -31.77
CA SER A 43 14.24 2.03 -30.87
C SER A 43 12.91 1.29 -30.85
N TRP A 44 11.85 1.86 -31.40
CA TRP A 44 10.53 1.27 -31.25
C TRP A 44 9.82 0.96 -32.56
N GLY A 45 10.03 1.76 -33.60
CA GLY A 45 9.31 1.59 -34.84
C GLY A 45 10.27 1.59 -36.03
N SER A 46 9.81 2.20 -37.11
CA SER A 46 10.66 2.32 -38.29
C SER A 46 11.83 3.24 -38.00
N PRO A 47 12.98 3.00 -38.62
CA PRO A 47 14.13 3.88 -38.43
C PRO A 47 13.89 5.21 -39.14
N LYS A 48 14.62 6.22 -38.68
CA LYS A 48 14.58 7.53 -39.31
C LYS A 48 15.56 7.59 -40.47
N VAL A 49 15.25 8.44 -41.44
CA VAL A 49 16.11 8.69 -42.59
C VAL A 49 16.20 10.19 -42.79
N THR A 50 17.42 10.70 -42.92
CA THR A 50 17.65 12.14 -42.82
C THR A 50 18.71 12.61 -43.79
N LYS A 51 18.73 13.93 -43.95
CA LYS A 51 19.91 14.67 -44.36
C LYS A 51 20.32 15.70 -43.32
N ASP A 52 19.42 16.03 -42.40
CA ASP A 52 19.71 16.98 -41.34
C ASP A 52 20.89 16.53 -40.50
N GLY A 53 21.56 17.50 -39.90
CA GLY A 53 22.80 17.27 -39.20
C GLY A 53 22.74 17.36 -37.71
N VAL A 54 21.55 17.24 -37.13
CA VAL A 54 21.36 17.32 -35.70
C VAL A 54 20.68 16.04 -35.23
N THR A 55 19.65 15.63 -35.96
CA THR A 55 19.19 14.26 -35.83
C THR A 55 20.38 13.31 -35.94
N VAL A 56 21.19 13.50 -36.98
CA VAL A 56 22.46 12.80 -37.09
C VAL A 56 23.33 13.10 -35.88
N ALA A 57 23.51 14.38 -35.57
CA ALA A 57 24.39 14.76 -34.48
C ALA A 57 23.82 14.30 -33.14
N LYS A 58 22.61 14.73 -32.81
CA LYS A 58 22.04 14.42 -31.50
C LYS A 58 21.82 12.93 -31.30
N SER A 59 21.75 12.15 -32.38
CA SER A 59 21.58 10.72 -32.22
C SER A 59 22.87 10.06 -31.73
N ILE A 60 24.01 10.54 -32.19
CA ILE A 60 25.27 9.84 -31.94
C ILE A 60 25.62 9.92 -30.47
N ASP A 61 25.97 8.77 -29.89
CA ASP A 61 26.52 8.70 -28.54
C ASP A 61 27.61 7.64 -28.53
N LEU A 62 28.75 7.98 -27.95
CA LEU A 62 29.92 7.13 -28.02
C LEU A 62 30.13 6.36 -26.73
N LYS A 63 30.56 5.12 -26.87
CA LYS A 63 30.82 4.27 -25.70
C LYS A 63 31.91 4.87 -24.83
N ASP A 64 33.08 5.11 -25.41
CA ASP A 64 34.20 5.62 -24.64
C ASP A 64 33.89 7.00 -24.10
N LYS A 65 34.38 7.28 -22.89
CA LYS A 65 34.06 8.53 -22.23
C LYS A 65 34.59 9.73 -23.01
N TYR A 66 35.89 9.70 -23.34
CA TYR A 66 36.52 10.87 -23.94
C TYR A 66 35.93 11.17 -25.31
N LYS A 67 35.73 10.12 -26.12
CA LYS A 67 35.05 10.32 -27.38
C LYS A 67 33.64 10.85 -27.16
N ASN A 68 33.00 10.44 -26.07
CA ASN A 68 31.70 11.01 -25.75
C ASN A 68 31.80 12.50 -25.47
N ILE A 69 32.90 12.93 -24.84
CA ILE A 69 33.11 14.35 -24.60
C ILE A 69 33.23 15.10 -25.91
N GLY A 70 34.00 14.55 -26.84
CA GLY A 70 34.06 15.15 -28.17
C GLY A 70 32.69 15.25 -28.81
N ALA A 71 31.92 14.17 -28.74
CA ALA A 71 30.59 14.18 -29.34
C ALA A 71 29.71 15.24 -28.70
N LYS A 72 29.81 15.42 -27.38
CA LYS A 72 28.99 16.43 -26.72
C LYS A 72 29.39 17.83 -27.15
N LEU A 73 30.70 18.10 -27.22
CA LEU A 73 31.10 19.42 -27.65
C LEU A 73 30.77 19.70 -29.09
N VAL A 74 30.54 18.66 -29.90
CA VAL A 74 30.03 18.93 -31.24
C VAL A 74 28.52 19.14 -31.22
N GLN A 75 27.81 18.29 -30.47
CA GLN A 75 26.36 18.41 -30.44
C GLN A 75 25.90 19.73 -29.86
N ASP A 76 26.68 20.31 -28.96
CA ASP A 76 26.27 21.60 -28.41
C ASP A 76 26.35 22.68 -29.48
N VAL A 77 27.39 22.65 -30.30
CA VAL A 77 27.47 23.57 -31.43
C VAL A 77 26.27 23.36 -32.34
N ALA A 78 25.97 22.10 -32.64
CA ALA A 78 24.82 21.81 -33.50
C ALA A 78 23.53 22.34 -32.91
N ASN A 79 23.33 22.13 -31.61
CA ASN A 79 22.09 22.49 -30.97
C ASN A 79 21.93 24.00 -30.87
N ASN A 80 23.01 24.70 -30.52
CA ASN A 80 22.94 26.16 -30.49
C ASN A 80 22.66 26.72 -31.87
N THR A 81 23.33 26.19 -32.90
CA THR A 81 23.09 26.68 -34.25
C THR A 81 21.64 26.46 -34.65
N ASN A 82 21.10 25.29 -34.32
CA ASN A 82 19.70 25.01 -34.62
C ASN A 82 18.80 26.01 -33.92
N GLU A 83 18.89 26.08 -32.59
CA GLU A 83 17.98 26.92 -31.84
C GLU A 83 18.16 28.40 -32.14
N GLU A 84 19.29 28.79 -32.71
CA GLU A 84 19.48 30.19 -33.05
C GLU A 84 18.98 30.52 -34.45
N ALA A 85 19.44 29.78 -35.46
CA ALA A 85 19.10 30.09 -36.84
C ALA A 85 18.36 28.97 -37.55
N GLY A 86 18.18 27.82 -36.92
CA GLY A 86 17.34 26.78 -37.49
C GLY A 86 18.04 25.89 -38.50
N ASP A 87 18.85 26.49 -39.37
CA ASP A 87 19.63 25.75 -40.35
C ASP A 87 21.07 26.25 -40.27
N GLY A 88 21.99 25.44 -40.78
CA GLY A 88 23.39 25.75 -40.72
C GLY A 88 24.05 24.87 -39.69
N THR A 89 23.56 23.64 -39.60
CA THR A 89 24.05 22.71 -38.61
C THR A 89 25.30 22.02 -39.10
N THR A 90 25.24 21.53 -40.33
CA THR A 90 26.36 20.81 -40.92
C THR A 90 27.57 21.72 -41.02
N THR A 91 27.34 22.96 -41.45
CA THR A 91 28.41 23.93 -41.52
C THR A 91 29.05 24.13 -40.16
N ALA A 92 28.21 24.26 -39.13
CA ALA A 92 28.73 24.41 -37.78
C ALA A 92 29.61 23.23 -37.40
N THR A 93 29.12 22.02 -37.65
CA THR A 93 29.87 20.83 -37.27
C THR A 93 31.21 20.78 -37.99
N VAL A 94 31.22 21.02 -39.30
CA VAL A 94 32.45 20.88 -40.06
C VAL A 94 33.45 21.96 -39.67
N LEU A 95 32.99 23.20 -39.51
CA LEU A 95 33.88 24.25 -39.07
C LEU A 95 34.41 23.96 -37.68
N ALA A 96 33.58 23.38 -36.82
CA ALA A 96 34.04 23.02 -35.49
C ALA A 96 35.13 21.97 -35.57
N ARG A 97 34.93 20.95 -36.40
CA ARG A 97 35.96 19.91 -36.52
C ARG A 97 37.25 20.48 -37.04
N SER A 98 37.18 21.31 -38.09
CA SER A 98 38.39 21.86 -38.66
C SER A 98 39.11 22.75 -37.66
N ILE A 99 38.37 23.58 -36.93
CA ILE A 99 38.98 24.46 -35.96
C ILE A 99 39.61 23.65 -34.84
N ALA A 100 38.94 22.59 -34.41
CA ALA A 100 39.50 21.76 -33.34
C ALA A 100 40.77 21.07 -33.81
N LYS A 101 40.76 20.53 -35.02
CA LYS A 101 41.95 19.84 -35.51
C LYS A 101 43.11 20.82 -35.66
N GLU A 102 42.85 21.99 -36.21
CA GLU A 102 43.90 23.01 -36.31
C GLU A 102 44.39 23.42 -34.93
N GLY A 103 43.49 23.45 -33.95
CA GLY A 103 43.91 23.79 -32.60
C GLY A 103 44.82 22.73 -32.01
N PHE A 104 44.46 21.46 -32.20
CA PHE A 104 45.32 20.40 -31.69
C PHE A 104 46.45 20.12 -32.66
N GLU A 105 47.09 21.17 -33.16
CA GLU A 105 48.43 21.09 -33.75
C GLU A 105 49.36 22.20 -33.30
N LYS A 106 48.85 23.37 -32.93
CA LYS A 106 49.67 24.47 -32.47
C LYS A 106 49.82 24.49 -30.97
N ILE A 107 49.46 23.39 -30.30
CA ILE A 107 49.50 23.34 -28.84
C ILE A 107 50.89 22.97 -28.40
N SER A 108 51.76 23.96 -28.28
CA SER A 108 53.15 23.73 -27.92
C SER A 108 53.31 23.72 -26.41
N LYS A 109 54.55 23.72 -25.95
CA LYS A 109 54.84 24.02 -24.56
C LYS A 109 55.12 25.49 -24.35
N GLY A 110 55.25 26.26 -25.43
CA GLY A 110 55.49 27.68 -25.31
C GLY A 110 54.29 28.52 -25.69
N ALA A 111 53.31 27.90 -26.33
CA ALA A 111 52.12 28.61 -26.76
C ALA A 111 51.15 28.80 -25.60
N ASN A 112 50.40 29.91 -25.64
CA ASN A 112 49.40 30.22 -24.64
C ASN A 112 48.02 30.12 -25.26
N PRO A 113 47.26 29.06 -24.98
CA PRO A 113 46.02 28.83 -25.73
C PRO A 113 44.98 29.94 -25.59
N VAL A 114 44.97 30.66 -24.48
CA VAL A 114 43.97 31.69 -24.28
C VAL A 114 44.14 32.81 -25.29
N GLU A 115 45.39 33.20 -25.56
CA GLU A 115 45.64 34.14 -26.65
C GLU A 115 45.16 33.60 -27.98
N ILE A 116 45.26 32.28 -28.17
CA ILE A 116 44.75 31.67 -29.38
C ILE A 116 43.25 31.89 -29.48
N ARG A 117 42.54 31.65 -28.38
CA ARG A 117 41.12 31.92 -28.33
C ARG A 117 40.81 33.37 -28.67
N ARG A 118 41.60 34.29 -28.10
CA ARG A 118 41.37 35.70 -28.36
C ARG A 118 41.51 36.02 -29.85
N GLY A 119 42.60 35.55 -30.45
CA GLY A 119 42.80 35.79 -31.86
C GLY A 119 41.70 35.20 -32.71
N VAL A 120 41.22 34.01 -32.34
CA VAL A 120 40.10 33.41 -33.05
C VAL A 120 38.88 34.32 -32.95
N MET A 121 38.66 34.92 -31.79
CA MET A 121 37.52 35.80 -31.63
C MET A 121 37.66 37.04 -32.52
N LEU A 122 38.87 37.61 -32.57
CA LEU A 122 39.10 38.73 -33.47
C LEU A 122 38.82 38.35 -34.92
N ALA A 123 39.27 37.17 -35.32
CA ALA A 123 39.03 36.71 -36.68
C ALA A 123 37.54 36.60 -36.96
N VAL A 124 36.79 36.04 -36.00
CA VAL A 124 35.35 35.87 -36.19
C VAL A 124 34.68 37.23 -36.33
N ASP A 125 35.10 38.19 -35.51
CA ASP A 125 34.53 39.53 -35.61
C ASP A 125 34.80 40.14 -36.97
N ALA A 126 36.05 40.06 -37.43
CA ALA A 126 36.39 40.64 -38.72
C ALA A 126 35.58 39.99 -39.84
N VAL A 127 35.45 38.67 -39.80
CA VAL A 127 34.77 37.99 -40.90
C VAL A 127 33.28 38.29 -40.87
N ILE A 128 32.67 38.37 -39.68
CA ILE A 128 31.25 38.66 -39.63
C ILE A 128 30.99 40.09 -40.08
N ALA A 129 31.89 41.02 -39.74
CA ALA A 129 31.75 42.38 -40.23
C ALA A 129 31.83 42.41 -41.74
N GLU A 130 32.80 41.69 -42.31
CA GLU A 130 32.92 41.66 -43.77
C GLU A 130 31.69 41.05 -44.40
N LEU A 131 31.10 40.04 -43.76
CA LEU A 131 29.86 39.48 -44.26
C LEU A 131 28.77 40.53 -44.32
N LYS A 132 28.50 41.17 -43.19
CA LYS A 132 27.41 42.15 -43.14
C LYS A 132 27.65 43.30 -44.09
N LYS A 133 28.91 43.65 -44.35
CA LYS A 133 29.17 44.68 -45.34
C LYS A 133 28.83 44.20 -46.74
N GLN A 134 29.16 42.95 -47.04
CA GLN A 134 28.93 42.39 -48.37
C GLN A 134 27.56 41.74 -48.50
N SER A 135 26.68 41.93 -47.53
CA SER A 135 25.34 41.38 -47.62
C SER A 135 24.50 42.16 -48.62
N LYS A 136 23.24 41.80 -48.72
CA LYS A 136 22.29 42.58 -49.52
C LYS A 136 20.87 42.11 -49.22
N PRO A 137 19.93 43.03 -49.05
CA PRO A 137 18.59 42.65 -48.62
C PRO A 137 17.83 41.92 -49.71
N VAL A 138 16.77 41.25 -49.29
CA VAL A 138 15.87 40.54 -50.20
C VAL A 138 14.72 41.46 -50.57
N THR A 139 14.48 41.62 -51.86
CA THR A 139 13.43 42.49 -52.36
C THR A 139 12.39 41.74 -53.19
N THR A 140 12.81 41.04 -54.15
CA THR A 140 11.80 40.48 -55.02
C THR A 140 11.46 39.05 -54.60
N PRO A 141 10.24 38.59 -54.87
CA PRO A 141 9.92 37.19 -54.55
C PRO A 141 10.71 36.17 -55.35
N GLU A 142 11.40 36.58 -56.40
CA GLU A 142 12.29 35.65 -57.11
C GLU A 142 13.38 35.16 -56.18
N GLU A 143 13.93 36.04 -55.35
CA GLU A 143 14.95 35.62 -54.40
C GLU A 143 14.38 34.62 -53.40
N ILE A 144 13.17 34.86 -52.93
CA ILE A 144 12.53 33.92 -52.02
C ILE A 144 12.35 32.57 -52.69
N ALA A 145 11.87 32.60 -53.93
CA ALA A 145 11.71 31.35 -54.68
C ALA A 145 13.02 30.62 -54.80
N GLN A 146 14.10 31.35 -55.10
CA GLN A 146 15.40 30.74 -55.22
C GLN A 146 15.82 30.10 -53.91
N VAL A 147 15.78 30.87 -52.82
CA VAL A 147 16.25 30.38 -51.52
C VAL A 147 15.48 29.15 -51.09
N ALA A 148 14.15 29.20 -51.21
CA ALA A 148 13.35 28.05 -50.87
C ALA A 148 13.69 26.86 -51.75
N THR A 149 13.90 27.09 -53.04
CA THR A 149 14.24 25.99 -53.93
C THR A 149 15.55 25.35 -53.53
N ILE A 150 16.49 26.15 -53.05
CA ILE A 150 17.72 25.60 -52.49
C ILE A 150 17.40 24.69 -51.34
N SER A 151 16.80 25.27 -50.30
CA SER A 151 16.84 24.63 -49.00
C SER A 151 15.90 23.44 -48.86
N ALA A 152 15.22 23.05 -49.94
CA ALA A 152 14.65 21.72 -50.02
C ALA A 152 15.65 20.73 -50.61
N ASN A 153 16.93 21.03 -50.52
CA ASN A 153 17.97 20.26 -51.19
C ASN A 153 17.78 20.31 -52.70
N GLY A 154 17.53 21.51 -53.20
CA GLY A 154 17.41 21.73 -54.62
C GLY A 154 16.06 21.41 -55.21
N ASP A 155 15.01 21.39 -54.41
CA ASP A 155 13.66 21.11 -54.89
C ASP A 155 12.99 22.41 -55.29
N LYS A 156 12.35 22.41 -56.46
CA LYS A 156 11.70 23.63 -56.93
C LYS A 156 10.25 23.73 -56.48
N GLU A 157 9.55 22.61 -56.31
CA GLU A 157 8.19 22.67 -55.82
C GLU A 157 8.12 23.29 -54.44
N ILE A 158 9.08 22.94 -53.57
CA ILE A 158 9.13 23.54 -52.24
C ILE A 158 9.30 25.04 -52.35
N GLY A 159 10.17 25.47 -53.27
CA GLY A 159 10.37 26.90 -53.44
C GLY A 159 9.12 27.62 -53.90
N ASN A 160 8.46 27.07 -54.91
CA ASN A 160 7.22 27.69 -55.40
C ASN A 160 6.16 27.73 -54.31
N ILE A 161 6.05 26.66 -53.53
CA ILE A 161 5.02 26.61 -52.50
C ILE A 161 5.30 27.65 -51.43
N ILE A 162 6.53 27.72 -50.95
CA ILE A 162 6.83 28.69 -49.90
C ILE A 162 6.70 30.11 -50.44
N SER A 163 7.04 30.31 -51.71
CA SER A 163 6.86 31.63 -52.32
C SER A 163 5.40 32.04 -52.31
N ASP A 164 4.53 31.14 -52.77
CA ASP A 164 3.10 31.46 -52.80
C ASP A 164 2.55 31.67 -51.42
N ALA A 165 3.04 30.90 -50.44
CA ALA A 165 2.62 31.11 -49.06
C ALA A 165 2.98 32.51 -48.60
N MET A 166 4.25 32.88 -48.76
CA MET A 166 4.67 34.19 -48.29
C MET A 166 4.03 35.32 -49.07
N LYS A 167 3.61 35.08 -50.31
CA LYS A 167 2.94 36.13 -51.06
C LYS A 167 1.49 36.30 -50.63
N LYS A 168 0.76 35.19 -50.52
CA LYS A 168 -0.63 35.25 -50.11
C LYS A 168 -0.81 35.46 -48.61
N VAL A 169 0.28 35.50 -47.85
CA VAL A 169 0.21 35.77 -46.42
C VAL A 169 1.13 36.89 -45.99
N GLY A 170 2.09 37.29 -46.79
CA GLY A 170 3.01 38.34 -46.37
C GLY A 170 4.30 37.77 -45.83
N ARG A 171 5.36 38.56 -45.93
CA ARG A 171 6.69 38.07 -45.58
C ARG A 171 6.84 37.77 -44.10
N LYS A 172 5.92 38.23 -43.25
CA LYS A 172 5.94 37.88 -41.84
C LYS A 172 4.64 37.21 -41.42
N GLY A 173 4.00 36.51 -42.35
CA GLY A 173 2.83 35.74 -42.01
C GLY A 173 3.20 34.55 -41.15
N VAL A 174 2.21 33.70 -40.92
CA VAL A 174 2.36 32.54 -40.05
C VAL A 174 2.08 31.31 -40.91
N ILE A 175 3.14 30.67 -41.40
CA ILE A 175 3.03 29.43 -42.15
C ILE A 175 3.45 28.30 -41.24
N THR A 176 2.75 27.18 -41.33
CA THR A 176 3.09 26.01 -40.55
C THR A 176 2.76 24.78 -41.37
N VAL A 177 3.49 23.69 -41.12
CA VAL A 177 3.35 22.48 -41.91
C VAL A 177 2.82 21.37 -41.02
N LYS A 178 2.02 20.49 -41.62
CA LYS A 178 1.52 19.31 -40.95
C LYS A 178 1.80 18.10 -41.82
N ASP A 179 1.72 16.93 -41.20
CA ASP A 179 2.00 15.68 -41.91
C ASP A 179 0.94 15.47 -42.97
N GLY A 180 1.31 15.69 -44.23
CA GLY A 180 0.37 15.55 -45.32
C GLY A 180 -0.18 14.15 -45.43
N LYS A 181 -1.20 14.02 -46.26
CA LYS A 181 -1.89 12.74 -46.44
C LYS A 181 -1.79 12.23 -47.87
N THR A 182 -2.09 13.06 -48.86
CA THR A 182 -2.15 12.59 -50.22
C THR A 182 -0.75 12.35 -50.77
N LEU A 183 -0.70 11.95 -52.04
CA LEU A 183 0.58 11.67 -52.69
C LEU A 183 1.41 12.92 -52.86
N ASN A 184 0.78 14.08 -52.97
CA ASN A 184 1.45 15.31 -53.32
C ASN A 184 1.35 16.32 -52.19
N ASP A 185 2.13 17.39 -52.32
CA ASP A 185 2.09 18.45 -51.33
C ASP A 185 0.81 19.28 -51.51
N GLU A 186 0.52 20.10 -50.51
CA GLU A 186 -0.67 20.94 -50.56
C GLU A 186 -0.41 22.23 -49.82
N LEU A 187 -0.80 23.34 -50.43
CA LEU A 187 -0.72 24.67 -49.83
C LEU A 187 -2.14 25.13 -49.53
N GLU A 188 -2.51 25.11 -48.25
CA GLU A 188 -3.83 25.53 -47.83
C GLU A 188 -3.75 26.86 -47.09
N ILE A 189 -4.72 27.73 -47.34
CA ILE A 189 -4.75 29.06 -46.75
C ILE A 189 -5.98 29.12 -45.84
N ILE A 190 -5.78 28.90 -44.54
CA ILE A 190 -6.87 29.06 -43.61
C ILE A 190 -7.12 30.56 -43.43
N GLU A 191 -8.17 31.05 -44.07
CA GLU A 191 -8.49 32.47 -44.06
C GLU A 191 -9.67 32.73 -43.15
N GLY A 192 -9.77 33.97 -42.66
CA GLY A 192 -10.79 34.31 -41.72
C GLY A 192 -10.43 33.84 -40.32
N MET A 193 -11.40 33.92 -39.43
CA MET A 193 -11.19 33.53 -38.04
C MET A 193 -11.75 32.14 -37.87
N LYS A 194 -10.88 31.14 -37.91
CA LYS A 194 -11.30 29.75 -37.90
C LYS A 194 -10.56 29.04 -36.79
N PHE A 195 -11.23 28.07 -36.17
CA PHE A 195 -10.56 27.40 -35.06
C PHE A 195 -11.25 26.08 -34.78
N ASP A 196 -10.49 25.19 -34.16
CA ASP A 196 -10.84 23.78 -34.00
C ASP A 196 -11.90 23.55 -32.94
N ARG A 197 -13.16 23.67 -33.33
CA ARG A 197 -14.26 23.27 -32.45
C ARG A 197 -15.57 23.24 -33.21
N GLY A 198 -16.33 22.16 -33.04
CA GLY A 198 -17.52 21.93 -33.83
C GLY A 198 -18.82 22.26 -33.11
N TYR A 199 -19.88 22.33 -33.92
CA TYR A 199 -21.21 22.61 -33.39
C TYR A 199 -21.62 21.52 -32.41
N ILE A 200 -22.16 21.94 -31.27
CA ILE A 200 -22.45 21.00 -30.20
C ILE A 200 -23.61 20.08 -30.59
N SER A 201 -24.77 20.64 -30.83
CA SER A 201 -25.90 19.79 -31.20
C SER A 201 -25.85 19.49 -32.69
N PRO A 202 -25.94 18.25 -33.09
CA PRO A 202 -26.08 17.95 -34.52
C PRO A 202 -27.51 18.06 -35.00
N TYR A 203 -28.19 19.12 -34.55
CA TYR A 203 -29.51 19.46 -35.06
C TYR A 203 -29.50 20.77 -35.84
N PHE A 204 -28.42 21.54 -35.73
CA PHE A 204 -28.23 22.77 -36.49
C PHE A 204 -27.80 22.49 -37.92
N ILE A 205 -27.83 21.23 -38.34
CA ILE A 205 -27.22 20.82 -39.60
C ILE A 205 -28.15 21.18 -40.74
N ASN A 206 -28.01 22.40 -41.26
CA ASN A 206 -28.82 22.89 -42.36
C ASN A 206 -28.09 22.81 -43.68
N THR A 207 -26.92 22.20 -43.72
CA THR A 207 -26.08 22.24 -44.90
C THR A 207 -26.46 21.20 -45.94
N SER A 208 -27.11 20.10 -45.54
CA SER A 208 -27.35 18.98 -46.42
C SER A 208 -26.04 18.47 -47.00
N LYS A 209 -25.03 18.40 -46.15
CA LYS A 209 -23.67 18.11 -46.57
C LYS A 209 -22.98 17.43 -45.39
N GLY A 210 -21.65 17.33 -45.44
CA GLY A 210 -20.91 16.61 -44.44
C GLY A 210 -20.84 17.31 -43.11
N GLN A 211 -21.98 17.40 -42.42
CA GLN A 211 -22.04 17.88 -41.05
C GLN A 211 -21.62 19.36 -40.98
N LYS A 212 -22.32 20.18 -41.76
CA LYS A 212 -22.04 21.60 -41.79
C LYS A 212 -23.26 22.39 -41.33
N CYS A 213 -22.99 23.57 -40.79
CA CYS A 213 -24.00 24.58 -40.48
C CYS A 213 -23.53 25.88 -41.10
N GLU A 214 -24.26 26.36 -42.11
CA GLU A 214 -23.89 27.54 -42.87
C GLU A 214 -24.89 28.66 -42.60
N PHE A 215 -24.38 29.81 -42.18
CA PHE A 215 -25.20 31.00 -41.99
C PHE A 215 -24.59 32.15 -42.76
N GLN A 216 -25.45 33.10 -43.15
CA GLN A 216 -25.03 34.28 -43.89
C GLN A 216 -25.57 35.51 -43.18
N ASP A 217 -24.68 36.42 -42.82
CA ASP A 217 -25.04 37.69 -42.19
C ASP A 217 -25.63 37.48 -40.80
N ALA A 218 -25.19 36.44 -40.10
CA ALA A 218 -25.79 36.10 -38.82
C ALA A 218 -25.24 36.99 -37.71
N TYR A 219 -26.01 37.08 -36.63
CA TYR A 219 -25.55 37.74 -35.43
C TYR A 219 -24.65 36.81 -34.65
N VAL A 220 -23.96 37.38 -33.66
CA VAL A 220 -23.06 36.62 -32.81
C VAL A 220 -23.34 36.95 -31.37
N LEU A 221 -23.20 35.94 -30.51
CA LEU A 221 -23.21 36.14 -29.07
C LEU A 221 -21.87 35.66 -28.52
N LEU A 222 -21.27 36.45 -27.63
CA LEU A 222 -19.91 36.22 -27.16
C LEU A 222 -19.87 36.32 -25.64
N SER A 223 -19.99 35.17 -24.98
CA SER A 223 -19.96 35.11 -23.53
C SER A 223 -18.66 34.47 -23.07
N GLU A 224 -18.01 35.10 -22.08
CA GLU A 224 -16.85 34.50 -21.46
C GLU A 224 -17.25 33.34 -20.56
N LYS A 225 -18.48 33.37 -20.04
CA LYS A 225 -18.99 32.35 -19.15
C LYS A 225 -19.91 31.40 -19.91
N LYS A 226 -20.34 30.35 -19.21
CA LYS A 226 -21.26 29.41 -19.82
C LYS A 226 -22.63 30.05 -20.00
N ILE A 227 -23.54 29.29 -20.61
CA ILE A 227 -24.92 29.71 -20.83
C ILE A 227 -25.80 28.62 -20.23
N SER A 228 -26.19 28.80 -18.97
CA SER A 228 -26.99 27.81 -18.26
C SER A 228 -28.48 28.16 -18.27
N SER A 229 -28.85 29.29 -17.70
CA SER A 229 -30.26 29.58 -17.47
C SER A 229 -30.98 29.90 -18.78
N ILE A 230 -32.26 29.53 -18.82
CA ILE A 230 -33.08 29.90 -19.95
C ILE A 230 -33.30 31.40 -19.98
N GLN A 231 -33.34 32.04 -18.80
CA GLN A 231 -33.49 33.48 -18.75
C GLN A 231 -32.32 34.19 -19.41
N SER A 232 -31.13 33.63 -19.28
CA SER A 232 -29.95 34.25 -19.89
C SER A 232 -30.00 34.14 -21.41
N ILE A 233 -30.25 32.93 -21.92
CA ILE A 233 -30.19 32.71 -23.36
C ILE A 233 -31.38 33.33 -24.05
N VAL A 234 -32.50 33.46 -23.36
CA VAL A 234 -33.75 33.84 -24.03
C VAL A 234 -33.70 35.21 -24.69
N PRO A 235 -33.20 36.28 -24.06
CA PRO A 235 -33.32 37.59 -24.72
C PRO A 235 -32.50 37.70 -25.99
N ALA A 236 -31.35 37.02 -26.05
CA ALA A 236 -30.57 37.03 -27.28
C ALA A 236 -31.36 36.43 -28.43
N LEU A 237 -31.94 35.24 -28.21
CA LEU A 237 -32.77 34.63 -29.24
C LEU A 237 -33.97 35.50 -29.55
N GLU A 238 -34.49 36.22 -28.57
CA GLU A 238 -35.58 37.14 -28.81
C GLU A 238 -35.17 38.20 -29.82
N ILE A 239 -34.00 38.81 -29.59
CA ILE A 239 -33.53 39.86 -30.49
C ILE A 239 -33.26 39.29 -31.88
N ALA A 240 -32.67 38.10 -31.93
CA ALA A 240 -32.36 37.49 -33.21
C ALA A 240 -33.63 37.20 -34.00
N ASN A 241 -34.63 36.62 -33.33
CA ASN A 241 -35.89 36.32 -34.01
C ASN A 241 -36.62 37.59 -34.40
N ALA A 242 -36.52 38.65 -33.60
CA ALA A 242 -37.09 39.93 -33.98
C ALA A 242 -36.46 40.43 -35.27
N HIS A 243 -35.13 40.44 -35.33
CA HIS A 243 -34.47 40.80 -36.57
C HIS A 243 -34.65 39.75 -37.66
N ARG A 244 -34.93 38.51 -37.28
CA ARG A 244 -35.11 37.41 -38.23
C ARG A 244 -33.81 37.19 -39.02
N LYS A 245 -32.78 36.80 -38.29
CA LYS A 245 -31.48 36.47 -38.86
C LYS A 245 -30.86 35.33 -38.06
N PRO A 246 -30.00 34.54 -38.69
CA PRO A 246 -29.36 33.44 -37.96
C PRO A 246 -28.44 33.98 -36.87
N LEU A 247 -28.16 33.12 -35.90
CA LEU A 247 -27.39 33.52 -34.74
C LEU A 247 -26.36 32.45 -34.38
N VAL A 248 -25.15 32.89 -34.08
CA VAL A 248 -24.11 32.02 -33.59
C VAL A 248 -23.94 32.29 -32.10
N ILE A 249 -23.57 31.26 -31.36
CA ILE A 249 -23.40 31.35 -29.93
C ILE A 249 -22.01 30.86 -29.62
N ILE A 250 -21.06 31.78 -29.50
CA ILE A 250 -19.69 31.47 -29.13
C ILE A 250 -19.56 31.78 -27.66
N ALA A 251 -19.50 30.76 -26.82
CA ALA A 251 -19.42 30.96 -25.39
C ALA A 251 -18.65 29.79 -24.78
N GLU A 252 -18.51 29.84 -23.45
CA GLU A 252 -17.83 28.78 -22.73
C GLU A 252 -18.50 27.44 -22.97
N ASP A 253 -19.81 27.38 -22.78
CA ASP A 253 -20.52 26.12 -22.93
C ASP A 253 -22.02 26.37 -22.82
N VAL A 254 -22.80 25.47 -23.40
CA VAL A 254 -24.25 25.61 -23.48
C VAL A 254 -24.90 24.63 -22.50
N ASP A 255 -25.80 25.15 -21.67
CA ASP A 255 -26.62 24.28 -20.83
C ASP A 255 -27.44 23.33 -21.69
N GLY A 256 -27.72 22.16 -21.14
CA GLY A 256 -28.67 21.27 -21.78
C GLY A 256 -30.06 21.83 -21.84
N GLU A 257 -30.41 22.76 -20.95
CA GLU A 257 -31.75 23.33 -20.96
C GLU A 257 -31.89 24.40 -22.04
N ALA A 258 -30.97 25.35 -22.07
CA ALA A 258 -30.95 26.29 -23.20
C ALA A 258 -30.72 25.55 -24.51
N LEU A 259 -29.91 24.49 -24.47
CA LEU A 259 -29.77 23.64 -25.65
C LEU A 259 -31.10 23.05 -26.05
N SER A 260 -31.91 22.64 -25.07
CA SER A 260 -33.21 22.07 -25.37
C SER A 260 -34.11 23.12 -26.01
N THR A 261 -34.06 24.35 -25.49
CA THR A 261 -34.81 25.44 -26.10
C THR A 261 -34.38 25.66 -27.54
N LEU A 262 -33.06 25.67 -27.76
CA LEU A 262 -32.52 25.87 -29.10
C LEU A 262 -33.02 24.79 -30.05
N VAL A 263 -32.84 23.53 -29.66
CA VAL A 263 -33.24 22.42 -30.52
C VAL A 263 -34.74 22.42 -30.72
N LEU A 264 -35.50 22.84 -29.72
CA LEU A 264 -36.94 22.95 -29.87
C LEU A 264 -37.29 23.94 -30.97
N ASN A 265 -36.76 25.16 -30.86
CA ASN A 265 -37.05 26.16 -31.86
C ASN A 265 -36.36 25.89 -33.19
N ARG A 266 -35.46 24.91 -33.24
CA ARG A 266 -34.75 24.60 -34.48
C ARG A 266 -35.40 23.45 -35.25
N LEU A 267 -35.72 22.35 -34.58
CA LEU A 267 -36.34 21.22 -35.23
C LEU A 267 -37.68 21.62 -35.85
N LYS A 268 -38.59 22.13 -35.04
CA LYS A 268 -39.72 22.90 -35.55
C LYS A 268 -39.23 24.32 -35.78
N VAL A 269 -40.12 25.31 -35.85
CA VAL A 269 -40.10 26.40 -36.84
C VAL A 269 -38.71 26.82 -37.35
N GLY A 270 -37.68 26.73 -36.51
CA GLY A 270 -36.35 26.76 -37.07
C GLY A 270 -35.64 28.08 -36.94
N LEU A 271 -35.67 28.67 -35.75
CA LEU A 271 -34.85 29.84 -35.47
C LEU A 271 -33.40 29.55 -35.79
N GLN A 272 -32.87 30.23 -36.80
CA GLN A 272 -31.53 29.97 -37.31
C GLN A 272 -30.52 30.30 -36.23
N VAL A 273 -29.96 29.28 -35.60
CA VAL A 273 -29.00 29.44 -34.53
C VAL A 273 -27.94 28.35 -34.66
N VAL A 274 -26.93 28.44 -33.81
CA VAL A 274 -25.84 27.47 -33.77
C VAL A 274 -25.05 27.70 -32.50
N ALA A 275 -24.52 26.62 -31.92
CA ALA A 275 -23.82 26.69 -30.64
C ALA A 275 -22.41 26.13 -30.81
N VAL A 276 -21.41 26.87 -30.32
CA VAL A 276 -20.02 26.44 -30.37
C VAL A 276 -19.32 26.91 -29.10
N LYS A 277 -18.41 26.08 -28.59
CA LYS A 277 -17.71 26.38 -27.34
C LYS A 277 -16.54 27.33 -27.61
N ALA A 278 -15.73 27.54 -26.57
CA ALA A 278 -14.64 28.50 -26.63
C ALA A 278 -13.42 27.93 -27.32
N PRO A 279 -12.45 28.78 -27.66
CA PRO A 279 -11.31 28.31 -28.46
C PRO A 279 -10.27 27.51 -27.69
N GLY A 280 -9.88 27.88 -26.48
CA GLY A 280 -8.61 27.39 -25.99
C GLY A 280 -8.44 27.51 -24.49
N PHE A 281 -7.22 27.19 -24.06
CA PHE A 281 -6.91 26.61 -22.74
C PHE A 281 -7.52 27.47 -21.63
N GLY A 282 -6.90 28.62 -21.33
CA GLY A 282 -7.33 29.53 -20.27
C GLY A 282 -7.52 30.98 -20.66
N ASP A 283 -6.53 31.78 -20.25
CA ASP A 283 -6.48 33.19 -20.61
C ASP A 283 -6.46 33.36 -22.12
N ASN A 284 -5.80 32.43 -22.83
CA ASN A 284 -5.67 32.57 -24.27
C ASN A 284 -7.04 32.60 -24.95
N ARG A 285 -7.97 31.74 -24.51
CA ARG A 285 -9.30 31.81 -25.09
C ARG A 285 -9.99 33.11 -24.74
N LYS A 286 -9.74 33.65 -23.54
CA LYS A 286 -10.31 34.93 -23.17
C LYS A 286 -9.86 36.03 -24.13
N ASN A 287 -8.55 36.14 -24.33
CA ASN A 287 -8.03 37.14 -25.26
C ASN A 287 -8.56 36.88 -26.67
N GLN A 288 -8.69 35.61 -27.04
CA GLN A 288 -9.18 35.32 -28.38
C GLN A 288 -10.63 35.72 -28.54
N LEU A 289 -11.45 35.55 -27.50
CA LEU A 289 -12.82 36.04 -27.56
C LEU A 289 -12.87 37.55 -27.65
N LYS A 290 -12.00 38.23 -26.90
CA LYS A 290 -11.93 39.68 -27.01
C LYS A 290 -11.63 40.09 -28.45
N ASP A 291 -10.63 39.44 -29.04
CA ASP A 291 -10.26 39.74 -30.41
C ASP A 291 -11.38 39.40 -31.37
N MET A 292 -12.10 38.31 -31.11
CA MET A 292 -13.21 37.92 -31.97
C MET A 292 -14.31 38.97 -31.92
N ALA A 293 -14.63 39.44 -30.73
CA ALA A 293 -15.65 40.47 -30.58
C ALA A 293 -15.24 41.73 -31.33
N ILE A 294 -14.01 42.19 -31.10
CA ILE A 294 -13.56 43.42 -31.75
C ILE A 294 -13.42 43.23 -33.25
N ALA A 295 -13.22 41.99 -33.70
CA ALA A 295 -13.13 41.74 -35.13
C ALA A 295 -14.52 41.77 -35.77
N THR A 296 -15.46 41.03 -35.19
CA THR A 296 -16.82 41.04 -35.71
C THR A 296 -17.53 42.35 -35.42
N GLY A 297 -17.11 43.05 -34.38
CA GLY A 297 -17.80 44.26 -33.98
C GLY A 297 -18.89 43.91 -32.98
N GLY A 298 -18.69 44.29 -31.72
CA GLY A 298 -19.67 43.96 -30.70
C GLY A 298 -19.13 44.13 -29.30
N ALA A 299 -19.30 43.10 -28.46
CA ALA A 299 -18.79 43.17 -27.09
C ALA A 299 -18.83 41.80 -26.45
N VAL A 300 -17.71 41.40 -25.83
CA VAL A 300 -17.68 40.13 -25.11
C VAL A 300 -18.62 40.19 -23.92
N PHE A 301 -19.21 39.05 -23.57
CA PHE A 301 -20.09 38.93 -22.43
C PHE A 301 -19.46 38.01 -21.40
N GLY A 302 -19.94 38.12 -20.16
CA GLY A 302 -19.33 37.40 -19.06
C GLY A 302 -18.09 38.06 -18.51
N GLU A 303 -17.93 39.35 -18.76
CA GLU A 303 -16.74 40.09 -18.31
C GLU A 303 -16.63 40.08 -16.79
N GLU A 304 -15.42 40.36 -16.30
CA GLU A 304 -15.22 40.59 -14.89
C GLU A 304 -15.36 42.07 -14.54
N GLY A 305 -14.72 42.94 -15.33
CA GLY A 305 -14.61 44.33 -14.95
C GLY A 305 -15.84 45.17 -15.25
N LEU A 306 -16.65 44.77 -16.22
CA LEU A 306 -17.87 45.49 -16.52
C LEU A 306 -19.00 44.46 -16.53
N THR A 307 -18.66 43.26 -16.95
CA THR A 307 -19.35 41.97 -16.82
C THR A 307 -20.57 41.85 -17.75
N LEU A 308 -21.06 42.94 -18.33
CA LEU A 308 -21.97 42.97 -19.49
C LEU A 308 -23.03 41.87 -19.46
N ASN A 309 -23.88 41.92 -18.44
CA ASN A 309 -24.88 40.88 -18.22
C ASN A 309 -25.72 40.62 -19.47
N LEU A 310 -26.03 39.35 -19.70
CA LEU A 310 -26.73 38.95 -20.92
C LEU A 310 -28.18 39.41 -20.94
N GLU A 311 -28.75 39.66 -19.77
CA GLU A 311 -30.16 40.03 -19.69
C GLU A 311 -30.44 41.31 -20.49
N ASP A 312 -29.52 42.25 -20.45
CA ASP A 312 -29.65 43.50 -21.19
C ASP A 312 -28.61 43.50 -22.31
N VAL A 313 -28.99 42.93 -23.45
CA VAL A 313 -28.21 43.02 -24.66
C VAL A 313 -28.94 43.93 -25.63
N GLN A 314 -28.24 44.38 -26.65
CA GLN A 314 -28.77 45.41 -27.54
C GLN A 314 -28.37 45.08 -28.96
N PRO A 315 -29.17 45.52 -29.94
CA PRO A 315 -28.92 45.13 -31.34
C PRO A 315 -27.55 45.57 -31.86
N HIS A 316 -26.97 46.60 -31.28
CA HIS A 316 -25.59 46.96 -31.58
C HIS A 316 -24.60 46.30 -30.64
N ASP A 317 -25.06 45.40 -29.78
CA ASP A 317 -24.19 44.70 -28.84
C ASP A 317 -23.82 43.31 -29.34
N LEU A 318 -24.25 42.94 -30.53
CA LEU A 318 -24.02 41.60 -31.06
C LEU A 318 -22.88 41.59 -32.06
N GLY A 319 -22.23 40.44 -32.17
CA GLY A 319 -21.22 40.24 -33.20
C GLY A 319 -21.90 40.04 -34.55
N LYS A 320 -21.40 40.72 -35.57
CA LYS A 320 -22.00 40.68 -36.89
C LYS A 320 -20.93 40.32 -37.90
N VAL A 321 -21.20 39.32 -38.72
CA VAL A 321 -20.27 38.84 -39.72
C VAL A 321 -21.05 38.47 -40.98
N GLY A 322 -20.36 38.51 -42.12
CA GLY A 322 -21.03 38.22 -43.37
C GLY A 322 -21.44 36.77 -43.48
N GLU A 323 -20.53 35.85 -43.15
CA GLU A 323 -20.83 34.44 -43.28
C GLU A 323 -20.15 33.65 -42.17
N VAL A 324 -20.78 32.55 -41.78
CA VAL A 324 -20.28 31.67 -40.75
C VAL A 324 -20.46 30.24 -41.21
N ILE A 325 -19.44 29.40 -41.02
CA ILE A 325 -19.53 28.00 -41.38
C ILE A 325 -19.04 27.17 -40.22
N VAL A 326 -19.74 26.08 -39.93
CA VAL A 326 -19.37 25.20 -38.83
C VAL A 326 -19.30 23.78 -39.35
N THR A 327 -18.19 23.12 -39.08
CA THR A 327 -18.02 21.69 -39.28
C THR A 327 -17.75 21.09 -37.91
N LYS A 328 -18.00 19.79 -37.78
CA LYS A 328 -18.02 19.09 -36.49
C LYS A 328 -16.79 19.30 -35.62
N ASP A 329 -15.69 19.76 -36.18
CA ASP A 329 -14.49 19.96 -35.37
C ASP A 329 -13.89 21.35 -35.52
N ASP A 330 -14.53 22.29 -36.20
CA ASP A 330 -14.00 23.64 -36.28
C ASP A 330 -15.02 24.55 -36.94
N ALA A 331 -14.85 25.86 -36.74
CA ALA A 331 -15.76 26.84 -37.32
C ALA A 331 -14.97 28.02 -37.87
N MET A 332 -15.62 28.76 -38.76
CA MET A 332 -15.02 29.87 -39.48
C MET A 332 -15.97 31.05 -39.49
N LEU A 333 -15.46 32.21 -39.07
CA LEU A 333 -16.09 33.51 -39.19
C LEU A 333 -15.39 34.29 -40.29
N LEU A 334 -16.17 35.03 -41.08
CA LEU A 334 -15.68 35.55 -42.35
C LEU A 334 -15.59 37.07 -42.39
N LYS A 335 -16.67 37.78 -42.13
CA LYS A 335 -16.75 39.21 -42.44
C LYS A 335 -17.16 40.02 -41.21
N GLY A 336 -16.46 39.80 -40.10
CA GLY A 336 -16.73 40.57 -38.90
C GLY A 336 -16.56 42.06 -39.08
N LYS A 337 -17.65 42.82 -38.96
CA LYS A 337 -17.61 44.28 -39.07
C LYS A 337 -17.20 44.85 -37.72
N GLY A 338 -15.89 44.91 -37.50
CA GLY A 338 -15.40 45.25 -36.18
C GLY A 338 -14.59 46.52 -36.05
N ASP A 339 -14.98 47.61 -36.72
CA ASP A 339 -14.34 48.91 -36.54
C ASP A 339 -12.85 48.84 -36.88
N LYS A 340 -12.59 48.63 -38.18
CA LYS A 340 -11.26 48.41 -38.74
C LYS A 340 -10.16 49.26 -38.13
N ALA A 341 -10.47 50.52 -37.81
CA ALA A 341 -9.52 51.31 -37.02
C ALA A 341 -9.32 50.70 -35.64
N GLN A 342 -10.40 50.22 -35.02
CA GLN A 342 -10.28 49.63 -33.69
C GLN A 342 -9.48 48.34 -33.72
N ILE A 343 -9.76 47.47 -34.69
CA ILE A 343 -8.96 46.26 -34.83
C ILE A 343 -7.54 46.60 -35.18
N GLU A 344 -7.34 47.70 -35.91
CA GLU A 344 -5.98 48.17 -36.18
C GLU A 344 -5.26 48.51 -34.88
N LYS A 345 -5.93 49.24 -34.00
CA LYS A 345 -5.34 49.59 -32.72
C LYS A 345 -5.06 48.34 -31.90
N ARG A 346 -5.96 47.36 -31.96
CA ARG A 346 -5.71 46.09 -31.29
C ARG A 346 -4.45 45.43 -31.83
N ILE A 347 -4.32 45.40 -33.16
CA ILE A 347 -3.13 44.82 -33.78
C ILE A 347 -1.89 45.54 -33.32
N GLN A 348 -1.93 46.87 -33.26
CA GLN A 348 -0.78 47.63 -32.79
C GLN A 348 -0.45 47.27 -31.35
N GLU A 349 -1.47 47.09 -30.52
CA GLU A 349 -1.26 46.64 -29.15
C GLU A 349 -0.51 45.33 -29.12
N ILE A 350 -1.04 44.31 -29.78
CA ILE A 350 -0.43 42.99 -29.68
C ILE A 350 0.93 42.95 -30.36
N ILE A 351 1.16 43.80 -31.36
CA ILE A 351 2.45 43.79 -32.03
C ILE A 351 3.50 44.46 -31.16
N GLU A 352 3.16 45.57 -30.50
CA GLU A 352 4.08 46.12 -29.52
C GLU A 352 4.32 45.14 -28.39
N GLN A 353 3.30 44.36 -28.05
CA GLN A 353 3.43 43.30 -27.05
C GLN A 353 4.50 42.30 -27.46
N LEU A 354 4.37 41.72 -28.65
CA LEU A 354 5.35 40.75 -29.13
C LEU A 354 6.72 41.39 -29.24
N ASP A 355 6.77 42.67 -29.64
CA ASP A 355 8.04 43.38 -29.72
C ASP A 355 8.71 43.45 -28.35
N VAL A 356 7.91 43.61 -27.30
CA VAL A 356 8.46 43.71 -25.96
C VAL A 356 8.59 42.35 -25.30
N THR A 357 7.50 41.57 -25.27
CA THR A 357 7.48 40.32 -24.55
C THR A 357 7.60 39.14 -25.53
N THR A 358 8.12 38.02 -25.01
CA THR A 358 8.18 36.78 -25.76
C THR A 358 8.70 35.69 -24.84
N SER A 359 8.25 34.47 -25.10
CA SER A 359 8.78 33.30 -24.41
C SER A 359 8.96 32.12 -25.34
N GLU A 360 8.84 32.32 -26.66
CA GLU A 360 8.93 31.30 -27.70
C GLU A 360 7.67 30.45 -27.74
N TYR A 361 6.80 30.61 -26.78
CA TYR A 361 5.48 29.98 -26.76
C TYR A 361 4.38 31.00 -26.54
N GLU A 362 4.62 32.01 -25.70
CA GLU A 362 3.73 33.15 -25.65
C GLU A 362 3.65 33.82 -27.01
N LYS A 363 4.80 34.19 -27.57
CA LYS A 363 4.84 34.86 -28.86
C LYS A 363 4.32 33.97 -29.97
N GLU A 364 4.36 32.64 -29.79
CA GLU A 364 3.77 31.74 -30.75
C GLU A 364 2.29 32.03 -30.94
N LYS A 365 1.50 31.85 -29.87
CA LYS A 365 0.08 32.16 -29.96
C LYS A 365 -0.16 33.65 -30.20
N LEU A 366 0.79 34.48 -29.83
CA LEU A 366 0.72 35.90 -30.16
C LEU A 366 0.61 36.10 -31.67
N ASN A 367 1.61 35.63 -32.40
CA ASN A 367 1.56 35.68 -33.86
C ASN A 367 0.39 34.87 -34.40
N GLU A 368 -0.01 33.82 -33.68
CA GLU A 368 -1.24 33.09 -34.01
C GLU A 368 -2.41 34.04 -34.14
N ARG A 369 -2.66 34.82 -33.10
CA ARG A 369 -3.76 35.78 -33.14
C ARG A 369 -3.54 36.84 -34.21
N LEU A 370 -2.31 37.33 -34.36
CA LEU A 370 -2.00 38.30 -35.41
C LEU A 370 -2.44 37.81 -36.78
N ALA A 371 -1.94 36.65 -37.18
CA ALA A 371 -2.28 36.12 -38.50
C ALA A 371 -3.76 35.78 -38.59
N LYS A 372 -4.32 35.19 -37.54
CA LYS A 372 -5.74 34.82 -37.55
C LYS A 372 -6.64 36.04 -37.68
N LEU A 373 -6.13 37.22 -37.31
CA LEU A 373 -6.91 38.44 -37.41
C LEU A 373 -6.60 39.26 -38.66
N SER A 374 -5.42 39.09 -39.26
CA SER A 374 -5.01 39.99 -40.32
C SER A 374 -5.01 39.32 -41.69
N ASP A 375 -4.20 38.28 -41.90
CA ASP A 375 -4.15 37.62 -43.20
C ASP A 375 -3.83 36.14 -43.02
N GLY A 376 -4.89 35.34 -42.87
CA GLY A 376 -4.82 33.90 -42.97
C GLY A 376 -3.74 33.18 -42.19
N VAL A 377 -3.55 31.90 -42.49
CA VAL A 377 -2.45 31.09 -42.01
C VAL A 377 -2.18 30.03 -43.05
N ALA A 378 -0.92 29.86 -43.42
CA ALA A 378 -0.56 28.91 -44.46
C ALA A 378 -0.17 27.58 -43.85
N VAL A 379 -0.84 26.52 -44.28
CA VAL A 379 -0.45 25.17 -43.92
C VAL A 379 0.05 24.47 -45.17
N LEU A 380 0.94 23.50 -44.96
CA LEU A 380 1.76 22.92 -46.01
C LEU A 380 1.66 21.41 -45.97
N LYS A 381 0.44 20.88 -45.99
CA LYS A 381 0.23 19.44 -46.08
C LYS A 381 1.02 18.84 -47.23
N VAL A 382 1.91 17.92 -46.88
CA VAL A 382 2.95 17.45 -47.78
C VAL A 382 2.53 16.14 -48.43
N GLY A 383 3.24 15.79 -49.49
CA GLY A 383 3.06 14.50 -50.14
C GLY A 383 3.72 13.39 -49.37
N GLY A 384 4.20 12.39 -50.10
CA GLY A 384 4.82 11.24 -49.47
C GLY A 384 3.86 10.07 -49.34
N THR A 385 4.45 8.89 -49.12
CA THR A 385 3.64 7.69 -49.04
C THR A 385 3.98 6.86 -47.81
N SER A 386 5.23 6.90 -47.39
CA SER A 386 5.65 6.21 -46.18
C SER A 386 5.90 7.23 -45.10
N ASP A 387 5.83 6.77 -43.84
CA ASP A 387 6.09 7.66 -42.72
C ASP A 387 7.50 8.23 -42.77
N VAL A 388 8.45 7.42 -43.24
CA VAL A 388 9.83 7.88 -43.29
C VAL A 388 10.02 8.91 -44.40
N GLU A 389 9.39 8.69 -45.55
CA GLU A 389 9.36 9.71 -46.59
C GLU A 389 8.75 10.99 -46.07
N VAL A 390 7.67 10.85 -45.30
CA VAL A 390 7.01 12.01 -44.70
C VAL A 390 7.98 12.79 -43.83
N ASN A 391 8.67 12.09 -42.93
CA ASN A 391 9.59 12.75 -42.01
C ASN A 391 10.72 13.44 -42.76
N GLU A 392 11.31 12.76 -43.74
CA GLU A 392 12.36 13.35 -44.54
C GLU A 392 11.90 14.63 -45.23
N LYS A 393 10.84 14.52 -46.04
CA LYS A 393 10.40 15.67 -46.82
C LYS A 393 9.95 16.80 -45.91
N LYS A 394 9.31 16.47 -44.80
CA LYS A 394 8.87 17.52 -43.88
C LYS A 394 10.04 18.21 -43.22
N ASP A 395 11.09 17.46 -42.89
CA ASP A 395 12.28 18.08 -42.33
C ASP A 395 12.89 19.06 -43.32
N ARG A 396 13.07 18.62 -44.56
CA ARG A 396 13.64 19.52 -45.56
C ARG A 396 12.77 20.75 -45.77
N VAL A 397 11.45 20.57 -45.77
CA VAL A 397 10.55 21.69 -45.99
C VAL A 397 10.66 22.69 -44.85
N THR A 398 10.60 22.21 -43.61
CA THR A 398 10.71 23.10 -42.47
C THR A 398 12.04 23.82 -42.47
N ASP A 399 13.10 23.13 -42.86
CA ASP A 399 14.41 23.76 -42.93
C ASP A 399 14.41 24.89 -43.94
N ALA A 400 13.86 24.62 -45.12
CA ALA A 400 13.78 25.66 -46.14
C ALA A 400 12.97 26.84 -45.65
N LEU A 401 11.88 26.57 -44.93
CA LEU A 401 11.04 27.64 -44.42
C LEU A 401 11.80 28.50 -43.43
N ASN A 402 12.50 27.87 -42.49
CA ASN A 402 13.27 28.64 -41.51
C ASN A 402 14.36 29.45 -42.19
N ALA A 403 15.01 28.87 -43.20
CA ALA A 403 16.02 29.62 -43.93
C ALA A 403 15.42 30.83 -44.62
N THR A 404 14.24 30.66 -45.20
CA THR A 404 13.58 31.78 -45.86
C THR A 404 13.22 32.88 -44.87
N ARG A 405 12.63 32.51 -43.74
CA ARG A 405 12.28 33.53 -42.76
C ARG A 405 13.52 34.21 -42.18
N ALA A 406 14.62 33.49 -42.05
CA ALA A 406 15.84 34.15 -41.62
C ALA A 406 16.35 35.10 -42.70
N ALA A 407 16.20 34.73 -43.96
CA ALA A 407 16.73 35.54 -45.05
C ALA A 407 15.88 36.76 -45.34
N VAL A 408 14.58 36.71 -45.04
CA VAL A 408 13.71 37.83 -45.39
C VAL A 408 14.06 39.06 -44.58
N GLU A 409 14.44 38.87 -43.32
CA GLU A 409 14.69 40.05 -42.49
C GLU A 409 16.12 40.54 -42.62
N GLU A 410 17.09 39.64 -42.54
CA GLU A 410 18.49 40.02 -42.65
C GLU A 410 19.02 39.58 -43.99
N GLY A 411 20.05 40.28 -44.46
CA GLY A 411 20.45 40.20 -45.85
C GLY A 411 20.85 38.80 -46.29
N ILE A 412 21.12 38.69 -47.58
CA ILE A 412 21.57 37.44 -48.19
C ILE A 412 23.00 37.64 -48.67
N VAL A 413 23.60 36.56 -49.17
CA VAL A 413 24.95 36.60 -49.70
C VAL A 413 25.05 35.52 -50.76
N LEU A 414 26.12 35.57 -51.56
CA LEU A 414 26.36 34.53 -52.56
C LEU A 414 26.46 33.18 -51.89
N GLY A 415 25.72 32.21 -52.41
CA GLY A 415 25.68 30.91 -51.80
C GLY A 415 26.91 30.09 -52.12
N GLY A 416 26.88 28.84 -51.69
CA GLY A 416 27.98 27.93 -51.95
C GLY A 416 29.29 28.35 -51.34
N GLY A 417 29.23 28.94 -50.15
CA GLY A 417 30.43 29.23 -49.37
C GLY A 417 31.28 30.36 -49.90
N CYS A 418 30.92 30.97 -51.02
CA CYS A 418 31.78 31.95 -51.65
C CYS A 418 32.02 33.16 -50.76
N ALA A 419 31.08 33.45 -49.86
CA ALA A 419 31.18 34.64 -49.02
C ALA A 419 32.43 34.61 -48.15
N LEU A 420 32.65 33.48 -47.47
CA LEU A 420 33.80 33.38 -46.57
C LEU A 420 35.11 33.49 -47.33
N LEU A 421 35.18 32.82 -48.48
CA LEU A 421 36.38 32.92 -49.30
C LEU A 421 36.61 34.35 -49.74
N ARG A 422 35.54 35.09 -50.00
CA ARG A 422 35.71 36.50 -50.31
C ARG A 422 36.08 37.32 -49.08
N CYS A 423 35.72 36.84 -47.90
CA CYS A 423 36.04 37.56 -46.67
C CYS A 423 37.47 37.32 -46.19
N ILE A 424 38.13 36.28 -46.72
CA ILE A 424 39.51 35.99 -46.30
C ILE A 424 40.45 37.19 -46.43
N PRO A 425 40.35 38.05 -47.45
CA PRO A 425 41.21 39.24 -47.44
C PRO A 425 41.06 40.10 -46.21
N ALA A 426 39.88 40.09 -45.58
CA ALA A 426 39.75 40.75 -44.28
C ALA A 426 40.73 40.17 -43.27
N LEU A 427 40.81 38.83 -43.21
CA LEU A 427 41.80 38.20 -42.35
C LEU A 427 43.22 38.57 -42.77
N ASP A 428 43.44 38.75 -44.06
CA ASP A 428 44.75 39.24 -44.49
C ASP A 428 44.96 40.70 -44.10
N SER A 429 43.91 41.40 -43.69
CA SER A 429 43.99 42.80 -43.35
C SER A 429 44.20 43.05 -41.86
N LEU A 430 44.07 42.03 -41.02
CA LEU A 430 44.25 42.21 -39.59
C LEU A 430 45.73 42.28 -39.23
N THR A 431 46.00 42.88 -38.07
CA THR A 431 47.34 42.90 -37.50
C THR A 431 47.28 42.32 -36.09
N PRO A 432 47.90 41.16 -35.86
CA PRO A 432 47.77 40.52 -34.54
C PRO A 432 48.52 41.31 -33.48
N ALA A 433 47.98 41.28 -32.26
CA ALA A 433 48.67 41.89 -31.14
C ALA A 433 50.03 41.24 -30.91
N ASN A 434 50.09 39.93 -31.05
CA ASN A 434 51.34 39.19 -30.89
C ASN A 434 51.25 37.89 -31.68
N GLU A 435 52.18 36.98 -31.42
CA GLU A 435 52.27 35.78 -32.23
C GLU A 435 51.04 34.89 -32.08
N ASP A 436 50.52 34.77 -30.86
CA ASP A 436 49.48 33.78 -30.62
C ASP A 436 48.19 34.16 -31.35
N GLN A 437 47.80 35.44 -31.26
CA GLN A 437 46.63 35.88 -31.99
C GLN A 437 46.83 35.71 -33.49
N LYS A 438 48.06 35.88 -33.96
CA LYS A 438 48.33 35.63 -35.37
C LYS A 438 48.15 34.16 -35.71
N ILE A 439 48.51 33.28 -34.78
CA ILE A 439 48.28 31.86 -34.95
C ILE A 439 46.79 31.59 -35.10
N GLY A 440 45.99 32.18 -34.21
CA GLY A 440 44.56 32.02 -34.32
C GLY A 440 44.01 32.56 -35.63
N ILE A 441 44.57 33.67 -36.10
CA ILE A 441 44.14 34.24 -37.36
C ILE A 441 44.41 33.26 -38.48
N GLU A 442 45.60 32.65 -38.49
CA GLU A 442 45.90 31.68 -39.53
C GLU A 442 45.02 30.46 -39.42
N ILE A 443 44.63 30.10 -38.18
CA ILE A 443 43.70 28.99 -38.00
C ILE A 443 42.38 29.29 -38.69
N ILE A 444 41.81 30.45 -38.41
CA ILE A 444 40.54 30.79 -39.04
C ILE A 444 40.70 30.92 -40.55
N LYS A 445 41.84 31.43 -40.99
CA LYS A 445 42.10 31.58 -42.42
C LYS A 445 42.09 30.24 -43.13
N ARG A 446 42.71 29.24 -42.52
CA ARG A 446 42.63 27.89 -43.09
C ARG A 446 41.21 27.35 -43.00
N THR A 447 40.52 27.64 -41.91
CA THR A 447 39.18 27.09 -41.70
C THR A 447 38.23 27.53 -42.78
N LEU A 448 38.33 28.79 -43.20
CA LEU A 448 37.36 29.32 -44.16
C LEU A 448 37.35 28.54 -45.47
N LYS A 449 38.46 27.93 -45.84
CA LYS A 449 38.49 27.15 -47.07
C LYS A 449 37.90 25.76 -46.88
N ILE A 450 37.59 25.38 -45.65
CA ILE A 450 37.12 24.02 -45.38
C ILE A 450 35.82 23.69 -46.10
N PRO A 451 34.76 24.47 -45.98
CA PRO A 451 33.44 24.01 -46.44
C PRO A 451 33.32 23.69 -47.92
N ALA A 452 33.72 24.64 -48.78
CA ALA A 452 33.71 24.36 -50.21
C ALA A 452 34.59 23.17 -50.53
N MET A 453 35.66 22.98 -49.77
CA MET A 453 36.48 21.78 -49.90
C MET A 453 35.64 20.53 -49.65
N THR A 454 34.90 20.52 -48.53
CA THR A 454 34.04 19.38 -48.22
C THR A 454 33.02 19.17 -49.32
N ILE A 455 32.54 20.25 -49.90
CA ILE A 455 31.48 20.15 -50.88
C ILE A 455 32.00 19.52 -52.16
N ALA A 456 33.12 20.06 -52.67
CA ALA A 456 33.77 19.45 -53.81
C ALA A 456 34.11 17.99 -53.53
N LYS A 457 34.50 17.69 -52.29
CA LYS A 457 34.73 16.30 -51.89
C LYS A 457 33.49 15.45 -52.10
N ASN A 458 32.36 15.92 -51.59
CA ASN A 458 31.12 15.18 -51.77
C ASN A 458 30.77 15.02 -53.23
N ALA A 459 31.02 16.06 -54.04
CA ALA A 459 30.76 15.96 -55.46
C ALA A 459 31.63 14.89 -56.12
N GLY A 460 32.77 14.56 -55.53
CA GLY A 460 33.71 13.68 -56.18
C GLY A 460 34.73 14.41 -57.01
N VAL A 461 35.14 15.60 -56.60
CA VAL A 461 36.09 16.41 -57.34
C VAL A 461 37.21 16.82 -56.39
N GLU A 462 38.21 17.50 -56.93
CA GLU A 462 39.38 17.90 -56.16
C GLU A 462 39.04 19.14 -55.35
N GLY A 463 39.05 19.01 -54.04
CA GLY A 463 38.66 20.10 -53.17
C GLY A 463 39.51 21.34 -53.30
N SER A 464 40.79 21.23 -52.91
CA SER A 464 41.67 22.39 -52.91
C SER A 464 41.79 23.01 -54.29
N LEU A 465 41.78 22.19 -55.34
CA LEU A 465 41.81 22.72 -56.70
C LEU A 465 40.63 23.64 -56.95
N ILE A 466 39.42 23.16 -56.65
CA ILE A 466 38.24 23.96 -56.90
C ILE A 466 38.23 25.21 -56.04
N VAL A 467 38.68 25.08 -54.80
CA VAL A 467 38.73 26.24 -53.91
C VAL A 467 39.66 27.30 -54.47
N GLU A 468 40.85 26.89 -54.90
CA GLU A 468 41.80 27.84 -55.46
C GLU A 468 41.26 28.48 -56.73
N LYS A 469 40.70 27.67 -57.62
CA LYS A 469 40.23 28.20 -58.89
C LYS A 469 39.04 29.12 -58.69
N ILE A 470 38.28 28.91 -57.62
CA ILE A 470 37.22 29.86 -57.28
C ILE A 470 37.82 31.15 -56.76
N MET A 471 38.82 31.05 -55.88
CA MET A 471 39.45 32.25 -55.34
C MET A 471 40.08 33.08 -56.44
N GLN A 472 40.56 32.45 -57.50
CA GLN A 472 41.13 33.21 -58.61
C GLN A 472 40.06 33.98 -59.36
N SER A 473 38.84 33.47 -59.40
CA SER A 473 37.80 34.05 -60.25
C SER A 473 37.26 35.32 -59.60
N SER A 474 36.20 35.87 -60.20
CA SER A 474 35.66 37.15 -59.76
C SER A 474 34.94 36.99 -58.42
N SER A 475 34.32 38.10 -57.98
CA SER A 475 33.64 38.08 -56.69
C SER A 475 32.38 37.25 -56.74
N GLU A 476 31.60 37.38 -57.80
CA GLU A 476 30.32 36.70 -57.94
C GLU A 476 30.43 35.35 -58.63
N VAL A 477 31.55 35.05 -59.21
CA VAL A 477 31.74 33.78 -59.89
C VAL A 477 32.13 32.74 -58.85
N GLY A 478 31.60 31.55 -59.01
CA GLY A 478 31.93 30.46 -58.12
C GLY A 478 31.54 29.15 -58.76
N TYR A 479 31.33 28.15 -57.91
CA TYR A 479 31.17 26.77 -58.35
C TYR A 479 29.79 26.24 -58.02
N ASP A 480 29.08 25.77 -59.03
CA ASP A 480 27.95 24.88 -58.84
C ASP A 480 28.43 23.45 -58.88
N ALA A 481 27.84 22.64 -58.01
CA ALA A 481 28.09 21.20 -57.98
C ALA A 481 27.12 20.44 -58.84
N MET A 482 25.92 20.96 -59.02
CA MET A 482 24.97 20.26 -59.87
C MET A 482 25.39 20.37 -61.32
N ALA A 483 25.73 21.57 -61.77
CA ALA A 483 26.32 21.74 -63.08
C ALA A 483 27.81 21.44 -63.08
N GLY A 484 28.40 21.28 -61.90
CA GLY A 484 29.81 20.92 -61.76
C GLY A 484 30.73 21.82 -62.54
N ASP A 485 30.61 23.12 -62.34
CA ASP A 485 31.32 24.08 -63.19
C ASP A 485 31.24 25.44 -62.50
N PHE A 486 31.72 26.47 -63.17
CA PHE A 486 31.73 27.81 -62.62
C PHE A 486 30.67 28.67 -63.30
N VAL A 487 29.93 29.42 -62.48
CA VAL A 487 28.93 30.37 -62.97
C VAL A 487 28.82 31.51 -61.97
N ASN A 488 28.06 32.54 -62.34
CA ASN A 488 27.63 33.52 -61.36
C ASN A 488 26.44 32.98 -60.60
N MET A 489 26.47 33.13 -59.29
CA MET A 489 25.49 32.47 -58.43
C MET A 489 24.13 33.12 -58.57
N VAL A 490 24.04 34.41 -58.24
CA VAL A 490 22.78 35.13 -58.37
C VAL A 490 22.30 35.09 -59.80
N GLU A 491 23.22 35.11 -60.77
CA GLU A 491 22.87 34.78 -62.13
C GLU A 491 22.27 33.39 -62.21
N LYS A 492 22.91 32.41 -61.57
CA LYS A 492 22.44 31.04 -61.61
C LYS A 492 21.27 30.81 -60.66
N GLY A 493 21.11 31.64 -59.65
CA GLY A 493 20.02 31.50 -58.72
C GLY A 493 20.40 30.74 -57.46
N ILE A 494 21.59 31.01 -56.95
CA ILE A 494 22.06 30.45 -55.68
C ILE A 494 22.44 31.60 -54.77
N ILE A 495 21.85 31.64 -53.58
CA ILE A 495 22.16 32.61 -52.56
C ILE A 495 21.91 31.92 -51.23
N ASP A 496 22.24 32.60 -50.14
CA ASP A 496 22.02 32.04 -48.82
C ASP A 496 21.80 33.16 -47.82
N PRO A 497 21.19 32.86 -46.67
CA PRO A 497 20.97 33.92 -45.68
C PRO A 497 22.27 34.31 -45.02
N THR A 498 22.37 35.60 -44.69
CA THR A 498 23.52 36.06 -43.95
C THR A 498 23.44 35.65 -42.48
N LYS A 499 22.23 35.64 -41.91
CA LYS A 499 22.10 35.32 -40.50
C LYS A 499 22.53 33.89 -40.21
N VAL A 500 22.13 32.95 -41.06
CA VAL A 500 22.52 31.56 -40.85
C VAL A 500 24.04 31.42 -40.87
N VAL A 501 24.69 32.04 -41.85
CA VAL A 501 26.14 31.94 -41.97
C VAL A 501 26.82 32.53 -40.76
N ARG A 502 26.43 33.75 -40.39
CA ARG A 502 27.06 34.42 -39.27
C ARG A 502 26.87 33.66 -37.97
N THR A 503 25.65 33.17 -37.71
CA THR A 503 25.40 32.45 -36.47
C THR A 503 26.18 31.15 -36.43
N ALA A 504 26.20 30.40 -37.55
CA ALA A 504 26.93 29.14 -37.59
C ALA A 504 28.40 29.37 -37.34
N LEU A 505 28.98 30.34 -38.05
CA LEU A 505 30.40 30.64 -37.87
C LEU A 505 30.70 31.01 -36.43
N LEU A 506 29.88 31.89 -35.85
CA LEU A 506 30.13 32.34 -34.49
C LEU A 506 30.07 31.18 -33.52
N ASP A 507 29.02 30.36 -33.60
CA ASP A 507 28.88 29.24 -32.68
C ASP A 507 30.05 28.28 -32.78
N ALA A 508 30.36 27.85 -34.01
CA ALA A 508 31.42 26.88 -34.20
C ALA A 508 32.75 27.42 -33.71
N ALA A 509 33.09 28.64 -34.11
CA ALA A 509 34.34 29.24 -33.70
C ALA A 509 34.43 29.32 -32.19
N GLY A 510 33.38 29.83 -31.55
CA GLY A 510 33.41 29.99 -30.11
C GLY A 510 33.64 28.68 -29.39
N VAL A 511 32.78 27.69 -29.67
CA VAL A 511 32.86 26.44 -28.91
C VAL A 511 34.17 25.72 -29.19
N ALA A 512 34.60 25.69 -30.45
CA ALA A 512 35.83 24.98 -30.77
C ALA A 512 37.03 25.66 -30.14
N SER A 513 37.11 26.99 -30.24
CA SER A 513 38.22 27.71 -29.64
C SER A 513 38.26 27.48 -28.15
N LEU A 514 37.09 27.43 -27.51
CA LEU A 514 37.08 27.10 -26.09
C LEU A 514 37.60 25.70 -25.85
N LEU A 515 37.20 24.75 -26.69
CA LEU A 515 37.66 23.38 -26.54
C LEU A 515 39.17 23.28 -26.66
N THR A 516 39.77 24.12 -27.49
CA THR A 516 41.19 24.00 -27.78
C THR A 516 42.03 24.15 -26.53
N THR A 517 41.66 25.08 -25.64
CA THR A 517 42.46 25.35 -24.47
C THR A 517 42.38 24.27 -23.41
N ALA A 518 41.70 23.17 -23.67
CA ALA A 518 41.67 22.07 -22.71
C ALA A 518 43.06 21.47 -22.56
N GLU A 519 43.37 21.05 -21.34
CA GLU A 519 44.71 20.57 -21.04
C GLU A 519 44.64 19.23 -20.31
N VAL A 520 43.56 19.01 -19.59
CA VAL A 520 43.43 17.85 -18.71
C VAL A 520 41.97 17.45 -18.68
N VAL A 521 41.69 16.18 -18.95
CA VAL A 521 40.31 15.70 -19.02
C VAL A 521 40.08 14.74 -17.88
N VAL A 522 38.94 14.90 -17.21
CA VAL A 522 38.52 14.03 -16.13
C VAL A 522 37.19 13.42 -16.50
N THR A 523 37.06 12.11 -16.29
CA THR A 523 35.90 11.37 -16.72
C THR A 523 35.44 10.43 -15.62
N GLU A 524 34.17 10.05 -15.69
CA GLU A 524 33.65 9.02 -14.81
C GLU A 524 34.31 7.69 -15.11
N ILE A 525 34.52 6.91 -14.07
CA ILE A 525 35.08 5.56 -14.23
C ILE A 525 34.03 4.74 -14.98
N PRO A 526 34.43 3.75 -15.77
CA PRO A 526 33.47 3.07 -16.65
C PRO A 526 32.61 2.01 -15.97
N LYS A 527 32.44 2.09 -14.65
CA LYS A 527 31.70 1.09 -13.87
C LYS A 527 30.41 0.62 -14.53
N GLU A 528 29.44 1.51 -14.67
CA GLU A 528 28.16 1.15 -15.28
C GLU A 528 27.51 2.36 -15.93
N GLY B 1 -69.13 27.10 1.84
CA GLY B 1 -68.47 25.93 1.29
C GLY B 1 -69.14 25.41 0.03
N GLN B 2 -68.50 25.64 -1.11
CA GLN B 2 -69.02 25.20 -2.40
C GLN B 2 -68.19 24.05 -2.93
N ALA B 3 -68.82 23.19 -3.71
CA ALA B 3 -68.23 21.92 -4.09
C ALA B 3 -67.88 21.90 -5.58
N PHE B 4 -67.47 20.73 -6.05
CA PHE B 4 -67.01 20.51 -7.41
C PHE B 4 -67.62 19.19 -7.85
N ARG B 5 -67.03 18.53 -8.84
CA ARG B 5 -67.60 17.32 -9.42
C ARG B 5 -67.52 16.22 -8.35
N LYS B 6 -68.50 16.27 -7.45
CA LYS B 6 -68.58 15.31 -6.36
C LYS B 6 -67.36 15.39 -5.46
N PHE B 7 -66.98 16.62 -5.11
CA PHE B 7 -65.85 16.82 -4.21
C PHE B 7 -66.07 18.06 -3.38
N LEU B 8 -65.57 18.03 -2.16
CA LEU B 8 -65.67 19.17 -1.27
C LEU B 8 -64.54 19.15 -0.25
N PRO B 9 -63.82 20.25 -0.09
CA PRO B 9 -62.73 20.29 0.89
C PRO B 9 -63.26 20.35 2.31
N LEU B 10 -62.36 20.40 3.30
CA LEU B 10 -62.74 20.27 4.70
C LEU B 10 -62.11 21.37 5.54
N PHE B 11 -62.90 22.40 5.85
CA PHE B 11 -62.74 23.27 7.00
C PHE B 11 -61.65 24.32 6.86
N ASP B 12 -60.72 24.14 5.93
CA ASP B 12 -59.68 25.14 5.77
C ASP B 12 -59.26 25.22 4.31
N ARG B 13 -59.63 24.21 3.54
CA ARG B 13 -58.93 23.95 2.30
C ARG B 13 -59.47 24.82 1.18
N VAL B 14 -58.64 24.97 0.15
CA VAL B 14 -59.05 25.61 -1.09
C VAL B 14 -58.48 24.82 -2.26
N LEU B 15 -59.35 24.08 -2.94
CA LEU B 15 -58.93 23.45 -4.19
C LEU B 15 -58.93 24.48 -5.31
N VAL B 16 -57.82 24.55 -6.03
CA VAL B 16 -57.60 25.51 -7.09
C VAL B 16 -56.87 24.81 -8.23
N GLU B 17 -56.53 25.59 -9.25
CA GLU B 17 -55.93 25.06 -10.45
C GLU B 17 -55.01 26.12 -11.04
N ARG B 18 -53.77 25.73 -11.32
CA ARG B 18 -52.85 26.64 -11.98
C ARG B 18 -53.36 27.00 -13.36
N SER B 19 -52.81 28.06 -13.92
CA SER B 19 -53.10 28.43 -15.30
C SER B 19 -52.26 27.60 -16.25
N ALA B 20 -52.17 28.00 -17.52
CA ALA B 20 -51.43 27.25 -18.51
C ALA B 20 -49.95 27.22 -18.18
N ALA B 21 -49.17 26.54 -19.03
CA ALA B 21 -47.76 26.32 -18.80
C ALA B 21 -46.86 27.41 -19.38
N GLU B 22 -47.39 28.27 -20.25
CA GLU B 22 -46.61 29.38 -20.82
C GLU B 22 -45.42 28.85 -21.63
N THR B 23 -45.73 28.17 -22.72
CA THR B 23 -44.68 27.55 -23.53
C THR B 23 -43.83 28.60 -24.24
N VAL B 24 -44.43 29.37 -25.14
CA VAL B 24 -43.66 30.35 -25.90
C VAL B 24 -43.45 31.59 -25.05
N THR B 25 -42.46 32.39 -25.43
CA THR B 25 -42.23 33.65 -24.76
C THR B 25 -43.25 34.67 -25.24
N LYS B 26 -43.11 35.91 -24.80
CA LYS B 26 -43.96 36.98 -25.30
C LYS B 26 -43.68 37.24 -26.77
N GLY B 27 -42.45 37.64 -27.10
CA GLY B 27 -42.16 38.07 -28.45
C GLY B 27 -42.11 36.98 -29.52
N GLY B 28 -41.06 36.17 -29.53
CA GLY B 28 -40.91 35.24 -30.63
C GLY B 28 -40.25 33.90 -30.34
N ILE B 29 -39.98 33.60 -29.08
CA ILE B 29 -39.31 32.36 -28.73
C ILE B 29 -40.25 31.50 -27.92
N MET B 30 -39.99 30.21 -27.93
CA MET B 30 -40.83 29.22 -27.29
C MET B 30 -40.02 28.42 -26.27
N LEU B 31 -40.62 28.13 -25.13
CA LEU B 31 -39.87 27.47 -24.09
C LEU B 31 -40.29 26.02 -23.94
N PRO B 32 -39.39 25.15 -23.51
CA PRO B 32 -39.76 23.75 -23.29
C PRO B 32 -40.58 23.59 -22.03
N GLU B 33 -40.87 22.34 -21.64
CA GLU B 33 -41.71 22.08 -20.48
C GLU B 33 -40.92 21.77 -19.23
N LYS B 34 -39.73 21.18 -19.37
CA LYS B 34 -38.91 20.85 -18.20
C LYS B 34 -38.50 22.11 -17.45
N SER B 35 -38.40 23.23 -18.16
CA SER B 35 -38.19 24.53 -17.54
C SER B 35 -39.51 25.06 -17.00
N GLN B 36 -39.57 26.36 -16.72
CA GLN B 36 -40.77 27.13 -16.43
C GLN B 36 -41.53 26.67 -15.19
N GLY B 37 -40.95 25.75 -14.41
CA GLY B 37 -41.46 25.42 -13.08
C GLY B 37 -42.91 25.00 -13.08
N LYS B 38 -43.71 25.66 -12.23
CA LYS B 38 -45.15 25.48 -12.17
C LYS B 38 -45.80 26.83 -12.03
N VAL B 39 -46.76 27.12 -12.91
CA VAL B 39 -47.33 28.47 -12.99
C VAL B 39 -48.01 28.80 -11.67
N LEU B 40 -47.53 29.84 -11.01
CA LEU B 40 -47.93 30.17 -9.65
C LEU B 40 -49.17 31.05 -9.58
N GLN B 41 -49.70 31.48 -10.71
CA GLN B 41 -50.98 32.18 -10.74
C GLN B 41 -52.06 31.15 -10.99
N ALA B 42 -53.07 31.11 -10.13
CA ALA B 42 -54.06 30.06 -10.24
C ALA B 42 -55.45 30.62 -10.00
N THR B 43 -56.45 29.80 -10.25
CA THR B 43 -57.83 30.15 -10.00
C THR B 43 -58.44 29.15 -9.04
N VAL B 44 -59.30 29.64 -8.16
CA VAL B 44 -59.93 28.80 -7.15
C VAL B 44 -61.14 28.11 -7.75
N VAL B 45 -61.18 26.78 -7.64
CA VAL B 45 -62.23 25.99 -8.24
C VAL B 45 -63.29 25.58 -7.22
N ALA B 46 -62.86 25.23 -6.01
CA ALA B 46 -63.77 24.88 -4.93
C ALA B 46 -63.19 25.38 -3.63
N VAL B 47 -64.06 25.62 -2.65
CA VAL B 47 -63.68 26.24 -1.41
C VAL B 47 -64.24 25.43 -0.25
N GLY B 48 -63.48 25.37 0.84
CA GLY B 48 -63.90 24.64 2.00
C GLY B 48 -65.14 25.23 2.63
N SER B 49 -65.72 24.46 3.55
CA SER B 49 -66.89 24.91 4.28
C SER B 49 -66.57 26.17 5.07
N GLY B 50 -65.52 26.12 5.86
CA GLY B 50 -65.11 27.24 6.68
C GLY B 50 -64.26 26.77 7.82
N SER B 51 -63.54 27.73 8.41
CA SER B 51 -62.64 27.46 9.52
C SER B 51 -63.46 27.17 10.76
N LYS B 52 -63.64 25.89 11.07
CA LYS B 52 -64.26 25.52 12.33
C LYS B 52 -63.36 25.82 13.52
N GLY B 53 -62.05 25.97 13.27
CA GLY B 53 -61.12 26.27 14.33
C GLY B 53 -61.39 27.59 15.04
N LYS B 54 -62.16 28.47 14.41
CA LYS B 54 -62.64 29.65 15.12
C LYS B 54 -63.46 29.22 16.33
N GLY B 55 -63.23 29.90 17.45
CA GLY B 55 -63.88 29.55 18.70
C GLY B 55 -65.39 29.60 18.61
N GLY B 56 -66.05 28.58 19.12
CA GLY B 56 -67.49 28.47 18.97
C GLY B 56 -67.88 28.40 17.51
N GLU B 57 -68.44 29.48 16.99
CA GLU B 57 -68.81 29.53 15.58
C GLU B 57 -67.58 29.35 14.71
N ILE B 58 -67.81 28.81 13.52
CA ILE B 58 -66.71 28.56 12.60
C ILE B 58 -66.42 29.80 11.77
N GLN B 59 -65.26 29.81 11.13
CA GLN B 59 -64.82 30.97 10.37
C GLN B 59 -64.96 30.70 8.88
N PRO B 60 -65.66 31.56 8.13
CA PRO B 60 -65.80 31.33 6.69
C PRO B 60 -64.50 31.57 5.96
N VAL B 61 -64.33 30.82 4.86
CA VAL B 61 -63.16 31.00 4.01
C VAL B 61 -63.31 32.28 3.20
N SER B 62 -62.23 33.04 3.09
CA SER B 62 -62.33 34.37 2.48
C SER B 62 -62.34 34.31 0.96
N VAL B 63 -61.31 33.70 0.37
CA VAL B 63 -61.16 33.68 -1.08
C VAL B 63 -62.32 32.91 -1.69
N LYS B 64 -63.15 33.60 -2.46
CA LYS B 64 -64.31 32.98 -3.07
C LYS B 64 -63.93 32.38 -4.41
N VAL B 65 -64.72 31.37 -4.81
CA VAL B 65 -64.40 30.62 -6.02
C VAL B 65 -64.47 31.55 -7.23
N GLY B 66 -63.62 31.28 -8.21
CA GLY B 66 -63.53 32.11 -9.39
C GLY B 66 -62.54 33.24 -9.31
N ASP B 67 -61.61 33.19 -8.36
CA ASP B 67 -60.64 34.26 -8.18
C ASP B 67 -59.26 33.84 -8.66
N LYS B 68 -58.51 34.80 -9.17
CA LYS B 68 -57.13 34.58 -9.55
C LYS B 68 -56.25 34.98 -8.37
N VAL B 69 -55.42 34.04 -7.93
CA VAL B 69 -54.63 34.20 -6.73
C VAL B 69 -53.17 33.92 -7.06
N LEU B 70 -52.30 34.42 -6.19
CA LEU B 70 -50.86 34.18 -6.24
C LEU B 70 -50.57 32.99 -5.34
N LEU B 71 -50.30 31.85 -5.95
CA LEU B 71 -50.11 30.63 -5.21
C LEU B 71 -48.89 30.73 -4.30
N PRO B 72 -48.85 29.95 -3.24
CA PRO B 72 -47.59 29.74 -2.52
C PRO B 72 -46.66 28.85 -3.31
N GLU B 73 -45.55 28.43 -2.72
CA GLU B 73 -44.56 27.64 -3.46
C GLU B 73 -44.67 26.14 -3.19
N TYR B 74 -44.54 25.74 -1.92
CA TYR B 74 -44.39 24.33 -1.59
C TYR B 74 -45.67 23.69 -1.07
N GLY B 75 -46.34 24.32 -0.10
CA GLY B 75 -47.52 23.72 0.50
C GLY B 75 -48.63 23.47 -0.50
N GLY B 76 -49.15 22.26 -0.51
CA GLY B 76 -50.23 21.92 -1.42
C GLY B 76 -50.32 20.43 -1.69
N THR B 77 -51.55 19.97 -1.91
CA THR B 77 -51.82 18.57 -2.17
C THR B 77 -52.30 18.40 -3.60
N LYS B 78 -51.58 17.59 -4.37
CA LYS B 78 -51.99 17.28 -5.72
C LYS B 78 -53.09 16.24 -5.69
N VAL B 79 -54.30 16.66 -6.04
CA VAL B 79 -55.46 15.77 -6.10
C VAL B 79 -55.87 15.65 -7.55
N VAL B 80 -56.55 14.57 -7.88
CA VAL B 80 -56.98 14.31 -9.25
C VAL B 80 -58.49 14.20 -9.28
N LEU B 81 -59.12 14.84 -10.26
CA LEU B 81 -60.54 14.66 -10.52
C LEU B 81 -60.72 14.51 -12.03
N ASP B 82 -61.20 13.35 -12.46
CA ASP B 82 -61.39 13.06 -13.88
C ASP B 82 -60.06 13.09 -14.63
N ASP B 83 -58.97 12.72 -13.94
CA ASP B 83 -57.63 12.81 -14.45
C ASP B 83 -57.19 14.26 -14.71
N LYS B 84 -57.85 15.20 -14.06
CA LYS B 84 -57.49 16.62 -14.09
C LYS B 84 -56.91 16.92 -12.71
N ASP B 85 -55.60 17.13 -12.67
CA ASP B 85 -54.93 17.39 -11.41
C ASP B 85 -55.15 18.84 -10.97
N TYR B 86 -55.72 18.98 -9.77
CA TYR B 86 -55.91 20.25 -9.12
C TYR B 86 -55.07 20.26 -7.85
N PHE B 87 -54.86 21.44 -7.29
CA PHE B 87 -54.03 21.59 -6.10
C PHE B 87 -54.86 22.12 -4.95
N LEU B 88 -54.77 21.44 -3.82
CA LEU B 88 -55.51 21.81 -2.62
C LEU B 88 -54.55 22.49 -1.65
N PHE B 89 -54.77 23.78 -1.40
CA PHE B 89 -53.95 24.53 -0.47
C PHE B 89 -54.76 24.79 0.80
N ARG B 90 -54.14 25.52 1.72
CA ARG B 90 -54.79 25.92 2.97
C ARG B 90 -55.09 27.41 2.94
N ASP B 91 -56.21 27.78 3.58
CA ASP B 91 -56.72 29.15 3.48
C ASP B 91 -55.68 30.17 3.92
N GLY B 92 -54.90 29.85 4.94
CA GLY B 92 -53.87 30.77 5.39
C GLY B 92 -52.67 30.86 4.46
N ASP B 93 -52.61 30.01 3.43
CA ASP B 93 -51.42 29.90 2.61
C ASP B 93 -51.48 30.75 1.35
N ILE B 94 -52.67 31.16 0.90
CA ILE B 94 -52.77 31.92 -0.33
C ILE B 94 -52.10 33.28 -0.15
N LEU B 95 -51.24 33.65 -1.10
CA LEU B 95 -50.44 34.84 -0.94
C LEU B 95 -51.20 36.09 -1.33
N GLY B 96 -51.67 36.16 -2.58
CA GLY B 96 -52.34 37.34 -3.06
C GLY B 96 -53.58 36.97 -3.85
N LYS B 97 -54.46 37.95 -4.00
CA LYS B 97 -55.68 37.82 -4.78
C LYS B 97 -55.64 38.83 -5.91
N TYR B 98 -55.82 38.35 -7.14
CA TYR B 98 -55.76 39.20 -8.32
C TYR B 98 -57.11 39.88 -8.50
N VAL B 99 -57.28 40.98 -7.79
CA VAL B 99 -58.54 41.72 -7.78
C VAL B 99 -58.58 42.68 -8.96
N ASP B 100 -59.68 42.66 -9.69
CA ASP B 100 -59.86 43.52 -10.85
C ASP B 100 -61.27 43.42 -11.40
N GLY C 1 -71.22 9.74 17.81
CA GLY C 1 -70.30 8.63 17.84
C GLY C 1 -70.97 7.29 17.62
N GLN C 2 -70.78 6.73 16.44
CA GLN C 2 -71.37 5.46 16.07
C GLN C 2 -70.28 4.39 15.97
N ALA C 3 -70.66 3.15 16.25
CA ALA C 3 -69.71 2.07 16.42
C ALA C 3 -69.81 1.06 15.27
N PHE C 4 -69.06 -0.02 15.42
CA PHE C 4 -68.91 -1.06 14.41
C PHE C 4 -68.94 -2.39 15.16
N ARG C 5 -68.39 -3.44 14.57
CA ARG C 5 -68.46 -4.79 15.12
C ARG C 5 -67.65 -4.79 16.42
N LYS C 6 -68.29 -4.31 17.47
CA LYS C 6 -67.66 -4.25 18.79
C LYS C 6 -66.42 -3.36 18.75
N PHE C 7 -66.54 -2.20 18.13
CA PHE C 7 -65.44 -1.26 18.06
C PHE C 7 -66.00 0.16 18.08
N LEU C 8 -65.24 1.07 18.70
CA LEU C 8 -65.63 2.46 18.70
C LEU C 8 -64.40 3.35 18.89
N PRO C 9 -64.21 4.34 18.03
CA PRO C 9 -63.05 5.24 18.17
C PRO C 9 -63.19 6.18 19.35
N LEU C 10 -62.20 7.04 19.55
CA LEU C 10 -62.11 7.86 20.76
C LEU C 10 -61.83 9.32 20.42
N PHE C 11 -62.88 10.14 20.43
CA PHE C 11 -62.83 11.59 20.60
C PHE C 11 -62.37 12.36 19.39
N ASP C 12 -61.72 11.70 18.44
CA ASP C 12 -61.27 12.43 17.27
C ASP C 12 -61.30 11.52 16.06
N ARG C 13 -61.39 10.22 16.31
CA ARG C 13 -60.99 9.26 15.29
C ARG C 13 -62.12 9.00 14.32
N VAL C 14 -61.74 8.56 13.13
CA VAL C 14 -62.70 8.14 12.12
C VAL C 14 -62.19 6.86 11.48
N LEU C 15 -62.79 5.73 11.84
CA LEU C 15 -62.43 4.48 11.19
C LEU C 15 -63.09 4.40 9.83
N VAL C 16 -62.30 4.12 8.81
CA VAL C 16 -62.75 4.06 7.43
C VAL C 16 -62.07 2.90 6.74
N GLU C 17 -62.34 2.77 5.45
CA GLU C 17 -61.86 1.64 4.68
C GLU C 17 -61.64 2.10 3.25
N ARG C 18 -60.45 1.81 2.71
CA ARG C 18 -60.17 2.13 1.33
C ARG C 18 -61.11 1.34 0.41
N SER C 19 -61.21 1.80 -0.84
CA SER C 19 -61.95 1.06 -1.84
C SER C 19 -61.09 -0.05 -2.41
N ALA C 20 -61.50 -0.62 -3.53
CA ALA C 20 -60.77 -1.74 -4.12
C ALA C 20 -59.39 -1.30 -4.61
N ALA C 21 -58.64 -2.27 -5.15
CA ALA C 21 -57.25 -2.05 -5.52
C ALA C 21 -57.07 -1.55 -6.95
N GLU C 22 -58.09 -1.62 -7.80
CA GLU C 22 -58.01 -1.12 -9.17
C GLU C 22 -56.94 -1.88 -9.97
N THR C 23 -57.18 -3.17 -10.16
CA THR C 23 -56.19 -4.01 -10.83
C THR C 23 -56.08 -3.66 -12.31
N VAL C 24 -57.14 -3.87 -13.07
CA VAL C 24 -57.08 -3.60 -14.50
C VAL C 24 -57.22 -2.10 -14.74
N THR C 25 -56.78 -1.67 -15.92
CA THR C 25 -56.93 -0.28 -16.31
C THR C 25 -58.38 -0.03 -16.70
N LYS C 26 -58.65 1.19 -17.18
CA LYS C 26 -59.96 1.47 -17.74
C LYS C 26 -60.18 0.68 -19.02
N GLY C 27 -59.34 0.89 -20.03
CA GLY C 27 -59.60 0.30 -21.32
C GLY C 27 -59.40 -1.19 -21.46
N GLY C 28 -58.14 -1.66 -21.49
CA GLY C 28 -57.91 -3.05 -21.79
C GLY C 28 -56.72 -3.73 -21.14
N ILE C 29 -56.03 -3.04 -20.23
CA ILE C 29 -54.82 -3.59 -19.64
C ILE C 29 -55.05 -3.78 -18.15
N MET C 30 -54.30 -4.72 -17.58
CA MET C 30 -54.44 -5.10 -16.18
C MET C 30 -53.13 -4.83 -15.45
N LEU C 31 -53.23 -4.30 -14.24
CA LEU C 31 -52.04 -3.87 -13.52
C LEU C 31 -51.74 -4.83 -12.36
N PRO C 32 -50.48 -4.96 -11.98
CA PRO C 32 -50.15 -5.81 -10.84
C PRO C 32 -50.53 -5.16 -9.52
N GLU C 33 -50.16 -5.80 -8.41
CA GLU C 33 -50.50 -5.30 -7.09
C GLU C 33 -49.39 -4.52 -6.42
N LYS C 34 -48.13 -4.85 -6.71
CA LYS C 34 -47.00 -4.15 -6.10
C LYS C 34 -47.00 -2.67 -6.50
N SER C 35 -47.55 -2.35 -7.66
CA SER C 35 -47.77 -0.97 -8.07
C SER C 35 -49.01 -0.43 -7.39
N GLN C 36 -49.54 0.67 -7.91
CA GLN C 36 -50.86 1.24 -7.60
C GLN C 36 -51.03 1.64 -6.13
N GLY C 37 -49.94 1.63 -5.35
CA GLY C 37 -49.94 2.25 -4.03
C GLY C 37 -51.03 1.72 -3.11
N LYS C 38 -51.80 2.65 -2.56
CA LYS C 38 -52.98 2.34 -1.75
C LYS C 38 -54.09 3.31 -2.14
N VAL C 39 -55.26 2.76 -2.45
CA VAL C 39 -56.34 3.56 -3.00
C VAL C 39 -56.74 4.63 -1.98
N LEU C 40 -56.66 5.89 -2.39
CA LEU C 40 -56.83 7.01 -1.48
C LEU C 40 -58.28 7.47 -1.37
N GLN C 41 -59.18 6.87 -2.13
CA GLN C 41 -60.60 7.15 -1.99
C GLN C 41 -61.19 6.09 -1.07
N ALA C 42 -61.83 6.52 0.01
CA ALA C 42 -62.29 5.56 1.01
C ALA C 42 -63.69 5.91 1.48
N THR C 43 -64.27 4.99 2.25
CA THR C 43 -65.57 5.20 2.85
C THR C 43 -65.47 5.08 4.36
N VAL C 44 -66.21 5.92 5.06
CA VAL C 44 -66.16 5.94 6.52
C VAL C 44 -67.10 4.88 7.07
N VAL C 45 -66.58 4.03 7.95
CA VAL C 45 -67.32 2.91 8.49
C VAL C 45 -67.83 3.21 9.90
N ALA C 46 -67.03 3.89 10.71
CA ALA C 46 -67.43 4.27 12.06
C ALA C 46 -66.79 5.61 12.39
N VAL C 47 -67.41 6.32 13.34
CA VAL C 47 -67.01 7.68 13.65
C VAL C 47 -66.86 7.82 15.16
N GLY C 48 -65.88 8.60 15.58
CA GLY C 48 -65.66 8.83 16.99
C GLY C 48 -66.82 9.55 17.66
N SER C 49 -66.75 9.58 18.99
CA SER C 49 -67.76 10.29 19.77
C SER C 49 -67.80 11.76 19.39
N GLY C 50 -66.66 12.43 19.48
CA GLY C 50 -66.56 13.83 19.19
C GLY C 50 -65.36 14.44 19.86
N SER C 51 -64.98 15.61 19.37
CA SER C 51 -63.81 16.32 19.87
C SER C 51 -64.10 16.86 21.26
N LYS C 52 -63.65 16.13 22.28
CA LYS C 52 -63.75 16.65 23.64
C LYS C 52 -62.78 17.80 23.87
N GLY C 53 -61.75 17.93 23.03
CA GLY C 53 -60.80 19.02 23.15
C GLY C 53 -61.41 20.39 23.04
N LYS C 54 -62.60 20.50 22.46
CA LYS C 54 -63.33 21.75 22.48
C LYS C 54 -63.58 22.19 23.92
N GLY C 55 -63.42 23.49 24.16
CA GLY C 55 -63.59 24.03 25.50
C GLY C 55 -64.98 23.79 26.06
N GLY C 56 -65.03 23.34 27.30
CA GLY C 56 -66.30 22.95 27.88
C GLY C 56 -66.90 21.80 27.10
N GLU C 57 -68.05 22.06 26.49
CA GLU C 57 -68.74 21.11 25.62
C GLU C 57 -67.81 20.57 24.55
N ILE C 58 -67.97 19.29 24.21
CA ILE C 58 -67.09 18.65 23.25
C ILE C 58 -67.61 18.91 21.83
N GLN C 59 -66.75 18.63 20.86
CA GLN C 59 -67.05 18.98 19.47
C GLN C 59 -67.43 17.74 18.68
N PRO C 60 -68.59 17.70 18.04
CA PRO C 60 -68.98 16.52 17.29
C PRO C 60 -68.15 16.36 16.02
N VAL C 61 -67.94 15.11 15.64
CA VAL C 61 -67.20 14.81 14.41
C VAL C 61 -68.06 15.14 13.21
N SER C 62 -67.46 15.75 12.18
CA SER C 62 -68.24 16.29 11.08
C SER C 62 -68.60 15.22 10.06
N VAL C 63 -67.59 14.56 9.48
CA VAL C 63 -67.82 13.60 8.42
C VAL C 63 -68.61 12.41 8.96
N LYS C 64 -69.81 12.21 8.44
CA LYS C 64 -70.69 11.17 8.95
C LYS C 64 -70.44 9.87 8.21
N VAL C 65 -70.81 8.76 8.88
CA VAL C 65 -70.54 7.45 8.33
C VAL C 65 -71.30 7.26 7.02
N GLY C 66 -70.71 6.48 6.11
CA GLY C 66 -71.30 6.28 4.81
C GLY C 66 -70.86 7.27 3.76
N ASP C 67 -69.78 8.00 3.99
CA ASP C 67 -69.30 9.01 3.06
C ASP C 67 -68.03 8.54 2.35
N LYS C 68 -67.89 8.99 1.11
CA LYS C 68 -66.67 8.76 0.35
C LYS C 68 -65.78 9.98 0.48
N VAL C 69 -64.54 9.77 0.94
CA VAL C 69 -63.63 10.84 1.28
C VAL C 69 -62.31 10.61 0.55
N LEU C 70 -61.54 11.70 0.46
CA LEU C 70 -60.22 11.72 -0.13
C LEU C 70 -59.20 11.56 0.99
N LEU C 71 -58.62 10.38 1.08
CA LEU C 71 -57.75 10.07 2.21
C LEU C 71 -56.49 10.90 2.17
N PRO C 72 -55.94 11.26 3.31
CA PRO C 72 -54.57 11.80 3.37
C PRO C 72 -53.55 10.71 3.12
N GLU C 73 -52.34 11.13 2.75
CA GLU C 73 -51.32 10.18 2.34
C GLU C 73 -50.85 9.33 3.51
N TYR C 74 -50.49 9.96 4.63
CA TYR C 74 -49.89 9.24 5.75
C TYR C 74 -50.73 9.25 7.02
N GLY C 75 -51.85 9.94 7.03
CA GLY C 75 -52.63 10.04 8.26
C GLY C 75 -53.26 8.71 8.60
N GLY C 76 -53.41 8.45 9.91
CA GLY C 76 -54.15 7.32 10.39
C GLY C 76 -53.31 6.07 10.61
N THR C 77 -53.90 5.12 11.31
CA THR C 77 -53.21 3.91 11.73
C THR C 77 -54.01 2.71 11.28
N LYS C 78 -53.30 1.68 10.86
CA LYS C 78 -53.93 0.43 10.46
C LYS C 78 -54.48 -0.28 11.68
N VAL C 79 -55.65 -0.90 11.49
CA VAL C 79 -56.31 -1.69 12.52
C VAL C 79 -56.98 -2.87 11.83
N VAL C 80 -57.23 -3.93 12.58
CA VAL C 80 -57.83 -5.14 12.04
C VAL C 80 -59.11 -5.44 12.80
N LEU C 81 -60.16 -5.80 12.07
CA LEU C 81 -61.38 -6.32 12.67
C LEU C 81 -61.85 -7.50 11.83
N ASP C 82 -61.88 -8.68 12.44
CA ASP C 82 -62.28 -9.90 11.75
C ASP C 82 -61.34 -10.23 10.60
N ASP C 83 -60.06 -9.87 10.75
CA ASP C 83 -59.06 -9.99 9.71
C ASP C 83 -59.34 -9.07 8.53
N LYS C 84 -60.15 -8.05 8.74
CA LYS C 84 -60.43 -7.02 7.74
C LYS C 84 -59.75 -5.75 8.21
N ASP C 85 -58.68 -5.39 7.52
CA ASP C 85 -57.92 -4.21 7.89
C ASP C 85 -58.63 -2.93 7.47
N TYR C 86 -58.91 -2.09 8.45
CA TYR C 86 -59.48 -0.76 8.26
C TYR C 86 -58.45 0.26 8.72
N PHE C 87 -58.64 1.50 8.34
CA PHE C 87 -57.71 2.56 8.70
C PHE C 87 -58.41 3.59 9.55
N LEU C 88 -57.82 3.89 10.69
CA LEU C 88 -58.39 4.86 11.62
C LEU C 88 -57.65 6.18 11.45
N PHE C 89 -58.31 7.16 10.87
CA PHE C 89 -57.64 8.44 10.68
C PHE C 89 -58.08 9.39 11.78
N ARG C 90 -57.57 10.61 11.72
CA ARG C 90 -58.00 11.68 12.62
C ARG C 90 -58.90 12.65 11.87
N ASP C 91 -59.88 13.19 12.59
CA ASP C 91 -60.92 13.98 11.96
C ASP C 91 -60.36 15.16 11.18
N GLY C 92 -59.33 15.81 11.71
CA GLY C 92 -58.74 16.91 10.98
C GLY C 92 -57.92 16.51 9.77
N ASP C 93 -57.69 15.22 9.58
CA ASP C 93 -56.78 14.75 8.56
C ASP C 93 -57.46 14.42 7.24
N ILE C 94 -58.78 14.24 7.24
CA ILE C 94 -59.49 13.91 6.01
C ILE C 94 -59.40 15.09 5.06
N LEU C 95 -59.08 14.81 3.80
CA LEU C 95 -58.86 15.88 2.84
C LEU C 95 -60.16 16.38 2.23
N GLY C 96 -60.87 15.50 1.52
CA GLY C 96 -62.06 15.90 0.82
C GLY C 96 -63.20 14.92 1.09
N LYS C 97 -64.41 15.41 0.83
CA LYS C 97 -65.62 14.62 0.97
C LYS C 97 -66.29 14.53 -0.39
N TYR C 98 -66.49 13.29 -0.86
CA TYR C 98 -67.09 13.06 -2.17
C TYR C 98 -68.60 13.23 -2.04
N VAL C 99 -69.03 14.48 -2.09
CA VAL C 99 -70.44 14.82 -1.90
C VAL C 99 -71.15 14.72 -3.25
N ASP C 100 -72.30 14.05 -3.25
CA ASP C 100 -73.08 13.88 -4.47
C ASP C 100 -74.42 13.19 -4.18
N GLY D 1 -62.23 8.48 39.48
CA GLY D 1 -61.01 7.70 39.53
C GLY D 1 -61.11 6.51 40.47
N GLN D 2 -60.96 5.31 39.92
CA GLN D 2 -61.03 4.09 40.68
C GLN D 2 -59.64 3.46 40.76
N ALA D 3 -59.40 2.71 41.83
CA ALA D 3 -58.07 2.24 42.14
C ALA D 3 -57.96 0.72 41.97
N PHE D 4 -56.82 0.18 42.36
CA PHE D 4 -56.48 -1.23 42.18
C PHE D 4 -55.77 -1.63 43.48
N ARG D 5 -54.98 -2.71 43.43
CA ARG D 5 -54.38 -3.29 44.62
C ARG D 5 -53.36 -2.28 45.15
N LYS D 6 -53.86 -1.29 45.88
CA LYS D 6 -53.03 -0.25 46.45
C LYS D 6 -52.32 0.54 45.36
N PHE D 7 -53.06 0.89 44.30
CA PHE D 7 -52.51 1.69 43.23
C PHE D 7 -53.58 2.60 42.67
N LEU D 8 -53.17 3.78 42.22
CA LEU D 8 -54.09 4.70 41.59
C LEU D 8 -53.33 5.63 40.65
N PRO D 9 -53.78 5.76 39.41
CA PRO D 9 -53.09 6.65 38.47
C PRO D 9 -53.34 8.12 38.77
N LEU D 10 -52.79 9.02 37.96
CA LEU D 10 -52.80 10.45 38.27
C LEU D 10 -53.24 11.27 37.05
N PHE D 11 -54.50 11.70 37.09
CA PHE D 11 -55.02 12.84 36.35
C PHE D 11 -55.24 12.61 34.85
N ASP D 12 -54.61 11.58 34.29
CA ASP D 12 -54.79 11.35 32.87
C ASP D 12 -54.71 9.86 32.58
N ARG D 13 -54.18 9.12 33.53
CA ARG D 13 -53.65 7.81 33.20
C ARG D 13 -54.75 6.77 33.17
N VAL D 14 -54.45 5.69 32.45
CA VAL D 14 -55.33 4.53 32.43
C VAL D 14 -54.48 3.28 32.52
N LEU D 15 -54.46 2.65 33.69
CA LEU D 15 -53.79 1.37 33.83
C LEU D 15 -54.68 0.27 33.27
N VAL D 16 -54.12 -0.52 32.36
CA VAL D 16 -54.83 -1.59 31.69
C VAL D 16 -53.91 -2.79 31.58
N GLU D 17 -54.39 -3.82 30.90
CA GLU D 17 -53.69 -5.08 30.81
C GLU D 17 -54.01 -5.72 29.47
N ARG D 18 -52.97 -6.11 28.74
CA ARG D 18 -53.18 -6.82 27.49
C ARG D 18 -53.89 -8.14 27.74
N SER D 19 -54.46 -8.71 26.69
CA SER D 19 -55.05 -10.03 26.77
C SER D 19 -53.95 -11.09 26.65
N ALA D 20 -54.33 -12.34 26.40
CA ALA D 20 -53.37 -13.43 26.33
C ALA D 20 -52.43 -13.24 25.14
N ALA D 21 -51.51 -14.19 24.99
CA ALA D 21 -50.45 -14.10 23.99
C ALA D 21 -50.81 -14.72 22.65
N GLU D 22 -51.89 -15.50 22.57
CA GLU D 22 -52.35 -16.09 21.32
C GLU D 22 -51.27 -17.01 20.70
N THR D 23 -51.00 -18.10 21.41
CA THR D 23 -49.94 -19.01 20.97
C THR D 23 -50.34 -19.74 19.69
N VAL D 24 -51.37 -20.57 19.76
CA VAL D 24 -51.75 -21.38 18.61
C VAL D 24 -52.53 -20.51 17.62
N THR D 25 -52.60 -20.98 16.39
CA THR D 25 -53.41 -20.30 15.38
C THR D 25 -54.88 -20.63 15.63
N LYS D 26 -55.73 -20.14 14.74
CA LYS D 26 -57.14 -20.51 14.81
C LYS D 26 -57.32 -21.99 14.50
N GLY D 27 -56.87 -22.42 13.33
CA GLY D 27 -57.14 -23.78 12.90
C GLY D 27 -56.37 -24.88 13.61
N GLY D 28 -55.11 -25.09 13.23
CA GLY D 28 -54.39 -26.23 13.76
C GLY D 28 -52.91 -26.06 14.02
N ILE D 29 -52.39 -24.84 13.89
CA ILE D 29 -50.97 -24.61 14.09
C ILE D 29 -50.78 -23.73 15.32
N MET D 30 -49.59 -23.78 15.88
CA MET D 30 -49.26 -23.09 17.11
C MET D 30 -48.05 -22.20 16.89
N LEU D 31 -48.06 -21.02 17.50
CA LEU D 31 -47.00 -20.08 17.22
C LEU D 31 -46.08 -19.93 18.42
N PRO D 32 -44.81 -19.60 18.20
CA PRO D 32 -43.90 -19.36 19.31
C PRO D 32 -44.18 -18.03 19.99
N GLU D 33 -43.33 -17.66 20.94
CA GLU D 33 -43.52 -16.44 21.71
C GLU D 33 -42.71 -15.26 21.20
N LYS D 34 -41.52 -15.52 20.63
CA LYS D 34 -40.70 -14.44 20.11
C LYS D 34 -41.40 -13.68 19.00
N SER D 35 -42.29 -14.36 18.28
CA SER D 35 -43.16 -13.71 17.30
C SER D 35 -44.32 -13.04 18.02
N GLN D 36 -45.35 -12.68 17.27
CA GLN D 36 -46.67 -12.26 17.75
C GLN D 36 -46.65 -11.00 18.59
N GLY D 37 -45.50 -10.32 18.70
CA GLY D 37 -45.44 -8.98 19.25
C GLY D 37 -46.00 -8.88 20.65
N LYS D 38 -46.93 -7.93 20.83
CA LYS D 38 -47.66 -7.74 22.07
C LYS D 38 -49.12 -7.50 21.75
N VAL D 39 -50.01 -8.28 22.36
CA VAL D 39 -51.42 -8.25 22.01
C VAL D 39 -51.98 -6.86 22.26
N LEU D 40 -52.49 -6.23 21.22
CA LEU D 40 -52.90 -4.83 21.26
C LEU D 40 -54.33 -4.64 21.75
N GLN D 41 -55.07 -5.72 21.96
CA GLN D 41 -56.39 -5.64 22.56
C GLN D 41 -56.23 -5.82 24.06
N ALA D 42 -56.76 -4.87 24.84
CA ALA D 42 -56.52 -4.91 26.27
C ALA D 42 -57.80 -4.57 27.02
N THR D 43 -57.74 -4.75 28.32
CA THR D 43 -58.85 -4.41 29.21
C THR D 43 -58.36 -3.41 30.26
N VAL D 44 -59.21 -2.47 30.60
CA VAL D 44 -58.84 -1.43 31.56
C VAL D 44 -59.10 -1.92 32.97
N VAL D 45 -58.08 -1.82 33.81
CA VAL D 45 -58.15 -2.33 35.18
C VAL D 45 -58.37 -1.21 36.19
N ALA D 46 -57.73 -0.06 35.99
CA ALA D 46 -57.89 1.09 36.87
C ALA D 46 -57.86 2.34 36.03
N VAL D 47 -58.46 3.40 36.56
CA VAL D 47 -58.63 4.65 35.82
C VAL D 47 -58.20 5.81 36.70
N GLY D 48 -57.60 6.81 36.08
CA GLY D 48 -57.18 7.99 36.79
C GLY D 48 -58.34 8.78 37.35
N SER D 49 -58.00 9.72 38.23
CA SER D 49 -59.01 10.59 38.81
C SER D 49 -59.73 11.38 37.73
N GLY D 50 -58.98 12.09 36.91
CA GLY D 50 -59.56 12.88 35.85
C GLY D 50 -58.59 13.95 35.40
N SER D 51 -58.87 14.47 34.21
CA SER D 51 -58.03 15.49 33.60
C SER D 51 -58.20 16.79 34.35
N LYS D 52 -57.26 17.07 35.27
CA LYS D 52 -57.26 18.37 35.94
C LYS D 52 -56.85 19.49 35.00
N GLY D 53 -56.19 19.15 33.88
CA GLY D 53 -55.76 20.14 32.91
C GLY D 53 -56.90 20.94 32.31
N LYS D 54 -58.12 20.42 32.37
CA LYS D 54 -59.27 21.21 31.99
C LYS D 54 -59.35 22.48 32.83
N GLY D 55 -59.69 23.59 32.18
CA GLY D 55 -59.76 24.88 32.85
C GLY D 55 -60.73 24.90 34.00
N GLY D 56 -60.30 25.44 35.14
CA GLY D 56 -61.12 25.37 36.33
C GLY D 56 -61.35 23.92 36.72
N GLU D 57 -62.62 23.52 36.70
CA GLU D 57 -63.02 22.14 36.96
C GLU D 57 -62.23 21.15 36.11
N ILE D 58 -61.94 19.99 36.69
CA ILE D 58 -61.12 19.00 36.00
C ILE D 58 -62.00 18.14 35.10
N GLN D 59 -61.35 17.39 34.22
CA GLN D 59 -62.07 16.61 33.22
C GLN D 59 -62.06 15.14 33.58
N PRO D 60 -63.22 14.49 33.68
CA PRO D 60 -63.23 13.07 34.04
C PRO D 60 -62.73 12.20 32.91
N VAL D 61 -62.09 11.09 33.29
CA VAL D 61 -61.61 10.13 32.30
C VAL D 61 -62.78 9.36 31.72
N SER D 62 -62.77 9.16 30.41
CA SER D 62 -63.94 8.64 29.73
C SER D 62 -64.03 7.12 29.81
N VAL D 63 -62.99 6.43 29.32
CA VAL D 63 -63.02 4.97 29.26
C VAL D 63 -63.09 4.40 30.66
N LYS D 64 -64.21 3.74 30.97
CA LYS D 64 -64.42 3.22 32.31
C LYS D 64 -63.84 1.81 32.44
N VAL D 65 -63.55 1.43 33.68
CA VAL D 65 -62.90 0.16 33.93
C VAL D 65 -63.80 -0.98 33.46
N GLY D 66 -63.17 -2.06 33.02
CA GLY D 66 -63.89 -3.19 32.50
C GLY D 66 -64.15 -3.15 31.01
N ASP D 67 -63.45 -2.30 30.27
CA ASP D 67 -63.67 -2.15 28.84
C ASP D 67 -62.53 -2.78 28.05
N LYS D 68 -62.88 -3.33 26.90
CA LYS D 68 -61.89 -3.84 25.96
C LYS D 68 -61.58 -2.74 24.94
N VAL D 69 -60.31 -2.38 24.84
CA VAL D 69 -59.87 -1.27 24.03
C VAL D 69 -58.79 -1.72 23.07
N LEU D 70 -58.62 -0.91 22.03
CA LEU D 70 -57.58 -1.09 21.02
C LEU D 70 -56.39 -0.25 21.44
N LEU D 71 -55.36 -0.92 21.94
CA LEU D 71 -54.22 -0.22 22.50
C LEU D 71 -53.48 0.56 21.42
N PRO D 72 -52.76 1.59 21.79
CA PRO D 72 -51.77 2.17 20.88
C PRO D 72 -50.57 1.26 20.74
N GLU D 73 -49.53 1.72 20.06
CA GLU D 73 -48.36 0.87 19.80
C GLU D 73 -47.21 1.14 20.76
N TYR D 74 -46.74 2.38 20.84
CA TYR D 74 -45.51 2.70 21.54
C TYR D 74 -45.73 3.32 22.92
N GLY D 75 -46.58 4.33 23.01
CA GLY D 75 -46.81 5.00 24.28
C GLY D 75 -47.33 4.10 25.37
N GLY D 76 -46.69 4.11 26.51
CA GLY D 76 -47.14 3.31 27.63
C GLY D 76 -46.02 2.98 28.59
N THR D 77 -46.37 2.88 29.87
CA THR D 77 -45.43 2.58 30.93
C THR D 77 -45.69 1.19 31.48
N LYS D 78 -44.67 0.35 31.43
CA LYS D 78 -44.77 -0.98 32.03
C LYS D 78 -44.61 -0.86 33.53
N VAL D 79 -45.68 -1.15 34.26
CA VAL D 79 -45.67 -1.13 35.72
C VAL D 79 -45.92 -2.55 36.21
N VAL D 80 -45.49 -2.84 37.42
CA VAL D 80 -45.63 -4.16 38.00
C VAL D 80 -46.44 -4.06 39.28
N LEU D 81 -47.40 -4.96 39.44
CA LEU D 81 -48.14 -5.10 40.69
C LEU D 81 -48.26 -6.58 41.01
N ASP D 82 -47.65 -7.00 42.12
CA ASP D 82 -47.65 -8.41 42.52
C ASP D 82 -46.94 -9.28 41.49
N ASP D 83 -45.95 -8.69 40.81
CA ASP D 83 -45.24 -9.32 39.70
C ASP D 83 -46.15 -9.55 38.50
N LYS D 84 -47.25 -8.82 38.41
CA LYS D 84 -48.14 -8.84 37.26
C LYS D 84 -47.94 -7.51 36.54
N ASP D 85 -47.31 -7.58 35.38
CA ASP D 85 -47.04 -6.38 34.60
C ASP D 85 -48.29 -5.89 33.90
N TYR D 86 -48.65 -4.64 34.20
CA TYR D 86 -49.74 -3.92 33.56
C TYR D 86 -49.15 -2.74 32.81
N PHE D 87 -49.93 -2.16 31.91
CA PHE D 87 -49.46 -1.04 31.12
C PHE D 87 -50.31 0.19 31.42
N LEU D 88 -49.63 1.30 31.71
CA LEU D 88 -50.28 2.56 32.00
C LEU D 88 -50.19 3.44 30.77
N PHE D 89 -51.33 3.74 30.16
CA PHE D 89 -51.37 4.62 29.00
C PHE D 89 -51.93 5.97 29.41
N ARG D 90 -52.02 6.87 28.45
CA ARG D 90 -52.63 8.18 28.64
C ARG D 90 -53.99 8.21 27.96
N ASP D 91 -54.92 8.94 28.59
CA ASP D 91 -56.32 8.88 28.17
C ASP D 91 -56.50 9.25 26.71
N GLY D 92 -55.75 10.23 26.23
CA GLY D 92 -55.83 10.57 24.83
C GLY D 92 -55.22 9.56 23.89
N ASP D 93 -54.54 8.55 24.42
CA ASP D 93 -53.78 7.63 23.60
C ASP D 93 -54.57 6.39 23.20
N ILE D 94 -55.65 6.07 23.90
CA ILE D 94 -56.41 4.87 23.58
C ILE D 94 -57.05 5.01 22.21
N LEU D 95 -56.93 3.97 21.39
CA LEU D 95 -57.39 4.06 20.01
C LEU D 95 -58.89 3.79 19.90
N GLY D 96 -59.32 2.59 20.26
CA GLY D 96 -60.70 2.21 20.10
C GLY D 96 -61.24 1.55 21.36
N LYS D 97 -62.56 1.52 21.45
CA LYS D 97 -63.26 0.87 22.54
C LYS D 97 -64.13 -0.24 21.97
N TYR D 98 -63.93 -1.46 22.46
CA TYR D 98 -64.68 -2.62 21.98
C TYR D 98 -66.04 -2.62 22.68
N VAL D 99 -66.95 -1.85 22.12
CA VAL D 99 -68.28 -1.67 22.70
C VAL D 99 -69.18 -2.79 22.20
N ASP D 100 -69.92 -3.41 23.11
CA ASP D 100 -70.83 -4.48 22.76
C ASP D 100 -71.70 -4.91 23.95
N GLY E 1 -48.71 24.21 50.41
CA GLY E 1 -47.37 23.65 50.35
C GLY E 1 -46.74 23.48 51.71
N GLN E 2 -46.21 22.29 51.98
CA GLN E 2 -45.58 21.97 53.24
C GLN E 2 -44.08 21.79 53.03
N ALA E 3 -43.31 22.07 54.08
CA ALA E 3 -41.87 22.16 53.97
C ALA E 3 -41.18 20.99 54.68
N PHE E 4 -39.86 21.06 54.75
CA PHE E 4 -39.01 20.01 55.30
C PHE E 4 -37.93 20.74 56.10
N ARG E 5 -36.81 20.08 56.35
CA ARG E 5 -35.75 20.60 57.21
C ARG E 5 -35.14 21.80 56.51
N LYS E 6 -35.82 22.94 56.65
CA LYS E 6 -35.37 24.18 56.04
C LYS E 6 -35.32 24.04 54.52
N PHE E 7 -36.37 23.46 53.94
CA PHE E 7 -36.46 23.33 52.50
C PHE E 7 -37.92 23.37 52.08
N LEU E 8 -38.16 23.95 50.91
CA LEU E 8 -39.51 24.02 50.36
C LEU E 8 -39.45 24.13 48.84
N PRO E 9 -40.19 23.30 48.13
CA PRO E 9 -40.17 23.38 46.66
C PRO E 9 -40.92 24.59 46.14
N LEU E 10 -41.02 24.73 44.82
CA LEU E 10 -41.56 25.95 44.20
C LEU E 10 -42.57 25.62 43.11
N PHE E 11 -43.85 25.74 43.45
CA PHE E 11 -44.96 25.95 42.53
C PHE E 11 -45.39 24.71 41.76
N ASP E 12 -44.54 23.70 41.68
CA ASP E 12 -44.95 22.51 40.96
C ASP E 12 -44.31 21.29 41.60
N ARG E 13 -43.28 21.53 42.41
CA ARG E 13 -42.34 20.48 42.70
C ARG E 13 -42.85 19.57 43.80
N VAL E 14 -42.34 18.36 43.81
CA VAL E 14 -42.62 17.41 44.87
C VAL E 14 -41.33 16.71 45.26
N LEU E 15 -40.79 17.08 46.41
CA LEU E 15 -39.65 16.36 46.95
C LEU E 15 -40.12 15.06 47.59
N VAL E 16 -39.50 13.95 47.20
CA VAL E 16 -39.85 12.64 47.67
C VAL E 16 -38.56 11.86 47.89
N GLU E 17 -38.71 10.59 48.24
CA GLU E 17 -37.59 9.75 48.59
C GLU E 17 -37.90 8.32 48.21
N ARG E 18 -37.00 7.70 47.46
CA ARG E 18 -37.16 6.29 47.13
C ARG E 18 -37.16 5.44 48.39
N SER E 19 -37.70 4.23 48.27
CA SER E 19 -37.63 3.27 49.37
C SER E 19 -36.27 2.60 49.39
N ALA E 20 -36.15 1.49 50.12
CA ALA E 20 -34.88 0.80 50.27
C ALA E 20 -34.41 0.22 48.94
N ALA E 21 -33.24 -0.42 48.97
CA ALA E 21 -32.59 -0.91 47.77
C ALA E 21 -32.96 -2.33 47.38
N GLU E 22 -33.59 -3.10 48.29
CA GLU E 22 -34.02 -4.46 47.99
C GLU E 22 -32.84 -5.36 47.61
N THR E 23 -31.96 -5.58 48.59
CA THR E 23 -30.74 -6.34 48.33
C THR E 23 -31.05 -7.82 48.07
N VAL E 24 -31.59 -8.50 49.07
CA VAL E 24 -31.85 -9.93 48.93
C VAL E 24 -33.12 -10.13 48.11
N THR E 25 -33.27 -11.33 47.58
CA THR E 25 -34.50 -11.68 46.87
C THR E 25 -35.60 -11.94 47.89
N LYS E 26 -36.77 -12.34 47.40
CA LYS E 26 -37.83 -12.77 48.30
C LYS E 26 -37.43 -14.03 49.05
N GLY E 27 -37.19 -15.12 48.33
CA GLY E 27 -36.98 -16.38 49.00
C GLY E 27 -35.66 -16.57 49.72
N GLY E 28 -34.56 -16.75 49.00
CA GLY E 28 -33.33 -17.13 49.65
C GLY E 28 -32.02 -16.63 49.06
N ILE E 29 -32.08 -15.77 48.05
CA ILE E 29 -30.88 -15.26 47.41
C ILE E 29 -30.81 -13.76 47.64
N MET E 30 -29.60 -13.23 47.52
CA MET E 30 -29.33 -11.82 47.77
C MET E 30 -28.71 -11.20 46.53
N LEU E 31 -29.09 -9.96 46.24
CA LEU E 31 -28.65 -9.33 45.02
C LEU E 31 -27.64 -8.23 45.32
N PRO E 32 -26.72 -7.96 44.40
CA PRO E 32 -25.76 -6.88 44.63
C PRO E 32 -26.37 -5.51 44.46
N GLU E 33 -25.56 -4.46 44.54
CA GLU E 33 -26.04 -3.09 44.46
C GLU E 33 -25.92 -2.49 43.07
N LYS E 34 -24.92 -2.91 42.29
CA LYS E 34 -24.76 -2.39 40.94
C LYS E 34 -25.96 -2.74 40.07
N SER E 35 -26.63 -3.85 40.39
CA SER E 35 -27.88 -4.20 39.74
C SER E 35 -29.02 -3.40 40.36
N GLN E 36 -30.26 -3.83 40.12
CA GLN E 36 -31.48 -3.40 40.80
C GLN E 36 -31.79 -1.92 40.60
N GLY E 37 -31.07 -1.23 39.72
CA GLY E 37 -31.45 0.10 39.27
C GLY E 37 -31.63 1.10 40.40
N LYS E 38 -32.80 1.75 40.40
CA LYS E 38 -33.19 2.65 41.46
C LYS E 38 -34.65 2.38 41.80
N VAL E 39 -34.94 2.15 43.08
CA VAL E 39 -36.27 1.71 43.50
C VAL E 39 -37.30 2.77 43.12
N LEU E 40 -38.27 2.39 42.31
CA LEU E 40 -39.21 3.33 41.73
C LEU E 40 -40.43 3.57 42.59
N GLN E 41 -40.57 2.86 43.71
CA GLN E 41 -41.63 3.13 44.67
C GLN E 41 -41.08 4.10 45.70
N ALA E 42 -41.76 5.22 45.90
CA ALA E 42 -41.21 6.24 46.77
C ALA E 42 -42.29 6.82 47.67
N THR E 43 -41.84 7.61 48.64
CA THR E 43 -42.75 8.30 49.53
C THR E 43 -42.49 9.80 49.44
N VAL E 44 -43.56 10.57 49.50
CA VAL E 44 -43.45 12.02 49.36
C VAL E 44 -43.12 12.64 50.72
N VAL E 45 -42.08 13.45 50.75
CA VAL E 45 -41.61 14.06 51.98
C VAL E 45 -42.05 15.51 52.12
N ALA E 46 -42.05 16.26 51.03
CA ALA E 46 -42.49 17.65 51.05
C ALA E 46 -43.16 17.96 49.73
N VAL E 47 -44.01 18.99 49.74
CA VAL E 47 -44.83 19.33 48.59
C VAL E 47 -44.73 20.82 48.33
N GLY E 48 -44.75 21.19 47.04
CA GLY E 48 -44.71 22.57 46.67
C GLY E 48 -45.96 23.32 47.08
N SER E 49 -45.88 24.65 46.95
CA SER E 49 -47.01 25.51 47.27
C SER E 49 -48.21 25.15 46.41
N GLY E 50 -48.02 25.17 45.11
CA GLY E 50 -49.10 24.87 44.18
C GLY E 50 -48.81 25.46 42.82
N SER E 51 -49.54 24.96 41.84
CA SER E 51 -49.37 25.38 40.45
C SER E 51 -49.88 26.80 40.31
N LYS E 52 -48.97 27.77 40.34
CA LYS E 52 -49.35 29.15 40.04
C LYS E 52 -49.65 29.34 38.56
N GLY E 53 -49.19 28.41 37.71
CA GLY E 53 -49.46 28.48 36.30
C GLY E 53 -50.92 28.47 35.93
N LYS E 54 -51.78 27.99 36.83
CA LYS E 54 -53.22 28.12 36.64
C LYS E 54 -53.59 29.59 36.51
N GLY E 55 -54.50 29.88 35.57
CA GLY E 55 -54.93 31.24 35.31
C GLY E 55 -55.55 31.90 36.53
N GLY E 56 -55.15 33.15 36.79
CA GLY E 56 -55.59 33.82 37.99
C GLY E 56 -55.12 33.10 39.23
N GLU E 57 -56.05 32.46 39.94
CA GLU E 57 -55.70 31.70 41.12
C GLU E 57 -54.77 30.55 40.76
N ILE E 58 -53.95 30.15 41.72
CA ILE E 58 -52.98 29.10 41.48
C ILE E 58 -53.60 27.74 41.80
N GLN E 59 -52.93 26.68 41.35
CA GLN E 59 -53.48 25.34 41.45
C GLN E 59 -52.77 24.56 42.55
N PRO E 60 -53.48 24.01 43.52
CA PRO E 60 -52.82 23.28 44.60
C PRO E 60 -52.27 21.94 44.14
N VAL E 61 -51.16 21.53 44.74
CA VAL E 61 -50.56 20.24 44.43
C VAL E 61 -51.40 19.13 45.05
N SER E 62 -51.63 18.06 44.29
CA SER E 62 -52.59 17.05 44.69
C SER E 62 -51.99 16.02 45.64
N VAL E 63 -50.94 15.34 45.22
CA VAL E 63 -50.35 14.27 45.99
C VAL E 63 -49.82 14.80 47.32
N LYS E 64 -50.45 14.40 48.41
CA LYS E 64 -50.11 14.94 49.72
C LYS E 64 -48.99 14.15 50.36
N VAL E 65 -48.28 14.80 51.28
CA VAL E 65 -47.11 14.20 51.90
C VAL E 65 -47.51 12.94 52.67
N GLY E 66 -46.61 11.97 52.69
CA GLY E 66 -46.88 10.70 53.32
C GLY E 66 -47.48 9.65 52.41
N ASP E 67 -47.42 9.85 51.11
CA ASP E 67 -48.02 8.91 50.16
C ASP E 67 -46.94 8.07 49.49
N LYS E 68 -47.29 6.83 49.17
CA LYS E 68 -46.45 5.96 48.39
C LYS E 68 -46.86 6.06 46.93
N VAL E 69 -45.91 6.43 46.07
CA VAL E 69 -46.18 6.74 44.68
C VAL E 69 -45.27 5.90 43.80
N LEU E 70 -45.70 5.77 42.55
CA LEU E 70 -44.96 5.09 41.49
C LEU E 70 -44.17 6.14 40.74
N LEU E 71 -42.87 6.16 40.97
CA LEU E 71 -42.03 7.21 40.42
C LEU E 71 -41.99 7.12 38.90
N PRO E 72 -41.67 8.21 38.23
CA PRO E 72 -41.27 8.13 36.82
C PRO E 72 -39.86 7.55 36.72
N GLU E 73 -39.29 7.56 35.51
CA GLU E 73 -37.98 6.94 35.30
C GLU E 73 -36.85 7.97 35.27
N TYR E 74 -36.94 8.95 34.37
CA TYR E 74 -35.81 9.85 34.10
C TYR E 74 -35.93 11.20 34.78
N GLY E 75 -37.07 11.87 34.63
CA GLY E 75 -37.24 13.21 35.17
C GLY E 75 -37.09 13.26 36.68
N GLY E 76 -36.26 14.16 37.17
CA GLY E 76 -36.06 14.31 38.60
C GLY E 76 -34.73 14.92 38.95
N THR E 77 -34.73 15.69 40.03
CA THR E 77 -33.53 16.40 40.48
C THR E 77 -33.04 15.78 41.78
N LYS E 78 -31.82 15.28 41.76
CA LYS E 78 -31.20 14.75 42.97
C LYS E 78 -30.73 15.90 43.84
N VAL E 79 -31.38 16.09 44.98
CA VAL E 79 -31.02 17.13 45.93
C VAL E 79 -30.54 16.44 47.21
N VAL E 80 -29.75 17.15 47.99
CA VAL E 80 -29.19 16.61 49.22
C VAL E 80 -29.66 17.46 50.38
N LEU E 81 -30.10 16.81 51.46
CA LEU E 81 -30.40 17.48 52.71
C LEU E 81 -29.82 16.65 53.85
N ASP E 82 -28.87 17.22 54.57
CA ASP E 82 -28.20 16.52 55.67
C ASP E 82 -27.43 15.31 55.16
N ASP E 83 -26.95 15.37 53.91
CA ASP E 83 -26.33 14.25 53.22
C ASP E 83 -27.30 13.11 52.96
N LYS E 84 -28.59 13.41 52.97
CA LYS E 84 -29.65 12.47 52.62
C LYS E 84 -30.18 12.91 51.27
N ASP E 85 -29.87 12.14 50.24
CA ASP E 85 -30.31 12.47 48.89
C ASP E 85 -31.78 12.15 48.71
N TYR E 86 -32.55 13.17 48.36
CA TYR E 86 -33.95 13.07 48.01
C TYR E 86 -34.10 13.46 46.55
N PHE E 87 -35.24 13.12 45.96
CA PHE E 87 -35.49 13.39 44.56
C PHE E 87 -36.68 14.33 44.41
N LEU E 88 -36.47 15.41 43.67
CA LEU E 88 -37.50 16.42 43.44
C LEU E 88 -38.07 16.20 42.05
N PHE E 89 -39.34 15.81 41.97
CA PHE E 89 -40.00 15.60 40.70
C PHE E 89 -40.95 16.76 40.44
N ARG E 90 -41.65 16.69 39.32
CA ARG E 90 -42.70 17.63 38.98
C ARG E 90 -44.05 16.95 39.16
N ASP E 91 -45.04 17.75 39.58
CA ASP E 91 -46.33 17.20 40.00
C ASP E 91 -46.97 16.38 38.89
N GLY E 92 -46.88 16.85 37.65
CA GLY E 92 -47.45 16.09 36.55
C GLY E 92 -46.69 14.83 36.20
N ASP E 93 -45.50 14.63 36.80
CA ASP E 93 -44.65 13.52 36.41
C ASP E 93 -44.90 12.26 37.23
N ILE E 94 -45.55 12.38 38.38
CA ILE E 94 -45.79 11.20 39.21
C ILE E 94 -46.73 10.25 38.49
N LEU E 95 -46.38 8.96 38.50
CA LEU E 95 -47.15 8.00 37.74
C LEU E 95 -48.37 7.53 38.50
N GLY E 96 -48.16 6.86 39.62
CA GLY E 96 -49.26 6.27 40.36
C GLY E 96 -49.15 6.59 41.84
N LYS E 97 -50.28 6.45 42.52
CA LYS E 97 -50.37 6.64 43.97
C LYS E 97 -50.81 5.34 44.61
N TYR E 98 -50.02 4.87 45.56
CA TYR E 98 -50.30 3.62 46.26
C TYR E 98 -51.34 3.89 47.34
N VAL E 99 -52.58 3.95 46.91
CA VAL E 99 -53.69 4.29 47.79
C VAL E 99 -54.16 3.04 48.51
N ASP E 100 -54.31 3.13 49.82
CA ASP E 100 -54.74 2.00 50.64
C ASP E 100 -55.00 2.40 52.09
N GLY F 1 -41.00 44.53 42.90
CA GLY F 1 -39.63 44.47 42.39
C GLY F 1 -38.68 45.39 43.12
N GLN F 2 -37.67 44.81 43.75
CA GLN F 2 -36.67 45.56 44.50
C GLN F 2 -35.34 45.50 43.76
N ALA F 3 -34.53 46.54 43.94
CA ALA F 3 -33.32 46.72 43.14
C ALA F 3 -32.07 46.52 43.99
N PHE F 4 -30.92 46.80 43.37
CA PHE F 4 -29.60 46.59 43.95
C PHE F 4 -28.79 47.81 43.54
N ARG F 5 -27.46 47.70 43.55
CA ARG F 5 -26.56 48.83 43.32
C ARG F 5 -26.73 49.27 41.88
N LYS F 6 -27.78 50.04 41.65
CA LYS F 6 -28.08 50.56 40.31
C LYS F 6 -28.35 49.41 39.35
N PHE F 7 -29.14 48.44 39.79
CA PHE F 7 -29.51 47.33 38.93
C PHE F 7 -30.91 46.86 39.30
N LEU F 8 -31.65 46.41 38.29
CA LEU F 8 -32.98 45.88 38.52
C LEU F 8 -33.34 44.88 37.42
N PRO F 9 -33.78 43.69 37.78
CA PRO F 9 -34.16 42.70 36.76
C PRO F 9 -35.45 43.08 36.05
N LEU F 10 -35.91 42.25 35.11
CA LEU F 10 -37.02 42.60 34.24
C LEU F 10 -38.03 41.45 34.16
N PHE F 11 -39.12 41.59 34.91
CA PHE F 11 -40.40 40.93 34.68
C PHE F 11 -40.43 39.46 35.07
N ASP F 12 -39.27 38.83 35.21
CA ASP F 12 -39.29 37.42 35.60
C ASP F 12 -38.06 37.11 36.44
N ARG F 13 -37.08 38.00 36.38
CA ARG F 13 -35.73 37.61 36.76
C ARG F 13 -35.55 37.66 38.27
N VAL F 14 -34.56 36.91 38.72
CA VAL F 14 -34.14 36.94 40.12
C VAL F 14 -32.63 36.93 40.17
N LEU F 15 -32.03 38.08 40.48
CA LEU F 15 -30.60 38.13 40.72
C LEU F 15 -30.29 37.62 42.11
N VAL F 16 -29.37 36.66 42.19
CA VAL F 16 -28.99 36.00 43.42
C VAL F 16 -27.48 35.81 43.41
N GLU F 17 -26.98 35.17 44.45
CA GLU F 17 -25.55 34.99 44.65
C GLU F 17 -25.31 33.69 45.37
N ARG F 18 -24.43 32.87 44.82
CA ARG F 18 -24.06 31.63 45.49
C ARG F 18 -23.41 31.92 46.83
N SER F 19 -23.38 30.90 47.69
CA SER F 19 -22.65 31.01 48.95
C SER F 19 -21.17 30.75 48.71
N ALA F 20 -20.41 30.50 49.77
CA ALA F 20 -18.97 30.32 49.66
C ALA F 20 -18.64 29.05 48.87
N ALA F 21 -17.35 28.79 48.70
CA ALA F 21 -16.87 27.70 47.87
C ALA F 21 -16.67 26.38 48.62
N GLU F 22 -16.66 26.40 49.95
CA GLU F 22 -16.53 25.17 50.75
C GLU F 22 -15.21 24.46 50.46
N THR F 23 -14.11 25.13 50.82
CA THR F 23 -12.79 24.60 50.51
C THR F 23 -12.48 23.36 51.35
N VAL F 24 -12.40 23.51 52.66
CA VAL F 24 -12.06 22.39 53.52
C VAL F 24 -13.27 21.48 53.69
N THR F 25 -13.02 20.24 54.09
CA THR F 25 -14.11 19.34 54.39
C THR F 25 -14.68 19.68 55.75
N LYS F 26 -15.65 18.89 56.21
CA LYS F 26 -16.16 19.07 57.56
C LYS F 26 -15.10 18.75 58.59
N GLY F 27 -14.62 17.51 58.61
CA GLY F 27 -13.72 17.10 59.67
C GLY F 27 -12.31 17.67 59.65
N GLY F 28 -11.47 17.21 58.73
CA GLY F 28 -10.07 17.57 58.81
C GLY F 28 -9.30 17.73 57.52
N ILE F 29 -9.97 17.66 56.37
CA ILE F 29 -9.29 17.77 55.09
C ILE F 29 -9.82 19.01 54.36
N MET F 30 -9.01 19.48 53.43
CA MET F 30 -9.33 20.66 52.64
C MET F 30 -9.35 20.30 51.16
N LEU F 31 -10.30 20.88 50.44
CA LEU F 31 -10.47 20.52 49.05
C LEU F 31 -9.99 21.64 48.14
N PRO F 32 -9.53 21.32 46.95
CA PRO F 32 -9.08 22.38 46.02
C PRO F 32 -10.25 23.14 45.42
N GLU F 33 -9.96 24.04 44.49
CA GLU F 33 -11.00 24.86 43.87
C GLU F 33 -11.48 24.31 42.54
N LYS F 34 -10.63 23.63 41.79
CA LYS F 34 -11.04 23.07 40.51
C LYS F 34 -12.14 22.04 40.68
N SER F 35 -12.17 21.38 41.82
CA SER F 35 -13.27 20.49 42.20
C SER F 35 -14.43 21.32 42.71
N GLN F 36 -15.37 20.67 43.39
CA GLN F 36 -16.46 21.26 44.17
C GLN F 36 -17.42 22.10 43.34
N GLY F 37 -17.31 22.06 42.01
CA GLY F 37 -18.34 22.60 41.12
C GLY F 37 -18.66 24.06 41.39
N LYS F 38 -19.95 24.33 41.58
CA LYS F 38 -20.44 25.65 41.96
C LYS F 38 -21.51 25.48 43.02
N VAL F 39 -21.35 26.18 44.15
CA VAL F 39 -22.23 25.97 45.30
C VAL F 39 -23.66 26.31 44.91
N LEU F 40 -24.54 25.32 45.02
CA LEU F 40 -25.90 25.42 44.51
C LEU F 40 -26.87 26.02 45.50
N GLN F 41 -26.43 26.31 46.72
CA GLN F 41 -27.25 27.01 47.69
C GLN F 41 -26.92 28.50 47.59
N ALA F 42 -27.93 29.32 47.38
CA ALA F 42 -27.67 30.73 47.11
C ALA F 42 -28.65 31.60 47.88
N THR F 43 -28.37 32.89 47.88
CA THR F 43 -29.25 33.88 48.50
C THR F 43 -29.66 34.90 47.46
N VAL F 44 -30.91 35.32 47.53
CA VAL F 44 -31.45 36.25 46.55
C VAL F 44 -31.14 37.68 46.95
N VAL F 45 -30.57 38.44 46.02
CA VAL F 45 -30.12 39.79 46.29
C VAL F 45 -31.09 40.82 45.75
N ALA F 46 -31.65 40.58 44.57
CA ALA F 46 -32.63 41.47 43.97
C ALA F 46 -33.68 40.63 43.27
N VAL F 47 -34.86 41.22 43.08
CA VAL F 47 -36.00 40.51 42.53
C VAL F 47 -36.64 41.35 41.44
N GLY F 48 -37.12 40.68 40.41
CA GLY F 48 -37.78 41.37 39.32
C GLY F 48 -39.06 42.06 39.75
N SER F 49 -39.56 42.90 38.86
CA SER F 49 -40.83 43.59 39.11
C SER F 49 -41.95 42.60 39.29
N GLY F 50 -42.13 41.71 38.32
CA GLY F 50 -43.17 40.73 38.38
C GLY F 50 -43.49 40.21 36.99
N SER F 51 -44.15 39.06 36.96
CA SER F 51 -44.51 38.40 35.71
C SER F 51 -45.61 39.20 35.03
N LYS F 52 -45.23 40.03 34.06
CA LYS F 52 -46.23 40.70 33.24
C LYS F 52 -46.93 39.73 32.31
N GLY F 53 -46.33 38.56 32.06
CA GLY F 53 -46.94 37.56 31.19
C GLY F 53 -48.29 37.08 31.66
N LYS F 54 -48.61 37.25 32.93
CA LYS F 54 -49.96 36.99 33.40
C LYS F 54 -50.95 37.87 32.66
N GLY F 55 -52.09 37.28 32.28
CA GLY F 55 -53.10 37.98 31.52
C GLY F 55 -53.62 39.21 32.23
N GLY F 56 -53.74 40.31 31.49
CA GLY F 56 -54.12 41.57 32.11
C GLY F 56 -53.09 42.02 33.13
N GLU F 57 -53.45 41.93 34.40
CA GLU F 57 -52.54 42.30 35.47
C GLU F 57 -51.32 41.39 35.46
N ILE F 58 -50.22 41.91 35.97
CA ILE F 58 -48.96 41.16 35.98
C ILE F 58 -48.88 40.32 37.25
N GLN F 59 -47.94 39.38 37.24
CA GLN F 59 -47.81 38.43 38.34
C GLN F 59 -46.59 38.76 39.19
N PRO F 60 -46.75 38.95 40.49
CA PRO F 60 -45.60 39.30 41.33
C PRO F 60 -44.67 38.11 41.51
N VAL F 61 -43.38 38.42 41.64
CA VAL F 61 -42.37 37.39 41.87
C VAL F 61 -42.50 36.90 43.31
N SER F 62 -42.42 35.59 43.50
CA SER F 62 -42.73 35.01 44.80
C SER F 62 -41.55 35.08 45.75
N VAL F 63 -40.42 34.49 45.36
CA VAL F 63 -39.27 34.40 46.25
C VAL F 63 -38.74 35.81 46.55
N LYS F 64 -38.82 36.20 47.82
CA LYS F 64 -38.44 37.53 48.22
C LYS F 64 -36.96 37.59 48.57
N VAL F 65 -36.41 38.80 48.49
CA VAL F 65 -34.98 38.98 48.71
C VAL F 65 -34.61 38.57 50.12
N GLY F 66 -33.40 38.04 50.28
CA GLY F 66 -32.95 37.57 51.57
C GLY F 66 -33.24 36.11 51.86
N ASP F 67 -33.59 35.32 50.85
CA ASP F 67 -33.94 33.92 51.04
C ASP F 67 -32.80 33.01 50.56
N LYS F 68 -32.65 31.90 51.25
CA LYS F 68 -31.72 30.86 50.85
C LYS F 68 -32.47 29.84 50.02
N VAL F 69 -32.00 29.62 48.80
CA VAL F 69 -32.71 28.81 47.81
C VAL F 69 -31.76 27.75 47.27
N LEU F 70 -32.37 26.72 46.69
CA LEU F 70 -31.67 25.63 46.03
C LEU F 70 -31.62 25.96 44.55
N LEU F 71 -30.44 26.35 44.08
CA LEU F 71 -30.29 26.81 42.72
C LEU F 71 -30.56 25.68 41.74
N PRO F 72 -30.95 25.99 40.52
CA PRO F 72 -30.89 25.01 39.44
C PRO F 72 -29.46 24.78 39.01
N GLU F 73 -29.26 24.02 37.93
CA GLU F 73 -27.90 23.64 37.52
C GLU F 73 -27.37 24.50 36.39
N TYR F 74 -28.06 24.54 35.26
CA TYR F 74 -27.52 25.15 34.05
C TYR F 74 -28.07 26.54 33.76
N GLY F 75 -29.39 26.71 33.79
CA GLY F 75 -29.98 28.00 33.45
C GLY F 75 -29.54 29.11 34.38
N GLY F 76 -29.08 30.21 33.81
CA GLY F 76 -28.65 31.34 34.60
C GLY F 76 -27.65 32.20 33.87
N THR F 77 -27.70 33.49 34.14
CA THR F 77 -26.85 34.47 33.48
C THR F 77 -25.85 35.04 34.48
N LYS F 78 -24.57 34.87 34.18
CA LYS F 78 -23.52 35.45 35.01
C LYS F 78 -23.40 36.93 34.70
N VAL F 79 -23.78 37.77 35.65
CA VAL F 79 -23.68 39.21 35.52
C VAL F 79 -22.68 39.69 36.55
N VAL F 80 -22.11 40.87 36.32
CA VAL F 80 -21.10 41.43 37.20
C VAL F 80 -21.59 42.78 37.72
N LEU F 81 -21.42 43.00 39.03
CA LEU F 81 -21.68 44.31 39.61
C LEU F 81 -20.53 44.62 40.57
N ASP F 82 -19.77 45.67 40.26
CA ASP F 82 -18.62 46.06 41.08
C ASP F 82 -17.56 44.96 41.08
N ASP F 83 -17.48 44.20 39.98
CA ASP F 83 -16.62 43.03 39.86
C ASP F 83 -17.03 41.91 40.81
N LYS F 84 -18.27 41.94 41.28
CA LYS F 84 -18.86 40.87 42.08
C LYS F 84 -19.85 40.16 41.17
N ASP F 85 -19.48 38.95 40.77
CA ASP F 85 -20.34 38.18 39.88
C ASP F 85 -21.52 37.60 40.63
N TYR F 86 -22.72 37.95 40.16
CA TYR F 86 -23.98 37.42 40.65
C TYR F 86 -24.63 36.64 39.50
N PHE F 87 -25.62 35.82 39.83
CA PHE F 87 -26.28 35.01 38.84
C PHE F 87 -27.75 35.39 38.77
N LEU F 88 -28.22 35.65 37.55
CA LEU F 88 -29.60 36.02 37.30
C LEU F 88 -30.34 34.80 36.76
N PHE F 89 -31.29 34.30 37.54
CA PHE F 89 -32.09 33.17 37.12
C PHE F 89 -33.50 33.64 36.76
N ARG F 90 -34.34 32.68 36.41
CA ARG F 90 -35.74 32.94 36.12
C ARG F 90 -36.61 32.40 37.25
N ASP F 91 -37.72 33.08 37.51
CA ASP F 91 -38.53 32.80 38.68
C ASP F 91 -39.00 31.35 38.71
N GLY F 92 -39.37 30.80 37.54
CA GLY F 92 -39.77 29.42 37.50
C GLY F 92 -38.63 28.43 37.67
N ASP F 93 -37.40 28.90 37.67
CA ASP F 93 -36.25 28.01 37.65
C ASP F 93 -35.73 27.68 39.05
N ILE F 94 -36.09 28.47 40.06
CA ILE F 94 -35.60 28.19 41.41
C ILE F 94 -36.20 26.89 41.90
N LEU F 95 -35.34 26.02 42.47
CA LEU F 95 -35.79 24.69 42.85
C LEU F 95 -36.48 24.70 44.20
N GLY F 96 -35.74 25.08 45.25
CA GLY F 96 -36.27 25.03 46.59
C GLY F 96 -35.95 26.30 47.35
N LYS F 97 -36.69 26.50 48.44
CA LYS F 97 -36.51 27.63 49.32
C LYS F 97 -36.18 27.11 50.72
N TYR F 98 -35.08 27.59 51.28
CA TYR F 98 -34.61 27.16 52.59
C TYR F 98 -35.36 27.95 53.66
N VAL F 99 -36.57 27.50 53.95
CA VAL F 99 -37.45 28.20 54.88
C VAL F 99 -37.12 27.78 56.30
N ASP F 100 -36.98 28.75 57.19
CA ASP F 100 -36.67 28.48 58.59
C ASP F 100 -36.71 29.74 59.44
N GLY G 1 -44.59 54.94 22.51
CA GLY G 1 -43.64 54.72 21.43
C GLY G 1 -43.00 56.01 20.94
N GLN G 2 -41.72 56.19 21.24
CA GLN G 2 -40.98 57.37 20.84
C GLN G 2 -39.98 57.02 19.76
N ALA G 3 -39.67 57.98 18.90
CA ALA G 3 -38.91 57.72 17.70
C ALA G 3 -37.52 58.35 17.76
N PHE G 4 -36.81 58.28 16.65
CA PHE G 4 -35.42 58.72 16.53
C PHE G 4 -35.32 59.42 15.17
N ARG G 5 -34.12 59.52 14.63
CA ARG G 5 -33.87 60.29 13.41
C ARG G 5 -34.56 59.56 12.27
N LYS G 6 -35.86 59.78 12.16
CA LYS G 6 -36.67 59.16 11.13
C LYS G 6 -36.65 57.64 11.25
N PHE G 7 -36.80 57.15 12.48
CA PHE G 7 -36.86 55.72 12.72
C PHE G 7 -37.80 55.46 13.88
N LEU G 8 -38.48 54.32 13.81
CA LEU G 8 -39.37 53.91 14.89
C LEU G 8 -39.53 52.40 14.90
N PRO G 9 -39.33 51.76 16.04
CA PRO G 9 -39.49 50.30 16.10
C PRO G 9 -40.95 49.88 16.03
N LEU G 10 -41.22 48.58 16.11
CA LEU G 10 -42.55 48.05 15.86
C LEU G 10 -42.97 47.05 16.94
N PHE G 11 -43.78 47.53 17.88
CA PHE G 11 -44.67 46.71 18.71
C PHE G 11 -43.98 45.94 19.83
N ASP G 12 -42.68 45.77 19.75
CA ASP G 12 -42.00 45.06 20.82
C ASP G 12 -40.58 45.60 20.99
N ARG G 13 -40.12 46.32 19.98
CA ARG G 13 -38.69 46.50 19.83
C ARG G 13 -38.18 47.63 20.72
N VAL G 14 -36.90 47.54 21.03
CA VAL G 14 -36.21 48.60 21.74
C VAL G 14 -34.87 48.84 21.07
N LEU G 15 -34.78 49.94 20.32
CA LEU G 15 -33.49 50.34 19.77
C LEU G 15 -32.66 51.02 20.84
N VAL G 16 -31.44 50.54 21.02
CA VAL G 16 -30.53 51.02 22.03
C VAL G 16 -29.13 51.09 21.43
N GLU G 17 -28.17 51.43 22.26
CA GLU G 17 -26.80 51.65 21.82
C GLU G 17 -25.86 51.27 22.96
N ARG G 18 -24.88 50.43 22.65
CA ARG G 18 -23.88 50.09 23.65
C ARG G 18 -23.10 51.33 24.06
N SER G 19 -22.43 51.23 25.21
CA SER G 19 -21.52 52.29 25.64
C SER G 19 -20.20 52.16 24.91
N ALA G 20 -19.17 52.84 25.41
CA ALA G 20 -17.86 52.85 24.76
C ALA G 20 -17.23 51.46 24.80
N ALA G 21 -16.04 51.36 24.21
CA ALA G 21 -15.36 50.08 24.05
C ALA G 21 -14.45 49.72 25.21
N GLU G 22 -14.12 50.65 26.10
CA GLU G 22 -13.30 50.37 27.27
C GLU G 22 -11.91 49.87 26.87
N THR G 23 -11.14 50.75 26.22
CA THR G 23 -9.83 50.37 25.71
C THR G 23 -8.84 50.13 26.85
N VAL G 24 -8.53 51.18 27.61
CA VAL G 24 -7.54 51.06 28.66
C VAL G 24 -8.16 50.35 29.87
N THR G 25 -7.31 49.81 30.72
CA THR G 25 -7.78 49.22 31.97
C THR G 25 -8.10 50.35 32.95
N LYS G 26 -8.47 49.97 34.17
CA LYS G 26 -8.67 50.97 35.20
C LYS G 26 -7.35 51.64 35.57
N GLY G 27 -6.40 50.85 36.07
CA GLY G 27 -5.19 51.44 36.61
C GLY G 27 -4.20 52.03 35.62
N GLY G 28 -3.49 51.20 34.87
CA GLY G 28 -2.41 51.72 34.05
C GLY G 28 -2.12 51.03 32.74
N ILE G 29 -2.95 50.08 32.34
CA ILE G 29 -2.73 49.35 31.09
C ILE G 29 -3.89 49.63 30.15
N MET G 30 -3.64 49.39 28.87
CA MET G 30 -4.62 49.62 27.82
C MET G 30 -4.84 48.34 27.03
N LEU G 31 -6.08 48.13 26.61
CA LEU G 31 -6.42 46.87 25.96
C LEU G 31 -6.68 47.09 24.48
N PRO G 32 -6.43 46.10 23.64
CA PRO G 32 -6.74 46.25 22.21
C PRO G 32 -8.23 46.13 21.94
N GLU G 33 -8.60 46.13 20.66
CA GLU G 33 -10.01 46.11 20.27
C GLU G 33 -10.52 44.73 19.95
N LYS G 34 -9.66 43.84 19.42
CA LYS G 34 -10.10 42.49 19.09
C LYS G 34 -10.55 41.73 20.33
N SER G 35 -10.02 42.08 21.49
CA SER G 35 -10.51 41.56 22.77
C SER G 35 -11.78 42.30 23.16
N GLN G 36 -12.16 42.19 24.43
CA GLN G 36 -13.16 43.00 25.12
C GLN G 36 -14.56 42.86 24.53
N GLY G 37 -14.77 41.94 23.59
CA GLY G 37 -16.11 41.56 23.16
C GLY G 37 -16.95 42.72 22.67
N LYS G 38 -18.13 42.86 23.24
CA LYS G 38 -19.02 43.99 22.99
C LYS G 38 -19.62 44.43 24.31
N VAL G 39 -19.51 45.74 24.59
CA VAL G 39 -19.91 46.26 25.90
C VAL G 39 -21.39 46.00 26.11
N LEU G 40 -21.71 45.29 27.19
CA LEU G 40 -23.06 44.80 27.43
C LEU G 40 -23.92 45.78 28.21
N GLN G 41 -23.35 46.90 28.64
CA GLN G 41 -24.13 47.98 29.25
C GLN G 41 -24.50 48.97 28.17
N ALA G 42 -25.79 49.27 28.03
CA ALA G 42 -26.22 50.11 26.93
C ALA G 42 -27.25 51.11 27.41
N THR G 43 -27.55 52.07 26.54
CA THR G 43 -28.58 53.06 26.79
C THR G 43 -29.63 52.99 25.70
N VAL G 44 -30.88 53.17 26.09
CA VAL G 44 -32.00 53.03 25.17
C VAL G 44 -32.21 54.36 24.45
N VAL G 45 -32.26 54.30 23.12
CA VAL G 45 -32.39 55.48 22.29
C VAL G 45 -33.81 55.67 21.79
N ALA G 46 -34.49 54.60 21.41
CA ALA G 46 -35.86 54.67 20.95
C ALA G 46 -36.60 53.44 21.44
N VAL G 47 -37.92 53.56 21.55
CA VAL G 47 -38.75 52.52 22.13
C VAL G 47 -39.93 52.28 21.20
N GLY G 48 -40.34 51.01 21.10
CA GLY G 48 -41.47 50.66 20.27
C GLY G 48 -42.76 51.26 20.75
N SER G 49 -43.78 51.15 19.90
CA SER G 49 -45.12 51.62 20.24
C SER G 49 -45.63 50.91 21.48
N GLY G 50 -45.62 49.59 21.45
CA GLY G 50 -46.10 48.79 22.55
C GLY G 50 -46.50 47.43 22.08
N SER G 51 -46.62 46.51 23.04
CA SER G 51 -46.98 45.13 22.75
C SER G 51 -48.45 45.07 22.37
N LYS G 52 -48.71 45.01 21.07
CA LYS G 52 -50.07 44.76 20.61
C LYS G 52 -50.50 43.33 20.90
N GLY G 53 -49.54 42.43 21.13
CA GLY G 53 -49.85 41.04 21.40
C GLY G 53 -50.69 40.82 22.64
N LYS G 54 -50.73 41.79 23.53
CA LYS G 54 -51.67 41.74 24.65
C LYS G 54 -53.10 41.69 24.10
N GLY G 55 -53.92 40.85 24.73
CA GLY G 55 -55.28 40.64 24.28
C GLY G 55 -56.09 41.91 24.26
N GLY G 56 -56.81 42.15 23.17
CA GLY G 56 -57.53 43.39 23.00
C GLY G 56 -56.57 44.57 22.96
N GLU G 57 -56.56 45.35 24.03
CA GLU G 57 -55.66 46.49 24.11
C GLU G 57 -54.21 46.04 24.06
N ILE G 58 -53.34 46.94 23.60
CA ILE G 58 -51.95 46.61 23.45
C ILE G 58 -51.20 46.92 24.75
N GLN G 59 -49.98 46.39 24.85
CA GLN G 59 -49.20 46.50 26.06
C GLN G 59 -48.06 47.49 25.87
N PRO G 60 -47.94 48.51 26.73
CA PRO G 60 -46.86 49.49 26.55
C PRO G 60 -45.50 48.91 26.92
N VAL G 61 -44.47 49.40 26.25
CA VAL G 61 -43.11 48.98 26.54
C VAL G 61 -42.65 49.62 27.83
N SER G 62 -41.97 48.84 28.68
CA SER G 62 -41.68 49.29 30.04
C SER G 62 -40.45 50.19 30.09
N VAL G 63 -39.30 49.67 29.65
CA VAL G 63 -38.05 50.41 29.75
C VAL G 63 -38.12 51.66 28.90
N LYS G 64 -38.04 52.82 29.54
CA LYS G 64 -38.19 54.09 28.84
C LYS G 64 -36.85 54.59 28.34
N VAL G 65 -36.91 55.47 27.32
CA VAL G 65 -35.70 55.96 26.69
C VAL G 65 -34.86 56.73 27.69
N GLY G 66 -33.55 56.64 27.53
CA GLY G 66 -32.62 57.27 28.45
C GLY G 66 -32.21 56.41 29.61
N ASP G 67 -32.42 55.11 29.55
CA ASP G 67 -32.09 54.20 30.64
C ASP G 67 -30.84 53.40 30.30
N LYS G 68 -30.06 53.11 31.34
CA LYS G 68 -28.91 52.22 31.21
C LYS G 68 -29.33 50.82 31.61
N VAL G 69 -29.14 49.87 30.69
CA VAL G 69 -29.64 48.52 30.84
C VAL G 69 -28.49 47.54 30.66
N LEU G 70 -28.72 46.33 31.16
CA LEU G 70 -27.81 45.21 31.03
C LEU G 70 -28.25 44.41 29.82
N LEU G 71 -27.50 44.54 28.73
CA LEU G 71 -27.89 43.94 27.47
C LEU G 71 -27.90 42.42 27.59
N PRO G 72 -28.66 41.76 26.75
CA PRO G 72 -28.46 40.32 26.55
C PRO G 72 -27.21 40.07 25.73
N GLU G 73 -26.97 38.82 25.33
CA GLU G 73 -25.74 38.47 24.63
C GLU G 73 -25.92 38.33 23.12
N TYR G 74 -26.82 37.46 22.69
CA TYR G 74 -26.93 37.10 21.28
C TYR G 74 -28.07 37.79 20.56
N GLY G 75 -29.27 37.76 21.13
CA GLY G 75 -30.42 38.36 20.48
C GLY G 75 -30.26 39.84 20.22
N GLY G 76 -30.45 40.26 18.99
CA GLY G 76 -30.36 41.66 18.64
C GLY G 76 -30.04 41.88 17.19
N THR G 77 -30.60 42.94 16.63
CA THR G 77 -30.44 43.26 15.22
C THR G 77 -29.58 44.50 15.09
N LYS G 78 -28.47 44.37 14.36
CA LYS G 78 -27.61 45.51 14.11
C LYS G 78 -28.22 46.37 13.01
N VAL G 79 -28.67 47.55 13.37
CA VAL G 79 -29.23 48.50 12.42
C VAL G 79 -28.28 49.69 12.35
N VAL G 80 -28.33 50.42 11.25
CA VAL G 80 -27.46 51.58 11.05
C VAL G 80 -28.32 52.80 10.83
N LEU G 81 -27.97 53.90 11.49
CA LEU G 81 -28.60 55.19 11.23
C LEU G 81 -27.50 56.24 11.16
N ASP G 82 -27.36 56.86 10.00
CA ASP G 82 -26.32 57.87 9.77
C ASP G 82 -24.93 57.27 9.91
N ASP G 83 -24.80 55.99 9.57
CA ASP G 83 -23.57 55.23 9.76
C ASP G 83 -23.23 55.04 11.23
N LYS G 84 -24.22 55.18 12.11
CA LYS G 84 -24.08 54.92 13.53
C LYS G 84 -24.86 53.64 13.80
N ASP G 85 -24.14 52.55 14.06
CA ASP G 85 -24.78 51.27 14.32
C ASP G 85 -25.38 51.25 15.71
N TYR G 86 -26.68 51.00 15.77
CA TYR G 86 -27.42 50.79 17.00
C TYR G 86 -27.95 49.36 16.97
N PHE G 87 -28.38 48.88 18.14
CA PHE G 87 -28.86 47.51 18.26
C PHE G 87 -30.32 47.50 18.67
N LEU G 88 -31.13 46.75 17.95
CA LEU G 88 -32.55 46.63 18.21
C LEU G 88 -32.81 45.31 18.91
N PHE G 89 -33.24 45.36 20.16
CA PHE G 89 -33.56 44.16 20.91
C PHE G 89 -35.07 44.04 21.04
N ARG G 90 -35.50 42.99 21.74
CA ARG G 90 -36.90 42.79 22.04
C ARG G 90 -37.15 43.07 23.52
N ASP G 91 -38.35 43.60 23.81
CA ASP G 91 -38.66 44.10 25.15
C ASP G 91 -38.45 43.03 26.21
N GLY G 92 -38.82 41.79 25.92
CA GLY G 92 -38.61 40.74 26.89
C GLY G 92 -37.17 40.32 27.05
N ASP G 93 -36.27 40.84 26.22
CA ASP G 93 -34.89 40.36 26.21
C ASP G 93 -33.97 41.16 27.11
N ILE G 94 -34.35 42.38 27.50
CA ILE G 94 -33.47 43.21 28.31
C ILE G 94 -33.30 42.56 29.68
N LEU G 95 -32.06 42.48 30.14
CA LEU G 95 -31.77 41.76 31.36
C LEU G 95 -32.04 42.61 32.59
N GLY G 96 -31.31 43.71 32.74
CA GLY G 96 -31.43 44.54 33.91
C GLY G 96 -31.51 46.00 33.54
N LYS G 97 -31.99 46.80 34.49
CA LYS G 97 -32.09 48.24 34.35
C LYS G 97 -31.24 48.90 35.41
N TYR G 98 -30.34 49.76 34.99
CA TYR G 98 -29.43 50.46 35.90
C TYR G 98 -30.16 51.66 36.49
N VAL G 99 -30.94 51.39 37.53
CA VAL G 99 -31.77 52.40 38.15
C VAL G 99 -30.95 53.15 39.19
N ASP G 100 -31.01 54.47 39.15
CA ASP G 100 -30.27 55.32 40.08
C ASP G 100 -30.63 56.79 39.90
N GLY H 1 -57.25 47.01 4.21
CA GLY H 1 -56.46 46.35 3.19
C GLY H 1 -56.58 47.01 1.83
N GLN H 2 -55.46 47.55 1.34
CA GLN H 2 -55.42 48.23 0.06
C GLN H 2 -54.62 47.39 -0.93
N ALA H 3 -54.96 47.52 -2.21
CA ALA H 3 -54.46 46.63 -3.24
C ALA H 3 -53.50 47.36 -4.18
N PHE H 4 -53.10 46.64 -5.22
CA PHE H 4 -52.11 47.11 -6.19
C PHE H 4 -52.64 46.65 -7.56
N ARG H 5 -51.77 46.53 -8.55
CA ARG H 5 -52.17 46.25 -9.93
C ARG H 5 -52.74 44.83 -9.94
N LYS H 6 -54.01 44.73 -9.54
CA LYS H 6 -54.69 43.45 -9.50
C LYS H 6 -54.00 42.50 -8.54
N PHE H 7 -53.65 43.00 -7.35
CA PHE H 7 -53.03 42.16 -6.35
C PHE H 7 -53.42 42.63 -4.96
N LEU H 8 -53.55 41.68 -4.05
CA LEU H 8 -53.90 42.01 -2.68
C LEU H 8 -53.42 40.91 -1.74
N PRO H 9 -52.68 41.26 -0.70
CA PRO H 9 -52.19 40.25 0.24
C PRO H 9 -53.31 39.69 1.11
N LEU H 10 -52.97 38.78 2.02
CA LEU H 10 -53.98 38.03 2.78
C LEU H 10 -53.65 38.03 4.28
N PHE H 11 -54.34 38.89 5.01
CA PHE H 11 -54.58 38.77 6.45
C PHE H 11 -53.39 39.13 7.32
N ASP H 12 -52.19 39.14 6.77
CA ASP H 12 -51.05 39.51 7.59
C ASP H 12 -50.00 40.21 6.74
N ARG H 13 -50.13 40.07 5.42
CA ARG H 13 -49.00 40.32 4.56
C ARG H 13 -48.82 41.80 4.28
N VAL H 14 -47.60 42.16 3.91
CA VAL H 14 -47.28 43.51 3.47
C VAL H 14 -46.38 43.43 2.26
N LEU H 15 -46.94 43.70 1.09
CA LEU H 15 -46.12 43.79 -0.11
C LEU H 15 -45.44 45.15 -0.17
N VAL H 16 -44.12 45.12 -0.34
CA VAL H 16 -43.30 46.31 -0.36
C VAL H 16 -42.25 46.15 -1.45
N GLU H 17 -41.36 47.13 -1.52
CA GLU H 17 -40.35 47.18 -2.57
C GLU H 17 -39.11 47.85 -2.02
N ARG H 18 -37.97 47.19 -2.20
CA ARG H 18 -36.71 47.80 -1.79
C ARG H 18 -36.46 49.07 -2.58
N SER H 19 -35.56 49.90 -2.07
CA SER H 19 -35.13 51.08 -2.80
C SER H 19 -34.09 50.68 -3.83
N ALA H 20 -33.36 51.67 -4.37
CA ALA H 20 -32.38 51.41 -5.42
C ALA H 20 -31.23 50.57 -4.88
N ALA H 21 -30.28 50.27 -5.78
CA ALA H 21 -29.17 49.37 -5.46
C ALA H 21 -27.95 50.06 -4.88
N GLU H 22 -27.86 51.39 -4.96
CA GLU H 22 -26.75 52.14 -4.39
C GLU H 22 -25.41 51.73 -5.00
N THR H 23 -25.28 52.03 -6.31
CA THR H 23 -24.08 51.62 -7.03
C THR H 23 -22.85 52.40 -6.58
N VAL H 24 -22.85 53.72 -6.79
CA VAL H 24 -21.68 54.52 -6.46
C VAL H 24 -21.66 54.78 -4.96
N THR H 25 -20.48 55.14 -4.46
CA THR H 25 -20.36 55.52 -3.06
C THR H 25 -20.89 56.93 -2.90
N LYS H 26 -20.78 57.46 -1.68
CA LYS H 26 -21.12 58.85 -1.45
C LYS H 26 -20.17 59.77 -2.19
N GLY H 27 -18.89 59.72 -1.84
CA GLY H 27 -17.96 60.70 -2.38
C GLY H 27 -17.59 60.57 -3.84
N GLY H 28 -16.78 59.58 -4.20
CA GLY H 28 -16.28 59.54 -5.56
C GLY H 28 -16.03 58.17 -6.17
N ILE H 29 -16.41 57.10 -5.49
CA ILE H 29 -16.17 55.76 -5.99
C ILE H 29 -17.51 55.08 -6.25
N MET H 30 -17.48 54.07 -7.09
CA MET H 30 -18.67 53.37 -7.53
C MET H 30 -18.53 51.88 -7.25
N LEU H 31 -19.63 51.25 -6.85
CA LEU H 31 -19.54 49.87 -6.43
C LEU H 31 -20.22 48.94 -7.43
N PRO H 32 -19.77 47.69 -7.52
CA PRO H 32 -20.41 46.73 -8.42
C PRO H 32 -21.74 46.24 -7.86
N GLU H 33 -22.36 45.28 -8.55
CA GLU H 33 -23.67 44.78 -8.15
C GLU H 33 -23.62 43.50 -7.34
N LYS H 34 -22.61 42.65 -7.59
CA LYS H 34 -22.49 41.41 -6.83
C LYS H 34 -22.28 41.67 -5.34
N SER H 35 -21.71 42.82 -5.01
CA SER H 35 -21.61 43.27 -3.63
C SER H 35 -22.93 43.87 -3.20
N GLN H 36 -22.91 44.60 -2.08
CA GLN H 36 -23.97 45.50 -1.61
C GLN H 36 -25.28 44.78 -1.31
N GLY H 37 -25.30 43.44 -1.33
CA GLY H 37 -26.42 42.67 -0.82
C GLY H 37 -27.76 43.04 -1.44
N LYS H 38 -28.71 43.35 -0.57
CA LYS H 38 -30.03 43.82 -0.98
C LYS H 38 -30.44 44.97 -0.07
N VAL H 39 -30.84 46.09 -0.68
CA VAL H 39 -31.09 47.30 0.08
C VAL H 39 -32.23 47.06 1.07
N LEU H 40 -31.94 47.25 2.36
CA LEU H 40 -32.86 46.88 3.42
C LEU H 40 -33.83 47.98 3.78
N GLN H 41 -33.72 49.16 3.16
CA GLN H 41 -34.70 50.21 3.32
C GLN H 41 -35.71 50.08 2.19
N ALA H 42 -36.99 50.02 2.53
CA ALA H 42 -37.99 49.76 1.50
C ALA H 42 -39.20 50.64 1.73
N THR H 43 -40.10 50.63 0.74
CA THR H 43 -41.35 51.34 0.83
C THR H 43 -42.50 50.37 0.63
N VAL H 44 -43.57 50.57 1.38
CA VAL H 44 -44.71 49.67 1.33
C VAL H 44 -45.64 50.06 0.20
N VAL H 45 -45.97 49.11 -0.66
CA VAL H 45 -46.77 49.36 -1.84
C VAL H 45 -48.21 48.90 -1.65
N ALA H 46 -48.43 47.77 -0.97
CA ALA H 46 -49.76 47.27 -0.70
C ALA H 46 -49.77 46.64 0.67
N VAL H 47 -50.95 46.58 1.27
CA VAL H 47 -51.10 46.12 2.65
C VAL H 47 -52.24 45.11 2.72
N GLY H 48 -52.07 44.12 3.58
CA GLY H 48 -53.09 43.10 3.74
C GLY H 48 -54.37 43.67 4.34
N SER H 49 -55.41 42.84 4.30
CA SER H 49 -56.70 43.22 4.86
C SER H 49 -56.56 43.50 6.36
N GLY H 50 -56.01 42.55 7.08
CA GLY H 50 -55.83 42.68 8.51
C GLY H 50 -55.70 41.33 9.17
N SER H 51 -55.18 41.36 10.38
CA SER H 51 -54.96 40.15 11.16
C SER H 51 -56.30 39.59 11.62
N LYS H 52 -56.81 38.60 10.89
CA LYS H 52 -57.99 37.89 11.36
C LYS H 52 -57.69 37.04 12.58
N GLY H 53 -56.41 36.71 12.81
CA GLY H 53 -56.02 35.89 13.94
C GLY H 53 -56.39 36.48 15.28
N LYS H 54 -56.63 37.79 15.35
CA LYS H 54 -57.19 38.38 16.54
C LYS H 54 -58.53 37.74 16.86
N GLY H 55 -58.75 37.45 18.14
CA GLY H 55 -59.97 36.80 18.58
C GLY H 55 -61.22 37.56 18.20
N GLY H 56 -62.21 36.85 17.67
CA GLY H 56 -63.40 37.51 17.16
C GLY H 56 -63.07 38.44 16.03
N GLU H 57 -63.13 39.74 16.29
CA GLU H 57 -62.82 40.74 15.28
C GLU H 57 -61.37 40.61 14.83
N ILE H 58 -61.11 41.01 13.60
CA ILE H 58 -59.78 40.89 13.04
C ILE H 58 -58.96 42.11 13.40
N GLN H 59 -57.65 42.01 13.21
CA GLN H 59 -56.73 43.06 13.61
C GLN H 59 -56.20 43.80 12.40
N PRO H 60 -56.34 45.13 12.34
CA PRO H 60 -55.86 45.85 11.16
C PRO H 60 -54.34 45.91 11.12
N VAL H 61 -53.80 45.93 9.90
CA VAL H 61 -52.37 46.05 9.70
C VAL H 61 -51.94 47.47 10.02
N SER H 62 -50.81 47.62 10.71
CA SER H 62 -50.44 48.93 11.24
C SER H 62 -49.72 49.78 10.19
N VAL H 63 -48.61 49.28 9.64
CA VAL H 63 -47.81 50.06 8.72
C VAL H 63 -48.61 50.34 7.45
N LYS H 64 -48.89 51.61 7.20
CA LYS H 64 -49.73 52.00 6.09
C LYS H 64 -48.89 52.20 4.83
N VAL H 65 -49.56 52.08 3.68
CA VAL H 65 -48.86 52.15 2.40
C VAL H 65 -48.22 53.53 2.24
N GLY H 66 -47.08 53.57 1.56
CA GLY H 66 -46.34 54.79 1.38
C GLY H 66 -45.32 55.08 2.46
N ASP H 67 -44.95 54.10 3.27
CA ASP H 67 -44.01 54.31 4.35
C ASP H 67 -42.65 53.71 4.02
N LYS H 68 -41.61 54.35 4.52
CA LYS H 68 -40.25 53.83 4.41
C LYS H 68 -39.94 53.06 5.68
N VAL H 69 -39.57 51.79 5.53
CA VAL H 69 -39.39 50.88 6.63
C VAL H 69 -38.02 50.24 6.54
N LEU H 70 -37.58 49.70 7.68
CA LEU H 70 -36.34 48.97 7.82
C LEU H 70 -36.67 47.49 7.67
N LEU H 71 -36.31 46.93 6.52
CA LEU H 71 -36.68 45.57 6.22
C LEU H 71 -36.01 44.59 7.17
N PRO H 72 -36.59 43.41 7.34
CA PRO H 72 -35.85 42.30 7.96
C PRO H 72 -34.83 41.75 6.98
N GLU H 73 -34.20 40.64 7.33
CA GLU H 73 -33.13 40.08 6.50
C GLU H 73 -33.59 38.91 5.64
N TYR H 74 -34.12 37.86 6.27
CA TYR H 74 -34.37 36.60 5.56
C TYR H 74 -35.84 36.39 5.19
N GLY H 75 -36.75 36.58 6.14
CA GLY H 75 -38.15 36.35 5.88
C GLY H 75 -38.70 37.23 4.78
N GLY H 76 -39.36 36.62 3.81
CA GLY H 76 -39.96 37.37 2.72
C GLY H 76 -40.12 36.54 1.48
N THR H 77 -41.19 36.83 0.74
CA THR H 77 -41.51 36.12 -0.49
C THR H 77 -41.30 37.03 -1.68
N LYS H 78 -40.44 36.62 -2.60
CA LYS H 78 -40.24 37.37 -3.83
C LYS H 78 -41.38 37.09 -4.78
N VAL H 79 -42.20 38.10 -5.03
CA VAL H 79 -43.31 38.00 -5.97
C VAL H 79 -43.02 38.94 -7.12
N VAL H 80 -43.63 38.67 -8.26
CA VAL H 80 -43.41 39.47 -9.46
C VAL H 80 -44.75 40.06 -9.91
N LEU H 81 -44.74 41.33 -10.26
CA LEU H 81 -45.89 41.97 -10.89
C LEU H 81 -45.40 42.80 -12.05
N ASP H 82 -45.81 42.42 -13.26
CA ASP H 82 -45.40 43.11 -14.48
C ASP H 82 -43.89 43.01 -14.69
N ASP H 83 -43.30 41.91 -14.23
CA ASP H 83 -41.85 41.70 -14.23
C ASP H 83 -41.13 42.65 -13.29
N LYS H 84 -41.85 43.22 -12.32
CA LYS H 84 -41.28 44.06 -11.27
C LYS H 84 -41.37 43.24 -9.99
N ASP H 85 -40.21 42.78 -9.53
CA ASP H 85 -40.16 41.97 -8.32
C ASP H 85 -40.34 42.82 -7.08
N TYR H 86 -41.37 42.49 -6.31
CA TYR H 86 -41.65 43.08 -5.02
C TYR H 86 -41.51 42.00 -3.96
N PHE H 87 -41.41 42.40 -2.70
CA PHE H 87 -41.22 41.46 -1.61
C PHE H 87 -42.39 41.52 -0.65
N LEU H 88 -42.95 40.37 -0.34
CA LEU H 88 -44.08 40.24 0.57
C LEU H 88 -43.57 39.77 1.92
N PHE H 89 -43.68 40.62 2.94
CA PHE H 89 -43.27 40.26 4.28
C PHE H 89 -44.51 40.03 5.15
N ARG H 90 -44.27 39.71 6.41
CA ARG H 90 -45.33 39.57 7.39
C ARG H 90 -45.33 40.77 8.33
N ASP H 91 -46.52 41.15 8.77
CA ASP H 91 -46.70 42.40 9.50
C ASP H 91 -45.82 42.45 10.74
N GLY H 92 -45.69 41.32 11.45
CA GLY H 92 -44.82 41.31 12.61
C GLY H 92 -43.34 41.35 12.30
N ASP H 93 -42.96 41.24 11.03
CA ASP H 93 -41.57 41.11 10.66
C ASP H 93 -40.90 42.44 10.36
N ILE H 94 -41.67 43.49 10.09
CA ILE H 94 -41.07 44.78 9.76
C ILE H 94 -40.34 45.32 10.96
N LEU H 95 -39.10 45.78 10.75
CA LEU H 95 -38.26 46.17 11.86
C LEU H 95 -38.58 47.58 12.34
N GLY H 96 -38.39 48.58 11.48
CA GLY H 96 -38.60 49.96 11.85
C GLY H 96 -39.35 50.71 10.78
N LYS H 97 -39.90 51.84 11.19
CA LYS H 97 -40.63 52.72 10.30
C LYS H 97 -39.91 54.06 10.24
N TYR H 98 -39.57 54.50 9.04
CA TYR H 98 -38.84 55.75 8.84
C TYR H 98 -39.84 56.90 8.89
N VAL H 99 -40.18 57.30 10.10
CA VAL H 99 -41.20 58.32 10.33
C VAL H 99 -40.55 59.69 10.23
N ASP H 100 -41.19 60.58 9.47
CA ASP H 100 -40.69 61.94 9.28
C ASP H 100 -41.68 62.79 8.49
N GLY I 1 20.66 8.85 -23.75
CA GLY I 1 21.03 8.28 -25.03
C GLY I 1 22.11 7.21 -24.90
N SER I 2 21.75 5.98 -25.23
CA SER I 2 22.70 4.89 -25.13
C SER I 2 23.85 5.08 -26.10
N ALA I 3 25.03 4.61 -25.70
CA ALA I 3 26.18 4.64 -26.59
C ALA I 3 25.85 3.86 -27.85
N LYS I 4 26.15 4.45 -29.00
CA LYS I 4 25.73 3.89 -30.27
C LYS I 4 26.95 3.44 -31.07
N ASP I 5 26.68 2.97 -32.29
CA ASP I 5 27.71 2.52 -33.20
C ASP I 5 27.39 3.02 -34.59
N VAL I 6 28.42 3.27 -35.38
CA VAL I 6 28.25 3.81 -36.72
C VAL I 6 28.96 2.94 -37.73
N LYS I 7 28.42 2.90 -38.94
CA LYS I 7 29.07 2.22 -40.05
C LYS I 7 28.89 3.04 -41.32
N PHE I 8 29.84 2.87 -42.23
CA PHE I 8 29.97 3.71 -43.41
C PHE I 8 29.91 2.89 -44.69
N GLY I 9 29.26 3.45 -45.69
CA GLY I 9 29.46 3.05 -47.07
C GLY I 9 29.12 1.60 -47.34
N ALA I 10 30.06 0.91 -47.99
CA ALA I 10 29.78 -0.43 -48.48
C ALA I 10 29.46 -1.40 -47.36
N ASP I 11 29.99 -1.17 -46.17
CA ASP I 11 29.71 -2.08 -45.06
C ASP I 11 28.24 -2.03 -44.67
N ALA I 12 27.76 -0.85 -44.33
CA ALA I 12 26.35 -0.70 -43.95
C ALA I 12 25.44 -1.10 -45.10
N ARG I 13 25.83 -0.75 -46.33
CA ARG I 13 25.03 -1.15 -47.48
C ARG I 13 24.92 -2.66 -47.56
N ALA I 14 26.04 -3.36 -47.43
CA ALA I 14 26.04 -4.81 -47.53
C ALA I 14 25.21 -5.43 -46.42
N LEU I 15 25.33 -4.93 -45.20
CA LEU I 15 24.58 -5.51 -44.10
C LEU I 15 23.09 -5.31 -44.28
N MET I 16 22.67 -4.08 -44.59
CA MET I 16 21.25 -3.82 -44.76
C MET I 16 20.69 -4.62 -45.93
N LEU I 17 21.45 -4.71 -47.02
CA LEU I 17 20.99 -5.50 -48.15
C LEU I 17 20.91 -6.98 -47.79
N GLN I 18 21.82 -7.47 -46.95
CA GLN I 18 21.72 -8.86 -46.51
C GLN I 18 20.45 -9.08 -45.71
N GLY I 19 20.14 -8.16 -44.81
CA GLY I 19 18.91 -8.28 -44.05
C GLY I 19 17.68 -8.28 -44.94
N VAL I 20 17.64 -7.37 -45.91
CA VAL I 20 16.49 -7.31 -46.80
C VAL I 20 16.42 -8.57 -47.66
N ASP I 21 17.57 -9.10 -48.08
CA ASP I 21 17.55 -10.34 -48.84
C ASP I 21 17.05 -11.50 -48.00
N LEU I 22 17.41 -11.53 -46.72
CA LEU I 22 16.84 -12.53 -45.84
C LEU I 22 15.33 -12.42 -45.79
N LEU I 23 14.83 -11.21 -45.54
CA LEU I 23 13.40 -11.07 -45.38
C LEU I 23 12.65 -11.31 -46.67
N ALA I 24 13.25 -11.01 -47.81
CA ALA I 24 12.59 -11.18 -49.09
C ALA I 24 12.68 -12.60 -49.61
N ASP I 25 13.78 -13.29 -49.34
CA ASP I 25 13.82 -14.72 -49.62
C ASP I 25 12.84 -15.47 -48.73
N ALA I 26 12.55 -14.92 -47.56
CA ALA I 26 11.60 -15.55 -46.65
C ALA I 26 10.21 -15.59 -47.26
N VAL I 27 9.92 -14.67 -48.17
CA VAL I 27 8.56 -14.38 -48.60
C VAL I 27 8.35 -14.67 -50.08
N ALA I 28 9.38 -14.44 -50.91
CA ALA I 28 9.21 -14.41 -52.36
C ALA I 28 8.60 -15.67 -52.93
N VAL I 29 8.61 -16.77 -52.18
CA VAL I 29 7.97 -17.99 -52.63
C VAL I 29 6.48 -17.80 -52.85
N THR I 30 5.83 -17.04 -51.97
CA THR I 30 4.37 -16.99 -51.91
C THR I 30 3.81 -16.00 -52.91
N MET I 31 3.96 -16.35 -54.18
CA MET I 31 3.37 -15.59 -55.27
C MET I 31 2.78 -16.55 -56.27
N GLY I 32 1.56 -16.24 -56.69
CA GLY I 32 0.88 -17.05 -57.68
C GLY I 32 0.68 -18.47 -57.22
N PRO I 33 0.12 -19.30 -58.09
CA PRO I 33 0.08 -20.73 -57.79
C PRO I 33 1.48 -21.29 -57.69
N LYS I 34 1.56 -22.45 -57.06
CA LYS I 34 2.81 -23.14 -56.77
C LYS I 34 3.62 -22.43 -55.69
N GLY I 35 3.17 -21.27 -55.20
CA GLY I 35 3.74 -20.73 -53.99
C GLY I 35 3.57 -21.69 -52.83
N ARG I 36 4.35 -21.48 -51.78
CA ARG I 36 4.43 -22.43 -50.68
C ARG I 36 4.31 -21.73 -49.34
N THR I 37 3.49 -22.32 -48.47
CA THR I 37 3.11 -21.70 -47.22
C THR I 37 4.31 -21.55 -46.30
N VAL I 38 4.08 -20.84 -45.21
CA VAL I 38 5.10 -20.52 -44.22
C VAL I 38 4.51 -20.73 -42.84
N ILE I 39 5.25 -21.40 -41.97
CA ILE I 39 4.80 -21.66 -40.62
C ILE I 39 5.54 -20.73 -39.68
N ILE I 40 4.81 -19.98 -38.89
CA ILE I 40 5.37 -19.13 -37.87
C ILE I 40 4.97 -19.65 -36.51
N GLU I 41 5.87 -19.54 -35.54
CA GLU I 41 5.62 -20.09 -34.21
C GLU I 41 4.87 -19.06 -33.37
N GLN I 42 3.64 -19.37 -33.01
CA GLN I 42 2.89 -18.56 -32.07
C GLN I 42 3.38 -18.86 -30.67
N SER I 43 3.64 -17.80 -29.89
CA SER I 43 4.31 -17.99 -28.61
C SER I 43 3.44 -18.65 -27.55
N TRP I 44 2.15 -18.82 -27.80
CA TRP I 44 1.25 -19.29 -26.76
C TRP I 44 0.34 -20.42 -27.20
N GLY I 45 0.49 -20.94 -28.41
CA GLY I 45 -0.44 -21.94 -28.88
C GLY I 45 0.04 -22.55 -30.18
N SER I 46 -0.90 -23.16 -30.88
CA SER I 46 -0.70 -23.66 -32.24
C SER I 46 -0.04 -22.58 -33.10
N PRO I 47 0.91 -22.95 -33.94
CA PRO I 47 1.55 -21.96 -34.79
C PRO I 47 0.64 -21.54 -35.92
N LYS I 48 0.97 -20.40 -36.52
CA LYS I 48 0.25 -19.91 -37.69
C LYS I 48 0.83 -20.52 -38.95
N VAL I 49 -0.04 -20.68 -39.94
CA VAL I 49 0.36 -21.16 -41.27
C VAL I 49 -0.23 -20.22 -42.30
N THR I 50 0.58 -19.76 -43.24
CA THR I 50 0.18 -18.66 -44.11
C THR I 50 0.69 -18.82 -45.52
N LYS I 51 0.10 -18.03 -46.41
CA LYS I 51 0.70 -17.61 -47.66
C LYS I 51 0.85 -16.10 -47.71
N ASP I 52 0.17 -15.37 -46.84
CA ASP I 52 0.26 -13.92 -46.79
C ASP I 52 1.68 -13.47 -46.53
N GLY I 53 1.97 -12.26 -46.99
CA GLY I 53 3.31 -11.73 -46.94
C GLY I 53 3.50 -10.60 -45.95
N VAL I 54 2.62 -10.47 -44.97
CA VAL I 54 2.78 -9.45 -43.94
C VAL I 54 2.68 -10.09 -42.57
N THR I 55 2.06 -11.26 -42.50
CA THR I 55 2.27 -12.10 -41.34
C THR I 55 3.70 -12.61 -41.35
N VAL I 56 4.13 -13.14 -42.49
CA VAL I 56 5.52 -13.50 -42.68
C VAL I 56 6.42 -12.29 -42.44
N ALA I 57 6.08 -11.17 -43.07
CA ALA I 57 6.91 -9.98 -42.97
C ALA I 57 6.93 -9.46 -41.53
N LYS I 58 5.76 -9.12 -40.99
CA LYS I 58 5.72 -8.51 -39.67
C LYS I 58 6.21 -9.45 -38.58
N SER I 59 6.21 -10.76 -38.84
CA SER I 59 6.73 -11.67 -37.82
C SER I 59 8.24 -11.61 -37.73
N ILE I 60 8.92 -11.45 -38.86
CA ILE I 60 10.37 -11.58 -38.88
C ILE I 60 11.03 -10.41 -38.15
N ASP I 61 11.94 -10.73 -37.23
CA ASP I 61 12.77 -9.74 -36.57
C ASP I 61 14.17 -10.31 -36.45
N LEU I 62 15.15 -9.50 -36.80
CA LEU I 62 16.52 -9.98 -36.91
C LEU I 62 17.33 -9.61 -35.67
N LYS I 63 18.21 -10.53 -35.27
CA LYS I 63 19.08 -10.28 -34.13
C LYS I 63 19.99 -9.08 -34.38
N ASP I 64 20.75 -9.13 -35.47
CA ASP I 64 21.70 -8.06 -35.76
C ASP I 64 20.96 -6.76 -36.04
N LYS I 65 21.55 -5.66 -35.61
CA LYS I 65 20.88 -4.37 -35.71
C LYS I 65 20.67 -3.98 -37.16
N TYR I 66 21.72 -4.05 -37.97
CA TYR I 66 21.64 -3.55 -39.34
C TYR I 66 20.66 -4.37 -40.16
N LYS I 67 20.75 -5.69 -40.03
CA LYS I 67 19.76 -6.55 -40.67
C LYS I 67 18.37 -6.24 -40.16
N ASN I 68 18.25 -5.87 -38.87
CA ASN I 68 16.96 -5.45 -38.36
C ASN I 68 16.47 -4.20 -39.08
N ILE I 69 17.39 -3.29 -39.42
CA ILE I 69 17.00 -2.09 -40.15
C ILE I 69 16.49 -2.45 -41.53
N GLY I 70 17.18 -3.37 -42.20
CA GLY I 70 16.67 -3.86 -43.48
C GLY I 70 15.27 -4.43 -43.35
N ALA I 71 15.07 -5.26 -42.34
CA ALA I 71 13.76 -5.86 -42.12
C ALA I 71 12.70 -4.81 -41.87
N LYS I 72 13.04 -3.76 -41.13
CA LYS I 72 12.06 -2.71 -40.86
C LYS I 72 11.70 -1.97 -42.14
N LEU I 73 12.69 -1.62 -42.95
CA LEU I 73 12.37 -0.93 -44.19
C LEU I 73 11.61 -1.79 -45.16
N VAL I 74 11.68 -3.12 -45.01
CA VAL I 74 10.83 -3.96 -45.85
C VAL I 74 9.42 -4.04 -45.28
N GLN I 75 9.30 -4.25 -43.97
CA GLN I 75 8.00 -4.36 -43.36
C GLN I 75 7.19 -3.09 -43.50
N ASP I 76 7.85 -1.94 -43.55
CA ASP I 76 7.09 -0.70 -43.73
C ASP I 76 6.45 -0.66 -45.10
N VAL I 77 7.18 -1.09 -46.14
CA VAL I 77 6.59 -1.20 -47.46
C VAL I 77 5.40 -2.16 -47.43
N ALA I 78 5.60 -3.31 -46.80
CA ALA I 78 4.52 -4.30 -46.73
C ALA I 78 3.30 -3.73 -46.03
N ASN I 79 3.52 -3.03 -44.92
CA ASN I 79 2.41 -2.53 -44.13
C ASN I 79 1.68 -1.41 -44.84
N ASN I 80 2.42 -0.51 -45.50
CA ASN I 80 1.76 0.53 -46.27
C ASN I 80 0.94 -0.06 -47.40
N THR I 81 1.50 -1.06 -48.10
CA THR I 81 0.74 -1.69 -49.17
C THR I 81 -0.53 -2.33 -48.63
N ASN I 82 -0.42 -3.00 -47.48
CA ASN I 82 -1.59 -3.59 -46.87
C ASN I 82 -2.64 -2.54 -46.55
N GLU I 83 -2.27 -1.55 -45.74
CA GLU I 83 -3.23 -0.55 -45.29
C GLU I 83 -3.77 0.31 -46.43
N GLU I 84 -3.08 0.34 -47.57
CA GLU I 84 -3.60 1.11 -48.69
C GLU I 84 -4.52 0.28 -49.57
N ALA I 85 -4.05 -0.87 -50.03
CA ALA I 85 -4.80 -1.68 -50.98
C ALA I 85 -5.13 -3.07 -50.49
N GLY I 86 -4.63 -3.48 -49.33
CA GLY I 86 -5.05 -4.73 -48.73
C GLY I 86 -4.33 -5.96 -49.23
N ASP I 87 -4.11 -6.04 -50.53
CA ASP I 87 -3.36 -7.13 -51.14
C ASP I 87 -2.32 -6.54 -52.06
N GLY I 88 -1.28 -7.33 -52.34
CA GLY I 88 -0.17 -6.87 -53.14
C GLY I 88 1.04 -6.65 -52.25
N THR I 89 1.17 -7.49 -51.24
CA THR I 89 2.24 -7.35 -50.28
C THR I 89 3.51 -8.01 -50.80
N THR I 90 3.36 -9.22 -51.30
CA THR I 90 4.50 -9.97 -51.79
C THR I 90 5.15 -9.25 -52.95
N THR I 91 4.33 -8.74 -53.86
CA THR I 91 4.84 -7.96 -54.97
C THR I 91 5.61 -6.75 -54.47
N ALA I 92 5.06 -6.08 -53.45
CA ALA I 92 5.75 -4.93 -52.88
C ALA I 92 7.12 -5.32 -52.36
N THR I 93 7.19 -6.41 -51.60
CA THR I 93 8.45 -6.82 -51.00
C THR I 93 9.46 -7.17 -52.08
N VAL I 94 9.04 -7.92 -53.10
CA VAL I 94 10.00 -8.36 -54.10
C VAL I 94 10.50 -7.19 -54.93
N LEU I 95 9.59 -6.29 -55.32
CA LEU I 95 10.04 -5.11 -56.04
C LEU I 95 10.95 -4.25 -55.17
N ALA I 96 10.66 -4.18 -53.87
CA ALA I 96 11.54 -3.44 -52.98
C ALA I 96 12.93 -4.05 -52.95
N ARG I 97 13.01 -5.37 -52.83
CA ARG I 97 14.32 -6.00 -52.79
C ARG I 97 15.08 -5.79 -54.08
N SER I 98 14.40 -5.94 -55.22
CA SER I 98 15.09 -5.76 -56.49
C SER I 98 15.58 -4.34 -56.64
N ILE I 99 14.75 -3.36 -56.26
CA ILE I 99 15.17 -1.97 -56.37
C ILE I 99 16.32 -1.69 -55.44
N ALA I 100 16.30 -2.27 -54.25
CA ALA I 100 17.40 -2.07 -53.31
C ALA I 100 18.69 -2.66 -53.85
N LYS I 101 18.62 -3.88 -54.38
CA LYS I 101 19.83 -4.52 -54.89
C LYS I 101 20.39 -3.74 -56.08
N GLU I 102 19.52 -3.31 -56.98
CA GLU I 102 19.98 -2.49 -58.09
C GLU I 102 20.57 -1.18 -57.61
N GLY I 103 20.01 -0.60 -56.56
CA GLY I 103 20.55 0.63 -56.03
C GLY I 103 21.92 0.44 -55.44
N PHE I 104 22.11 -0.63 -54.69
CA PHE I 104 23.42 -0.90 -54.11
C PHE I 104 24.32 -1.60 -55.11
N GLU I 105 24.32 -1.11 -56.35
CA GLU I 105 25.38 -1.38 -57.31
C GLU I 105 25.83 -0.15 -58.07
N LYS I 106 24.99 0.85 -58.24
CA LYS I 106 25.34 2.08 -58.94
C LYS I 106 25.83 3.16 -57.99
N ILE I 107 26.12 2.81 -56.75
CA ILE I 107 26.53 3.80 -55.76
C ILE I 107 28.02 4.05 -55.91
N SER I 108 28.39 4.96 -56.80
CA SER I 108 29.78 5.25 -57.08
C SER I 108 30.27 6.33 -56.12
N LYS I 109 31.48 6.82 -56.38
CA LYS I 109 31.93 8.04 -55.74
C LYS I 109 31.60 9.27 -56.57
N GLY I 110 31.12 9.08 -57.79
CA GLY I 110 30.74 10.20 -58.63
C GLY I 110 29.24 10.31 -58.80
N ALA I 111 28.52 9.27 -58.41
CA ALA I 111 27.07 9.26 -58.58
C ALA I 111 26.40 10.10 -57.50
N ASN I 112 25.23 10.64 -57.83
CA ASN I 112 24.44 11.44 -56.91
C ASN I 112 23.13 10.72 -56.62
N PRO I 113 22.99 10.09 -55.44
CA PRO I 113 21.82 9.24 -55.20
C PRO I 113 20.50 9.97 -55.26
N VAL I 114 20.48 11.26 -54.95
CA VAL I 114 19.21 12.00 -54.94
C VAL I 114 18.65 12.09 -56.35
N GLU I 115 19.51 12.35 -57.33
CA GLU I 115 19.09 12.28 -58.72
C GLU I 115 18.57 10.89 -59.08
N ILE I 116 19.17 9.86 -58.48
CA ILE I 116 18.70 8.50 -58.71
C ILE I 116 17.26 8.36 -58.23
N ARG I 117 17.00 8.87 -57.03
CA ARG I 117 15.64 8.87 -56.51
C ARG I 117 14.70 9.61 -57.45
N ARG I 118 15.13 10.77 -57.94
CA ARG I 118 14.28 11.55 -58.84
C ARG I 118 13.93 10.75 -60.09
N GLY I 119 14.93 10.14 -60.70
CA GLY I 119 14.69 9.35 -61.89
C GLY I 119 13.75 8.19 -61.61
N VAL I 120 13.92 7.53 -60.47
CA VAL I 120 13.01 6.46 -60.10
C VAL I 120 11.59 6.99 -59.99
N MET I 121 11.43 8.20 -59.45
CA MET I 121 10.10 8.76 -59.31
C MET I 121 9.48 9.04 -60.67
N LEU I 122 10.28 9.58 -61.60
CA LEU I 122 9.78 9.78 -62.95
C LEU I 122 9.37 8.46 -63.59
N ALA I 123 10.16 7.42 -63.37
CA ALA I 123 9.82 6.11 -63.92
C ALA I 123 8.50 5.61 -63.37
N VAL I 124 8.31 5.75 -62.06
CA VAL I 124 7.09 5.28 -61.43
C VAL I 124 5.90 6.04 -61.97
N ASP I 125 6.05 7.35 -62.16
CA ASP I 125 4.96 8.14 -62.71
C ASP I 125 4.60 7.65 -64.11
N ALA I 126 5.61 7.48 -64.97
CA ALA I 126 5.35 7.02 -66.33
C ALA I 126 4.66 5.67 -66.34
N VAL I 127 5.12 4.76 -65.50
CA VAL I 127 4.57 3.40 -65.53
C VAL I 127 3.14 3.40 -64.98
N ILE I 128 2.86 4.19 -63.95
CA ILE I 128 1.50 4.20 -63.42
C ILE I 128 0.56 4.85 -64.42
N ALA I 129 1.03 5.88 -65.13
CA ALA I 129 0.22 6.47 -66.18
C ALA I 129 -0.10 5.44 -67.26
N GLU I 130 0.91 4.69 -67.68
CA GLU I 130 0.68 3.68 -68.71
C GLU I 130 -0.28 2.61 -68.22
N LEU I 131 -0.19 2.25 -66.93
CA LEU I 131 -1.13 1.31 -66.36
C LEU I 131 -2.56 1.82 -66.49
N LYS I 132 -2.81 3.01 -65.94
CA LYS I 132 -4.16 3.55 -65.97
C LYS I 132 -4.68 3.72 -67.39
N LYS I 133 -3.80 4.02 -68.34
CA LYS I 133 -4.24 4.10 -69.72
C LYS I 133 -4.64 2.72 -70.25
N GLN I 134 -3.90 1.68 -69.87
CA GLN I 134 -4.17 0.34 -70.35
C GLN I 134 -5.11 -0.42 -69.41
N SER I 135 -5.74 0.27 -68.46
CA SER I 135 -6.69 -0.39 -67.59
C SER I 135 -7.99 -0.66 -68.34
N LYS I 136 -8.98 -1.18 -67.62
CA LYS I 136 -10.31 -1.32 -68.17
C LYS I 136 -11.30 -1.67 -67.05
N PRO I 137 -12.46 -1.04 -67.03
CA PRO I 137 -13.37 -1.20 -65.90
C PRO I 137 -14.00 -2.58 -65.87
N VAL I 138 -14.54 -2.92 -64.71
CA VAL I 138 -15.23 -4.18 -64.51
C VAL I 138 -16.72 -3.98 -64.75
N THR I 139 -17.30 -4.79 -65.63
CA THR I 139 -18.71 -4.70 -65.97
C THR I 139 -19.48 -5.96 -65.65
N THR I 140 -19.04 -7.04 -66.10
CA THR I 140 -19.90 -8.19 -65.89
C THR I 140 -19.49 -8.94 -64.63
N PRO I 141 -20.43 -9.64 -63.98
CA PRO I 141 -20.07 -10.44 -62.79
C PRO I 141 -19.12 -11.58 -63.10
N GLU I 142 -18.96 -11.97 -64.36
CA GLU I 142 -17.95 -12.96 -64.70
C GLU I 142 -16.57 -12.50 -64.30
N GLU I 143 -16.26 -11.22 -64.50
CA GLU I 143 -14.97 -10.70 -64.12
C GLU I 143 -14.78 -10.77 -62.60
N ILE I 144 -15.82 -10.42 -61.85
CA ILE I 144 -15.74 -10.52 -60.40
C ILE I 144 -15.50 -11.96 -59.98
N ALA I 145 -16.23 -12.88 -60.60
CA ALA I 145 -16.06 -14.30 -60.30
C ALA I 145 -14.62 -14.73 -60.57
N GLN I 146 -14.07 -14.30 -61.70
CA GLN I 146 -12.71 -14.67 -62.03
C GLN I 146 -11.74 -14.12 -61.01
N VAL I 147 -11.86 -12.82 -60.69
CA VAL I 147 -10.92 -12.19 -59.77
C VAL I 147 -10.95 -12.87 -58.41
N ALA I 148 -12.14 -13.10 -57.89
CA ALA I 148 -12.25 -13.80 -56.62
C ALA I 148 -11.66 -15.21 -56.72
N THR I 149 -11.90 -15.88 -57.84
CA THR I 149 -11.36 -17.22 -58.02
C THR I 149 -9.84 -17.21 -57.97
N ILE I 150 -9.24 -16.16 -58.51
CA ILE I 150 -7.79 -16.00 -58.38
C ILE I 150 -7.43 -15.88 -56.91
N SER I 151 -7.95 -14.85 -56.27
CA SER I 151 -7.32 -14.36 -55.06
C SER I 151 -7.58 -15.26 -53.85
N ALA I 152 -8.28 -16.37 -54.02
CA ALA I 152 -8.24 -17.45 -53.05
C ALA I 152 -7.10 -18.42 -53.35
N ASN I 153 -6.08 -17.95 -54.08
CA ASN I 153 -5.01 -18.82 -54.57
C ASN I 153 -5.57 -19.87 -55.51
N GLY I 154 -6.39 -19.43 -56.44
CA GLY I 154 -6.92 -20.32 -57.45
C GLY I 154 -8.10 -21.15 -57.02
N ASP I 155 -8.83 -20.73 -56.00
CA ASP I 155 -10.00 -21.46 -55.54
C ASP I 155 -11.23 -20.94 -56.28
N LYS I 156 -12.09 -21.84 -56.73
CA LYS I 156 -13.28 -21.43 -57.44
C LYS I 156 -14.48 -21.23 -56.53
N GLU I 157 -14.56 -21.99 -55.45
CA GLU I 157 -15.67 -21.80 -54.51
C GLU I 157 -15.65 -20.41 -53.90
N ILE I 158 -14.46 -19.91 -53.56
CA ILE I 158 -14.35 -18.56 -53.02
C ILE I 158 -14.85 -17.55 -54.03
N GLY I 159 -14.50 -17.75 -55.30
CA GLY I 159 -14.96 -16.84 -56.33
C GLY I 159 -16.47 -16.85 -56.48
N ASN I 160 -17.06 -18.04 -56.56
CA ASN I 160 -18.50 -18.14 -56.69
C ASN I 160 -19.21 -17.51 -55.50
N ILE I 161 -18.69 -17.75 -54.30
CA ILE I 161 -19.34 -17.24 -53.11
C ILE I 161 -19.28 -15.72 -53.07
N ILE I 162 -18.11 -15.15 -53.34
CA ILE I 162 -18.00 -13.70 -53.31
C ILE I 162 -18.84 -13.08 -54.43
N SER I 163 -18.92 -13.75 -55.58
CA SER I 163 -19.77 -13.27 -56.66
C SER I 163 -21.22 -13.21 -56.22
N ASP I 164 -21.72 -14.29 -55.61
CA ASP I 164 -23.10 -14.30 -55.17
C ASP I 164 -23.35 -13.27 -54.09
N ALA I 165 -22.37 -13.05 -53.21
CA ALA I 165 -22.49 -12.01 -52.21
C ALA I 165 -22.66 -10.65 -52.86
N MET I 166 -21.78 -10.33 -53.80
CA MET I 166 -21.85 -9.02 -54.44
C MET I 166 -23.09 -8.88 -55.31
N LYS I 167 -23.64 -9.98 -55.79
CA LYS I 167 -24.87 -9.89 -56.59
C LYS I 167 -26.09 -9.68 -55.71
N LYS I 168 -26.21 -10.45 -54.64
CA LYS I 168 -27.35 -10.32 -53.74
C LYS I 168 -27.21 -9.16 -52.77
N VAL I 169 -26.08 -8.44 -52.81
CA VAL I 169 -25.91 -7.27 -51.96
C VAL I 169 -25.47 -6.05 -52.75
N GLY I 170 -25.01 -6.19 -53.97
CA GLY I 170 -24.58 -5.02 -54.72
C GLY I 170 -23.08 -4.83 -54.63
N ARG I 171 -22.52 -4.19 -55.65
CA ARG I 171 -21.08 -4.07 -55.76
C ARG I 171 -20.46 -3.21 -54.66
N LYS I 172 -21.26 -2.46 -53.92
CA LYS I 172 -20.76 -1.71 -52.77
C LYS I 172 -21.51 -2.09 -51.50
N GLY I 173 -21.98 -3.34 -51.43
CA GLY I 173 -22.60 -3.83 -50.23
C GLY I 173 -21.58 -3.99 -49.11
N VAL I 174 -22.04 -4.59 -48.02
CA VAL I 174 -21.24 -4.80 -46.83
C VAL I 174 -21.18 -6.30 -46.59
N ILE I 175 -20.11 -6.93 -47.03
CA ILE I 175 -19.87 -8.35 -46.77
C ILE I 175 -18.80 -8.45 -45.71
N THR I 176 -18.96 -9.42 -44.81
CA THR I 176 -17.99 -9.63 -43.75
C THR I 176 -17.88 -11.12 -43.49
N VAL I 177 -16.71 -11.53 -43.02
CA VAL I 177 -16.42 -12.94 -42.81
C VAL I 177 -16.26 -13.20 -41.32
N LYS I 178 -16.72 -14.37 -40.89
CA LYS I 178 -16.53 -14.82 -39.53
C LYS I 178 -16.03 -16.24 -39.53
N ASP I 179 -15.46 -16.64 -38.40
CA ASP I 179 -14.87 -17.98 -38.26
C ASP I 179 -15.99 -19.00 -38.32
N GLY I 180 -16.06 -19.73 -39.43
CA GLY I 180 -17.11 -20.71 -39.61
C GLY I 180 -17.02 -21.82 -38.58
N LYS I 181 -18.02 -22.69 -38.63
CA LYS I 181 -18.15 -23.76 -37.65
C LYS I 181 -18.32 -25.13 -38.26
N THR I 182 -18.67 -25.23 -39.53
CA THR I 182 -18.95 -26.52 -40.15
C THR I 182 -17.81 -26.92 -41.06
N LEU I 183 -18.00 -28.04 -41.75
CA LEU I 183 -16.99 -28.54 -42.67
C LEU I 183 -16.79 -27.61 -43.86
N ASN I 184 -17.85 -26.96 -44.31
CA ASN I 184 -17.84 -26.25 -45.58
C ASN I 184 -18.09 -24.77 -45.36
N ASP I 185 -17.92 -24.00 -46.43
CA ASP I 185 -18.22 -22.59 -46.38
C ASP I 185 -19.73 -22.37 -46.46
N GLU I 186 -20.15 -21.17 -46.09
CA GLU I 186 -21.56 -20.81 -46.05
C GLU I 186 -21.70 -19.33 -46.31
N LEU I 187 -22.64 -18.98 -47.16
CA LEU I 187 -22.96 -17.59 -47.48
C LEU I 187 -24.30 -17.25 -46.87
N GLU I 188 -24.30 -16.45 -45.82
CA GLU I 188 -25.52 -16.06 -45.13
C GLU I 188 -25.84 -14.61 -45.44
N ILE I 189 -27.12 -14.31 -45.63
CA ILE I 189 -27.57 -12.97 -46.00
C ILE I 189 -28.46 -12.46 -44.88
N ILE I 190 -27.89 -11.65 -43.99
CA ILE I 190 -28.69 -11.01 -42.96
C ILE I 190 -29.48 -9.88 -43.62
N GLU I 191 -30.77 -10.11 -43.82
CA GLU I 191 -31.67 -9.14 -44.43
C GLU I 191 -32.65 -8.61 -43.39
N GLY I 192 -33.24 -7.47 -43.67
CA GLY I 192 -34.10 -6.81 -42.72
C GLY I 192 -33.26 -6.05 -41.71
N MET I 193 -33.93 -5.51 -40.70
CA MET I 193 -33.26 -4.75 -39.67
C MET I 193 -33.05 -5.68 -38.48
N LYS I 194 -31.85 -6.25 -38.38
CA LYS I 194 -31.59 -7.28 -37.40
C LYS I 194 -30.36 -6.89 -36.61
N PHE I 195 -30.35 -7.26 -35.34
CA PHE I 195 -29.22 -6.87 -34.52
C PHE I 195 -29.18 -7.71 -33.25
N ASP I 196 -27.97 -7.81 -32.71
CA ASP I 196 -27.65 -8.74 -31.63
C ASP I 196 -28.24 -8.25 -30.31
N ARG I 197 -29.44 -8.73 -30.00
CA ARG I 197 -29.99 -8.57 -28.66
C ARG I 197 -31.29 -9.35 -28.57
N GLY I 198 -31.52 -9.97 -27.42
CA GLY I 198 -32.62 -10.88 -27.28
C GLY I 198 -33.74 -10.38 -26.39
N TYR I 199 -34.90 -11.03 -26.49
CA TYR I 199 -36.05 -10.68 -25.68
C TYR I 199 -35.71 -10.82 -24.21
N ILE I 200 -36.06 -9.81 -23.42
CA ILE I 200 -35.63 -9.76 -22.02
C ILE I 200 -36.33 -10.85 -21.21
N SER I 201 -37.64 -10.78 -21.14
CA SER I 201 -38.34 -11.82 -20.40
C SER I 201 -38.54 -13.04 -21.28
N PRO I 202 -38.16 -14.22 -20.82
CA PRO I 202 -38.49 -15.44 -21.57
C PRO I 202 -39.91 -15.92 -21.29
N TYR I 203 -40.86 -14.99 -21.27
CA TYR I 203 -42.28 -15.32 -21.20
C TYR I 203 -43.01 -14.95 -22.46
N PHE I 204 -42.40 -14.14 -23.32
CA PHE I 204 -42.96 -13.76 -24.61
C PHE I 204 -42.79 -14.87 -25.65
N ILE I 205 -42.39 -16.06 -25.21
CA ILE I 205 -41.98 -17.14 -26.11
C ILE I 205 -43.21 -17.82 -26.67
N ASN I 206 -43.72 -17.32 -27.79
CA ASN I 206 -44.88 -17.89 -28.45
C ASN I 206 -44.51 -18.74 -29.64
N THR I 207 -43.21 -18.99 -29.84
CA THR I 207 -42.76 -19.68 -31.03
C THR I 207 -42.88 -21.19 -30.94
N SER I 208 -42.91 -21.74 -29.72
CA SER I 208 -42.88 -23.19 -29.53
C SER I 208 -41.63 -23.77 -30.20
N LYS I 209 -40.52 -23.06 -30.07
CA LYS I 209 -39.32 -23.35 -30.83
C LYS I 209 -38.14 -22.92 -29.97
N GLY I 210 -36.97 -22.80 -30.59
CA GLY I 210 -35.77 -22.47 -29.85
C GLY I 210 -35.71 -21.02 -29.43
N GLN I 211 -36.58 -20.63 -28.50
CA GLN I 211 -36.50 -19.34 -27.83
C GLN I 211 -36.74 -18.19 -28.81
N LYS I 212 -37.89 -18.24 -29.49
CA LYS I 212 -38.26 -17.23 -30.46
C LYS I 212 -39.55 -16.55 -30.05
N CYS I 213 -39.69 -15.30 -30.48
CA CYS I 213 -40.93 -14.55 -30.39
C CYS I 213 -41.25 -14.03 -31.78
N GLU I 214 -42.32 -14.53 -32.37
CA GLU I 214 -42.70 -14.20 -33.73
C GLU I 214 -43.98 -13.39 -33.73
N PHE I 215 -43.95 -12.20 -34.30
CA PHE I 215 -45.12 -11.35 -34.46
C PHE I 215 -45.26 -10.98 -35.92
N GLN I 216 -46.50 -10.70 -36.31
CA GLN I 216 -46.83 -10.33 -37.69
C GLN I 216 -47.64 -9.05 -37.66
N ASP I 217 -47.13 -8.02 -38.34
CA ASP I 217 -47.80 -6.74 -38.48
C ASP I 217 -47.91 -6.00 -37.15
N ALA I 218 -46.96 -6.23 -36.26
CA ALA I 218 -47.05 -5.66 -34.93
C ALA I 218 -46.65 -4.19 -34.94
N TYR I 219 -47.12 -3.48 -33.92
CA TYR I 219 -46.70 -2.10 -33.71
C TYR I 219 -45.32 -2.07 -33.07
N VAL I 220 -44.72 -0.89 -33.05
CA VAL I 220 -43.40 -0.73 -32.48
C VAL I 220 -43.42 0.48 -31.54
N LEU I 221 -42.67 0.37 -30.46
CA LEU I 221 -42.44 1.49 -29.56
C LEU I 221 -40.94 1.76 -29.52
N LEU I 222 -40.56 3.03 -29.65
CA LEU I 222 -39.15 3.41 -29.84
C LEU I 222 -38.81 4.53 -28.87
N SER I 223 -38.26 4.18 -27.72
CA SER I 223 -37.84 5.16 -26.72
C SER I 223 -36.33 5.22 -26.65
N GLU I 224 -35.78 6.43 -26.70
CA GLU I 224 -34.37 6.62 -26.48
C GLU I 224 -34.00 6.40 -25.02
N LYS I 225 -34.97 6.58 -24.12
CA LYS I 225 -34.78 6.41 -22.69
C LYS I 225 -35.37 5.08 -22.24
N LYS I 226 -35.12 4.75 -20.97
CA LYS I 226 -35.69 3.54 -20.41
C LYS I 226 -37.19 3.67 -20.26
N ILE I 227 -37.82 2.58 -19.83
CA ILE I 227 -39.25 2.53 -19.58
C ILE I 227 -39.42 2.05 -18.14
N SER I 228 -39.54 3.00 -17.22
CA SER I 228 -39.64 2.68 -15.80
C SER I 228 -41.10 2.67 -15.31
N SER I 229 -41.77 3.80 -15.38
CA SER I 229 -43.06 3.93 -14.73
C SER I 229 -44.13 3.14 -15.46
N ILE I 230 -45.11 2.65 -14.69
CA ILE I 230 -46.26 1.99 -15.29
C ILE I 230 -47.10 2.98 -16.05
N GLN I 231 -47.14 4.23 -15.60
CA GLN I 231 -47.88 5.26 -16.31
C GLN I 231 -47.32 5.48 -17.71
N SER I 232 -46.00 5.38 -17.85
CA SER I 232 -45.38 5.59 -19.16
C SER I 232 -45.72 4.44 -20.11
N ILE I 233 -45.55 3.20 -19.65
CA ILE I 233 -45.72 2.07 -20.53
C ILE I 233 -47.20 1.81 -20.81
N VAL I 234 -48.08 2.19 -19.88
CA VAL I 234 -49.48 1.79 -19.98
C VAL I 234 -50.18 2.31 -21.23
N PRO I 235 -50.05 3.58 -21.64
CA PRO I 235 -50.86 4.04 -22.77
C PRO I 235 -50.50 3.36 -24.07
N ALA I 236 -49.23 3.02 -24.26
CA ALA I 236 -48.84 2.29 -25.46
C ALA I 236 -49.54 0.95 -25.54
N LEU I 237 -49.50 0.18 -24.46
CA LEU I 237 -50.20 -1.09 -24.44
C LEU I 237 -51.70 -0.89 -24.57
N GLU I 238 -52.22 0.23 -24.07
CA GLU I 238 -53.62 0.53 -24.26
C GLU I 238 -53.95 0.65 -25.74
N ILE I 239 -53.15 1.43 -26.47
CA ILE I 239 -53.40 1.62 -27.89
C ILE I 239 -53.25 0.30 -28.64
N ALA I 240 -52.22 -0.48 -28.29
CA ALA I 240 -52.00 -1.75 -28.97
C ALA I 240 -53.16 -2.70 -28.73
N ASN I 241 -53.63 -2.80 -27.49
CA ASN I 241 -54.75 -3.68 -27.18
C ASN I 241 -56.02 -3.20 -27.83
N ALA I 242 -56.21 -1.88 -27.94
CA ALA I 242 -57.36 -1.36 -28.67
C ALA I 242 -57.32 -1.80 -30.12
N HIS I 243 -56.17 -1.62 -30.77
CA HIS I 243 -56.02 -2.11 -32.14
C HIS I 243 -55.99 -3.64 -32.19
N ARG I 244 -55.64 -4.29 -31.09
CA ARG I 244 -55.57 -5.75 -31.04
C ARG I 244 -54.51 -6.27 -32.03
N LYS I 245 -53.27 -5.88 -31.76
CA LYS I 245 -52.12 -6.33 -32.52
C LYS I 245 -50.93 -6.46 -31.60
N PRO I 246 -49.98 -7.34 -31.92
CA PRO I 246 -48.79 -7.48 -31.09
C PRO I 246 -47.97 -6.21 -31.11
N LEU I 247 -47.11 -6.07 -30.10
CA LEU I 247 -46.31 -4.87 -29.96
C LEU I 247 -44.88 -5.23 -29.60
N VAL I 248 -43.94 -4.55 -30.21
CA VAL I 248 -42.54 -4.65 -29.86
C VAL I 248 -42.16 -3.40 -29.09
N ILE I 249 -41.24 -3.56 -28.15
CA ILE I 249 -40.79 -2.46 -27.32
C ILE I 249 -39.28 -2.38 -27.47
N ILE I 250 -38.82 -1.53 -28.36
CA ILE I 250 -37.39 -1.29 -28.57
C ILE I 250 -37.06 0.01 -27.84
N ALA I 251 -36.38 -0.10 -26.71
CA ALA I 251 -36.02 1.08 -25.94
C ALA I 251 -34.73 0.81 -25.20
N GLU I 252 -34.32 1.80 -24.41
CA GLU I 252 -33.09 1.66 -23.63
C GLU I 252 -33.16 0.44 -22.71
N ASP I 253 -34.24 0.34 -21.93
CA ASP I 253 -34.35 -0.76 -20.98
C ASP I 253 -35.73 -0.73 -20.36
N VAL I 254 -36.18 -1.89 -19.89
CA VAL I 254 -37.52 -2.07 -19.35
C VAL I 254 -37.44 -2.18 -17.83
N ASP I 255 -38.26 -1.39 -17.14
CA ASP I 255 -38.39 -1.51 -15.70
C ASP I 255 -38.88 -2.91 -15.34
N GLY I 256 -38.49 -3.36 -14.15
CA GLY I 256 -39.08 -4.56 -13.61
C GLY I 256 -40.57 -4.44 -13.35
N GLU I 257 -41.06 -3.21 -13.13
CA GLU I 257 -42.48 -3.04 -12.83
C GLU I 257 -43.32 -3.08 -14.11
N ALA I 258 -42.93 -2.30 -15.12
CA ALA I 258 -43.57 -2.43 -16.42
C ALA I 258 -43.38 -3.83 -16.98
N LEU I 259 -42.21 -4.44 -16.72
CA LEU I 259 -42.02 -5.83 -17.08
C LEU I 259 -43.02 -6.73 -16.37
N SER I 260 -43.31 -6.43 -15.11
CA SER I 260 -44.27 -7.22 -14.36
C SER I 260 -45.65 -7.08 -14.96
N THR I 261 -46.02 -5.86 -15.35
CA THR I 261 -47.30 -5.65 -16.04
C THR I 261 -47.36 -6.45 -17.33
N LEU I 262 -46.27 -6.41 -18.10
CA LEU I 262 -46.20 -7.15 -19.36
C LEU I 262 -46.40 -8.64 -19.12
N VAL I 263 -45.61 -9.21 -18.21
CA VAL I 263 -45.69 -10.64 -17.96
C VAL I 263 -47.04 -11.01 -17.38
N LEU I 264 -47.64 -10.12 -16.60
CA LEU I 264 -48.99 -10.35 -16.09
C LEU I 264 -49.97 -10.49 -17.24
N ASN I 265 -50.00 -9.51 -18.12
CA ASN I 265 -50.94 -9.56 -19.24
C ASN I 265 -50.58 -10.64 -20.25
N ARG I 266 -49.37 -11.19 -20.18
CA ARG I 266 -48.93 -12.25 -21.08
C ARG I 266 -49.29 -13.65 -20.57
N LEU I 267 -48.95 -13.95 -19.31
CA LEU I 267 -49.29 -15.25 -18.73
C LEU I 267 -50.79 -15.40 -18.61
N LYS I 268 -51.48 -14.32 -18.24
CA LYS I 268 -52.93 -14.20 -18.35
C LYS I 268 -53.19 -13.66 -19.73
N VAL I 269 -54.32 -12.98 -19.90
CA VAL I 269 -55.14 -12.96 -21.13
C VAL I 269 -54.39 -13.15 -22.44
N GLY I 270 -53.11 -12.78 -22.50
CA GLY I 270 -52.34 -13.06 -23.70
C GLY I 270 -52.30 -11.90 -24.65
N LEU I 271 -51.97 -10.73 -24.12
CA LEU I 271 -51.52 -9.64 -24.97
C LEU I 271 -50.27 -10.07 -25.71
N GLN I 272 -50.16 -9.68 -26.96
CA GLN I 272 -49.00 -9.98 -27.79
C GLN I 272 -48.03 -8.82 -27.66
N VAL I 273 -46.90 -9.06 -26.99
CA VAL I 273 -45.93 -8.01 -26.74
C VAL I 273 -44.56 -8.66 -26.68
N VAL I 274 -43.53 -7.83 -26.76
CA VAL I 274 -42.15 -8.30 -26.68
C VAL I 274 -41.28 -7.12 -26.27
N ALA I 275 -40.24 -7.41 -25.49
CA ALA I 275 -39.35 -6.37 -24.96
C ALA I 275 -37.93 -6.65 -25.42
N VAL I 276 -37.28 -5.62 -25.98
CA VAL I 276 -35.89 -5.72 -26.41
C VAL I 276 -35.22 -4.38 -26.15
N LYS I 277 -33.98 -4.42 -25.68
CA LYS I 277 -33.25 -3.20 -25.40
C LYS I 277 -32.76 -2.60 -26.72
N ALA I 278 -31.93 -1.56 -26.61
CA ALA I 278 -31.36 -0.90 -27.78
C ALA I 278 -30.22 -1.77 -28.30
N PRO I 279 -29.58 -1.37 -29.40
CA PRO I 279 -28.40 -2.13 -29.85
C PRO I 279 -27.28 -2.16 -28.81
N GLY I 280 -26.98 -1.01 -28.22
CA GLY I 280 -26.03 -0.85 -27.15
C GLY I 280 -24.69 -0.33 -27.64
N PHE I 281 -24.55 0.99 -27.58
CA PHE I 281 -23.35 1.73 -27.92
C PHE I 281 -23.52 3.09 -27.25
N GLY I 282 -23.07 4.13 -27.92
CA GLY I 282 -23.18 5.49 -27.45
C GLY I 282 -23.99 6.24 -28.49
N ASP I 283 -23.47 7.31 -29.09
CA ASP I 283 -24.24 8.04 -30.09
C ASP I 283 -24.72 7.14 -31.22
N ASN I 284 -23.95 6.11 -31.55
CA ASN I 284 -24.33 5.20 -32.63
C ASN I 284 -25.68 4.54 -32.37
N ARG I 285 -25.96 4.17 -31.12
CA ARG I 285 -27.26 3.57 -30.83
C ARG I 285 -28.38 4.58 -31.06
N LYS I 286 -28.15 5.85 -30.71
CA LYS I 286 -29.18 6.86 -30.93
C LYS I 286 -29.46 7.03 -32.41
N ASN I 287 -28.39 7.10 -33.22
CA ASN I 287 -28.58 7.19 -34.67
C ASN I 287 -29.29 5.96 -35.21
N GLN I 288 -28.94 4.78 -34.71
CA GLN I 288 -29.57 3.56 -35.20
C GLN I 288 -31.04 3.52 -34.83
N LEU I 289 -31.39 3.98 -33.63
CA LEU I 289 -32.81 4.05 -33.28
C LEU I 289 -33.55 5.04 -34.17
N LYS I 290 -32.93 6.17 -34.47
CA LYS I 290 -33.54 7.12 -35.40
C LYS I 290 -33.80 6.46 -36.75
N ASP I 291 -32.80 5.75 -37.25
CA ASP I 291 -32.94 5.09 -38.54
C ASP I 291 -33.99 4.00 -38.48
N MET I 292 -34.08 3.28 -37.36
CA MET I 292 -35.10 2.27 -37.20
C MET I 292 -36.48 2.89 -37.24
N ALA I 293 -36.64 4.02 -36.55
CA ALA I 293 -37.94 4.71 -36.55
C ALA I 293 -38.33 5.13 -37.95
N ILE I 294 -37.40 5.78 -38.66
CA ILE I 294 -37.71 6.25 -40.01
C ILE I 294 -37.90 5.07 -40.96
N ALA I 295 -37.33 3.91 -40.65
CA ALA I 295 -37.50 2.74 -41.49
C ALA I 295 -38.87 2.12 -41.29
N THR I 296 -39.20 1.76 -40.05
CA THR I 296 -40.51 1.21 -39.75
C THR I 296 -41.60 2.25 -40.01
N GLY I 297 -41.29 3.52 -39.82
CA GLY I 297 -42.29 4.55 -39.91
C GLY I 297 -42.86 4.89 -38.55
N GLY I 298 -42.36 5.97 -37.95
CA GLY I 298 -42.79 6.35 -36.62
C GLY I 298 -41.87 7.41 -36.06
N ALA I 299 -42.04 7.69 -34.78
CA ALA I 299 -41.26 8.70 -34.09
C ALA I 299 -40.50 8.06 -32.94
N VAL I 300 -39.20 8.31 -32.88
CA VAL I 300 -38.43 7.88 -31.72
C VAL I 300 -38.91 8.63 -30.49
N PHE I 301 -38.91 7.96 -29.35
CA PHE I 301 -39.31 8.55 -28.09
C PHE I 301 -38.12 8.68 -27.16
N GLY I 302 -38.28 9.51 -26.13
CA GLY I 302 -37.17 9.83 -25.26
C GLY I 302 -36.21 10.81 -25.83
N GLU I 303 -36.61 11.53 -26.88
CA GLU I 303 -35.75 12.51 -27.53
C GLU I 303 -35.43 13.65 -26.56
N GLU I 304 -34.32 14.33 -26.86
CA GLU I 304 -33.93 15.55 -26.16
C GLU I 304 -34.43 16.79 -26.87
N GLY I 305 -34.25 16.87 -28.18
CA GLY I 305 -34.59 18.08 -28.91
C GLY I 305 -36.07 18.38 -28.89
N LEU I 306 -36.88 17.39 -29.26
CA LEU I 306 -38.33 17.48 -29.13
C LEU I 306 -38.77 16.31 -28.25
N THR I 307 -39.42 16.63 -27.12
CA THR I 307 -39.52 15.68 -26.02
C THR I 307 -40.22 14.38 -26.42
N LEU I 308 -41.41 14.49 -27.00
CA LEU I 308 -42.16 13.31 -27.44
C LEU I 308 -42.44 12.35 -26.29
N ASN I 309 -43.06 12.86 -25.23
CA ASN I 309 -43.41 12.04 -24.08
C ASN I 309 -44.29 10.87 -24.48
N LEU I 310 -44.10 9.74 -23.79
CA LEU I 310 -44.86 8.53 -24.08
C LEU I 310 -46.32 8.64 -23.68
N GLU I 311 -46.64 9.54 -22.74
CA GLU I 311 -48.01 9.67 -22.26
C GLU I 311 -48.97 9.99 -23.39
N ASP I 312 -48.54 10.84 -24.32
CA ASP I 312 -49.35 11.22 -25.47
C ASP I 312 -48.73 10.60 -26.73
N VAL I 313 -49.06 9.34 -26.96
CA VAL I 313 -48.70 8.67 -28.20
C VAL I 313 -49.95 8.52 -29.04
N GLN I 314 -49.77 8.21 -30.32
CA GLN I 314 -50.87 8.24 -31.25
C GLN I 314 -50.74 7.08 -32.22
N PRO I 315 -51.85 6.60 -32.77
CA PRO I 315 -51.80 5.41 -33.64
C PRO I 315 -50.91 5.59 -34.86
N HIS I 316 -50.72 6.82 -35.31
CA HIS I 316 -49.74 7.08 -36.36
C HIS I 316 -48.38 7.42 -35.78
N ASP I 317 -48.20 7.28 -34.47
CA ASP I 317 -46.94 7.56 -33.81
C ASP I 317 -46.14 6.29 -33.51
N LEU I 318 -46.65 5.14 -33.90
CA LEU I 318 -46.00 3.87 -33.61
C LEU I 318 -45.22 3.37 -34.82
N GLY I 319 -44.20 2.56 -34.53
CA GLY I 319 -43.48 1.87 -35.59
C GLY I 319 -44.29 0.69 -36.07
N LYS I 320 -44.39 0.55 -37.38
CA LYS I 320 -45.21 -0.49 -37.98
C LYS I 320 -44.36 -1.26 -38.98
N VAL I 321 -44.38 -2.59 -38.87
CA VAL I 321 -43.57 -3.45 -39.73
C VAL I 321 -44.39 -4.69 -40.07
N GLY I 322 -43.98 -5.35 -41.16
CA GLY I 322 -44.70 -6.54 -41.59
C GLY I 322 -44.53 -7.70 -40.64
N GLU I 323 -43.29 -8.01 -40.28
CA GLU I 323 -43.03 -9.16 -39.44
C GLU I 323 -41.79 -8.93 -38.58
N VAL I 324 -41.83 -9.48 -37.37
CA VAL I 324 -40.74 -9.34 -36.41
C VAL I 324 -40.47 -10.70 -35.79
N ILE I 325 -39.19 -11.03 -35.65
CA ILE I 325 -38.79 -12.28 -35.01
C ILE I 325 -37.68 -12.01 -34.03
N VAL I 326 -37.74 -12.63 -32.86
CA VAL I 326 -36.78 -12.36 -31.80
C VAL I 326 -36.17 -13.67 -31.32
N THR I 327 -34.85 -13.69 -31.22
CA THR I 327 -34.12 -14.77 -30.59
C THR I 327 -33.71 -14.35 -29.18
N LYS I 328 -32.99 -15.23 -28.50
CA LYS I 328 -32.43 -14.84 -27.22
C LYS I 328 -31.25 -13.90 -27.34
N ASP I 329 -30.74 -13.68 -28.55
CA ASP I 329 -29.56 -12.85 -28.69
C ASP I 329 -29.62 -11.90 -29.88
N ASP I 330 -30.72 -11.86 -30.61
CA ASP I 330 -30.87 -10.91 -31.71
C ASP I 330 -32.29 -10.97 -32.21
N ALA I 331 -32.68 -9.91 -32.94
CA ALA I 331 -34.02 -9.83 -33.48
C ALA I 331 -33.97 -9.16 -34.85
N MET I 332 -35.04 -9.39 -35.60
CA MET I 332 -35.16 -8.96 -36.99
C MET I 332 -36.50 -8.31 -37.21
N LEU I 333 -36.48 -7.14 -37.83
CA LEU I 333 -37.65 -6.38 -38.22
C LEU I 333 -37.77 -6.44 -39.74
N LEU I 334 -39.01 -6.58 -40.22
CA LEU I 334 -39.25 -6.84 -41.64
C LEU I 334 -40.44 -6.01 -42.11
N LYS I 335 -40.25 -5.30 -43.22
CA LYS I 335 -41.30 -4.53 -43.88
C LYS I 335 -41.68 -3.25 -43.14
N GLY I 336 -40.72 -2.56 -42.54
CA GLY I 336 -41.02 -1.28 -41.93
C GLY I 336 -41.53 -0.25 -42.91
N LYS I 337 -42.77 0.19 -42.74
CA LYS I 337 -43.39 1.16 -43.64
C LYS I 337 -42.95 2.55 -43.21
N GLY I 338 -41.79 2.97 -43.72
CA GLY I 338 -41.20 4.21 -43.24
C GLY I 338 -41.00 5.32 -44.25
N ASP I 339 -41.97 5.54 -45.14
CA ASP I 339 -41.91 6.68 -46.06
C ASP I 339 -40.66 6.61 -46.94
N LYS I 340 -40.65 5.60 -47.82
CA LYS I 340 -39.52 5.25 -48.68
C LYS I 340 -38.79 6.45 -49.28
N ALA I 341 -39.51 7.51 -49.63
CA ALA I 341 -38.83 8.74 -50.00
C ALA I 341 -38.06 9.31 -48.81
N GLN I 342 -38.65 9.24 -47.62
CA GLN I 342 -37.99 9.78 -46.44
C GLN I 342 -36.74 8.97 -46.09
N ILE I 343 -36.85 7.64 -46.12
CA ILE I 343 -35.67 6.81 -45.88
C ILE I 343 -34.65 7.02 -46.99
N GLU I 344 -35.11 7.31 -48.20
CA GLU I 344 -34.20 7.66 -49.28
C GLU I 344 -33.41 8.91 -48.94
N LYS I 345 -34.10 9.93 -48.45
CA LYS I 345 -33.42 11.16 -48.06
C LYS I 345 -32.44 10.90 -46.92
N ARG I 346 -32.82 10.04 -45.98
CA ARG I 346 -31.91 9.64 -44.92
C ARG I 346 -30.66 8.99 -45.49
N ILE I 347 -30.85 8.07 -46.44
CA ILE I 347 -29.73 7.41 -47.08
C ILE I 347 -28.82 8.42 -47.75
N GLN I 348 -29.41 9.38 -48.45
CA GLN I 348 -28.62 10.42 -49.09
C GLN I 348 -27.82 11.22 -48.06
N GLU I 349 -28.45 11.52 -46.93
CA GLU I 349 -27.76 12.20 -45.84
C GLU I 349 -26.52 11.41 -45.40
N ILE I 350 -26.72 10.15 -45.02
CA ILE I 350 -25.61 9.39 -44.48
C ILE I 350 -24.57 9.09 -45.54
N ILE I 351 -24.96 9.00 -46.80
CA ILE I 351 -23.97 8.74 -47.85
C ILE I 351 -23.13 9.96 -48.13
N GLU I 352 -23.75 11.15 -48.16
CA GLU I 352 -22.95 12.36 -48.23
C GLU I 352 -22.05 12.49 -47.01
N GLN I 353 -22.54 12.03 -45.86
CA GLN I 353 -21.73 12.00 -44.65
C GLN I 353 -20.46 11.17 -44.86
N LEU I 354 -20.64 9.91 -45.27
CA LEU I 354 -19.49 9.05 -45.50
C LEU I 354 -18.58 9.63 -46.57
N ASP I 355 -19.16 10.25 -47.60
CA ASP I 355 -18.37 10.89 -48.64
C ASP I 355 -17.50 11.99 -48.07
N VAL I 356 -18.02 12.73 -47.08
CA VAL I 356 -17.27 13.83 -46.49
C VAL I 356 -16.43 13.34 -45.31
N THR I 357 -17.05 12.67 -44.36
CA THR I 357 -16.37 12.26 -43.14
C THR I 357 -16.00 10.79 -43.19
N THR I 358 -14.94 10.43 -42.46
CA THR I 358 -14.55 9.05 -42.28
C THR I 358 -13.40 9.00 -41.28
N SER I 359 -13.32 7.90 -40.55
CA SER I 359 -12.20 7.66 -39.65
C SER I 359 -11.77 6.20 -39.68
N GLU I 360 -12.29 5.40 -40.61
CA GLU I 360 -12.01 3.97 -40.75
C GLU I 360 -12.74 3.16 -39.69
N TYR I 361 -13.36 3.85 -38.72
CA TYR I 361 -14.23 3.21 -37.75
C TYR I 361 -15.54 3.97 -37.59
N GLU I 362 -15.61 5.21 -38.08
CA GLU I 362 -16.86 5.94 -38.21
C GLU I 362 -17.59 5.50 -39.47
N LYS I 363 -16.87 5.53 -40.60
CA LYS I 363 -17.43 5.09 -41.86
C LYS I 363 -17.76 3.60 -41.84
N GLU I 364 -17.10 2.84 -40.97
CA GLU I 364 -17.43 1.42 -40.80
C GLU I 364 -18.89 1.27 -40.40
N LYS I 365 -19.25 1.75 -39.19
CA LYS I 365 -20.63 1.68 -38.76
C LYS I 365 -21.55 2.51 -39.66
N LEU I 366 -20.99 3.49 -40.35
CA LEU I 366 -21.75 4.24 -41.35
C LEU I 366 -22.30 3.30 -42.42
N ASN I 367 -21.40 2.61 -43.12
CA ASN I 367 -21.83 1.61 -44.09
C ASN I 367 -22.63 0.50 -43.44
N GLU I 368 -22.36 0.21 -42.17
CA GLU I 368 -23.18 -0.70 -41.39
C GLU I 368 -24.64 -0.31 -41.47
N ARG I 369 -24.94 0.94 -41.11
CA ARG I 369 -26.32 1.42 -41.16
C ARG I 369 -26.85 1.44 -42.59
N LEU I 370 -26.02 1.87 -43.56
CA LEU I 370 -26.45 1.87 -44.96
C LEU I 370 -26.96 0.50 -45.39
N ALA I 371 -26.12 -0.51 -45.24
CA ALA I 371 -26.51 -1.85 -45.65
C ALA I 371 -27.68 -2.35 -44.83
N LYS I 372 -27.65 -2.15 -43.51
CA LYS I 372 -28.71 -2.65 -42.65
C LYS I 372 -30.06 -2.04 -43.02
N LEU I 373 -30.05 -0.84 -43.58
CA LEU I 373 -31.27 -0.21 -44.05
C LEU I 373 -31.62 -0.54 -45.50
N SER I 374 -30.66 -0.98 -46.31
CA SER I 374 -30.99 -1.10 -47.73
C SER I 374 -30.73 -2.48 -48.31
N ASP I 375 -29.69 -3.17 -47.84
CA ASP I 375 -29.36 -4.49 -48.35
C ASP I 375 -28.68 -5.29 -47.25
N GLY I 376 -29.24 -6.45 -46.94
CA GLY I 376 -28.75 -7.23 -45.81
C GLY I 376 -27.31 -7.63 -46.00
N VAL I 377 -26.52 -7.48 -44.93
CA VAL I 377 -25.09 -7.75 -45.04
C VAL I 377 -24.86 -9.23 -45.26
N ALA I 378 -23.84 -9.54 -46.05
CA ALA I 378 -23.50 -10.92 -46.35
C ALA I 378 -22.35 -11.35 -45.47
N VAL I 379 -22.57 -12.40 -44.68
CA VAL I 379 -21.53 -13.01 -43.89
C VAL I 379 -21.07 -14.28 -44.59
N LEU I 380 -19.80 -14.61 -44.35
CA LEU I 380 -19.12 -15.72 -44.99
C LEU I 380 -18.53 -16.59 -43.88
N LYS I 381 -19.22 -17.67 -43.56
CA LYS I 381 -18.68 -18.63 -42.61
C LYS I 381 -17.77 -19.61 -43.35
N VAL I 382 -16.63 -19.91 -42.74
CA VAL I 382 -15.57 -20.68 -43.38
C VAL I 382 -15.56 -22.06 -42.76
N GLY I 383 -15.54 -23.09 -43.63
CA GLY I 383 -15.60 -24.45 -43.18
C GLY I 383 -14.21 -25.05 -43.08
N GLY I 384 -13.79 -25.35 -41.86
CA GLY I 384 -12.49 -25.94 -41.63
C GLY I 384 -12.51 -26.73 -40.34
N THR I 385 -11.61 -27.69 -40.25
CA THR I 385 -11.61 -28.62 -39.14
C THR I 385 -10.40 -28.47 -38.23
N SER I 386 -9.49 -27.58 -38.54
CA SER I 386 -8.43 -27.18 -37.64
C SER I 386 -8.45 -25.67 -37.55
N ASP I 387 -8.14 -25.14 -36.37
CA ASP I 387 -8.06 -23.70 -36.20
C ASP I 387 -7.08 -23.08 -37.19
N VAL I 388 -5.96 -23.76 -37.45
CA VAL I 388 -4.97 -23.23 -38.37
C VAL I 388 -5.50 -23.22 -39.79
N GLU I 389 -6.21 -24.28 -40.19
CA GLU I 389 -6.92 -24.25 -41.47
C GLU I 389 -7.91 -23.10 -41.52
N VAL I 390 -8.58 -22.84 -40.41
CA VAL I 390 -9.50 -21.72 -40.32
C VAL I 390 -8.77 -20.41 -40.65
N ASN I 391 -7.64 -20.19 -39.97
CA ASN I 391 -6.93 -18.94 -40.18
C ASN I 391 -6.43 -18.81 -41.62
N GLU I 392 -5.87 -19.88 -42.15
CA GLU I 392 -5.38 -19.86 -43.54
C GLU I 392 -6.50 -19.51 -44.51
N LYS I 393 -7.55 -20.32 -44.52
CA LYS I 393 -8.62 -20.12 -45.48
C LYS I 393 -9.28 -18.76 -45.30
N LYS I 394 -9.42 -18.32 -44.05
CA LYS I 394 -10.05 -17.03 -43.83
C LYS I 394 -9.17 -15.89 -44.32
N ASP I 395 -7.85 -16.00 -44.13
CA ASP I 395 -6.95 -14.98 -44.66
C ASP I 395 -7.07 -14.90 -46.17
N ARG I 396 -7.02 -16.05 -46.84
CA ARG I 396 -7.13 -16.03 -48.30
C ARG I 396 -8.46 -15.44 -48.75
N VAL I 397 -9.54 -15.78 -48.05
CA VAL I 397 -10.85 -15.28 -48.43
C VAL I 397 -10.92 -13.77 -48.28
N THR I 398 -10.46 -13.27 -47.13
CA THR I 398 -10.47 -11.82 -46.90
C THR I 398 -9.63 -11.10 -47.94
N ASP I 399 -8.49 -11.68 -48.30
CA ASP I 399 -7.66 -11.06 -49.32
C ASP I 399 -8.39 -11.01 -50.65
N ALA I 400 -9.04 -12.11 -51.03
CA ALA I 400 -9.79 -12.12 -52.28
C ALA I 400 -10.89 -11.08 -52.26
N LEU I 401 -11.56 -10.94 -51.12
CA LEU I 401 -12.62 -9.95 -50.99
C LEU I 401 -12.09 -8.55 -51.17
N ASN I 402 -10.99 -8.23 -50.51
CA ASN I 402 -10.41 -6.89 -50.63
C ASN I 402 -9.96 -6.63 -52.06
N ALA I 403 -9.38 -7.64 -52.72
CA ALA I 403 -8.98 -7.47 -54.11
C ALA I 403 -10.18 -7.20 -54.99
N THR I 404 -11.29 -7.91 -54.75
CA THR I 404 -12.48 -7.70 -55.55
C THR I 404 -13.04 -6.29 -55.35
N ARG I 405 -13.11 -5.84 -54.10
CA ARG I 405 -13.63 -4.49 -53.87
C ARG I 405 -12.71 -3.44 -54.45
N ALA I 406 -11.41 -3.67 -54.45
CA ALA I 406 -10.53 -2.73 -55.11
C ALA I 406 -10.75 -2.75 -56.62
N ALA I 407 -11.02 -3.92 -57.19
CA ALA I 407 -11.16 -4.04 -58.63
C ALA I 407 -12.48 -3.49 -59.12
N VAL I 408 -13.52 -3.52 -58.29
CA VAL I 408 -14.83 -3.09 -58.77
C VAL I 408 -14.84 -1.60 -59.05
N GLU I 409 -14.15 -0.82 -58.23
CA GLU I 409 -14.22 0.62 -58.44
C GLU I 409 -13.20 1.11 -59.46
N GLU I 410 -11.95 0.72 -59.32
CA GLU I 410 -10.92 1.12 -60.27
C GLU I 410 -10.59 -0.05 -61.18
N GLY I 411 -10.12 0.28 -62.38
CA GLY I 411 -10.07 -0.69 -63.46
C GLY I 411 -9.21 -1.90 -63.14
N ILE I 412 -9.23 -2.84 -64.07
CA ILE I 412 -8.43 -4.05 -63.98
C ILE I 412 -7.40 -4.04 -65.11
N VAL I 413 -6.54 -5.05 -65.11
CA VAL I 413 -5.53 -5.21 -66.14
C VAL I 413 -5.22 -6.70 -66.27
N LEU I 414 -4.52 -7.07 -67.33
CA LEU I 414 -4.11 -8.45 -67.51
C LEU I 414 -3.27 -8.91 -66.33
N GLY I 415 -3.60 -10.08 -65.79
CA GLY I 415 -2.92 -10.57 -64.63
C GLY I 415 -1.57 -11.17 -64.96
N GLY I 416 -0.96 -11.75 -63.94
CA GLY I 416 0.33 -12.40 -64.11
C GLY I 416 1.43 -11.45 -64.56
N GLY I 417 1.40 -10.22 -64.08
CA GLY I 417 2.50 -9.29 -64.30
C GLY I 417 2.63 -8.76 -65.70
N CYS I 418 1.76 -9.17 -66.63
CA CYS I 418 1.92 -8.77 -68.02
C CYS I 418 1.83 -7.25 -68.19
N ALA I 419 1.13 -6.57 -67.28
CA ALA I 419 0.93 -5.14 -67.42
C ALA I 419 2.25 -4.38 -67.37
N LEU I 420 3.10 -4.70 -66.40
CA LEU I 420 4.36 -3.98 -66.25
C LEU I 420 5.26 -4.22 -67.45
N LEU I 421 5.32 -5.47 -67.91
CA LEU I 421 6.10 -5.78 -69.10
C LEU I 421 5.58 -5.01 -70.30
N ARG I 422 4.27 -4.84 -70.39
CA ARG I 422 3.74 -4.04 -71.49
C ARG I 422 4.00 -2.56 -71.29
N CYS I 423 4.19 -2.12 -70.06
CA CYS I 423 4.47 -0.72 -69.78
C CYS I 423 5.94 -0.36 -69.97
N ILE I 424 6.81 -1.37 -70.05
CA ILE I 424 8.24 -1.10 -70.27
C ILE I 424 8.53 -0.21 -71.48
N PRO I 425 7.81 -0.32 -72.60
CA PRO I 425 8.06 0.64 -73.70
C PRO I 425 7.86 2.08 -73.29
N ALA I 426 7.00 2.36 -72.31
CA ALA I 426 6.91 3.71 -71.77
C ALA I 426 8.25 4.15 -71.21
N LEU I 427 8.90 3.28 -70.42
CA LEU I 427 10.24 3.58 -69.93
C LEU I 427 11.22 3.75 -71.08
N ASP I 428 11.04 3.01 -72.17
CA ASP I 428 11.85 3.26 -73.35
C ASP I 428 11.49 4.56 -74.03
N SER I 429 10.39 5.19 -73.65
CA SER I 429 9.94 6.43 -74.26
C SER I 429 10.39 7.68 -73.49
N LEU I 430 10.90 7.52 -72.28
CA LEU I 430 11.32 8.67 -71.50
C LEU I 430 12.66 9.21 -71.98
N THR I 431 12.92 10.46 -71.64
CA THR I 431 14.22 11.09 -71.88
C THR I 431 14.74 11.65 -70.56
N PRO I 432 15.80 11.11 -70.00
CA PRO I 432 16.27 11.57 -68.69
C PRO I 432 16.86 12.97 -68.78
N ALA I 433 16.69 13.73 -67.70
CA ALA I 433 17.31 15.05 -67.64
C ALA I 433 18.82 14.94 -67.72
N ASN I 434 19.40 13.93 -67.09
CA ASN I 434 20.84 13.73 -67.11
C ASN I 434 21.14 12.26 -66.88
N GLU I 435 22.40 11.95 -66.58
CA GLU I 435 22.82 10.56 -66.49
C GLU I 435 22.15 9.85 -65.32
N ASP I 436 22.04 10.51 -64.17
CA ASP I 436 21.60 9.82 -62.97
C ASP I 436 20.15 9.38 -63.09
N GLN I 437 19.29 10.27 -63.58
CA GLN I 437 17.90 9.89 -63.79
C GLN I 437 17.80 8.75 -64.80
N LYS I 438 18.70 8.73 -65.78
CA LYS I 438 18.70 7.62 -66.72
C LYS I 438 19.09 6.32 -66.01
N ILE I 439 20.01 6.42 -65.06
CA ILE I 439 20.37 5.26 -64.25
C ILE I 439 19.14 4.74 -63.51
N GLY I 440 18.41 5.64 -62.87
CA GLY I 440 17.20 5.22 -62.18
C GLY I 440 16.19 4.60 -63.12
N ILE I 441 16.08 5.15 -64.33
CA ILE I 441 15.16 4.60 -65.31
C ILE I 441 15.53 3.18 -65.65
N GLU I 442 16.82 2.94 -65.89
CA GLU I 442 17.25 1.57 -66.18
C GLU I 442 17.03 0.67 -64.99
N ILE I 443 17.14 1.22 -63.78
CA ILE I 443 16.84 0.44 -62.58
C ILE I 443 15.41 -0.06 -62.61
N ILE I 444 14.47 0.85 -62.82
CA ILE I 444 13.07 0.42 -62.84
C ILE I 444 12.79 -0.49 -64.01
N LYS I 445 13.47 -0.26 -65.14
CA LYS I 445 13.29 -1.11 -66.31
C LYS I 445 13.69 -2.54 -66.01
N ARG I 446 14.80 -2.73 -65.32
CA ARG I 446 15.17 -4.08 -64.89
C ARG I 446 14.19 -4.61 -63.86
N THR I 447 13.71 -3.73 -62.97
CA THR I 447 12.84 -4.16 -61.88
C THR I 447 11.55 -4.76 -62.41
N LEU I 448 11.01 -4.18 -63.48
CA LEU I 448 9.71 -4.62 -63.96
C LEU I 448 9.72 -6.08 -64.39
N LYS I 449 10.86 -6.60 -64.81
CA LYS I 449 10.94 -8.00 -65.20
C LYS I 449 11.06 -8.92 -64.00
N ILE I 450 11.26 -8.36 -62.80
CA ILE I 450 11.50 -9.20 -61.62
C ILE I 450 10.33 -10.12 -61.29
N PRO I 451 9.10 -9.65 -61.17
CA PRO I 451 8.03 -10.48 -60.60
C PRO I 451 7.71 -11.74 -61.39
N ALA I 452 7.46 -11.60 -62.70
CA ALA I 452 7.23 -12.78 -63.52
C ALA I 452 8.42 -13.72 -63.46
N MET I 453 9.62 -13.17 -63.34
CA MET I 453 10.80 -13.99 -63.12
C MET I 453 10.66 -14.82 -61.85
N THR I 454 10.29 -14.17 -60.74
CA THR I 454 10.11 -14.88 -59.48
C THR I 454 9.03 -15.95 -59.62
N ILE I 455 8.02 -15.65 -60.42
CA ILE I 455 6.90 -16.58 -60.54
C ILE I 455 7.32 -17.82 -61.29
N ALA I 456 7.95 -17.63 -62.45
CA ALA I 456 8.51 -18.76 -63.19
C ALA I 456 9.49 -19.53 -62.31
N LYS I 457 10.25 -18.82 -61.48
CA LYS I 457 11.16 -19.47 -60.54
C LYS I 457 10.38 -20.41 -59.62
N ASN I 458 9.33 -19.91 -58.99
CA ASN I 458 8.51 -20.74 -58.11
C ASN I 458 7.91 -21.91 -58.86
N ALA I 459 7.51 -21.70 -60.11
CA ALA I 459 6.99 -22.78 -60.92
C ALA I 459 8.03 -23.86 -61.15
N GLY I 460 9.31 -23.51 -61.08
CA GLY I 460 10.36 -24.45 -61.45
C GLY I 460 10.74 -24.38 -62.90
N VAL I 461 10.70 -23.19 -63.50
CA VAL I 461 11.01 -23.01 -64.90
C VAL I 461 12.04 -21.89 -65.03
N GLU I 462 12.49 -21.65 -66.25
CA GLU I 462 13.53 -20.65 -66.49
C GLU I 462 12.90 -19.26 -66.50
N GLY I 463 13.27 -18.45 -65.52
CA GLY I 463 12.68 -17.14 -65.36
C GLY I 463 12.85 -16.23 -66.56
N SER I 464 14.10 -15.85 -66.82
CA SER I 464 14.38 -14.90 -67.90
C SER I 464 13.89 -15.41 -69.24
N LEU I 465 13.96 -16.73 -69.47
CA LEU I 465 13.44 -17.29 -70.69
C LEU I 465 11.96 -17.00 -70.85
N ILE I 466 11.18 -17.29 -69.81
CA ILE I 466 9.73 -17.07 -69.89
C ILE I 466 9.43 -15.59 -70.03
N VAL I 467 10.17 -14.75 -69.32
CA VAL I 467 9.94 -13.31 -69.40
C VAL I 467 10.17 -12.83 -70.82
N GLU I 468 11.27 -13.24 -71.44
CA GLU I 468 11.58 -12.82 -72.79
C GLU I 468 10.53 -13.35 -73.77
N LYS I 469 10.17 -14.62 -73.64
CA LYS I 469 9.23 -15.19 -74.59
C LYS I 469 7.85 -14.57 -74.44
N ILE I 470 7.51 -14.10 -73.25
CA ILE I 470 6.28 -13.35 -73.07
C ILE I 470 6.40 -11.99 -73.75
N MET I 471 7.52 -11.31 -73.54
CA MET I 471 7.69 -9.99 -74.15
C MET I 471 7.63 -10.07 -75.66
N GLN I 472 8.08 -11.18 -76.24
CA GLN I 472 7.98 -11.33 -77.69
C GLN I 472 6.54 -11.51 -78.13
N SER I 473 5.69 -12.05 -77.27
CA SER I 473 4.34 -12.40 -77.66
C SER I 473 3.47 -11.15 -77.72
N SER I 474 2.17 -11.34 -77.93
CA SER I 474 1.26 -10.23 -78.14
C SER I 474 1.00 -9.49 -76.84
N SER I 475 0.11 -8.49 -76.92
CA SER I 475 -0.22 -7.69 -75.74
C SER I 475 -1.00 -8.50 -74.72
N GLU I 476 -1.96 -9.30 -75.18
CA GLU I 476 -2.86 -10.05 -74.31
C GLU I 476 -2.37 -11.46 -74.05
N VAL I 477 -1.39 -11.94 -74.77
CA VAL I 477 -0.86 -13.27 -74.56
C VAL I 477 0.17 -13.20 -73.45
N GLY I 478 0.19 -14.23 -72.63
CA GLY I 478 1.14 -14.31 -71.54
C GLY I 478 1.24 -15.73 -71.06
N TYR I 479 1.69 -15.88 -69.81
CA TYR I 479 2.05 -17.17 -69.25
C TYR I 479 1.16 -17.53 -68.08
N ASP I 480 0.50 -18.67 -68.19
CA ASP I 480 -0.07 -19.33 -67.03
C ASP I 480 0.95 -20.29 -66.44
N ALA I 481 0.98 -20.33 -65.11
CA ALA I 481 1.83 -21.25 -64.39
C ALA I 481 1.12 -22.55 -64.08
N MET I 482 -0.19 -22.52 -63.95
CA MET I 482 -0.93 -23.74 -63.69
C MET I 482 -0.94 -24.63 -64.91
N ALA I 483 -1.29 -24.07 -66.06
CA ALA I 483 -1.14 -24.78 -67.32
C ALA I 483 0.28 -24.75 -67.84
N GLY I 484 1.15 -23.95 -67.22
CA GLY I 484 2.56 -23.89 -67.57
C GLY I 484 2.80 -23.66 -69.05
N ASP I 485 2.20 -22.61 -69.59
CA ASP I 485 2.20 -22.42 -71.04
C ASP I 485 1.71 -21.00 -71.32
N PHE I 486 1.52 -20.67 -72.58
CA PHE I 486 1.07 -19.35 -72.97
C PHE I 486 -0.38 -19.39 -73.41
N VAL I 487 -1.15 -18.41 -72.95
CA VAL I 487 -2.55 -18.25 -73.33
C VAL I 487 -2.90 -16.77 -73.26
N ASN I 488 -4.09 -16.44 -73.73
CA ASN I 488 -4.65 -15.12 -73.46
C ASN I 488 -5.31 -15.14 -72.09
N MET I 489 -5.01 -14.12 -71.30
CA MET I 489 -5.38 -14.15 -69.89
C MET I 489 -6.89 -13.99 -69.71
N VAL I 490 -7.43 -12.87 -70.19
CA VAL I 490 -8.87 -12.66 -70.13
C VAL I 490 -9.60 -13.78 -70.85
N GLU I 491 -9.01 -14.29 -71.93
CA GLU I 491 -9.50 -15.54 -72.50
C GLU I 491 -9.44 -16.66 -71.47
N LYS I 492 -8.31 -16.79 -70.79
CA LYS I 492 -8.15 -17.85 -69.80
C LYS I 492 -8.86 -17.52 -68.49
N GLY I 493 -9.13 -16.25 -68.24
CA GLY I 493 -9.81 -15.85 -67.03
C GLY I 493 -8.87 -15.44 -65.93
N ILE I 494 -7.83 -14.70 -66.28
CA ILE I 494 -6.90 -14.12 -65.32
C ILE I 494 -6.86 -12.62 -65.55
N ILE I 495 -7.10 -11.86 -64.49
CA ILE I 495 -7.00 -10.41 -64.49
C ILE I 495 -6.61 -10.01 -63.07
N ASP I 496 -6.33 -8.74 -62.87
CA ASP I 496 -5.99 -8.25 -61.55
C ASP I 496 -6.40 -6.79 -61.42
N PRO I 497 -6.50 -6.27 -60.21
CA PRO I 497 -6.90 -4.87 -60.05
C PRO I 497 -5.78 -3.94 -60.45
N THR I 498 -6.18 -2.80 -61.01
CA THR I 498 -5.20 -1.77 -61.29
C THR I 498 -4.74 -1.07 -60.01
N LYS I 499 -5.65 -0.91 -59.04
CA LYS I 499 -5.28 -0.19 -57.84
C LYS I 499 -4.23 -0.94 -57.04
N VAL I 500 -4.38 -2.26 -56.92
CA VAL I 500 -3.39 -3.04 -56.19
C VAL I 500 -2.01 -2.89 -56.82
N VAL I 501 -1.95 -3.02 -58.14
CA VAL I 501 -0.67 -2.94 -58.84
C VAL I 501 -0.05 -1.57 -58.66
N ARG I 502 -0.84 -0.52 -58.91
CA ARG I 502 -0.31 0.83 -58.81
C ARG I 502 0.18 1.15 -57.41
N THR I 503 -0.63 0.81 -56.40
CA THR I 503 -0.22 1.12 -55.03
C THR I 503 1.01 0.34 -54.62
N ALA I 504 1.06 -0.95 -54.95
CA ALA I 504 2.21 -1.76 -54.58
C ALA I 504 3.47 -1.22 -55.22
N LEU I 505 3.43 -0.98 -56.53
CA LEU I 505 4.58 -0.43 -57.23
C LEU I 505 5.02 0.89 -56.61
N LEU I 506 4.06 1.77 -56.33
CA LEU I 506 4.40 3.08 -55.82
C LEU I 506 5.08 2.98 -54.47
N ASP I 507 4.49 2.20 -53.55
CA ASP I 507 5.07 2.05 -52.22
C ASP I 507 6.48 1.49 -52.30
N ALA I 508 6.63 0.37 -53.02
CA ALA I 508 7.93 -0.28 -53.08
C ALA I 508 8.98 0.64 -53.67
N ALA I 509 8.66 1.26 -54.81
CA ALA I 509 9.60 2.17 -55.44
C ALA I 509 9.99 3.30 -54.51
N GLY I 510 9.00 3.91 -53.86
CA GLY I 510 9.29 5.04 -52.99
C GLY I 510 10.23 4.67 -51.86
N VAL I 511 9.87 3.65 -51.08
CA VAL I 511 10.67 3.34 -49.91
C VAL I 511 12.05 2.83 -50.31
N ALA I 512 12.12 2.00 -51.38
CA ALA I 512 13.43 1.49 -51.77
C ALA I 512 14.32 2.60 -52.28
N SER I 513 13.80 3.48 -53.13
CA SER I 513 14.60 4.58 -53.64
C SER I 513 15.07 5.47 -52.51
N LEU I 514 14.23 5.69 -51.51
CA LEU I 514 14.68 6.44 -50.35
C LEU I 514 15.80 5.71 -49.63
N LEU I 515 15.66 4.39 -49.49
CA LEU I 515 16.70 3.61 -48.82
C LEU I 515 18.03 3.70 -49.55
N THR I 516 17.98 3.83 -50.87
CA THR I 516 19.21 3.78 -51.67
C THR I 516 20.19 4.88 -51.27
N THR I 517 19.68 6.07 -50.98
CA THR I 517 20.55 7.20 -50.71
C THR I 517 21.20 7.13 -49.34
N ALA I 518 21.00 6.06 -48.58
CA ALA I 518 21.66 5.94 -47.29
C ALA I 518 23.17 5.81 -47.49
N GLU I 519 23.92 6.43 -46.59
CA GLU I 519 25.36 6.51 -46.74
C GLU I 519 26.06 6.10 -45.45
N VAL I 520 25.37 6.31 -44.33
CA VAL I 520 25.94 6.08 -43.00
C VAL I 520 24.83 5.61 -42.09
N VAL I 521 25.06 4.52 -41.38
CA VAL I 521 24.04 3.94 -40.52
C VAL I 521 24.50 4.02 -39.07
N VAL I 522 23.58 4.38 -38.19
CA VAL I 522 23.83 4.45 -36.76
C VAL I 522 22.86 3.53 -36.05
N THR I 523 23.37 2.77 -35.10
CA THR I 523 22.58 1.77 -34.41
C THR I 523 22.84 1.82 -32.92
N GLU I 524 21.87 1.30 -32.16
CA GLU I 524 22.08 1.11 -30.74
C GLU I 524 23.17 0.08 -30.51
N ILE I 525 23.93 0.28 -29.45
CA ILE I 525 24.95 -0.69 -29.06
C ILE I 525 24.20 -1.94 -28.60
N PRO I 526 24.78 -3.13 -28.77
CA PRO I 526 24.02 -4.37 -28.52
C PRO I 526 23.91 -4.78 -27.06
N LYS I 527 24.07 -3.82 -26.13
CA LYS I 527 24.05 -4.10 -24.69
C LYS I 527 22.95 -5.08 -24.27
N GLU I 528 21.70 -4.69 -24.43
CA GLU I 528 20.58 -5.56 -24.07
C GLU I 528 19.35 -5.24 -24.91
N GLY J 1 8.69 -7.08 -30.61
CA GLY J 1 8.91 -8.35 -31.27
C GLY J 1 10.32 -8.87 -31.09
N SER J 2 10.45 -10.01 -30.43
CA SER J 2 11.75 -10.60 -30.21
C SER J 2 12.40 -10.98 -31.52
N ALA J 3 13.72 -10.84 -31.58
CA ALA J 3 14.47 -11.24 -32.77
C ALA J 3 14.24 -12.73 -33.02
N LYS J 4 13.92 -13.06 -34.25
CA LYS J 4 13.54 -14.42 -34.59
C LYS J 4 14.60 -15.07 -35.47
N ASP J 5 14.32 -16.28 -35.91
CA ASP J 5 15.22 -17.05 -36.74
C ASP J 5 14.43 -17.77 -37.80
N VAL J 6 15.04 -17.97 -38.96
CA VAL J 6 14.35 -18.59 -40.09
C VAL J 6 15.14 -19.78 -40.57
N LYS J 7 14.43 -20.76 -41.12
CA LYS J 7 15.04 -21.89 -41.78
C LYS J 7 14.24 -22.24 -43.02
N PHE J 8 14.93 -22.83 -43.99
CA PHE J 8 14.42 -23.03 -45.33
C PHE J 8 14.43 -24.50 -45.70
N GLY J 9 13.37 -24.91 -46.41
CA GLY J 9 13.42 -26.13 -47.18
C GLY J 9 13.68 -27.37 -46.36
N ALA J 10 14.66 -28.16 -46.82
CA ALA J 10 14.86 -29.50 -46.26
C ALA J 10 15.23 -29.44 -44.79
N ASP J 11 15.91 -28.38 -44.34
CA ASP J 11 16.30 -28.30 -42.94
C ASP J 11 15.08 -28.22 -42.03
N ALA J 12 14.23 -27.22 -42.26
CA ALA J 12 13.03 -27.08 -41.44
C ALA J 12 12.14 -28.29 -41.57
N ARG J 13 12.05 -28.86 -42.77
CA ARG J 13 11.24 -30.06 -42.96
C ARG J 13 11.76 -31.20 -42.10
N ALA J 14 13.08 -31.44 -42.14
CA ALA J 14 13.65 -32.54 -41.37
C ALA J 14 13.47 -32.31 -39.88
N LEU J 15 13.64 -31.07 -39.41
CA LEU J 15 13.48 -30.81 -37.99
C LEU J 15 12.05 -31.03 -37.53
N MET J 16 11.09 -30.47 -38.26
CA MET J 16 9.69 -30.67 -37.88
C MET J 16 9.30 -32.13 -37.93
N LEU J 17 9.77 -32.84 -38.96
CA LEU J 17 9.44 -34.26 -39.04
C LEU J 17 10.09 -35.03 -37.91
N GLN J 18 11.29 -34.64 -37.48
CA GLN J 18 11.91 -35.29 -36.33
C GLN J 18 11.08 -35.07 -35.08
N GLY J 19 10.62 -33.84 -34.88
CA GLY J 19 9.78 -33.58 -33.72
C GLY J 19 8.49 -34.39 -33.74
N VAL J 20 7.84 -34.44 -34.90
CA VAL J 20 6.59 -35.18 -34.99
C VAL J 20 6.85 -36.67 -34.81
N ASP J 21 7.98 -37.17 -35.32
CA ASP J 21 8.29 -38.58 -35.13
C ASP J 21 8.57 -38.89 -33.67
N LEU J 22 9.22 -37.98 -32.97
CA LEU J 22 9.38 -38.14 -31.53
C LEU J 22 8.04 -38.25 -30.85
N LEU J 23 7.14 -37.31 -31.14
CA LEU J 23 5.87 -37.29 -30.43
C LEU J 23 5.00 -38.48 -30.81
N ALA J 24 5.13 -38.98 -32.04
CA ALA J 24 4.28 -40.07 -32.50
C ALA J 24 4.84 -41.43 -32.12
N ASP J 25 6.15 -41.58 -32.06
CA ASP J 25 6.72 -42.78 -31.46
C ASP J 25 6.38 -42.85 -29.99
N ALA J 26 6.19 -41.70 -29.34
CA ALA J 26 5.82 -41.67 -27.94
C ALA J 26 4.47 -42.32 -27.71
N VAL J 27 3.61 -42.34 -28.72
CA VAL J 27 2.21 -42.64 -28.56
C VAL J 27 1.79 -43.88 -29.33
N ALA J 28 2.42 -44.14 -30.48
CA ALA J 28 1.94 -45.17 -31.41
C ALA J 28 1.83 -46.54 -30.76
N VAL J 29 2.50 -46.76 -29.64
CA VAL J 29 2.40 -48.04 -28.95
C VAL J 29 0.98 -48.29 -28.47
N THR J 30 0.30 -47.25 -27.99
CA THR J 30 -0.97 -47.41 -27.29
C THR J 30 -2.13 -47.53 -28.26
N MET J 31 -2.11 -48.61 -29.02
CA MET J 31 -3.20 -48.95 -29.90
C MET J 31 -3.55 -50.41 -29.72
N GLY J 32 -4.83 -50.67 -29.61
CA GLY J 32 -5.34 -52.01 -29.52
C GLY J 32 -4.81 -52.72 -28.29
N PRO J 33 -5.16 -53.98 -28.15
CA PRO J 33 -4.53 -54.79 -27.11
C PRO J 33 -3.05 -54.91 -27.40
N LYS J 34 -2.30 -55.23 -26.35
CA LYS J 34 -0.85 -55.30 -26.34
C LYS J 34 -0.20 -53.93 -26.43
N GLY J 35 -0.97 -52.85 -26.58
CA GLY J 35 -0.42 -51.54 -26.31
C GLY J 35 0.05 -51.44 -24.88
N ARG J 36 0.91 -50.46 -24.63
CA ARG J 36 1.60 -50.36 -23.34
C ARG J 36 1.51 -48.96 -22.78
N THR J 37 1.23 -48.89 -21.49
CA THR J 37 0.91 -47.63 -20.83
C THR J 37 2.09 -46.67 -20.88
N VAL J 38 1.84 -45.45 -20.44
CA VAL J 38 2.82 -44.39 -20.41
C VAL J 38 2.72 -43.70 -19.06
N ILE J 39 3.86 -43.48 -18.42
CA ILE J 39 3.92 -42.79 -17.14
C ILE J 39 4.44 -41.38 -17.36
N ILE J 40 3.65 -40.40 -16.96
CA ILE J 40 4.02 -39.00 -17.06
C ILE J 40 4.22 -38.47 -15.65
N GLU J 41 5.16 -37.53 -15.50
CA GLU J 41 5.49 -37.00 -14.18
C GLU J 41 4.58 -35.82 -13.87
N GLN J 42 3.74 -35.97 -12.86
CA GLN J 42 2.96 -34.86 -12.35
C GLN J 42 3.84 -34.00 -11.44
N SER J 43 3.79 -32.69 -11.64
CA SER J 43 4.77 -31.82 -11.00
C SER J 43 4.58 -31.71 -9.49
N TRP J 44 3.45 -32.13 -8.95
CA TRP J 44 3.17 -31.90 -7.54
C TRP J 44 2.90 -33.16 -6.74
N GLY J 45 2.32 -34.19 -7.33
CA GLY J 45 1.96 -35.39 -6.60
C GLY J 45 2.43 -36.63 -7.34
N SER J 46 1.61 -37.67 -7.25
CA SER J 46 1.93 -38.91 -7.94
C SER J 46 1.90 -38.71 -9.45
N PRO J 47 2.66 -39.51 -10.19
CA PRO J 47 2.65 -39.40 -11.64
C PRO J 47 1.37 -39.97 -12.22
N LYS J 48 1.03 -39.51 -13.41
CA LYS J 48 -0.09 -40.07 -14.14
C LYS J 48 0.35 -41.30 -14.90
N VAL J 49 -0.59 -42.23 -15.08
CA VAL J 49 -0.35 -43.44 -15.85
C VAL J 49 -1.52 -43.64 -16.80
N THR J 50 -1.22 -43.87 -18.07
CA THR J 50 -2.23 -43.77 -19.11
C THR J 50 -2.05 -44.82 -20.19
N LYS J 51 -3.11 -44.97 -20.98
CA LYS J 51 -3.03 -45.46 -22.34
C LYS J 51 -3.55 -44.44 -23.34
N ASP J 52 -4.34 -43.47 -22.89
CA ASP J 52 -4.77 -42.36 -23.73
C ASP J 52 -3.63 -41.67 -24.47
N GLY J 53 -3.94 -41.21 -25.67
CA GLY J 53 -3.33 -40.56 -26.82
C GLY J 53 -3.47 -39.05 -26.83
N VAL J 54 -3.81 -38.46 -25.69
CA VAL J 54 -3.74 -37.01 -25.56
C VAL J 54 -2.98 -36.47 -24.35
N THR J 55 -3.29 -36.99 -23.17
CA THR J 55 -2.45 -36.77 -22.00
C THR J 55 -1.00 -37.06 -22.35
N VAL J 56 -0.77 -38.20 -23.00
CA VAL J 56 0.52 -38.47 -23.62
C VAL J 56 0.88 -37.35 -24.58
N ALA J 57 -0.07 -36.99 -25.45
CA ALA J 57 0.19 -35.94 -26.43
C ALA J 57 0.38 -34.59 -25.76
N LYS J 58 -0.65 -34.12 -25.05
CA LYS J 58 -0.62 -32.77 -24.49
C LYS J 58 0.46 -32.58 -23.45
N SER J 59 0.97 -33.66 -22.87
CA SER J 59 2.06 -33.51 -21.92
C SER J 59 3.36 -33.16 -22.62
N ILE J 60 3.61 -33.75 -23.79
CA ILE J 60 4.92 -33.63 -24.42
C ILE J 60 5.15 -32.21 -24.88
N ASP J 61 6.30 -31.65 -24.51
CA ASP J 61 6.77 -30.36 -25.00
C ASP J 61 8.25 -30.47 -25.25
N LEU J 62 8.69 -29.97 -26.40
CA LEU J 62 10.07 -30.15 -26.84
C LEU J 62 10.88 -28.90 -26.59
N LYS J 63 12.14 -29.10 -26.18
CA LYS J 63 13.04 -27.99 -25.96
C LYS J 63 13.27 -27.22 -27.25
N ASP J 64 13.71 -27.90 -28.30
CA ASP J 64 14.00 -27.23 -29.56
C ASP J 64 12.73 -26.65 -30.15
N LYS J 65 12.88 -25.46 -30.75
CA LYS J 65 11.72 -24.75 -31.25
C LYS J 65 11.02 -25.51 -32.37
N TYR J 66 11.79 -25.95 -33.37
CA TYR J 66 11.20 -26.55 -34.55
C TYR J 66 10.49 -27.87 -34.20
N LYS J 67 11.16 -28.69 -33.40
CA LYS J 67 10.50 -29.88 -32.88
C LYS J 67 9.26 -29.52 -32.08
N ASN J 68 9.30 -28.37 -31.38
CA ASN J 68 8.12 -27.91 -30.68
C ASN J 68 6.99 -27.62 -31.66
N ILE J 69 7.32 -27.08 -32.83
CA ILE J 69 6.30 -26.82 -33.84
C ILE J 69 5.68 -28.12 -34.32
N GLY J 70 6.51 -29.12 -34.57
CA GLY J 70 5.98 -30.42 -34.94
C GLY J 70 5.06 -30.97 -33.87
N ALA J 71 5.48 -30.88 -32.61
CA ALA J 71 4.67 -31.39 -31.51
C ALA J 71 3.34 -30.65 -31.43
N LYS J 72 3.35 -29.34 -31.66
CA LYS J 72 2.10 -28.59 -31.60
C LYS J 72 1.16 -29.00 -32.72
N LEU J 73 1.69 -29.15 -33.94
CA LEU J 73 0.82 -29.56 -35.03
C LEU J 73 0.29 -30.98 -34.84
N VAL J 74 0.95 -31.80 -34.04
CA VAL J 74 0.36 -33.10 -33.74
C VAL J 74 -0.67 -32.99 -32.63
N GLN J 75 -0.35 -32.24 -31.57
CA GLN J 75 -1.29 -32.10 -30.47
C GLN J 75 -2.58 -31.44 -30.91
N ASP J 76 -2.53 -30.57 -31.92
CA ASP J 76 -3.76 -29.95 -32.38
C ASP J 76 -4.66 -30.97 -33.05
N VAL J 77 -4.08 -31.87 -33.84
CA VAL J 77 -4.85 -32.98 -34.39
C VAL J 77 -5.47 -33.79 -33.27
N ALA J 78 -4.66 -34.12 -32.27
CA ALA J 78 -5.15 -34.90 -31.15
C ALA J 78 -6.31 -34.19 -30.44
N ASN J 79 -6.16 -32.89 -30.24
CA ASN J 79 -7.15 -32.15 -29.46
C ASN J 79 -8.45 -31.99 -30.24
N ASN J 80 -8.36 -31.71 -31.54
CA ASN J 80 -9.57 -31.65 -32.35
C ASN J 80 -10.26 -32.99 -32.37
N THR J 81 -9.51 -34.07 -32.52
CA THR J 81 -10.12 -35.39 -32.51
C THR J 81 -10.84 -35.66 -31.20
N ASN J 82 -10.19 -35.31 -30.09
CA ASN J 82 -10.80 -35.51 -28.78
C ASN J 82 -12.09 -34.73 -28.67
N GLU J 83 -12.01 -33.41 -28.89
CA GLU J 83 -13.18 -32.57 -28.70
C GLU J 83 -14.28 -32.86 -29.70
N GLU J 84 -13.97 -33.54 -30.81
CA GLU J 84 -15.00 -33.87 -31.77
C GLU J 84 -15.66 -35.21 -31.48
N ALA J 85 -14.87 -36.28 -31.41
CA ALA J 85 -15.40 -37.62 -31.29
C ALA J 85 -15.02 -38.34 -30.01
N GLY J 86 -14.17 -37.74 -29.18
CA GLY J 86 -13.91 -38.29 -27.87
C GLY J 86 -12.82 -39.34 -27.83
N ASP J 87 -12.82 -40.24 -28.80
CA ASP J 87 -11.80 -41.28 -28.92
C ASP J 87 -11.31 -41.34 -30.35
N GLY J 88 -10.13 -41.90 -30.52
CA GLY J 88 -9.51 -42.02 -31.82
C GLY J 88 -8.41 -41.00 -31.92
N THR J 89 -7.73 -40.81 -30.81
CA THR J 89 -6.65 -39.85 -30.73
C THR J 89 -5.38 -40.45 -31.28
N THR J 90 -5.09 -41.68 -30.85
CA THR J 90 -3.88 -42.35 -31.25
C THR J 90 -3.87 -42.60 -32.75
N THR J 91 -5.01 -43.04 -33.26
CA THR J 91 -5.19 -43.15 -34.70
C THR J 91 -4.91 -41.84 -35.44
N ALA J 92 -5.42 -40.73 -34.91
CA ALA J 92 -5.14 -39.44 -35.53
C ALA J 92 -3.65 -39.17 -35.55
N THR J 93 -2.98 -39.42 -34.44
CA THR J 93 -1.55 -39.18 -34.38
C THR J 93 -0.79 -40.02 -35.39
N VAL J 94 -1.11 -41.31 -35.46
CA VAL J 94 -0.35 -42.19 -36.35
C VAL J 94 -0.61 -41.83 -37.80
N LEU J 95 -1.87 -41.58 -38.17
CA LEU J 95 -2.15 -41.18 -39.54
C LEU J 95 -1.50 -39.85 -39.87
N ALA J 96 -1.47 -38.93 -38.90
CA ALA J 96 -0.82 -37.65 -39.14
C ALA J 96 0.67 -37.84 -39.39
N ARG J 97 1.31 -38.68 -38.58
CA ARG J 97 2.75 -38.89 -38.78
C ARG J 97 3.02 -39.52 -40.13
N SER J 98 2.22 -40.53 -40.51
CA SER J 98 2.45 -41.17 -41.79
C SER J 98 2.23 -40.19 -42.94
N ILE J 99 1.17 -39.38 -42.86
CA ILE J 99 0.90 -38.44 -43.93
C ILE J 99 1.99 -37.39 -44.01
N ALA J 100 2.48 -36.93 -42.86
CA ALA J 100 3.55 -35.95 -42.88
C ALA J 100 4.81 -36.53 -43.47
N LYS J 101 5.16 -37.76 -43.10
CA LYS J 101 6.37 -38.36 -43.62
C LYS J 101 6.27 -38.58 -45.12
N GLU J 102 5.12 -39.05 -45.59
CA GLU J 102 4.92 -39.19 -47.04
C GLU J 102 4.99 -37.84 -47.73
N GLY J 103 4.47 -36.79 -47.08
CA GLY J 103 4.55 -35.47 -47.69
C GLY J 103 5.97 -34.98 -47.81
N PHE J 104 6.76 -35.18 -46.77
CA PHE J 104 8.15 -34.76 -46.83
C PHE J 104 9.01 -35.82 -47.52
N GLU J 105 8.52 -36.33 -48.64
CA GLU J 105 9.33 -37.02 -49.63
C GLU J 105 9.02 -36.62 -51.05
N LYS J 106 7.80 -36.18 -51.36
CA LYS J 106 7.43 -35.76 -52.70
C LYS J 106 7.60 -34.28 -52.90
N ILE J 107 8.31 -33.60 -52.00
CA ILE J 107 8.46 -32.15 -52.08
C ILE J 107 9.61 -31.85 -53.03
N SER J 108 9.32 -31.79 -54.32
CA SER J 108 10.34 -31.58 -55.32
C SER J 108 10.55 -30.08 -55.52
N LYS J 109 11.35 -29.73 -56.53
CA LYS J 109 11.38 -28.36 -57.02
C LYS J 109 10.36 -28.16 -58.14
N GLY J 110 9.72 -29.23 -58.60
CA GLY J 110 8.73 -29.11 -59.65
C GLY J 110 7.32 -29.37 -59.16
N ALA J 111 7.19 -29.94 -57.97
CA ALA J 111 5.89 -30.27 -57.42
C ALA J 111 5.21 -29.03 -56.85
N ASN J 112 3.88 -29.03 -56.90
CA ASN J 112 3.07 -27.95 -56.34
C ASN J 112 2.32 -28.47 -55.13
N PRO J 113 2.75 -28.16 -53.91
CA PRO J 113 2.16 -28.80 -52.72
C PRO J 113 0.68 -28.52 -52.54
N VAL J 114 0.19 -27.39 -53.04
CA VAL J 114 -1.22 -27.06 -52.85
C VAL J 114 -2.11 -28.05 -53.60
N GLU J 115 -1.70 -28.42 -54.82
CA GLU J 115 -2.38 -29.50 -55.52
C GLU J 115 -2.32 -30.80 -54.73
N ILE J 116 -1.22 -31.02 -54.02
CA ILE J 116 -1.10 -32.20 -53.18
C ILE J 116 -2.17 -32.18 -52.10
N ARG J 117 -2.32 -31.03 -51.44
CA ARG J 117 -3.38 -30.88 -50.45
C ARG J 117 -4.74 -31.14 -51.06
N ARG J 118 -4.98 -30.62 -52.26
CA ARG J 118 -6.27 -30.82 -52.92
C ARG J 118 -6.54 -32.30 -53.14
N GLY J 119 -5.56 -33.00 -53.70
CA GLY J 119 -5.74 -34.42 -53.95
C GLY J 119 -5.97 -35.20 -52.68
N VAL J 120 -5.26 -34.83 -51.61
CA VAL J 120 -5.48 -35.48 -50.32
C VAL J 120 -6.91 -35.27 -49.86
N MET J 121 -7.44 -34.06 -50.08
CA MET J 121 -8.81 -33.80 -49.68
C MET J 121 -9.80 -34.64 -50.48
N LEU J 122 -9.56 -34.77 -51.79
CA LEU J 122 -10.39 -35.65 -52.60
C LEU J 122 -10.34 -37.08 -52.09
N ALA J 123 -9.15 -37.55 -51.74
CA ALA J 123 -9.03 -38.91 -51.23
C ALA J 123 -9.82 -39.07 -49.94
N VAL J 124 -9.74 -38.10 -49.05
CA VAL J 124 -10.44 -38.19 -47.77
C VAL J 124 -11.94 -38.22 -48.02
N ASP J 125 -12.41 -37.41 -48.95
CA ASP J 125 -13.83 -37.41 -49.27
C ASP J 125 -14.27 -38.77 -49.78
N ALA J 126 -13.51 -39.33 -50.72
CA ALA J 126 -13.87 -40.63 -51.27
C ALA J 126 -13.89 -41.70 -50.17
N VAL J 127 -12.89 -41.69 -49.31
CA VAL J 127 -12.80 -42.74 -48.30
C VAL J 127 -13.90 -42.60 -47.27
N ILE J 128 -14.24 -41.36 -46.88
CA ILE J 128 -15.31 -41.19 -45.90
C ILE J 128 -16.66 -41.57 -46.51
N ALA J 129 -16.86 -41.28 -47.79
CA ALA J 129 -18.07 -41.73 -48.45
C ALA J 129 -18.15 -43.24 -48.45
N GLU J 130 -17.05 -43.91 -48.79
CA GLU J 130 -17.06 -45.37 -48.78
C GLU J 130 -17.31 -45.91 -47.39
N LEU J 131 -16.79 -45.23 -46.37
CA LEU J 131 -17.08 -45.64 -45.00
C LEU J 131 -18.58 -45.59 -44.73
N LYS J 132 -19.19 -44.43 -44.95
CA LYS J 132 -20.61 -44.28 -44.65
C LYS J 132 -21.46 -45.24 -45.46
N LYS J 133 -21.02 -45.59 -46.67
CA LYS J 133 -21.77 -46.57 -47.44
C LYS J 133 -21.65 -47.95 -46.81
N GLN J 134 -20.47 -48.32 -46.33
CA GLN J 134 -20.25 -49.61 -45.73
C GLN J 134 -20.54 -49.64 -44.24
N SER J 135 -21.18 -48.59 -43.71
CA SER J 135 -21.54 -48.57 -42.30
C SER J 135 -22.73 -49.50 -42.06
N LYS J 136 -23.19 -49.52 -40.82
CA LYS J 136 -24.42 -50.23 -40.48
C LYS J 136 -24.87 -49.84 -39.09
N PRO J 137 -26.16 -49.59 -38.89
CA PRO J 137 -26.62 -49.07 -37.60
C PRO J 137 -26.55 -50.11 -36.50
N VAL J 138 -26.59 -49.61 -35.28
CA VAL J 138 -26.60 -50.44 -34.08
C VAL J 138 -28.04 -50.70 -33.68
N THR J 139 -28.40 -51.98 -33.51
CA THR J 139 -29.75 -52.37 -33.17
C THR J 139 -29.83 -53.11 -31.84
N THR J 140 -29.07 -54.10 -31.68
CA THR J 140 -29.25 -54.92 -30.50
C THR J 140 -28.28 -54.50 -29.41
N PRO J 141 -28.62 -54.70 -28.13
CA PRO J 141 -27.67 -54.38 -27.06
C PRO J 141 -26.42 -55.25 -27.06
N GLU J 142 -26.41 -56.36 -27.80
CA GLU J 142 -25.19 -57.14 -27.93
C GLU J 142 -24.08 -56.31 -28.56
N GLU J 143 -24.43 -55.53 -29.58
CA GLU J 143 -23.42 -54.67 -30.22
C GLU J 143 -22.90 -53.64 -29.23
N ILE J 144 -23.79 -53.08 -28.42
CA ILE J 144 -23.36 -52.11 -27.41
C ILE J 144 -22.40 -52.77 -26.43
N ALA J 145 -22.76 -53.95 -25.96
CA ALA J 145 -21.90 -54.67 -25.03
C ALA J 145 -20.54 -54.95 -25.66
N GLN J 146 -20.53 -55.34 -26.92
CA GLN J 146 -19.28 -55.60 -27.60
C GLN J 146 -18.43 -54.34 -27.67
N VAL J 147 -19.02 -53.23 -28.11
CA VAL J 147 -18.26 -51.99 -28.28
C VAL J 147 -17.67 -51.55 -26.95
N ALA J 148 -18.50 -51.56 -25.90
CA ALA J 148 -18.01 -51.16 -24.59
C ALA J 148 -16.90 -52.09 -24.13
N THR J 149 -17.05 -53.40 -24.36
CA THR J 149 -16.02 -54.33 -23.94
C THR J 149 -14.71 -54.05 -24.67
N ILE J 150 -14.81 -53.65 -25.93
CA ILE J 150 -13.63 -53.13 -26.62
C ILE J 150 -13.00 -51.96 -25.88
N SER J 151 -13.75 -50.86 -25.71
CA SER J 151 -13.08 -49.61 -25.44
C SER J 151 -12.67 -49.45 -23.99
N ALA J 152 -12.86 -50.47 -23.17
CA ALA J 152 -12.13 -50.58 -21.92
C ALA J 152 -10.79 -51.28 -22.10
N ASN J 153 -10.28 -51.27 -23.32
CA ASN J 153 -9.08 -52.01 -23.69
C ASN J 153 -9.31 -53.51 -23.48
N GLY J 154 -10.44 -53.97 -23.97
CA GLY J 154 -10.78 -55.38 -23.93
C GLY J 154 -11.36 -55.86 -22.61
N ASP J 155 -11.89 -54.96 -21.80
CA ASP J 155 -12.48 -55.33 -20.53
C ASP J 155 -13.96 -55.64 -20.72
N LYS J 156 -14.43 -56.73 -20.13
CA LYS J 156 -15.81 -57.13 -20.29
C LYS J 156 -16.73 -56.55 -19.23
N GLU J 157 -16.25 -56.37 -18.01
CA GLU J 157 -17.08 -55.78 -16.98
C GLU J 157 -17.52 -54.37 -17.35
N ILE J 158 -16.60 -53.59 -17.93
CA ILE J 158 -16.96 -52.26 -18.40
C ILE J 158 -18.07 -52.35 -19.43
N GLY J 159 -17.97 -53.32 -20.34
CA GLY J 159 -18.99 -53.47 -21.35
C GLY J 159 -20.36 -53.80 -20.76
N ASN J 160 -20.38 -54.78 -19.86
CA ASN J 160 -21.65 -55.16 -19.22
C ASN J 160 -22.25 -54.00 -18.45
N ILE J 161 -21.40 -53.24 -17.75
CA ILE J 161 -21.90 -52.14 -16.95
C ILE J 161 -22.50 -51.06 -17.83
N ILE J 162 -21.78 -50.66 -18.88
CA ILE J 162 -22.31 -49.62 -19.75
C ILE J 162 -23.56 -50.10 -20.47
N SER J 163 -23.60 -51.39 -20.81
CA SER J 163 -24.80 -51.93 -21.44
C SER J 163 -26.00 -51.83 -20.51
N ASP J 164 -25.84 -52.25 -19.27
CA ASP J 164 -26.95 -52.19 -18.34
C ASP J 164 -27.37 -50.75 -18.07
N ALA J 165 -26.39 -49.84 -18.02
CA ALA J 165 -26.73 -48.43 -17.86
C ALA J 165 -27.59 -47.95 -19.02
N MET J 166 -27.15 -48.21 -20.24
CA MET J 166 -27.91 -47.73 -21.39
C MET J 166 -29.25 -48.42 -21.54
N LYS J 167 -29.39 -49.63 -21.00
CA LYS J 167 -30.68 -50.31 -21.05
C LYS J 167 -31.65 -49.74 -20.01
N LYS J 168 -31.19 -49.58 -18.77
CA LYS J 168 -32.04 -49.07 -17.71
C LYS J 168 -32.22 -47.56 -17.78
N VAL J 169 -31.53 -46.88 -18.70
CA VAL J 169 -31.70 -45.45 -18.88
C VAL J 169 -32.01 -45.05 -20.30
N GLY J 170 -31.82 -45.93 -21.27
CA GLY J 170 -32.12 -45.58 -22.64
C GLY J 170 -30.89 -45.14 -23.39
N ARG J 171 -30.90 -45.33 -24.70
CA ARG J 171 -29.72 -45.10 -25.52
C ARG J 171 -29.30 -43.63 -25.56
N LYS J 172 -30.15 -42.71 -25.12
CA LYS J 172 -29.76 -41.32 -24.99
C LYS J 172 -29.95 -40.83 -23.55
N GLY J 173 -29.82 -41.74 -22.59
CA GLY J 173 -29.88 -41.38 -21.20
C GLY J 173 -28.66 -40.59 -20.78
N VAL J 174 -28.55 -40.39 -19.47
CA VAL J 174 -27.46 -39.61 -18.89
C VAL J 174 -26.69 -40.54 -17.95
N ILE J 175 -25.57 -41.05 -18.45
CA ILE J 175 -24.63 -41.79 -17.63
C ILE J 175 -23.45 -40.88 -17.34
N THR J 176 -22.98 -40.92 -16.10
CA THR J 176 -21.80 -40.17 -15.70
C THR J 176 -21.04 -40.99 -14.67
N VAL J 177 -19.74 -40.79 -14.63
CA VAL J 177 -18.87 -41.58 -13.77
C VAL J 177 -18.25 -40.69 -12.73
N LYS J 178 -18.03 -41.24 -11.55
CA LYS J 178 -17.33 -40.55 -10.48
C LYS J 178 -16.25 -41.46 -9.92
N ASP J 179 -15.33 -40.85 -9.18
CA ASP J 179 -14.19 -41.56 -8.62
C ASP J 179 -14.70 -42.55 -7.58
N GLY J 180 -14.63 -43.83 -7.91
CA GLY J 180 -15.12 -44.85 -7.02
C GLY J 180 -14.41 -44.85 -5.68
N LYS J 181 -14.95 -45.64 -4.76
CA LYS J 181 -14.45 -45.69 -3.40
C LYS J 181 -14.20 -47.10 -2.90
N THR J 182 -14.61 -48.11 -3.64
CA THR J 182 -14.47 -49.50 -3.20
C THR J 182 -13.54 -50.24 -4.15
N LEU J 183 -13.32 -51.51 -3.83
CA LEU J 183 -12.42 -52.34 -4.62
C LEU J 183 -12.96 -52.59 -6.02
N ASN J 184 -14.28 -52.57 -6.19
CA ASN J 184 -14.91 -52.96 -7.43
C ASN J 184 -15.68 -51.78 -8.01
N ASP J 185 -16.10 -51.93 -9.25
CA ASP J 185 -16.92 -50.92 -9.88
C ASP J 185 -18.33 -50.98 -9.34
N GLU J 186 -19.12 -49.94 -9.63
CA GLU J 186 -20.48 -49.89 -9.14
C GLU J 186 -21.34 -49.14 -10.15
N LEU J 187 -22.52 -49.68 -10.44
CA LEU J 187 -23.51 -49.05 -11.30
C LEU J 187 -24.69 -48.64 -10.44
N GLU J 188 -24.80 -47.34 -10.16
CA GLU J 188 -25.89 -46.83 -9.35
C GLU J 188 -26.86 -46.05 -10.24
N ILE J 189 -28.15 -46.19 -9.97
CA ILE J 189 -29.20 -45.58 -10.77
C ILE J 189 -29.90 -44.55 -9.91
N ILE J 190 -29.55 -43.28 -10.08
CA ILE J 190 -30.29 -42.22 -9.42
C ILE J 190 -31.60 -42.03 -10.14
N GLU J 191 -32.68 -42.52 -9.53
CA GLU J 191 -34.02 -42.40 -10.08
C GLU J 191 -34.84 -41.43 -9.25
N GLY J 192 -35.91 -40.93 -9.85
CA GLY J 192 -36.72 -39.93 -9.20
C GLY J 192 -36.09 -38.56 -9.33
N MET J 193 -36.65 -37.60 -8.60
CA MET J 193 -36.12 -36.24 -8.65
C MET J 193 -35.29 -36.04 -7.39
N LYS J 194 -33.97 -36.19 -7.53
CA LYS J 194 -33.07 -36.17 -6.39
C LYS J 194 -32.05 -35.07 -6.60
N PHE J 195 -31.87 -34.24 -5.58
CA PHE J 195 -30.92 -33.15 -5.68
C PHE J 195 -30.10 -33.05 -4.40
N ASP J 196 -28.96 -32.36 -4.52
CA ASP J 196 -27.91 -32.34 -3.51
C ASP J 196 -28.15 -31.20 -2.51
N ARG J 197 -29.16 -31.39 -1.68
CA ARG J 197 -29.45 -30.48 -0.57
C ARG J 197 -30.08 -31.28 0.56
N GLY J 198 -29.83 -30.84 1.78
CA GLY J 198 -30.19 -31.61 2.96
C GLY J 198 -31.16 -30.83 3.84
N TYR J 199 -31.94 -31.58 4.62
CA TYR J 199 -32.91 -30.99 5.53
C TYR J 199 -32.22 -30.03 6.49
N ILE J 200 -32.77 -28.83 6.61
CA ILE J 200 -32.08 -27.75 7.33
C ILE J 200 -32.05 -28.04 8.82
N SER J 201 -33.21 -28.14 9.45
CA SER J 201 -33.20 -28.48 10.86
C SER J 201 -33.04 -29.98 11.03
N PRO J 202 -32.10 -30.41 11.85
CA PRO J 202 -32.04 -31.84 12.19
C PRO J 202 -33.00 -32.20 13.31
N TYR J 203 -34.22 -31.69 13.22
CA TYR J 203 -35.31 -32.09 14.11
C TYR J 203 -36.40 -32.82 13.37
N PHE J 204 -36.42 -32.77 12.04
CA PHE J 204 -37.33 -33.52 11.20
C PHE J 204 -36.94 -34.97 11.07
N ILE J 205 -35.97 -35.42 11.86
CA ILE J 205 -35.35 -36.73 11.67
C ILE J 205 -36.23 -37.80 12.28
N ASN J 206 -37.17 -38.30 11.48
CA ASN J 206 -38.10 -39.33 11.92
C ASN J 206 -37.69 -40.71 11.45
N THR J 207 -36.52 -40.84 10.84
CA THR J 207 -36.11 -42.08 10.20
C THR J 207 -35.57 -43.10 11.19
N SER J 208 -35.06 -42.67 12.35
CA SER J 208 -34.36 -43.56 13.26
C SER J 208 -33.21 -44.24 12.55
N LYS J 209 -32.52 -43.48 11.72
CA LYS J 209 -31.51 -44.01 10.82
C LYS J 209 -30.47 -42.91 10.61
N GLY J 210 -29.62 -43.07 9.61
CA GLY J 210 -28.54 -42.13 9.37
C GLY J 210 -29.00 -40.80 8.81
N GLN J 211 -29.71 -40.03 9.62
CA GLN J 211 -30.03 -38.65 9.29
C GLN J 211 -30.96 -38.57 8.09
N LYS J 212 -32.10 -39.25 8.20
CA LYS J 212 -33.08 -39.28 7.13
C LYS J 212 -34.41 -38.72 7.61
N CYS J 213 -35.19 -38.21 6.66
CA CYS J 213 -36.58 -37.83 6.88
C CYS J 213 -37.40 -38.48 5.78
N GLU J 214 -38.27 -39.41 6.16
CA GLU J 214 -39.05 -40.18 5.20
C GLU J 214 -40.52 -39.83 5.35
N PHE J 215 -41.14 -39.42 4.24
CA PHE J 215 -42.56 -39.12 4.19
C PHE J 215 -43.19 -39.90 3.05
N GLN J 216 -44.47 -40.21 3.21
CA GLN J 216 -45.23 -40.96 2.23
C GLN J 216 -46.49 -40.20 1.89
N ASP J 217 -46.65 -39.85 0.60
CA ASP J 217 -47.83 -39.16 0.10
C ASP J 217 -47.92 -37.73 0.62
N ALA J 218 -46.78 -37.10 0.85
CA ALA J 218 -46.78 -35.78 1.45
C ALA J 218 -47.10 -34.70 0.43
N TYR J 219 -47.54 -33.56 0.92
CA TYR J 219 -47.72 -32.39 0.08
C TYR J 219 -46.39 -31.69 -0.15
N VAL J 220 -46.38 -30.76 -1.08
CA VAL J 220 -45.17 -30.02 -1.41
C VAL J 220 -45.51 -28.54 -1.44
N LEU J 221 -44.56 -27.73 -1.00
CA LEU J 221 -44.62 -26.28 -1.16
C LEU J 221 -43.42 -25.85 -1.97
N LEU J 222 -43.64 -24.98 -2.96
CA LEU J 222 -42.62 -24.63 -3.95
C LEU J 222 -42.58 -23.12 -4.13
N SER J 223 -41.68 -22.46 -3.39
CA SER J 223 -41.52 -21.02 -3.48
C SER J 223 -40.21 -20.68 -4.16
N GLU J 224 -40.28 -19.76 -5.12
CA GLU J 224 -39.06 -19.25 -5.73
C GLU J 224 -38.32 -18.32 -4.78
N LYS J 225 -39.03 -17.72 -3.83
CA LYS J 225 -38.46 -16.81 -2.85
C LYS J 225 -38.30 -17.52 -1.51
N LYS J 226 -37.67 -16.83 -0.58
CA LYS J 226 -37.48 -17.38 0.75
C LYS J 226 -38.82 -17.43 1.49
N ILE J 227 -38.78 -17.98 2.70
CA ILE J 227 -39.94 -18.07 3.58
C ILE J 227 -39.55 -17.42 4.89
N SER J 228 -39.84 -16.13 5.03
CA SER J 228 -39.48 -15.38 6.23
C SER J 228 -40.62 -15.27 7.22
N SER J 229 -41.73 -14.64 6.81
CA SER J 229 -42.77 -14.29 7.77
C SER J 229 -43.52 -15.52 8.24
N ILE J 230 -43.98 -15.46 9.49
CA ILE J 230 -44.84 -16.52 10.00
C ILE J 230 -46.18 -16.49 9.30
N GLN J 231 -46.65 -15.30 8.91
CA GLN J 231 -47.89 -15.21 8.17
C GLN J 231 -47.80 -15.93 6.84
N SER J 232 -46.63 -15.88 6.20
CA SER J 232 -46.47 -16.55 4.91
C SER J 232 -46.51 -18.06 5.07
N ILE J 233 -45.72 -18.59 6.00
CA ILE J 233 -45.62 -20.04 6.13
C ILE J 233 -46.86 -20.64 6.76
N VAL J 234 -47.58 -19.86 7.57
CA VAL J 234 -48.65 -20.42 8.39
C VAL J 234 -49.77 -21.06 7.58
N PRO J 235 -50.30 -20.47 6.50
CA PRO J 235 -51.47 -21.08 5.87
C PRO J 235 -51.16 -22.42 5.23
N ALA J 236 -49.95 -22.60 4.72
CA ALA J 236 -49.57 -23.89 4.15
C ALA J 236 -49.63 -24.98 5.22
N LEU J 237 -49.00 -24.74 6.36
CA LEU J 237 -49.05 -25.70 7.45
C LEU J 237 -50.48 -25.90 7.93
N GLU J 238 -51.30 -24.85 7.87
CA GLU J 238 -52.70 -24.98 8.21
C GLU J 238 -53.38 -25.99 7.31
N ILE J 239 -53.17 -25.85 6.00
CA ILE J 239 -53.81 -26.76 5.04
C ILE J 239 -53.30 -28.17 5.23
N ALA J 240 -51.99 -28.32 5.45
CA ALA J 240 -51.41 -29.65 5.63
C ALA J 240 -51.98 -30.31 6.88
N ASN J 241 -52.05 -29.57 7.98
CA ASN J 241 -52.58 -30.12 9.21
C ASN J 241 -54.06 -30.45 9.08
N ALA J 242 -54.80 -29.64 8.32
CA ALA J 242 -56.20 -29.97 8.05
C ALA J 242 -56.30 -31.30 7.31
N HIS J 243 -55.53 -31.46 6.24
CA HIS J 243 -55.49 -32.73 5.54
C HIS J 243 -54.83 -33.82 6.37
N ARG J 244 -53.97 -33.46 7.31
CA ARG J 244 -53.25 -34.42 8.14
C ARG J 244 -52.35 -35.31 7.28
N LYS J 245 -51.39 -34.66 6.63
CA LYS J 245 -50.40 -35.33 5.81
C LYS J 245 -49.07 -34.60 5.95
N PRO J 246 -47.96 -35.30 5.75
CA PRO J 246 -46.65 -34.64 5.83
C PRO J 246 -46.48 -33.63 4.72
N LEU J 247 -45.56 -32.69 4.94
CA LEU J 247 -45.35 -31.60 4.01
C LEU J 247 -43.86 -31.36 3.80
N VAL J 248 -43.48 -31.17 2.57
CA VAL J 248 -42.12 -30.78 2.22
C VAL J 248 -42.14 -29.31 1.83
N ILE J 249 -41.06 -28.63 2.12
CA ILE J 249 -40.94 -27.20 1.85
C ILE J 249 -39.68 -27.01 1.02
N ILE J 250 -39.87 -26.95 -0.30
CA ILE J 250 -38.79 -26.69 -1.23
C ILE J 250 -38.87 -25.21 -1.59
N ALA J 251 -37.94 -24.41 -1.09
CA ALA J 251 -37.96 -22.98 -1.35
C ALA J 251 -36.55 -22.46 -1.33
N GLU J 252 -36.42 -21.14 -1.54
CA GLU J 252 -35.11 -20.50 -1.49
C GLU J 252 -34.44 -20.73 -0.14
N ASP J 253 -35.16 -20.44 0.95
CA ASP J 253 -34.59 -20.58 2.27
C ASP J 253 -35.67 -20.34 3.31
N VAL J 254 -35.45 -20.87 4.50
CA VAL J 254 -36.42 -20.84 5.59
C VAL J 254 -35.95 -19.83 6.64
N ASP J 255 -36.86 -18.93 7.02
CA ASP J 255 -36.58 -18.03 8.13
C ASP J 255 -36.34 -18.84 9.40
N GLY J 256 -35.52 -18.27 10.29
CA GLY J 256 -35.38 -18.83 11.62
C GLY J 256 -36.67 -18.78 12.42
N GLU J 257 -37.57 -17.85 12.09
CA GLU J 257 -38.81 -17.74 12.85
C GLU J 257 -39.83 -18.79 12.39
N ALA J 258 -40.07 -18.88 11.09
CA ALA J 258 -40.88 -19.98 10.59
C ALA J 258 -40.24 -21.31 10.91
N LEU J 259 -38.90 -21.37 10.88
CA LEU J 259 -38.21 -22.57 11.33
C LEU J 259 -38.52 -22.86 12.80
N SER J 260 -38.60 -21.82 13.62
CA SER J 260 -38.92 -22.01 15.02
C SER J 260 -40.33 -22.56 15.18
N THR J 261 -41.27 -22.03 14.40
CA THR J 261 -42.63 -22.57 14.40
C THR J 261 -42.63 -24.03 13.99
N LEU J 262 -41.87 -24.36 12.95
CA LEU J 262 -41.78 -25.73 12.47
C LEU J 262 -41.26 -26.65 13.56
N VAL J 263 -40.12 -26.29 14.16
CA VAL J 263 -39.51 -27.13 15.19
C VAL J 263 -40.42 -27.22 16.40
N LEU J 264 -41.15 -26.16 16.71
CA LEU J 264 -42.10 -26.19 17.81
C LEU J 264 -43.18 -27.24 17.54
N ASN J 265 -43.84 -27.15 16.40
CA ASN J 265 -44.90 -28.10 16.08
C ASN J 265 -44.36 -29.48 15.76
N ARG J 266 -43.04 -29.63 15.59
CA ARG J 266 -42.46 -30.92 15.26
C ARG J 266 -41.96 -31.67 16.48
N LEU J 267 -41.22 -31.00 17.36
CA LEU J 267 -40.71 -31.66 18.57
C LEU J 267 -41.85 -32.16 19.43
N LYS J 268 -42.76 -31.27 19.83
CA LYS J 268 -44.06 -31.68 20.31
C LYS J 268 -44.95 -31.92 19.09
N VAL J 269 -46.27 -31.91 19.24
CA VAL J 269 -47.20 -32.87 18.62
C VAL J 269 -46.76 -33.46 17.27
N GLY J 270 -46.04 -32.69 16.46
CA GLY J 270 -45.31 -33.34 15.39
C GLY J 270 -45.95 -33.27 14.02
N LEU J 271 -46.38 -32.07 13.64
CA LEU J 271 -46.84 -31.85 12.28
C LEU J 271 -45.77 -32.30 11.30
N GLN J 272 -46.06 -33.33 10.53
CA GLN J 272 -45.08 -33.94 9.63
C GLN J 272 -44.71 -32.93 8.57
N VAL J 273 -43.52 -32.36 8.69
CA VAL J 273 -43.01 -31.39 7.73
C VAL J 273 -41.51 -31.61 7.57
N VAL J 274 -40.93 -30.86 6.65
CA VAL J 274 -39.50 -30.92 6.38
C VAL J 274 -39.12 -29.72 5.51
N ALA J 275 -37.92 -29.19 5.71
CA ALA J 275 -37.47 -27.99 5.02
C ALA J 275 -36.22 -28.32 4.22
N VAL J 276 -36.20 -27.92 2.94
CA VAL J 276 -35.05 -28.14 2.07
C VAL J 276 -34.92 -26.94 1.15
N LYS J 277 -33.69 -26.56 0.84
CA LYS J 277 -33.44 -25.42 -0.03
C LYS J 277 -33.72 -25.79 -1.48
N ALA J 278 -33.47 -24.84 -2.38
CA ALA J 278 -33.72 -25.06 -3.80
C ALA J 278 -32.47 -25.62 -4.47
N PRO J 279 -32.59 -26.67 -5.27
CA PRO J 279 -31.38 -27.31 -5.82
C PRO J 279 -30.61 -26.42 -6.77
N GLY J 280 -31.28 -25.77 -7.71
CA GLY J 280 -30.62 -24.95 -8.70
C GLY J 280 -29.87 -23.78 -8.11
N PHE J 281 -28.65 -23.52 -8.62
CA PHE J 281 -27.83 -22.48 -8.03
C PHE J 281 -28.31 -21.07 -8.42
N GLY J 282 -28.54 -20.85 -9.70
CA GLY J 282 -28.83 -19.53 -10.21
C GLY J 282 -30.11 -19.48 -11.01
N ASP J 283 -30.01 -19.06 -12.27
CA ASP J 283 -31.17 -19.15 -13.17
C ASP J 283 -31.65 -20.58 -13.32
N ASN J 284 -30.74 -21.55 -13.17
CA ASN J 284 -31.11 -22.95 -13.33
C ASN J 284 -32.18 -23.36 -12.32
N ARG J 285 -32.14 -22.80 -11.11
CA ARG J 285 -33.10 -23.19 -10.10
C ARG J 285 -34.51 -22.82 -10.50
N LYS J 286 -34.69 -21.71 -11.20
CA LYS J 286 -36.03 -21.32 -11.61
C LYS J 286 -36.66 -22.38 -12.50
N ASN J 287 -35.93 -22.78 -13.55
CA ASN J 287 -36.42 -23.86 -14.40
C ASN J 287 -36.56 -25.16 -13.64
N GLN J 288 -35.62 -25.44 -12.72
CA GLN J 288 -35.67 -26.71 -12.02
C GLN J 288 -36.88 -26.79 -11.12
N LEU J 289 -37.20 -25.70 -10.42
CA LEU J 289 -38.40 -25.68 -9.58
C LEU J 289 -39.66 -25.73 -10.43
N LYS J 290 -39.67 -25.05 -11.58
CA LYS J 290 -40.81 -25.14 -12.47
C LYS J 290 -41.05 -26.59 -12.87
N ASP J 291 -39.99 -27.29 -13.26
CA ASP J 291 -40.11 -28.67 -13.66
C ASP J 291 -40.52 -29.54 -12.48
N MET J 292 -40.01 -29.23 -11.28
CA MET J 292 -40.40 -29.99 -10.11
C MET J 292 -41.89 -29.86 -9.85
N ALA J 293 -42.41 -28.63 -9.93
CA ALA J 293 -43.83 -28.41 -9.71
C ALA J 293 -44.66 -29.17 -10.74
N ILE J 294 -44.30 -29.03 -12.02
CA ILE J 294 -45.07 -29.68 -13.06
C ILE J 294 -44.93 -31.20 -12.98
N ALA J 295 -43.83 -31.69 -12.42
CA ALA J 295 -43.68 -33.12 -12.25
C ALA J 295 -44.57 -33.63 -11.12
N THR J 296 -44.48 -33.01 -9.95
CA THR J 296 -45.31 -33.41 -8.83
C THR J 296 -46.76 -32.99 -9.04
N GLY J 297 -46.99 -31.95 -9.82
CA GLY J 297 -48.34 -31.44 -10.00
C GLY J 297 -48.63 -30.36 -8.98
N GLY J 298 -48.72 -29.11 -9.43
CA GLY J 298 -48.94 -28.02 -8.51
C GLY J 298 -48.67 -26.66 -9.11
N ALA J 299 -47.89 -25.85 -8.42
CA ALA J 299 -47.57 -24.51 -8.92
C ALA J 299 -46.43 -23.90 -8.12
N VAL J 300 -45.43 -23.37 -8.81
CA VAL J 300 -44.34 -22.70 -8.12
C VAL J 300 -44.85 -21.42 -7.46
N PHE J 301 -44.24 -21.06 -6.35
CA PHE J 301 -44.59 -19.86 -5.62
C PHE J 301 -43.42 -18.88 -5.62
N GLY J 302 -43.72 -17.63 -5.31
CA GLY J 302 -42.71 -16.59 -5.40
C GLY J 302 -42.45 -16.10 -6.80
N GLU J 303 -43.39 -16.32 -7.70
CA GLU J 303 -43.22 -15.99 -9.11
C GLU J 303 -43.07 -14.49 -9.32
N GLU J 304 -42.55 -14.12 -10.49
CA GLU J 304 -42.54 -12.73 -10.89
C GLU J 304 -43.78 -12.36 -11.68
N GLY J 305 -44.14 -13.18 -12.68
CA GLY J 305 -45.17 -12.80 -13.63
C GLY J 305 -46.58 -12.99 -13.15
N LEU J 306 -46.80 -13.91 -12.21
CA LEU J 306 -48.11 -14.06 -11.63
C LEU J 306 -47.94 -14.01 -10.11
N THR J 307 -46.82 -14.54 -9.65
CA THR J 307 -46.25 -14.32 -8.32
C THR J 307 -46.98 -15.08 -7.20
N LEU J 308 -48.16 -15.61 -7.49
CA LEU J 308 -48.88 -16.63 -6.72
C LEU J 308 -48.67 -16.58 -5.20
N ASN J 309 -49.02 -15.45 -4.58
CA ASN J 309 -48.74 -15.20 -3.16
C ASN J 309 -49.12 -16.37 -2.27
N LEU J 310 -48.28 -16.64 -1.28
CA LEU J 310 -48.45 -17.80 -0.42
C LEU J 310 -49.67 -17.70 0.46
N GLU J 311 -50.15 -16.48 0.72
CA GLU J 311 -51.27 -16.28 1.62
C GLU J 311 -52.51 -17.03 1.14
N ASP J 312 -52.74 -17.02 -0.17
CA ASP J 312 -53.89 -17.71 -0.75
C ASP J 312 -53.38 -18.90 -1.56
N VAL J 313 -53.18 -20.02 -0.87
CA VAL J 313 -52.87 -21.27 -1.51
C VAL J 313 -54.09 -22.19 -1.38
N GLN J 314 -54.10 -23.25 -2.15
CA GLN J 314 -55.29 -24.08 -2.27
C GLN J 314 -54.89 -25.54 -2.31
N PRO J 315 -55.77 -26.43 -1.89
CA PRO J 315 -55.41 -27.85 -1.79
C PRO J 315 -54.99 -28.47 -3.11
N HIS J 316 -55.43 -27.91 -4.24
CA HIS J 316 -54.93 -28.31 -5.53
C HIS J 316 -53.74 -27.48 -5.97
N ASP J 317 -53.23 -26.60 -5.11
CA ASP J 317 -52.10 -25.76 -5.42
C ASP J 317 -50.79 -26.33 -4.87
N LEU J 318 -50.84 -27.49 -4.24
CA LEU J 318 -49.67 -28.09 -3.63
C LEU J 318 -49.06 -29.17 -4.51
N GLY J 319 -47.75 -29.35 -4.35
CA GLY J 319 -47.07 -30.47 -5.00
C GLY J 319 -47.38 -31.75 -4.25
N LYS J 320 -47.71 -32.80 -4.98
CA LYS J 320 -48.13 -34.06 -4.39
C LYS J 320 -47.30 -35.18 -4.98
N VAL J 321 -46.72 -36.00 -4.11
CA VAL J 321 -45.82 -37.07 -4.52
C VAL J 321 -46.07 -38.28 -3.64
N GLY J 322 -45.71 -39.45 -4.15
CA GLY J 322 -45.94 -40.68 -3.40
C GLY J 322 -45.05 -40.78 -2.18
N GLU J 323 -43.75 -40.56 -2.37
CA GLU J 323 -42.80 -40.72 -1.27
C GLU J 323 -41.64 -39.77 -1.44
N VAL J 324 -41.13 -39.28 -0.31
CA VAL J 324 -40.03 -38.32 -0.27
C VAL J 324 -39.06 -38.76 0.80
N ILE J 325 -37.77 -38.71 0.48
CA ILE J 325 -36.73 -39.09 1.44
C ILE J 325 -35.68 -38.00 1.45
N VAL J 326 -35.16 -37.67 2.64
CA VAL J 326 -34.20 -36.60 2.80
C VAL J 326 -32.99 -37.10 3.56
N THR J 327 -31.80 -36.83 3.04
CA THR J 327 -30.55 -37.02 3.73
C THR J 327 -30.06 -35.67 4.24
N LYS J 328 -28.91 -35.69 4.89
CA LYS J 328 -28.29 -34.43 5.29
C LYS J 328 -27.70 -33.66 4.10
N ASP J 329 -27.62 -34.28 2.94
CA ASP J 329 -26.97 -33.62 1.81
C ASP J 329 -27.69 -33.84 0.49
N ASP J 330 -28.82 -34.54 0.48
CA ASP J 330 -29.59 -34.69 -0.75
C ASP J 330 -30.93 -35.29 -0.42
N ALA J 331 -31.88 -35.12 -1.33
CA ALA J 331 -33.23 -35.63 -1.11
C ALA J 331 -33.80 -36.09 -2.44
N MET J 332 -34.84 -36.91 -2.33
CA MET J 332 -35.45 -37.58 -3.48
C MET J 332 -36.97 -37.48 -3.39
N LEU J 333 -37.56 -37.08 -4.51
CA LEU J 333 -39.01 -37.01 -4.70
C LEU J 333 -39.42 -38.11 -5.66
N LEU J 334 -40.58 -38.73 -5.39
CA LEU J 334 -41.01 -39.91 -6.12
C LEU J 334 -42.49 -39.83 -6.41
N LYS J 335 -42.88 -40.31 -7.59
CA LYS J 335 -44.29 -40.42 -7.97
C LYS J 335 -45.00 -39.08 -8.01
N GLY J 336 -44.34 -38.05 -8.52
CA GLY J 336 -44.99 -36.77 -8.70
C GLY J 336 -46.18 -36.83 -9.63
N LYS J 337 -47.38 -36.56 -9.13
CA LYS J 337 -48.60 -36.58 -9.94
C LYS J 337 -48.73 -35.25 -10.66
N GLY J 338 -48.03 -35.14 -11.79
CA GLY J 338 -47.94 -33.86 -12.46
C GLY J 338 -48.47 -33.75 -13.87
N ASP J 339 -49.62 -34.37 -14.17
CA ASP J 339 -50.26 -34.20 -15.49
C ASP J 339 -49.33 -34.65 -16.62
N LYS J 340 -49.09 -35.96 -16.65
CA LYS J 340 -48.14 -36.62 -17.55
C LYS J 340 -48.15 -36.08 -18.97
N ALA J 341 -49.32 -35.70 -19.48
CA ALA J 341 -49.34 -34.97 -20.75
C ALA J 341 -48.63 -33.63 -20.62
N GLN J 342 -48.84 -32.94 -19.50
CA GLN J 342 -48.21 -31.64 -19.31
C GLN J 342 -46.69 -31.77 -19.19
N ILE J 343 -46.23 -32.73 -18.40
CA ILE J 343 -44.79 -32.97 -18.31
C ILE J 343 -44.24 -33.42 -19.65
N GLU J 344 -45.05 -34.14 -20.43
CA GLU J 344 -44.65 -34.50 -21.78
C GLU J 344 -44.41 -33.26 -22.63
N LYS J 345 -45.34 -32.31 -22.55
CA LYS J 345 -45.18 -31.07 -23.30
C LYS J 345 -43.96 -30.30 -22.84
N ARG J 346 -43.71 -30.30 -21.53
CA ARG J 346 -42.50 -29.68 -21.00
C ARG J 346 -41.26 -30.33 -21.59
N ILE J 347 -41.24 -31.67 -21.62
CA ILE J 347 -40.13 -32.41 -22.19
C ILE J 347 -39.93 -32.01 -23.64
N GLN J 348 -41.02 -31.93 -24.39
CA GLN J 348 -40.92 -31.52 -25.80
C GLN J 348 -40.34 -30.13 -25.92
N GLU J 349 -40.75 -29.23 -25.03
CA GLU J 349 -40.18 -27.88 -25.00
C GLU J 349 -38.66 -27.95 -24.84
N ILE J 350 -38.20 -28.59 -23.78
CA ILE J 350 -36.77 -28.57 -23.49
C ILE J 350 -35.99 -29.36 -24.53
N ILE J 351 -36.60 -30.35 -25.17
CA ILE J 351 -35.89 -31.12 -26.17
C ILE J 351 -35.75 -30.31 -27.46
N GLU J 352 -36.80 -29.60 -27.86
CA GLU J 352 -36.63 -28.68 -28.99
C GLU J 352 -35.62 -27.60 -28.65
N GLN J 353 -35.57 -27.20 -27.38
CA GLN J 353 -34.57 -26.25 -26.93
C GLN J 353 -33.16 -26.77 -27.18
N LEU J 354 -32.87 -27.96 -26.65
CA LEU J 354 -31.55 -28.54 -26.86
C LEU J 354 -31.26 -28.75 -28.34
N ASP J 355 -32.27 -29.11 -29.11
CA ASP J 355 -32.10 -29.28 -30.55
C ASP J 355 -31.69 -27.97 -31.20
N VAL J 356 -32.21 -26.86 -30.71
CA VAL J 356 -31.89 -25.55 -31.28
C VAL J 356 -30.68 -24.93 -30.60
N THR J 357 -30.70 -24.83 -29.28
CA THR J 357 -29.65 -24.14 -28.56
C THR J 357 -28.70 -25.14 -27.91
N THR J 358 -27.46 -24.70 -27.71
CA THR J 358 -26.46 -25.48 -26.99
C THR J 358 -25.21 -24.64 -26.82
N SER J 359 -24.50 -24.90 -25.72
CA SER J 359 -23.21 -24.27 -25.51
C SER J 359 -22.21 -25.24 -24.89
N GLU J 360 -22.53 -26.53 -24.83
CA GLU J 360 -21.70 -27.59 -24.23
C GLU J 360 -21.76 -27.53 -22.71
N TYR J 361 -22.38 -26.48 -22.17
CA TYR J 361 -22.62 -26.37 -20.75
C TYR J 361 -24.05 -25.94 -20.46
N GLU J 362 -24.74 -25.33 -21.42
CA GLU J 362 -26.18 -25.14 -21.31
C GLU J 362 -26.90 -26.46 -21.56
N LYS J 363 -26.56 -27.11 -22.68
CA LYS J 363 -27.16 -28.40 -23.02
C LYS J 363 -26.80 -29.46 -22.01
N GLU J 364 -25.70 -29.30 -21.28
CA GLU J 364 -25.36 -30.24 -20.21
C GLU J 364 -26.47 -30.30 -19.18
N LYS J 365 -26.71 -29.17 -18.48
CA LYS J 365 -27.81 -29.15 -17.51
C LYS J 365 -29.16 -29.33 -18.19
N LEU J 366 -29.25 -29.03 -19.48
CA LEU J 366 -30.45 -29.32 -20.24
C LEU J 366 -30.78 -30.82 -20.16
N ASN J 367 -29.86 -31.66 -20.65
CA ASN J 367 -30.04 -33.10 -20.54
C ASN J 367 -30.10 -33.54 -19.09
N GLU J 368 -29.44 -32.80 -18.20
CA GLU J 368 -29.58 -33.03 -16.76
C GLU J 368 -31.05 -33.07 -16.37
N ARG J 369 -31.77 -31.98 -16.68
CA ARG J 369 -33.18 -31.92 -16.36
C ARG J 369 -33.97 -32.99 -17.10
N LEU J 370 -33.65 -33.22 -18.38
CA LEU J 370 -34.33 -34.26 -19.15
C LEU J 370 -34.29 -35.61 -18.44
N ALA J 371 -33.08 -36.09 -18.17
CA ALA J 371 -32.93 -37.39 -17.53
C ALA J 371 -33.53 -37.38 -16.13
N LYS J 372 -33.32 -36.29 -15.39
CA LYS J 372 -33.83 -36.21 -14.03
C LYS J 372 -35.35 -36.24 -14.00
N LEU J 373 -36.00 -35.88 -15.10
CA LEU J 373 -37.45 -35.89 -15.15
C LEU J 373 -38.03 -37.15 -15.76
N SER J 374 -37.26 -37.87 -16.59
CA SER J 374 -37.79 -38.99 -17.36
C SER J 374 -37.25 -40.33 -16.87
N ASP J 375 -35.93 -40.50 -16.85
CA ASP J 375 -35.36 -41.80 -16.53
C ASP J 375 -34.27 -41.74 -15.47
N GLY J 376 -33.98 -40.56 -14.94
CA GLY J 376 -32.90 -40.46 -13.98
C GLY J 376 -31.55 -40.56 -14.66
N VAL J 377 -30.53 -40.72 -13.84
CA VAL J 377 -29.16 -40.79 -14.33
C VAL J 377 -28.50 -42.03 -13.76
N ALA J 378 -27.39 -42.42 -14.38
CA ALA J 378 -26.63 -43.58 -13.92
C ALA J 378 -25.20 -43.15 -13.59
N VAL J 379 -24.83 -43.28 -12.33
CA VAL J 379 -23.44 -43.08 -11.97
C VAL J 379 -22.69 -44.41 -12.02
N LEU J 380 -21.38 -44.33 -12.21
CA LEU J 380 -20.51 -45.45 -12.51
C LEU J 380 -19.33 -45.49 -11.56
N LYS J 381 -19.60 -45.45 -10.26
CA LYS J 381 -18.55 -45.54 -9.25
C LYS J 381 -17.64 -46.73 -9.52
N VAL J 382 -16.36 -46.45 -9.69
CA VAL J 382 -15.40 -47.41 -10.21
C VAL J 382 -14.66 -48.07 -9.06
N GLY J 383 -13.99 -49.18 -9.36
CA GLY J 383 -13.11 -49.84 -8.42
C GLY J 383 -11.77 -49.13 -8.32
N GLY J 384 -10.74 -49.91 -8.03
CA GLY J 384 -9.41 -49.35 -7.89
C GLY J 384 -9.02 -49.17 -6.44
N THR J 385 -7.72 -49.05 -6.21
CA THR J 385 -7.21 -48.92 -4.85
C THR J 385 -6.25 -47.76 -4.71
N SER J 386 -5.53 -47.43 -5.78
CA SER J 386 -4.65 -46.27 -5.77
C SER J 386 -5.27 -45.19 -6.64
N ASP J 387 -4.87 -43.95 -6.36
CA ASP J 387 -5.36 -42.83 -7.16
C ASP J 387 -4.97 -42.98 -8.63
N VAL J 388 -3.80 -43.55 -8.88
CA VAL J 388 -3.35 -43.72 -10.26
C VAL J 388 -4.14 -44.82 -10.95
N GLU J 389 -4.41 -45.92 -10.23
CA GLU J 389 -5.32 -46.93 -10.75
C GLU J 389 -6.68 -46.32 -11.07
N VAL J 390 -7.16 -45.46 -10.16
CA VAL J 390 -8.44 -44.79 -10.36
C VAL J 390 -8.43 -43.99 -11.64
N ASN J 391 -7.39 -43.17 -11.82
CA ASN J 391 -7.31 -42.31 -12.99
C ASN J 391 -7.25 -43.12 -14.27
N GLU J 392 -6.42 -44.16 -14.29
CA GLU J 392 -6.34 -45.04 -15.46
C GLU J 392 -7.70 -45.63 -15.80
N LYS J 393 -8.30 -46.34 -14.85
CA LYS J 393 -9.53 -47.05 -15.14
C LYS J 393 -10.64 -46.07 -15.50
N LYS J 394 -10.65 -44.90 -14.87
CA LYS J 394 -11.69 -43.93 -15.17
C LYS J 394 -11.51 -43.36 -16.57
N ASP J 395 -10.26 -43.11 -16.98
CA ASP J 395 -10.03 -42.66 -18.35
C ASP J 395 -10.54 -43.69 -19.34
N ARG J 396 -10.18 -44.95 -19.15
CA ARG J 396 -10.62 -45.98 -20.09
C ARG J 396 -12.13 -46.10 -20.11
N VAL J 397 -12.76 -46.01 -18.95
CA VAL J 397 -14.21 -46.15 -18.88
C VAL J 397 -14.90 -45.00 -19.59
N THR J 398 -14.46 -43.77 -19.32
CA THR J 398 -15.05 -42.62 -20.00
C THR J 398 -14.85 -42.71 -21.50
N ASP J 399 -13.69 -43.20 -21.93
CA ASP J 399 -13.46 -43.37 -23.35
C ASP J 399 -14.44 -44.37 -23.95
N ALA J 400 -14.63 -45.50 -23.27
CA ALA J 400 -15.58 -46.50 -23.75
C ALA J 400 -16.99 -45.91 -23.82
N LEU J 401 -17.35 -45.11 -22.82
CA LEU J 401 -18.67 -44.49 -22.81
C LEU J 401 -18.87 -43.57 -23.99
N ASN J 402 -17.89 -42.70 -24.24
CA ASN J 402 -17.99 -41.79 -25.39
C ASN J 402 -18.05 -42.56 -26.69
N ALA J 403 -17.26 -43.64 -26.81
CA ALA J 403 -17.30 -44.43 -28.02
C ALA J 403 -18.66 -45.05 -28.22
N THR J 404 -19.27 -45.55 -27.15
CA THR J 404 -20.59 -46.17 -27.26
C THR J 404 -21.63 -45.14 -27.68
N ARG J 405 -21.62 -43.96 -27.05
CA ARG J 405 -22.60 -42.96 -27.42
C ARG J 405 -22.39 -42.48 -28.85
N ALA J 406 -21.15 -42.42 -29.31
CA ALA J 406 -20.94 -42.09 -30.71
C ALA J 406 -21.46 -43.20 -31.62
N ALA J 407 -21.31 -44.44 -31.20
CA ALA J 407 -21.71 -45.55 -32.06
C ALA J 407 -23.21 -45.73 -32.13
N VAL J 408 -23.93 -45.32 -31.07
CA VAL J 408 -25.37 -45.57 -31.05
C VAL J 408 -26.07 -44.73 -32.10
N GLU J 409 -25.61 -43.50 -32.33
CA GLU J 409 -26.34 -42.65 -33.24
C GLU J 409 -25.89 -42.83 -34.69
N GLU J 410 -24.60 -42.82 -34.94
CA GLU J 410 -24.09 -43.04 -36.29
C GLU J 410 -23.52 -44.43 -36.39
N GLY J 411 -23.53 -44.97 -37.60
CA GLY J 411 -23.32 -46.39 -37.80
C GLY J 411 -21.98 -46.89 -37.28
N ILE J 412 -21.82 -48.21 -37.36
CA ILE J 412 -20.58 -48.87 -36.96
C ILE J 412 -19.97 -49.53 -38.18
N VAL J 413 -18.78 -50.11 -37.98
CA VAL J 413 -18.05 -50.79 -39.04
C VAL J 413 -17.20 -51.88 -38.39
N LEU J 414 -16.62 -52.74 -39.22
CA LEU J 414 -15.69 -53.74 -38.72
C LEU J 414 -14.53 -53.06 -38.02
N GLY J 415 -14.19 -53.55 -36.84
CA GLY J 415 -13.11 -52.97 -36.07
C GLY J 415 -11.75 -53.40 -36.57
N GLY J 416 -10.72 -52.98 -35.84
CA GLY J 416 -9.37 -53.35 -36.19
C GLY J 416 -8.93 -52.84 -37.55
N GLY J 417 -9.38 -51.66 -37.94
CA GLY J 417 -8.88 -51.00 -39.11
C GLY J 417 -9.30 -51.58 -40.44
N CYS J 418 -10.08 -52.65 -40.45
CA CYS J 418 -10.41 -53.33 -41.70
C CYS J 418 -11.18 -52.42 -42.65
N ALA J 419 -11.90 -51.44 -42.12
CA ALA J 419 -12.74 -50.59 -42.96
C ALA J 419 -11.92 -49.81 -43.97
N LEU J 420 -10.82 -49.21 -43.50
CA LEU J 420 -9.99 -48.41 -44.41
C LEU J 420 -9.38 -49.27 -45.49
N LEU J 421 -8.90 -50.46 -45.11
CA LEU J 421 -8.35 -51.37 -46.10
C LEU J 421 -9.41 -51.76 -47.11
N ARG J 422 -10.66 -51.89 -46.67
CA ARG J 422 -11.71 -52.18 -47.63
C ARG J 422 -12.07 -50.97 -48.47
N CYS J 423 -11.80 -49.77 -47.98
CA CYS J 423 -12.08 -48.55 -48.72
C CYS J 423 -11.00 -48.22 -49.73
N ILE J 424 -9.82 -48.83 -49.60
CA ILE J 424 -8.74 -48.57 -50.57
C ILE J 424 -9.15 -48.75 -52.02
N PRO J 425 -9.99 -49.73 -52.39
CA PRO J 425 -10.44 -49.78 -53.80
C PRO J 425 -11.14 -48.51 -54.26
N ALA J 426 -11.78 -47.77 -53.35
CA ALA J 426 -12.30 -46.47 -53.71
C ALA J 426 -11.18 -45.56 -54.20
N LEU J 427 -10.07 -45.53 -53.47
CA LEU J 427 -8.91 -44.76 -53.94
C LEU J 427 -8.40 -45.29 -55.26
N ASP J 428 -8.50 -46.60 -55.49
CA ASP J 428 -8.16 -47.12 -56.81
C ASP J 428 -9.19 -46.73 -57.86
N SER J 429 -10.34 -46.21 -57.45
CA SER J 429 -11.40 -45.84 -58.37
C SER J 429 -11.38 -44.38 -58.77
N LEU J 430 -10.59 -43.55 -58.10
CA LEU J 430 -10.54 -42.13 -58.43
C LEU J 430 -9.69 -41.88 -59.67
N THR J 431 -9.92 -40.73 -60.28
CA THR J 431 -9.11 -40.27 -61.41
C THR J 431 -8.59 -38.87 -61.11
N PRO J 432 -7.28 -38.71 -60.94
CA PRO J 432 -6.76 -37.39 -60.56
C PRO J 432 -6.90 -36.39 -61.68
N ALA J 433 -7.12 -35.13 -61.30
CA ALA J 433 -7.13 -34.06 -62.29
C ALA J 433 -5.78 -33.94 -62.99
N ASN J 434 -4.69 -34.11 -62.24
CA ASN J 434 -3.35 -34.04 -62.80
C ASN J 434 -2.42 -34.88 -61.93
N GLU J 435 -1.12 -34.71 -62.14
CA GLU J 435 -0.15 -35.57 -61.47
C GLU J 435 -0.14 -35.34 -59.97
N ASP J 436 -0.26 -34.09 -59.53
CA ASP J 436 -0.08 -33.79 -58.12
C ASP J 436 -1.19 -34.41 -57.28
N GLN J 437 -2.44 -34.27 -57.72
CA GLN J 437 -3.54 -34.89 -57.00
C GLN J 437 -3.37 -36.40 -56.97
N LYS J 438 -2.84 -36.97 -58.05
CA LYS J 438 -2.57 -38.41 -58.06
C LYS J 438 -1.51 -38.76 -57.02
N ILE J 439 -0.52 -37.89 -56.86
CA ILE J 439 0.49 -38.08 -55.83
C ILE J 439 -0.15 -38.11 -54.46
N GLY J 440 -1.02 -37.14 -54.19
CA GLY J 440 -1.72 -37.13 -52.92
C GLY J 440 -2.58 -38.37 -52.72
N ILE J 441 -3.20 -38.83 -53.80
CA ILE J 441 -4.00 -40.04 -53.73
C ILE J 441 -3.14 -41.22 -53.32
N GLU J 442 -1.97 -41.35 -53.93
CA GLU J 442 -1.08 -42.45 -53.55
C GLU J 442 -0.61 -42.29 -52.10
N ILE J 443 -0.45 -41.05 -51.65
CA ILE J 443 -0.11 -40.81 -50.25
C ILE J 443 -1.17 -41.39 -49.34
N ILE J 444 -2.43 -41.04 -49.59
CA ILE J 444 -3.49 -41.54 -48.73
C ILE J 444 -3.61 -43.05 -48.85
N LYS J 445 -3.39 -43.58 -50.05
CA LYS J 445 -3.50 -45.02 -50.27
C LYS J 445 -2.48 -45.77 -49.43
N ARG J 446 -1.24 -45.28 -49.40
CA ARG J 446 -0.24 -45.88 -48.52
C ARG J 446 -0.63 -45.68 -47.06
N THR J 447 -1.20 -44.52 -46.74
CA THR J 447 -1.51 -44.19 -45.36
C THR J 447 -2.51 -45.18 -44.76
N LEU J 448 -3.48 -45.59 -45.55
CA LEU J 448 -4.55 -46.44 -45.03
C LEU J 448 -4.01 -47.75 -44.46
N LYS J 449 -2.88 -48.23 -44.96
CA LYS J 449 -2.30 -49.46 -44.42
C LYS J 449 -1.52 -49.23 -43.15
N ILE J 450 -1.29 -47.96 -42.78
CA ILE J 450 -0.45 -47.67 -41.61
C ILE J 450 -1.00 -48.26 -40.31
N PRO J 451 -2.25 -48.07 -39.95
CA PRO J 451 -2.70 -48.45 -38.61
C PRO J 451 -2.59 -49.94 -38.28
N ALA J 452 -3.17 -50.79 -39.13
CA ALA J 452 -3.05 -52.23 -38.92
C ALA J 452 -1.58 -52.64 -38.88
N MET J 453 -0.75 -51.98 -39.69
CA MET J 453 0.70 -52.22 -39.61
C MET J 453 1.22 -51.92 -38.21
N THR J 454 0.87 -50.75 -37.68
CA THR J 454 1.29 -50.38 -36.33
C THR J 454 0.79 -51.40 -35.31
N ILE J 455 -0.40 -51.92 -35.54
CA ILE J 455 -1.00 -52.82 -34.56
C ILE J 455 -0.26 -54.15 -34.54
N ALA J 456 -0.07 -54.73 -35.72
CA ALA J 456 0.74 -55.94 -35.83
C ALA J 456 2.13 -55.71 -35.24
N LYS J 457 2.68 -54.51 -35.45
CA LYS J 457 3.94 -54.15 -34.82
C LYS J 457 3.85 -54.28 -33.31
N ASN J 458 2.84 -53.68 -32.71
CA ASN J 458 2.68 -53.76 -31.25
C ASN J 458 2.50 -55.20 -30.80
N ALA J 459 1.79 -56.00 -31.59
CA ALA J 459 1.65 -57.42 -31.26
C ALA J 459 2.99 -58.13 -31.27
N GLY J 460 3.97 -57.62 -32.02
CA GLY J 460 5.20 -58.34 -32.22
C GLY J 460 5.17 -59.25 -33.41
N VAL J 461 4.48 -58.85 -34.49
CA VAL J 461 4.36 -59.66 -35.68
C VAL J 461 4.73 -58.79 -36.89
N GLU J 462 4.74 -59.40 -38.06
CA GLU J 462 5.15 -58.72 -39.28
C GLU J 462 4.01 -57.86 -39.79
N GLY J 463 4.20 -56.55 -39.79
CA GLY J 463 3.16 -55.62 -40.16
C GLY J 463 2.65 -55.80 -41.58
N SER J 464 3.50 -55.52 -42.56
CA SER J 464 3.08 -55.58 -43.95
C SER J 464 2.57 -56.96 -44.33
N LEU J 465 3.16 -58.01 -43.75
CA LEU J 465 2.67 -59.36 -44.01
C LEU J 465 1.22 -59.49 -43.60
N ILE J 466 0.90 -59.09 -42.36
CA ILE J 466 -0.46 -59.25 -41.86
C ILE J 466 -1.42 -58.36 -42.65
N VAL J 467 -0.98 -57.16 -42.99
CA VAL J 467 -1.83 -56.25 -43.76
C VAL J 467 -2.17 -56.86 -45.10
N GLU J 468 -1.16 -57.39 -45.80
CA GLU J 468 -1.40 -58.00 -47.10
C GLU J 468 -2.30 -59.21 -46.99
N LYS J 469 -2.04 -60.06 -46.00
CA LYS J 469 -2.82 -61.28 -45.88
C LYS J 469 -4.25 -60.97 -45.48
N ILE J 470 -4.48 -59.84 -44.80
CA ILE J 470 -5.84 -59.40 -44.54
C ILE J 470 -6.49 -58.91 -45.82
N MET J 471 -5.76 -58.11 -46.61
CA MET J 471 -6.34 -57.60 -47.85
C MET J 471 -6.69 -58.74 -48.79
N GLN J 472 -5.94 -59.83 -48.76
CA GLN J 472 -6.29 -60.97 -49.60
C GLN J 472 -7.58 -61.62 -49.14
N SER J 473 -7.90 -61.54 -47.86
CA SER J 473 -9.02 -62.28 -47.30
C SER J 473 -10.33 -61.60 -47.68
N SER J 474 -11.43 -62.10 -47.13
CA SER J 474 -12.75 -61.61 -47.49
C SER J 474 -13.00 -60.23 -46.88
N SER J 475 -14.23 -59.75 -47.06
CA SER J 475 -14.58 -58.43 -46.54
C SER J 475 -14.66 -58.42 -45.02
N GLU J 476 -15.27 -59.45 -44.44
CA GLU J 476 -15.52 -59.51 -43.02
C GLU J 476 -14.41 -60.22 -42.25
N VAL J 477 -13.51 -60.87 -42.92
CA VAL J 477 -12.40 -61.54 -42.26
C VAL J 477 -11.30 -60.52 -42.02
N GLY J 478 -10.64 -60.65 -40.89
CA GLY J 478 -9.52 -59.79 -40.57
C GLY J 478 -8.72 -60.43 -39.47
N TYR J 479 -7.98 -59.59 -38.75
CA TYR J 479 -6.98 -60.05 -37.80
C TYR J 479 -7.33 -59.63 -36.38
N ASP J 480 -7.46 -60.61 -35.49
CA ASP J 480 -7.40 -60.37 -34.06
C ASP J 480 -5.97 -60.46 -33.61
N ALA J 481 -5.60 -59.56 -32.70
CA ALA J 481 -4.30 -59.59 -32.07
C ALA J 481 -4.30 -60.36 -30.77
N MET J 482 -5.44 -60.45 -30.11
CA MET J 482 -5.49 -61.22 -28.88
C MET J 482 -5.41 -62.71 -29.18
N ALA J 483 -6.21 -63.16 -30.14
CA ALA J 483 -6.06 -64.51 -30.65
C ALA J 483 -4.95 -64.63 -31.67
N GLY J 484 -4.39 -63.50 -32.11
CA GLY J 484 -3.26 -63.48 -33.02
C GLY J 484 -3.47 -64.31 -34.27
N ASP J 485 -4.56 -64.06 -34.97
CA ASP J 485 -4.98 -64.94 -36.05
C ASP J 485 -6.07 -64.21 -36.84
N PHE J 486 -6.65 -64.90 -37.81
CA PHE J 486 -7.72 -64.33 -38.63
C PHE J 486 -9.06 -64.90 -38.21
N VAL J 487 -10.05 -64.01 -38.10
CA VAL J 487 -11.42 -64.38 -37.77
C VAL J 487 -12.37 -63.38 -38.43
N ASN J 488 -13.66 -63.68 -38.38
CA ASN J 488 -14.66 -62.68 -38.71
C ASN J 488 -14.92 -61.81 -37.49
N MET J 489 -14.93 -60.50 -37.70
CA MET J 489 -14.92 -59.57 -36.58
C MET J 489 -16.27 -59.57 -35.88
N VAL J 490 -17.33 -59.22 -36.61
CA VAL J 490 -18.67 -59.24 -36.05
C VAL J 490 -19.01 -60.63 -35.52
N GLU J 491 -18.53 -61.66 -36.19
CA GLU J 491 -18.57 -63.00 -35.62
C GLU J 491 -17.83 -63.03 -34.29
N LYS J 492 -16.64 -62.43 -34.25
CA LYS J 492 -15.81 -62.49 -33.06
C LYS J 492 -16.23 -61.48 -31.99
N GLY J 493 -16.95 -60.44 -32.37
CA GLY J 493 -17.31 -59.39 -31.45
C GLY J 493 -16.38 -58.20 -31.56
N ILE J 494 -15.99 -57.86 -32.79
CA ILE J 494 -15.18 -56.68 -33.06
C ILE J 494 -15.86 -55.72 -34.02
N ILE J 495 -16.11 -54.51 -33.56
CA ILE J 495 -16.69 -53.44 -34.37
C ILE J 495 -16.20 -52.13 -33.78
N ASP J 496 -16.48 -51.04 -34.48
CA ASP J 496 -16.10 -49.72 -34.00
C ASP J 496 -17.06 -48.69 -34.55
N PRO J 497 -17.12 -47.50 -33.95
CA PRO J 497 -18.01 -46.47 -34.47
C PRO J 497 -17.50 -45.95 -35.79
N THR J 498 -18.44 -45.56 -36.64
CA THR J 498 -18.06 -44.91 -37.88
C THR J 498 -17.68 -43.46 -37.66
N LYS J 499 -18.34 -42.79 -36.72
CA LYS J 499 -18.07 -41.37 -36.49
C LYS J 499 -16.64 -41.15 -36.01
N VAL J 500 -16.18 -42.00 -35.08
CA VAL J 500 -14.81 -41.89 -34.59
C VAL J 500 -13.82 -42.01 -35.74
N VAL J 501 -14.01 -43.01 -36.59
CA VAL J 501 -13.08 -43.25 -37.70
C VAL J 501 -13.08 -42.07 -38.64
N ARG J 502 -14.26 -41.64 -39.07
CA ARG J 502 -14.36 -40.56 -40.04
C ARG J 502 -13.77 -39.26 -39.49
N THR J 503 -14.09 -38.92 -38.24
CA THR J 503 -13.57 -37.68 -37.66
C THR J 503 -12.06 -37.74 -37.52
N ALA J 504 -11.53 -38.86 -37.01
CA ALA J 504 -10.09 -38.98 -36.85
C ALA J 504 -9.38 -38.86 -38.19
N LEU J 505 -9.85 -39.61 -39.18
CA LEU J 505 -9.27 -39.54 -40.51
C LEU J 505 -9.27 -38.12 -41.05
N LEU J 506 -10.41 -37.45 -40.93
CA LEU J 506 -10.53 -36.11 -41.50
C LEU J 506 -9.58 -35.15 -40.82
N ASP J 507 -9.55 -35.16 -39.49
CA ASP J 507 -8.66 -34.24 -38.77
C ASP J 507 -7.21 -34.48 -39.14
N ALA J 508 -6.78 -35.74 -39.09
CA ALA J 508 -5.39 -36.06 -39.38
C ALA J 508 -5.02 -35.64 -40.78
N ALA J 509 -5.84 -36.02 -41.76
CA ALA J 509 -5.57 -35.67 -43.14
C ALA J 509 -5.49 -34.16 -43.31
N GLY J 510 -6.45 -33.43 -42.75
CA GLY J 510 -6.47 -31.99 -42.93
C GLY J 510 -5.22 -31.33 -42.39
N VAL J 511 -4.92 -31.56 -41.10
CA VAL J 511 -3.80 -30.85 -40.50
C VAL J 511 -2.48 -31.29 -41.13
N ALA J 512 -2.32 -32.58 -41.40
CA ALA J 512 -1.06 -33.03 -41.98
C ALA J 512 -0.86 -32.48 -43.38
N SER J 513 -1.90 -32.53 -44.22
CA SER J 513 -1.78 -32.00 -45.56
C SER J 513 -1.47 -30.53 -45.53
N LEU J 514 -2.07 -29.78 -44.59
CA LEU J 514 -1.71 -28.39 -44.45
C LEU J 514 -0.25 -28.25 -44.07
N LEU J 515 0.23 -29.10 -43.16
CA LEU J 515 1.62 -29.04 -42.75
C LEU J 515 2.57 -29.30 -43.90
N THR J 516 2.15 -30.13 -44.86
CA THR J 516 3.04 -30.53 -45.95
C THR J 516 3.51 -29.33 -46.75
N THR J 517 2.63 -28.37 -46.98
CA THR J 517 2.97 -27.24 -47.84
C THR J 517 3.90 -26.23 -47.18
N ALA J 518 4.38 -26.51 -45.97
CA ALA J 518 5.32 -25.60 -45.33
C ALA J 518 6.62 -25.54 -46.11
N GLU J 519 7.20 -24.35 -46.17
CA GLU J 519 8.39 -24.15 -47.00
C GLU J 519 9.46 -23.41 -46.23
N VAL J 520 9.05 -22.60 -45.26
CA VAL J 520 9.96 -21.75 -44.51
C VAL J 520 9.40 -21.60 -43.10
N VAL J 521 10.24 -21.84 -42.11
CA VAL J 521 9.80 -21.83 -40.73
C VAL J 521 10.50 -20.71 -39.98
N VAL J 522 9.75 -19.98 -39.18
CA VAL J 522 10.28 -18.89 -38.35
C VAL J 522 9.98 -19.21 -36.90
N THR J 523 10.97 -19.01 -36.05
CA THR J 523 10.88 -19.36 -34.65
C THR J 523 11.44 -18.24 -33.79
N GLU J 524 11.01 -18.23 -32.53
CA GLU J 524 11.59 -17.31 -31.57
C GLU J 524 13.04 -17.68 -31.31
N ILE J 525 13.86 -16.66 -31.10
CA ILE J 525 15.25 -16.86 -30.74
C ILE J 525 15.25 -17.53 -29.37
N PRO J 526 16.23 -18.36 -29.04
CA PRO J 526 16.17 -19.17 -27.81
C PRO J 526 16.55 -18.45 -26.53
N LYS J 527 16.48 -17.11 -26.53
CA LYS J 527 16.91 -16.29 -25.39
C LYS J 527 16.50 -16.84 -24.03
N GLU J 528 15.20 -16.89 -23.76
CA GLU J 528 14.71 -17.41 -22.50
C GLU J 528 13.31 -18.00 -22.65
N GLY K 1 3.34 -25.00 -20.59
CA GLY K 1 3.93 -26.31 -20.40
C GLY K 1 5.43 -26.31 -20.64
N SER K 2 6.18 -26.65 -19.60
CA SER K 2 7.63 -26.70 -19.72
C SER K 2 8.06 -27.77 -20.71
N ALA K 3 9.14 -27.50 -21.43
CA ALA K 3 9.68 -28.48 -22.35
C ALA K 3 10.06 -29.74 -21.58
N LYS K 4 9.64 -30.88 -22.09
CA LYS K 4 9.82 -32.13 -21.38
C LYS K 4 10.82 -33.02 -22.10
N ASP K 5 11.01 -34.21 -21.57
CA ASP K 5 11.96 -35.17 -22.11
C ASP K 5 11.34 -36.55 -22.05
N VAL K 6 11.69 -37.41 -23.00
CA VAL K 6 11.08 -38.73 -23.10
C VAL K 6 12.17 -39.79 -23.08
N LYS K 7 11.81 -40.96 -22.56
CA LYS K 7 12.66 -42.14 -22.63
C LYS K 7 11.82 -43.36 -22.91
N PHE K 8 12.45 -44.35 -23.54
CA PHE K 8 11.76 -45.51 -24.07
C PHE K 8 12.32 -46.80 -23.49
N GLY K 9 11.42 -47.74 -23.23
CA GLY K 9 11.80 -49.12 -23.08
C GLY K 9 12.73 -49.39 -21.93
N ALA K 10 13.79 -50.15 -22.21
CA ALA K 10 14.65 -50.66 -21.16
C ALA K 10 15.33 -49.55 -20.37
N ASP K 11 15.55 -48.40 -20.99
CA ASP K 11 16.20 -47.30 -20.28
C ASP K 11 15.32 -46.79 -19.14
N ALA K 12 14.10 -46.37 -19.48
CA ALA K 12 13.19 -45.88 -18.45
C ALA K 12 12.90 -46.96 -17.43
N ARG K 13 12.78 -48.22 -17.87
CA ARG K 13 12.55 -49.32 -16.95
C ARG K 13 13.70 -49.42 -15.95
N ALA K 14 14.93 -49.38 -16.45
CA ALA K 14 16.09 -49.51 -15.56
C ALA K 14 16.16 -48.34 -14.60
N LEU K 15 15.88 -47.13 -15.08
CA LEU K 15 15.94 -45.97 -14.18
C LEU K 15 14.89 -46.06 -13.08
N MET K 16 13.64 -46.35 -13.46
CA MET K 16 12.59 -46.44 -12.45
C MET K 16 12.89 -47.56 -11.47
N LEU K 17 13.36 -48.70 -11.96
CA LEU K 17 13.68 -49.79 -11.05
C LEU K 17 14.84 -49.43 -10.14
N GLN K 18 15.81 -48.66 -10.64
CA GLN K 18 16.90 -48.22 -9.78
C GLN K 18 16.39 -47.32 -8.67
N GLY K 19 15.51 -46.38 -9.01
CA GLY K 19 14.95 -45.51 -8.00
C GLY K 19 14.16 -46.29 -6.95
N VAL K 20 13.33 -47.23 -7.40
CA VAL K 20 12.55 -48.01 -6.46
C VAL K 20 13.47 -48.89 -5.61
N ASP K 21 14.54 -49.41 -6.19
CA ASP K 21 15.46 -50.22 -5.41
C ASP K 21 16.17 -49.38 -4.36
N LEU K 22 16.51 -48.14 -4.70
CA LEU K 22 17.05 -47.25 -3.69
C LEU K 22 16.06 -47.06 -2.56
N LEU K 23 14.81 -46.74 -2.90
CA LEU K 23 13.84 -46.45 -1.85
C LEU K 23 13.52 -47.68 -1.02
N ALA K 24 13.56 -48.86 -1.62
CA ALA K 24 13.20 -50.07 -0.90
C ALA K 24 14.35 -50.66 -0.12
N ASP K 25 15.58 -50.52 -0.61
CA ASP K 25 16.73 -50.86 0.22
C ASP K 25 16.82 -49.94 1.41
N ALA K 26 16.30 -48.71 1.28
CA ALA K 26 16.32 -47.77 2.38
C ALA K 26 15.47 -48.26 3.55
N VAL K 27 14.49 -49.11 3.27
CA VAL K 27 13.45 -49.43 4.22
C VAL K 27 13.47 -50.91 4.61
N ALA K 28 13.86 -51.78 3.69
CA ALA K 28 13.65 -53.22 3.85
C ALA K 28 14.26 -53.78 5.13
N VAL K 29 15.18 -53.04 5.76
CA VAL K 29 15.76 -53.49 7.01
C VAL K 29 14.70 -53.57 8.10
N THR K 30 13.78 -52.60 8.12
CA THR K 30 12.90 -52.39 9.27
C THR K 30 11.70 -53.33 9.22
N MET K 31 11.99 -54.61 9.36
CA MET K 31 10.97 -55.63 9.43
C MET K 31 11.32 -56.61 10.52
N GLY K 32 10.32 -56.95 11.33
CA GLY K 32 10.51 -57.90 12.38
C GLY K 32 11.55 -57.46 13.38
N PRO K 33 11.84 -58.29 14.36
CA PRO K 33 12.98 -58.02 15.22
C PRO K 33 14.26 -58.04 14.43
N LYS K 34 15.29 -57.45 15.01
CA LYS K 34 16.60 -57.28 14.41
C LYS K 34 16.59 -56.26 13.28
N GLY K 35 15.44 -55.68 12.94
CA GLY K 35 15.44 -54.50 12.11
C GLY K 35 16.21 -53.37 12.77
N ARG K 36 16.55 -52.36 11.98
CA ARG K 36 17.41 -51.28 12.45
C ARG K 36 16.85 -49.93 12.08
N THR K 37 16.90 -49.02 13.04
CA THR K 37 16.25 -47.72 12.91
C THR K 37 16.90 -46.91 11.79
N VAL K 38 16.27 -45.78 11.50
CA VAL K 38 16.70 -44.87 10.46
C VAL K 38 16.62 -43.46 11.00
N ILE K 39 17.66 -42.67 10.76
CA ILE K 39 17.70 -41.27 11.17
C ILE K 39 17.43 -40.42 9.95
N ILE K 40 16.43 -39.56 10.05
CA ILE K 40 16.14 -38.58 9.01
C ILE K 40 16.40 -37.21 9.57
N GLU K 41 16.90 -36.30 8.75
CA GLU K 41 17.27 -34.97 9.19
C GLU K 41 16.04 -34.07 9.14
N GLN K 42 15.60 -33.60 10.30
CA GLN K 42 14.54 -32.59 10.36
C GLN K 42 15.15 -31.23 10.05
N SER K 43 14.48 -30.48 9.19
CA SER K 43 15.10 -29.27 8.65
C SER K 43 15.26 -28.16 9.67
N TRP K 44 14.60 -28.24 10.83
CA TRP K 44 14.59 -27.13 11.76
C TRP K 44 15.12 -27.47 13.14
N GLY K 45 14.91 -28.69 13.63
CA GLY K 45 15.31 -29.05 14.97
C GLY K 45 16.03 -30.37 14.97
N SER K 46 15.79 -31.15 16.01
CA SER K 46 16.42 -32.46 16.13
C SER K 46 15.91 -33.38 15.02
N PRO K 47 16.75 -34.30 14.56
CA PRO K 47 16.31 -35.23 13.52
C PRO K 47 15.40 -36.30 14.11
N LYS K 48 14.62 -36.90 13.22
CA LYS K 48 13.75 -37.99 13.59
C LYS K 48 14.49 -39.31 13.56
N VAL K 49 14.06 -40.24 14.40
CA VAL K 49 14.59 -41.59 14.45
C VAL K 49 13.41 -42.55 14.43
N THR K 50 13.46 -43.54 13.55
CA THR K 50 12.28 -44.35 13.26
C THR K 50 12.63 -45.81 13.03
N LYS K 51 11.58 -46.62 13.08
CA LYS K 51 11.52 -47.90 12.39
C LYS K 51 10.40 -47.94 11.36
N ASP K 52 9.47 -46.98 11.43
CA ASP K 52 8.35 -46.93 10.51
C ASP K 52 8.83 -46.75 9.08
N GLY K 53 8.01 -47.21 8.15
CA GLY K 53 8.39 -47.28 6.76
C GLY K 53 7.68 -46.29 5.85
N VAL K 54 7.13 -45.23 6.42
CA VAL K 54 6.46 -44.21 5.64
C VAL K 54 7.11 -42.87 5.93
N THR K 55 7.38 -42.61 7.21
CA THR K 55 8.33 -41.56 7.55
C THR K 55 9.61 -41.77 6.74
N VAL K 56 10.13 -42.99 6.77
CA VAL K 56 11.24 -43.35 5.88
C VAL K 56 10.83 -43.15 4.43
N ALA K 57 9.69 -43.71 4.04
CA ALA K 57 9.28 -43.64 2.64
C ALA K 57 8.95 -42.20 2.25
N LYS K 58 8.04 -41.56 2.97
CA LYS K 58 7.63 -40.20 2.60
C LYS K 58 8.75 -39.20 2.71
N SER K 59 9.79 -39.50 3.49
CA SER K 59 10.90 -38.56 3.60
C SER K 59 11.72 -38.53 2.32
N ILE K 60 11.96 -39.69 1.70
CA ILE K 60 12.92 -39.77 0.62
C ILE K 60 12.40 -39.03 -0.62
N ASP K 61 13.26 -38.22 -1.22
CA ASP K 61 13.00 -37.60 -2.51
C ASP K 61 14.28 -37.61 -3.31
N LEU K 62 14.19 -38.04 -4.57
CA LEU K 62 15.36 -38.29 -5.38
C LEU K 62 15.60 -37.12 -6.34
N LYS K 63 16.87 -36.81 -6.55
CA LYS K 63 17.24 -35.73 -7.47
C LYS K 63 16.78 -36.03 -8.89
N ASP K 64 17.20 -37.18 -9.42
CA ASP K 64 16.86 -37.52 -10.79
C ASP K 64 15.36 -37.72 -10.93
N LYS K 65 14.83 -37.30 -12.08
CA LYS K 65 13.40 -37.34 -12.29
C LYS K 65 12.88 -38.77 -12.29
N TYR K 66 13.52 -39.65 -13.05
CA TYR K 66 13.00 -40.99 -13.23
C TYR K 66 13.02 -41.77 -11.92
N LYS K 67 14.14 -41.70 -11.22
CA LYS K 67 14.20 -42.29 -9.88
C LYS K 67 13.15 -41.66 -8.97
N ASN K 68 12.85 -40.37 -9.18
CA ASN K 68 11.77 -39.74 -8.43
C ASN K 68 10.44 -40.40 -8.73
N ILE K 69 10.23 -40.78 -9.99
CA ILE K 69 9.00 -41.47 -10.36
C ILE K 69 8.90 -42.80 -9.63
N GLY K 70 10.01 -43.54 -9.60
CA GLY K 70 10.03 -44.77 -8.83
C GLY K 70 9.68 -44.54 -7.37
N ALA K 71 10.30 -43.52 -6.77
CA ALA K 71 10.05 -43.22 -5.37
C ALA K 71 8.59 -42.85 -5.13
N LYS K 72 7.99 -42.10 -6.05
CA LYS K 72 6.59 -41.73 -5.87
C LYS K 72 5.69 -42.95 -5.97
N LEU K 73 5.93 -43.82 -6.95
CA LEU K 73 5.08 -45.01 -7.05
C LEU K 73 5.27 -45.94 -5.87
N VAL K 74 6.38 -45.85 -5.16
CA VAL K 74 6.50 -46.64 -3.93
C VAL K 74 5.81 -45.94 -2.76
N GLN K 75 6.01 -44.62 -2.64
CA GLN K 75 5.38 -43.90 -1.54
C GLN K 75 3.88 -43.96 -1.61
N ASP K 76 3.31 -44.05 -2.81
CA ASP K 76 1.85 -44.15 -2.89
C ASP K 76 1.37 -45.48 -2.32
N VAL K 77 2.09 -46.57 -2.58
CA VAL K 77 1.78 -47.85 -1.96
C VAL K 77 1.86 -47.70 -0.45
N ALA K 78 2.93 -47.09 0.03
CA ALA K 78 3.09 -46.91 1.47
C ALA K 78 1.95 -46.11 2.06
N ASN K 79 1.55 -45.04 1.37
CA ASN K 79 0.55 -44.14 1.90
C ASN K 79 -0.83 -44.80 1.91
N ASN K 80 -1.17 -45.50 0.84
CA ASN K 80 -2.44 -46.21 0.81
C ASN K 80 -2.48 -47.28 1.89
N THR K 81 -1.39 -48.04 2.06
CA THR K 81 -1.38 -49.06 3.10
C THR K 81 -1.57 -48.44 4.47
N ASN K 82 -0.90 -47.31 4.73
CA ASN K 82 -1.06 -46.62 5.99
C ASN K 82 -2.51 -46.21 6.20
N GLU K 83 -3.05 -45.43 5.26
CA GLU K 83 -4.39 -44.89 5.45
C GLU K 83 -5.46 -45.97 5.45
N GLU K 84 -5.15 -47.15 4.92
CA GLU K 84 -6.16 -48.21 4.93
C GLU K 84 -6.08 -49.05 6.20
N ALA K 85 -4.91 -49.58 6.52
CA ALA K 85 -4.76 -50.46 7.66
C ALA K 85 -3.81 -49.96 8.73
N GLY K 86 -3.14 -48.83 8.51
CA GLY K 86 -2.35 -48.23 9.56
C GLY K 86 -0.95 -48.80 9.70
N ASP K 87 -0.83 -50.12 9.65
CA ASP K 87 0.46 -50.80 9.67
C ASP K 87 0.49 -51.81 8.52
N GLY K 88 1.70 -52.18 8.13
CA GLY K 88 1.90 -53.04 7.00
C GLY K 88 2.51 -52.26 5.86
N THR K 89 3.32 -51.28 6.22
CA THR K 89 3.92 -50.40 5.24
C THR K 89 5.16 -51.04 4.64
N THR K 90 6.01 -51.57 5.51
CA THR K 90 7.26 -52.15 5.07
C THR K 90 7.02 -53.34 4.17
N THR K 91 6.06 -54.18 4.56
CA THR K 91 5.67 -55.29 3.72
C THR K 91 5.20 -54.82 2.37
N ALA K 92 4.40 -53.75 2.35
CA ALA K 92 3.94 -53.19 1.10
C ALA K 92 5.11 -52.78 0.22
N THR K 93 6.07 -52.07 0.79
CA THR K 93 7.21 -51.60 0.00
C THR K 93 8.00 -52.77 -0.56
N VAL K 94 8.28 -53.77 0.27
CA VAL K 94 9.13 -54.86 -0.19
C VAL K 94 8.42 -55.69 -1.24
N LEU K 95 7.14 -55.99 -1.04
CA LEU K 95 6.41 -56.73 -2.05
C LEU K 95 6.30 -55.94 -3.34
N ALA K 96 6.14 -54.62 -3.22
CA ALA K 96 6.10 -53.79 -4.41
C ALA K 96 7.41 -53.86 -5.16
N ARG K 97 8.54 -53.79 -4.45
CA ARG K 97 9.83 -53.85 -5.13
C ARG K 97 10.02 -55.19 -5.80
N SER K 98 9.67 -56.27 -5.11
CA SER K 98 9.87 -57.59 -5.70
C SER K 98 9.00 -57.77 -6.93
N ILE K 99 7.74 -57.34 -6.85
CA ILE K 99 6.85 -57.47 -7.99
C ILE K 99 7.34 -56.61 -9.15
N ALA K 100 7.87 -55.43 -8.84
CA ALA K 100 8.38 -54.56 -9.89
C ALA K 100 9.60 -55.19 -10.56
N LYS K 101 10.50 -55.74 -9.77
CA LYS K 101 11.70 -56.34 -10.34
C LYS K 101 11.34 -57.54 -11.20
N GLU K 102 10.43 -58.38 -10.72
CA GLU K 102 9.97 -59.49 -11.52
C GLU K 102 9.28 -59.02 -12.79
N GLY K 103 8.55 -57.91 -12.71
CA GLY K 103 7.90 -57.39 -13.90
C GLY K 103 8.89 -56.91 -14.93
N PHE K 104 9.92 -56.21 -14.48
CA PHE K 104 10.93 -55.74 -15.43
C PHE K 104 11.95 -56.84 -15.72
N GLU K 105 11.48 -58.06 -15.94
CA GLU K 105 12.25 -59.10 -16.59
C GLU K 105 11.47 -59.88 -17.64
N LYS K 106 10.16 -59.99 -17.51
CA LYS K 106 9.34 -60.70 -18.48
C LYS K 106 8.81 -59.78 -19.55
N ILE K 107 9.36 -58.57 -19.66
CA ILE K 107 8.88 -57.59 -20.62
C ILE K 107 9.53 -57.86 -21.96
N SER K 108 8.93 -58.75 -22.74
CA SER K 108 9.50 -59.15 -24.01
C SER K 108 8.99 -58.21 -25.11
N LYS K 109 9.28 -58.55 -26.35
CA LYS K 109 8.61 -57.93 -27.48
C LYS K 109 7.36 -58.71 -27.88
N GLY K 110 7.14 -59.87 -27.29
CA GLY K 110 5.97 -60.67 -27.60
C GLY K 110 4.96 -60.71 -26.48
N ALA K 111 5.39 -60.32 -25.28
CA ALA K 111 4.52 -60.38 -24.12
C ALA K 111 3.56 -59.19 -24.09
N ASN K 112 2.38 -59.41 -23.53
CA ASN K 112 1.36 -58.37 -23.40
C ASN K 112 1.19 -58.02 -21.93
N PRO K 113 1.71 -56.87 -21.50
CA PRO K 113 1.73 -56.57 -20.05
C PRO K 113 0.36 -56.49 -19.41
N VAL K 114 -0.68 -56.13 -20.17
CA VAL K 114 -2.01 -56.00 -19.58
C VAL K 114 -2.51 -57.36 -19.11
N GLU K 115 -2.28 -58.40 -19.90
CA GLU K 115 -2.57 -59.75 -19.43
C GLU K 115 -1.77 -60.08 -18.18
N ILE K 116 -0.56 -59.55 -18.08
CA ILE K 116 0.25 -59.78 -16.88
C ILE K 116 -0.44 -59.17 -15.67
N ARG K 117 -0.92 -57.94 -15.82
CA ARG K 117 -1.69 -57.31 -14.76
C ARG K 117 -2.91 -58.14 -14.39
N ARG K 118 -3.61 -58.65 -15.40
CA ARG K 118 -4.80 -59.46 -15.14
C ARG K 118 -4.44 -60.69 -14.31
N GLY K 119 -3.41 -61.41 -14.74
CA GLY K 119 -3.01 -62.60 -14.01
C GLY K 119 -2.60 -62.30 -12.59
N VAL K 120 -1.88 -61.19 -12.40
CA VAL K 120 -1.49 -60.80 -11.06
C VAL K 120 -2.73 -60.55 -10.21
N MET K 121 -3.75 -59.93 -10.80
CA MET K 121 -4.97 -59.67 -10.05
C MET K 121 -5.66 -60.98 -9.66
N LEU K 122 -5.70 -61.93 -10.59
CA LEU K 122 -6.24 -63.25 -10.25
C LEU K 122 -5.47 -63.88 -9.10
N ALA K 123 -4.14 -63.76 -9.14
CA ALA K 123 -3.32 -64.33 -8.08
C ALA K 123 -3.66 -63.69 -6.73
N VAL K 124 -3.78 -62.36 -6.72
CA VAL K 124 -4.07 -61.67 -5.48
C VAL K 124 -5.43 -62.09 -4.95
N ASP K 125 -6.41 -62.25 -5.84
CA ASP K 125 -7.72 -62.70 -5.41
C ASP K 125 -7.63 -64.08 -4.76
N ALA K 126 -6.95 -65.01 -5.43
CA ALA K 126 -6.83 -66.35 -4.88
C ALA K 126 -6.15 -66.33 -3.53
N VAL K 127 -5.08 -65.55 -3.40
CA VAL K 127 -4.33 -65.57 -2.15
C VAL K 127 -5.12 -64.92 -1.03
N ILE K 128 -5.85 -63.86 -1.31
CA ILE K 128 -6.63 -63.22 -0.25
C ILE K 128 -7.77 -64.12 0.17
N ALA K 129 -8.37 -64.83 -0.78
CA ALA K 129 -9.39 -65.80 -0.41
C ALA K 129 -8.81 -66.88 0.49
N GLU K 130 -7.63 -67.39 0.14
CA GLU K 130 -7.01 -68.42 0.97
C GLU K 130 -6.69 -67.87 2.36
N LEU K 131 -6.27 -66.62 2.44
CA LEU K 131 -6.04 -66.01 3.74
C LEU K 131 -7.31 -66.01 4.57
N LYS K 132 -8.38 -65.43 4.04
CA LYS K 132 -9.61 -65.32 4.81
C LYS K 132 -10.15 -66.69 5.18
N LYS K 133 -9.90 -67.71 4.35
CA LYS K 133 -10.31 -69.06 4.74
C LYS K 133 -9.49 -69.57 5.90
N GLN K 134 -8.19 -69.29 5.89
CA GLN K 134 -7.30 -69.77 6.94
C GLN K 134 -7.17 -68.79 8.10
N SER K 135 -8.02 -67.77 8.15
CA SER K 135 -7.98 -66.82 9.25
C SER K 135 -8.59 -67.46 10.50
N LYS K 136 -8.70 -66.66 11.55
CA LYS K 136 -9.40 -67.08 12.76
C LYS K 136 -9.61 -65.89 13.68
N PRO K 137 -10.79 -65.76 14.26
CA PRO K 137 -11.11 -64.56 15.04
C PRO K 137 -10.35 -64.54 16.37
N VAL K 138 -10.32 -63.35 16.95
CA VAL K 138 -9.71 -63.14 18.25
C VAL K 138 -10.77 -63.26 19.33
N THR K 139 -10.52 -64.11 20.32
CA THR K 139 -11.45 -64.33 21.41
C THR K 139 -10.87 -63.96 22.77
N THR K 140 -9.75 -64.44 23.08
CA THR K 140 -9.29 -64.19 24.43
C THR K 140 -8.37 -62.98 24.46
N PRO K 141 -8.30 -62.27 25.59
CA PRO K 141 -7.36 -61.15 25.69
C PRO K 141 -5.90 -61.57 25.63
N GLU K 142 -5.59 -62.86 25.77
CA GLU K 142 -4.23 -63.32 25.57
C GLU K 142 -3.76 -63.00 24.15
N GLU K 143 -4.63 -63.20 23.17
CA GLU K 143 -4.27 -62.90 21.80
C GLU K 143 -4.01 -61.40 21.62
N ILE K 144 -4.85 -60.58 22.23
CA ILE K 144 -4.63 -59.13 22.17
C ILE K 144 -3.29 -58.77 22.79
N ALA K 145 -3.00 -59.35 23.96
CA ALA K 145 -1.73 -59.08 24.62
C ALA K 145 -0.57 -59.49 23.73
N GLN K 146 -0.67 -60.64 23.09
CA GLN K 146 0.40 -61.10 22.22
C GLN K 146 0.58 -60.14 21.05
N VAL K 147 -0.51 -59.78 20.38
CA VAL K 147 -0.43 -58.92 19.20
C VAL K 147 0.19 -57.58 19.56
N ALA K 148 -0.29 -56.97 20.63
CA ALA K 148 0.28 -55.70 21.06
C ALA K 148 1.75 -55.87 21.41
N THR K 149 2.11 -56.99 22.05
CA THR K 149 3.50 -57.22 22.40
C THR K 149 4.37 -57.29 21.15
N ILE K 150 3.83 -57.87 20.09
CA ILE K 150 4.55 -57.85 18.81
C ILE K 150 4.75 -56.42 18.36
N SER K 151 3.66 -55.73 18.15
CA SER K 151 3.70 -54.54 17.31
C SER K 151 4.35 -53.34 17.98
N ALA K 152 4.83 -53.49 19.21
CA ALA K 152 5.80 -52.55 19.76
C ALA K 152 7.22 -52.96 19.43
N ASN K 153 7.40 -53.74 18.37
CA ASN K 153 8.69 -54.34 18.03
C ASN K 153 9.14 -55.25 19.16
N GLY K 154 8.24 -56.10 19.62
CA GLY K 154 8.57 -57.10 20.61
C GLY K 154 8.58 -56.63 22.04
N ASP K 155 7.87 -55.54 22.34
CA ASP K 155 7.81 -55.02 23.70
C ASP K 155 6.62 -55.63 24.43
N LYS K 156 6.84 -56.05 25.67
CA LYS K 156 5.76 -56.65 26.44
C LYS K 156 4.98 -55.64 27.26
N GLU K 157 5.63 -54.56 27.71
CA GLU K 157 4.90 -53.53 28.45
C GLU K 157 3.82 -52.90 27.59
N ILE K 158 4.14 -52.63 26.32
CA ILE K 158 3.15 -52.07 25.42
C ILE K 158 1.96 -53.01 25.28
N GLY K 159 2.25 -54.31 25.17
CA GLY K 159 1.17 -55.27 25.05
C GLY K 159 0.28 -55.30 26.28
N ASN K 160 0.90 -55.36 27.46
CA ASN K 160 0.12 -55.35 28.70
C ASN K 160 -0.73 -54.10 28.82
N ILE K 161 -0.16 -52.95 28.45
CA ILE K 161 -0.88 -51.70 28.58
C ILE K 161 -2.07 -51.66 27.64
N ILE K 162 -1.86 -52.04 26.38
CA ILE K 162 -2.98 -52.02 25.45
C ILE K 162 -4.04 -53.04 25.85
N SER K 163 -3.62 -54.17 26.39
CA SER K 163 -4.57 -55.16 26.86
C SER K 163 -5.44 -54.60 27.98
N ASP K 164 -4.80 -53.97 28.97
CA ASP K 164 -5.56 -53.41 30.07
C ASP K 164 -6.48 -52.29 29.60
N ALA K 165 -6.02 -51.49 28.64
CA ALA K 165 -6.88 -50.45 28.08
C ALA K 165 -8.12 -51.07 27.45
N MET K 166 -7.92 -52.06 26.59
CA MET K 166 -9.07 -52.65 25.90
C MET K 166 -9.97 -53.42 26.84
N LYS K 167 -9.44 -53.91 27.97
CA LYS K 167 -10.29 -54.60 28.93
C LYS K 167 -11.11 -53.62 29.74
N LYS K 168 -10.48 -52.56 30.25
CA LYS K 168 -11.18 -51.56 31.04
C LYS K 168 -11.99 -50.59 30.20
N VAL K 169 -11.92 -50.70 28.87
CA VAL K 169 -12.73 -49.85 27.99
C VAL K 169 -13.51 -50.64 26.96
N GLY K 170 -13.22 -51.91 26.76
CA GLY K 170 -13.94 -52.66 25.76
C GLY K 170 -13.20 -52.69 24.44
N ARG K 171 -13.45 -53.74 23.65
CA ARG K 171 -12.69 -53.95 22.44
C ARG K 171 -12.93 -52.88 21.38
N LYS K 172 -13.96 -52.06 21.53
CA LYS K 172 -14.20 -50.94 20.63
C LYS K 172 -14.25 -49.62 21.39
N GLY K 173 -13.54 -49.54 22.50
CA GLY K 173 -13.43 -48.30 23.22
C GLY K 173 -12.61 -47.28 22.44
N VAL K 174 -12.34 -46.17 23.11
CA VAL K 174 -11.61 -45.06 22.51
C VAL K 174 -10.35 -44.86 23.34
N ILE K 175 -9.24 -45.41 22.86
CA ILE K 175 -7.94 -45.21 23.47
C ILE K 175 -7.16 -44.23 22.60
N THR K 176 -6.42 -43.34 23.25
CA THR K 176 -5.61 -42.38 22.53
C THR K 176 -4.36 -42.10 23.34
N VAL K 177 -3.29 -41.75 22.65
CA VAL K 177 -2.00 -41.57 23.29
C VAL K 177 -1.57 -40.12 23.18
N LYS K 178 -0.86 -39.66 24.21
CA LYS K 178 -0.29 -38.32 24.23
C LYS K 178 1.16 -38.41 24.64
N ASP K 179 1.89 -37.33 24.36
CA ASP K 179 3.33 -37.29 24.65
C ASP K 179 3.54 -37.34 26.14
N GLY K 180 4.07 -38.45 26.63
CA GLY K 180 4.28 -38.63 28.05
C GLY K 180 5.21 -37.58 28.62
N LYS K 181 5.29 -37.57 29.95
CA LYS K 181 6.04 -36.57 30.68
C LYS K 181 6.98 -37.17 31.71
N THR K 182 6.92 -38.47 31.94
CA THR K 182 7.74 -39.11 32.95
C THR K 182 8.63 -40.17 32.31
N LEU K 183 9.43 -40.80 33.15
CA LEU K 183 10.37 -41.81 32.68
C LEU K 183 9.66 -43.03 32.12
N ASN K 184 8.46 -43.32 32.61
CA ASN K 184 7.76 -44.56 32.29
C ASN K 184 6.45 -44.24 31.59
N ASP K 185 5.85 -45.27 31.01
CA ASP K 185 4.55 -45.12 30.38
C ASP K 185 3.47 -45.02 31.44
N GLU K 186 2.28 -44.62 31.01
CA GLU K 186 1.17 -44.47 31.93
C GLU K 186 -0.14 -44.78 31.22
N LEU K 187 -0.98 -45.55 31.87
CA LEU K 187 -2.32 -45.88 31.39
C LEU K 187 -3.33 -45.17 32.28
N GLU K 188 -3.94 -44.10 31.77
CA GLU K 188 -4.93 -43.35 32.50
C GLU K 188 -6.31 -43.59 31.90
N ILE K 189 -7.32 -43.64 32.76
CA ILE K 189 -8.69 -43.92 32.35
C ILE K 189 -9.53 -42.70 32.70
N ILE K 190 -9.81 -41.85 31.72
CA ILE K 190 -10.72 -40.74 31.98
C ILE K 190 -12.13 -41.28 32.00
N GLU K 191 -12.69 -41.43 33.20
CA GLU K 191 -14.03 -41.95 33.39
C GLU K 191 -14.96 -40.81 33.78
N GLY K 192 -16.25 -41.03 33.60
CA GLY K 192 -17.22 -39.99 33.81
C GLY K 192 -17.31 -39.08 32.60
N MET K 193 -18.02 -37.97 32.76
CA MET K 193 -18.16 -37.00 31.69
C MET K 193 -17.24 -35.84 32.00
N LYS K 194 -16.07 -35.82 31.38
CA LYS K 194 -15.04 -34.89 31.76
C LYS K 194 -14.61 -34.12 30.53
N PHE K 195 -14.15 -32.89 30.75
CA PHE K 195 -13.80 -32.07 29.61
C PHE K 195 -12.87 -30.94 30.03
N ASP K 196 -12.12 -30.47 29.04
CA ASP K 196 -10.96 -29.59 29.16
C ASP K 196 -11.21 -28.24 29.79
N ARG K 197 -12.46 -27.89 30.07
CA ARG K 197 -12.77 -26.54 30.48
C ARG K 197 -12.80 -26.42 32.00
N GLY K 198 -12.26 -25.32 32.51
CA GLY K 198 -12.11 -25.11 33.93
C GLY K 198 -13.10 -24.09 34.50
N TYR K 199 -13.18 -24.07 35.82
CA TYR K 199 -14.09 -23.17 36.51
C TYR K 199 -13.68 -21.72 36.27
N ILE K 200 -14.67 -20.87 36.00
CA ILE K 200 -14.38 -19.49 35.65
C ILE K 200 -13.85 -18.72 36.87
N SER K 201 -14.68 -18.57 37.88
CA SER K 201 -14.27 -17.74 39.00
C SER K 201 -13.44 -18.55 39.98
N PRO K 202 -12.26 -18.08 40.36
CA PRO K 202 -11.51 -18.76 41.42
C PRO K 202 -11.97 -18.35 42.81
N TYR K 203 -13.28 -18.27 43.01
CA TYR K 203 -13.86 -18.09 44.33
C TYR K 203 -14.65 -19.29 44.78
N PHE K 204 -14.98 -20.21 43.87
CA PHE K 204 -15.65 -21.46 44.17
C PHE K 204 -14.70 -22.49 44.76
N ILE K 205 -13.48 -22.08 45.10
CA ILE K 205 -12.43 -23.01 45.46
C ILE K 205 -12.64 -23.49 46.89
N ASN K 206 -13.42 -24.56 47.03
CA ASN K 206 -13.72 -25.13 48.33
C ASN K 206 -12.90 -26.36 48.61
N THR K 207 -11.94 -26.68 47.75
CA THR K 207 -11.20 -27.93 47.86
C THR K 207 -10.05 -27.86 48.86
N SER K 208 -9.53 -26.67 49.14
CA SER K 208 -8.33 -26.52 49.96
C SER K 208 -7.19 -27.33 49.33
N LYS K 209 -7.09 -27.27 48.02
CA LYS K 209 -6.21 -28.13 47.25
C LYS K 209 -5.83 -27.35 45.98
N GLY K 210 -5.30 -28.04 44.99
CA GLY K 210 -4.82 -27.40 43.78
C GLY K 210 -5.93 -26.91 42.89
N GLN K 211 -6.67 -25.91 43.33
CA GLN K 211 -7.63 -25.19 42.50
C GLN K 211 -8.76 -26.12 42.06
N LYS K 212 -9.43 -26.70 43.05
CA LYS K 212 -10.52 -27.62 42.80
C LYS K 212 -11.80 -27.09 43.44
N CYS K 213 -12.93 -27.47 42.84
CA CYS K 213 -14.25 -27.27 43.42
C CYS K 213 -14.94 -28.63 43.41
N GLU K 214 -15.22 -29.16 44.60
CA GLU K 214 -15.79 -30.49 44.75
C GLU K 214 -17.20 -30.37 45.32
N PHE K 215 -18.16 -30.94 44.61
CA PHE K 215 -19.55 -30.99 45.05
C PHE K 215 -20.02 -32.43 45.03
N GLN K 216 -20.97 -32.75 45.90
CA GLN K 216 -21.54 -34.09 46.00
C GLN K 216 -23.05 -33.97 45.89
N ASP K 217 -23.62 -34.65 44.90
CA ASP K 217 -25.06 -34.70 44.69
C ASP K 217 -25.63 -33.35 44.26
N ALA K 218 -24.82 -32.56 43.56
CA ALA K 218 -25.24 -31.21 43.22
C ALA K 218 -26.21 -31.22 42.05
N TYR K 219 -26.99 -30.16 41.95
CA TYR K 219 -27.85 -29.96 40.80
C TYR K 219 -27.05 -29.45 39.62
N VAL K 220 -27.67 -29.44 38.46
CA VAL K 220 -27.03 -28.97 37.25
C VAL K 220 -27.95 -28.00 36.54
N LEU K 221 -27.36 -26.98 35.93
CA LEU K 221 -28.06 -26.09 35.02
C LEU K 221 -27.38 -26.18 33.66
N LEU K 222 -28.17 -26.30 32.60
CA LEU K 222 -27.65 -26.59 31.27
C LEU K 222 -28.29 -25.65 30.26
N SER K 223 -27.62 -24.55 29.96
CA SER K 223 -28.11 -23.56 29.01
C SER K 223 -27.28 -23.59 27.75
N GLU K 224 -27.96 -23.60 26.60
CA GLU K 224 -27.27 -23.48 25.32
C GLU K 224 -26.78 -22.05 25.11
N LYS K 225 -27.44 -21.09 25.74
CA LYS K 225 -27.11 -19.67 25.61
C LYS K 225 -26.34 -19.20 26.84
N LYS K 226 -25.86 -17.96 26.77
CA LYS K 226 -25.16 -17.39 27.90
C LYS K 226 -26.13 -17.13 29.05
N ILE K 227 -25.58 -16.67 30.17
CA ILE K 227 -26.35 -16.32 31.35
C ILE K 227 -25.98 -14.88 31.71
N SER K 228 -26.75 -13.93 31.19
CA SER K 228 -26.47 -12.51 31.39
C SER K 228 -27.30 -11.91 32.53
N SER K 229 -28.62 -11.93 32.40
CA SER K 229 -29.45 -11.18 33.33
C SER K 229 -29.48 -11.83 34.71
N ILE K 230 -29.60 -10.98 35.73
CA ILE K 230 -29.77 -11.48 37.08
C ILE K 230 -31.12 -12.18 37.22
N GLN K 231 -32.12 -11.70 36.50
CA GLN K 231 -33.43 -12.35 36.53
C GLN K 231 -33.35 -13.77 36.00
N SER K 232 -32.49 -14.00 35.00
CA SER K 232 -32.35 -15.34 34.45
C SER K 232 -31.69 -16.28 35.46
N ILE K 233 -30.55 -15.86 36.02
CA ILE K 233 -29.81 -16.75 36.90
C ILE K 233 -30.51 -16.92 38.23
N VAL K 234 -31.30 -15.93 38.65
CA VAL K 234 -31.82 -15.93 40.02
C VAL K 234 -32.71 -17.12 40.35
N PRO K 235 -33.67 -17.53 39.51
CA PRO K 235 -34.59 -18.59 39.97
C PRO K 235 -33.90 -19.93 40.15
N ALA K 236 -32.88 -20.22 39.34
CA ALA K 236 -32.12 -21.44 39.52
C ALA K 236 -31.46 -21.47 40.90
N LEU K 237 -30.76 -20.39 41.24
CA LEU K 237 -30.15 -20.31 42.56
C LEU K 237 -31.19 -20.36 43.65
N GLU K 238 -32.38 -19.81 43.39
CA GLU K 238 -33.47 -19.90 44.36
C GLU K 238 -33.83 -21.35 44.63
N ILE K 239 -34.02 -22.13 43.57
CA ILE K 239 -34.39 -23.53 43.72
C ILE K 239 -33.28 -24.29 44.42
N ALA K 240 -32.03 -24.02 44.05
CA ALA K 240 -30.90 -24.70 44.66
C ALA K 240 -30.82 -24.41 46.15
N ASN K 241 -30.97 -23.14 46.52
CA ASN K 241 -30.92 -22.77 47.93
C ASN K 241 -32.10 -23.33 48.69
N ALA K 242 -33.27 -23.41 48.06
CA ALA K 242 -34.41 -24.04 48.70
C ALA K 242 -34.13 -25.50 49.01
N HIS K 243 -33.64 -26.24 48.01
CA HIS K 243 -33.24 -27.61 48.27
C HIS K 243 -31.99 -27.69 49.14
N ARG K 244 -31.19 -26.64 49.18
CA ARG K 244 -29.95 -26.62 49.96
C ARG K 244 -28.99 -27.71 49.47
N LYS K 245 -28.59 -27.57 48.22
CA LYS K 245 -27.63 -28.45 47.59
C LYS K 245 -26.74 -27.64 46.65
N PRO K 246 -25.51 -28.10 46.41
CA PRO K 246 -24.64 -27.38 45.48
C PRO K 246 -25.18 -27.42 44.07
N LEU K 247 -24.72 -26.47 43.27
CA LEU K 247 -25.21 -26.34 41.91
C LEU K 247 -24.07 -26.08 40.95
N VAL K 248 -24.09 -26.76 39.82
CA VAL K 248 -23.17 -26.51 38.73
C VAL K 248 -23.91 -25.75 37.65
N ILE K 249 -23.18 -24.89 36.95
CA ILE K 249 -23.77 -24.06 35.92
C ILE K 249 -22.94 -24.29 34.66
N ILE K 250 -23.41 -25.19 33.81
CA ILE K 250 -22.79 -25.48 32.52
C ILE K 250 -23.59 -24.74 31.48
N ALA K 251 -23.04 -23.66 30.96
CA ALA K 251 -23.74 -22.86 29.97
C ALA K 251 -22.71 -22.26 29.02
N GLU K 252 -23.21 -21.47 28.07
CA GLU K 252 -22.32 -20.81 27.12
C GLU K 252 -21.32 -19.91 27.84
N ASP K 253 -21.80 -19.04 28.72
CA ASP K 253 -20.92 -18.12 29.42
C ASP K 253 -21.72 -17.39 30.48
N VAL K 254 -21.01 -16.91 31.50
CA VAL K 254 -21.61 -16.29 32.67
C VAL K 254 -21.39 -14.78 32.61
N ASP K 255 -22.46 -14.02 32.77
CA ASP K 255 -22.34 -12.57 32.90
C ASP K 255 -21.49 -12.21 34.10
N GLY K 256 -20.81 -11.08 34.00
CA GLY K 256 -20.15 -10.53 35.16
C GLY K 256 -21.10 -10.14 36.27
N GLU K 257 -22.36 -9.84 35.94
CA GLU K 257 -23.31 -9.43 36.96
C GLU K 257 -23.86 -10.64 37.71
N ALA K 258 -24.33 -11.65 36.99
CA ALA K 258 -24.69 -12.89 37.65
C ALA K 258 -23.49 -13.51 38.35
N LEU K 259 -22.30 -13.36 37.75
CA LEU K 259 -21.08 -13.77 38.42
C LEU K 259 -20.89 -13.02 39.73
N SER K 260 -21.22 -11.73 39.73
CA SER K 260 -21.09 -10.93 40.94
C SER K 260 -22.05 -11.42 42.01
N THR K 261 -23.28 -11.74 41.60
CA THR K 261 -24.24 -12.32 42.53
C THR K 261 -23.72 -13.64 43.10
N LEU K 262 -23.17 -14.48 42.23
CA LEU K 262 -22.63 -15.76 42.66
C LEU K 262 -21.52 -15.58 43.67
N VAL K 263 -20.53 -14.75 43.34
CA VAL K 263 -19.41 -14.52 44.24
C VAL K 263 -19.89 -13.87 45.53
N LEU K 264 -20.92 -13.04 45.45
CA LEU K 264 -21.49 -12.46 46.65
C LEU K 264 -22.02 -13.53 47.58
N ASN K 265 -22.90 -14.38 47.06
CA ASN K 265 -23.48 -15.44 47.88
C ASN K 265 -22.48 -16.55 48.20
N ARG K 266 -21.32 -16.55 47.57
CA ARG K 266 -20.31 -17.57 47.81
C ARG K 266 -19.28 -17.15 48.85
N LEU K 267 -18.72 -15.95 48.70
CA LEU K 267 -17.73 -15.46 49.66
C LEU K 267 -18.32 -15.40 51.07
N LYS K 268 -19.41 -14.67 51.24
CA LYS K 268 -20.26 -14.83 52.40
C LYS K 268 -21.20 -15.99 52.11
N VAL K 269 -22.34 -16.10 52.81
CA VAL K 269 -22.89 -17.34 53.37
C VAL K 269 -22.56 -18.62 52.61
N GLY K 270 -22.43 -18.56 51.29
CA GLY K 270 -21.77 -19.65 50.61
C GLY K 270 -22.68 -20.63 49.92
N LEU K 271 -23.64 -20.11 49.16
CA LEU K 271 -24.46 -20.96 48.31
C LEU K 271 -23.56 -21.80 47.41
N GLN K 272 -23.56 -23.11 47.63
CA GLN K 272 -22.66 -24.02 46.93
C GLN K 272 -23.01 -24.00 45.45
N VAL K 273 -22.18 -23.34 44.65
CA VAL K 273 -22.38 -23.21 43.22
C VAL K 273 -21.03 -23.27 42.54
N VAL K 274 -21.07 -23.29 41.21
CA VAL K 274 -19.86 -23.33 40.40
C VAL K 274 -20.23 -23.02 38.96
N ALA K 275 -19.34 -22.35 38.24
CA ALA K 275 -19.63 -21.87 36.88
C ALA K 275 -18.60 -22.41 35.90
N VAL K 276 -19.06 -23.00 34.80
CA VAL K 276 -18.19 -23.51 33.75
C VAL K 276 -18.87 -23.28 32.42
N LYS K 277 -18.08 -22.96 31.40
CA LYS K 277 -18.63 -22.70 30.08
C LYS K 277 -18.94 -24.04 29.39
N ALA K 278 -19.25 -23.98 28.09
CA ALA K 278 -19.70 -25.12 27.29
C ALA K 278 -18.51 -25.89 26.75
N PRO K 279 -18.49 -27.22 26.88
CA PRO K 279 -17.32 -27.98 26.40
C PRO K 279 -17.17 -27.97 24.89
N GLY K 280 -18.25 -28.26 24.15
CA GLY K 280 -18.14 -28.33 22.71
C GLY K 280 -17.80 -26.99 22.09
N PHE K 281 -17.02 -27.03 21.02
CA PHE K 281 -16.58 -25.80 20.38
C PHE K 281 -17.70 -25.13 19.61
N GLY K 282 -18.41 -25.90 18.79
CA GLY K 282 -19.33 -25.36 17.81
C GLY K 282 -20.65 -26.10 17.77
N ASP K 283 -21.02 -26.61 16.59
CA ASP K 283 -22.18 -27.51 16.51
C ASP K 283 -22.02 -28.68 17.48
N ASN K 284 -20.78 -29.13 17.69
CA ASN K 284 -20.54 -30.24 18.59
C ASN K 284 -21.04 -29.96 20.00
N ARG K 285 -20.97 -28.70 20.45
CA ARG K 285 -21.37 -28.39 21.82
C ARG K 285 -22.86 -28.63 22.02
N LYS K 286 -23.68 -28.38 20.99
CA LYS K 286 -25.11 -28.60 21.14
C LYS K 286 -25.40 -30.07 21.45
N ASN K 287 -24.83 -30.97 20.64
CA ASN K 287 -24.97 -32.39 20.93
C ASN K 287 -24.35 -32.76 22.27
N GLN K 288 -23.23 -32.14 22.62
CA GLN K 288 -22.57 -32.51 23.86
C GLN K 288 -23.42 -32.13 25.06
N LEU K 289 -24.01 -30.93 25.03
CA LEU K 289 -24.88 -30.52 26.12
C LEU K 289 -26.14 -31.36 26.16
N LYS K 290 -26.71 -31.70 24.99
CA LYS K 290 -27.86 -32.59 24.98
C LYS K 290 -27.53 -33.92 25.65
N ASP K 291 -26.39 -34.49 25.30
CA ASP K 291 -25.98 -35.76 25.88
C ASP K 291 -25.71 -35.61 27.37
N MET K 292 -25.12 -34.48 27.76
CA MET K 292 -24.86 -34.27 29.18
C MET K 292 -26.16 -34.21 29.97
N ALA K 293 -27.16 -33.49 29.44
CA ALA K 293 -28.45 -33.42 30.10
C ALA K 293 -29.08 -34.80 30.22
N ILE K 294 -29.12 -35.54 29.10
CA ILE K 294 -29.76 -36.85 29.13
C ILE K 294 -28.98 -37.83 29.98
N ALA K 295 -27.68 -37.61 30.15
CA ALA K 295 -26.90 -38.47 31.03
C ALA K 295 -27.20 -38.16 32.49
N THR K 296 -27.11 -36.89 32.86
CA THR K 296 -27.43 -36.50 34.23
C THR K 296 -28.91 -36.60 34.52
N GLY K 297 -29.75 -36.48 33.50
CA GLY K 297 -31.17 -36.47 33.71
C GLY K 297 -31.66 -35.05 33.90
N GLY K 298 -32.37 -34.51 32.91
CA GLY K 298 -32.82 -33.14 33.01
C GLY K 298 -33.31 -32.58 31.69
N ALA K 299 -32.81 -31.40 31.33
CA ALA K 299 -33.22 -30.76 30.10
C ALA K 299 -32.31 -29.59 29.76
N VAL K 300 -31.82 -29.54 28.52
CA VAL K 300 -30.99 -28.42 28.10
C VAL K 300 -31.83 -27.15 28.05
N PHE K 301 -31.19 -26.01 28.32
CA PHE K 301 -31.83 -24.72 28.28
C PHE K 301 -31.21 -23.87 27.18
N GLY K 302 -31.94 -22.84 26.76
CA GLY K 302 -31.52 -22.05 25.62
C GLY K 302 -31.87 -22.66 24.30
N GLU K 303 -32.82 -23.58 24.27
CA GLU K 303 -33.20 -24.30 23.06
C GLU K 303 -33.75 -23.34 22.01
N GLU K 304 -33.75 -23.81 20.76
CA GLU K 304 -34.44 -23.10 19.68
C GLU K 304 -35.87 -23.59 19.53
N GLY K 305 -36.07 -24.91 19.51
CA GLY K 305 -37.34 -25.48 19.12
C GLY K 305 -38.39 -25.48 20.21
N LEU K 306 -37.96 -25.46 21.46
CA LEU K 306 -38.90 -25.39 22.57
C LEU K 306 -38.44 -24.25 23.48
N THR K 307 -37.13 -24.07 23.52
CA THR K 307 -36.35 -22.94 24.02
C THR K 307 -36.31 -22.85 25.54
N LEU K 308 -37.18 -23.54 26.26
CA LEU K 308 -37.08 -23.85 27.70
C LEU K 308 -36.53 -22.70 28.54
N ASN K 309 -37.27 -21.58 28.54
CA ASN K 309 -36.81 -20.37 29.22
C ASN K 309 -36.44 -20.63 30.66
N LEU K 310 -35.36 -19.97 31.11
CA LEU K 310 -34.81 -20.21 32.44
C LEU K 310 -35.73 -19.71 33.53
N GLU K 311 -36.61 -18.76 33.22
CA GLU K 311 -37.47 -18.17 34.24
C GLU K 311 -38.34 -19.21 34.91
N ASP K 312 -38.83 -20.17 34.13
CA ASP K 312 -39.68 -21.24 34.65
C ASP K 312 -38.89 -22.55 34.58
N VAL K 313 -38.09 -22.81 35.60
CA VAL K 313 -37.43 -24.08 35.77
C VAL K 313 -38.08 -24.80 36.93
N GLN K 314 -37.81 -26.10 37.04
CA GLN K 314 -38.53 -26.95 37.98
C GLN K 314 -37.56 -27.94 38.59
N PRO K 315 -37.85 -28.43 39.80
CA PRO K 315 -36.90 -29.31 40.49
C PRO K 315 -36.60 -30.59 39.73
N HIS K 316 -37.50 -31.04 38.87
CA HIS K 316 -37.21 -32.15 37.98
C HIS K 316 -36.62 -31.68 36.66
N ASP K 317 -36.36 -30.39 36.51
CA ASP K 317 -35.81 -29.84 35.29
C ASP K 317 -34.31 -29.62 35.38
N LEU K 318 -33.68 -30.01 36.48
CA LEU K 318 -32.26 -29.81 36.69
C LEU K 318 -31.49 -31.10 36.44
N GLY K 319 -30.22 -30.93 36.06
CA GLY K 319 -29.33 -32.07 35.95
C GLY K 319 -28.87 -32.48 37.33
N LYS K 320 -28.88 -33.78 37.59
CA LYS K 320 -28.53 -34.32 38.89
C LYS K 320 -27.48 -35.39 38.72
N VAL K 321 -26.41 -35.28 39.49
CA VAL K 321 -25.26 -36.18 39.37
C VAL K 321 -24.76 -36.51 40.77
N GLY K 322 -24.07 -37.64 40.88
CA GLY K 322 -23.57 -38.06 42.18
C GLY K 322 -22.47 -37.15 42.69
N GLU K 323 -21.48 -36.86 41.85
CA GLU K 323 -20.34 -36.07 42.28
C GLU K 323 -19.78 -35.26 41.12
N VAL K 324 -19.30 -34.07 41.42
CA VAL K 324 -18.70 -33.18 40.45
C VAL K 324 -17.41 -32.62 41.02
N ILE K 325 -16.38 -32.56 40.20
CA ILE K 325 -15.11 -31.96 40.58
C ILE K 325 -14.64 -31.08 39.42
N VAL K 326 -14.08 -29.93 39.76
CA VAL K 326 -13.62 -28.98 38.76
C VAL K 326 -12.21 -28.55 39.08
N THR K 327 -11.34 -28.62 38.08
CA THR K 327 -10.03 -28.00 38.15
C THR K 327 -10.07 -26.67 37.41
N LYS K 328 -8.96 -25.95 37.43
CA LYS K 328 -8.86 -24.74 36.64
C LYS K 328 -8.90 -25.00 35.15
N ASP K 329 -8.72 -26.25 34.73
CA ASP K 329 -8.63 -26.53 33.30
C ASP K 329 -9.29 -27.84 32.92
N ASP K 330 -10.22 -28.35 33.73
CA ASP K 330 -11.11 -29.44 33.33
C ASP K 330 -12.04 -29.74 34.49
N ALA K 331 -13.13 -30.43 34.17
CA ALA K 331 -14.11 -30.81 35.18
C ALA K 331 -14.74 -32.13 34.78
N MET K 332 -15.35 -32.78 35.77
CA MET K 332 -15.86 -34.14 35.62
C MET K 332 -17.23 -34.27 36.25
N LEU K 333 -18.13 -34.96 35.55
CA LEU K 333 -19.45 -35.27 36.04
C LEU K 333 -19.53 -36.76 36.32
N LEU K 334 -20.18 -37.12 37.43
CA LEU K 334 -20.18 -38.49 37.92
C LEU K 334 -21.55 -38.84 38.44
N LYS K 335 -22.09 -39.98 37.99
CA LYS K 335 -23.37 -40.52 38.44
C LYS K 335 -24.58 -39.72 37.98
N GLY K 336 -24.56 -39.18 36.76
CA GLY K 336 -25.74 -38.54 36.22
C GLY K 336 -26.93 -39.47 36.12
N LYS K 337 -28.01 -39.16 36.84
CA LYS K 337 -29.22 -40.00 36.82
C LYS K 337 -30.06 -39.60 35.63
N GLY K 338 -29.74 -40.20 34.47
CA GLY K 338 -30.37 -39.76 33.25
C GLY K 338 -31.20 -40.76 32.48
N ASP K 339 -32.01 -41.58 33.16
CA ASP K 339 -32.95 -42.48 32.48
C ASP K 339 -32.21 -43.44 31.55
N LYS K 340 -31.46 -44.35 32.18
CA LYS K 340 -30.57 -45.30 31.51
C LYS K 340 -31.14 -45.91 30.24
N ALA K 341 -32.44 -46.17 30.21
CA ALA K 341 -33.07 -46.55 28.95
C ALA K 341 -33.00 -45.41 27.94
N GLN K 342 -33.19 -44.18 28.40
CA GLN K 342 -33.15 -43.03 27.49
C GLN K 342 -31.75 -42.81 26.95
N ILE K 343 -30.75 -42.87 27.83
CA ILE K 343 -29.36 -42.76 27.35
C ILE K 343 -29.03 -43.92 26.44
N GLU K 344 -29.61 -45.09 26.70
CA GLU K 344 -29.44 -46.23 25.82
C GLU K 344 -29.96 -45.91 24.43
N LYS K 345 -31.15 -45.34 24.35
CA LYS K 345 -31.73 -44.97 23.07
C LYS K 345 -30.88 -43.92 22.37
N ARG K 346 -30.35 -42.96 23.13
CA ARG K 346 -29.43 -41.98 22.56
C ARG K 346 -28.21 -42.67 21.98
N ILE K 347 -27.64 -43.61 22.72
CA ILE K 347 -26.47 -44.36 22.24
C ILE K 347 -26.80 -45.08 20.95
N GLN K 348 -27.98 -45.72 20.89
CA GLN K 348 -28.38 -46.40 19.67
C GLN K 348 -28.51 -45.42 18.52
N GLU K 349 -29.03 -44.23 18.79
CA GLU K 349 -29.11 -43.18 17.77
C GLU K 349 -27.73 -42.86 17.22
N ILE K 350 -26.80 -42.51 18.10
CA ILE K 350 -25.49 -42.06 17.61
C ILE K 350 -24.71 -43.23 16.99
N ILE K 351 -24.96 -44.46 17.43
CA ILE K 351 -24.24 -45.58 16.86
C ILE K 351 -24.77 -45.91 15.47
N GLU K 352 -26.09 -45.85 15.27
CA GLU K 352 -26.60 -45.96 13.91
C GLU K 352 -26.10 -44.82 13.06
N GLN K 353 -25.94 -43.65 13.66
CA GLN K 353 -25.36 -42.50 12.96
C GLN K 353 -23.97 -42.83 12.43
N LEU K 354 -23.07 -43.26 13.32
CA LEU K 354 -21.72 -43.61 12.90
C LEU K 354 -21.74 -44.74 11.89
N ASP K 355 -22.66 -45.69 12.05
CA ASP K 355 -22.78 -46.78 11.09
C ASP K 355 -23.13 -46.25 9.71
N VAL K 356 -23.94 -45.21 9.64
CA VAL K 356 -24.35 -44.65 8.35
C VAL K 356 -23.38 -43.56 7.91
N THR K 357 -23.14 -42.56 8.74
CA THR K 357 -22.34 -41.42 8.35
C THR K 357 -20.93 -41.53 8.92
N THR K 358 -19.98 -40.89 8.25
CA THR K 358 -18.62 -40.77 8.72
C THR K 358 -17.85 -39.87 7.78
N SER K 359 -16.87 -39.16 8.34
CA SER K 359 -15.96 -38.36 7.54
C SER K 359 -14.53 -38.47 8.05
N GLU K 360 -14.25 -39.40 8.97
CA GLU K 360 -12.95 -39.61 9.60
C GLU K 360 -12.65 -38.53 10.64
N TYR K 361 -13.49 -37.52 10.70
CA TYR K 361 -13.44 -36.48 11.72
C TYR K 361 -14.78 -36.29 12.39
N GLU K 362 -15.87 -36.36 11.63
CA GLU K 362 -17.20 -36.47 12.22
C GLU K 362 -17.27 -37.68 13.13
N LYS K 363 -16.96 -38.85 12.58
CA LYS K 363 -17.02 -40.09 13.34
C LYS K 363 -16.03 -40.10 14.48
N GLU K 364 -14.95 -39.32 14.38
CA GLU K 364 -14.01 -39.19 15.49
C GLU K 364 -14.72 -38.68 16.74
N LYS K 365 -15.26 -37.47 16.69
CA LYS K 365 -16.00 -36.94 17.82
C LYS K 365 -17.26 -37.75 18.09
N LEU K 366 -17.76 -38.45 17.09
CA LEU K 366 -18.87 -39.37 17.30
C LEU K 366 -18.50 -40.42 18.34
N ASN K 367 -17.45 -41.19 18.07
CA ASN K 367 -16.97 -42.16 19.04
C ASN K 367 -16.49 -41.48 20.31
N GLU K 368 -16.03 -40.23 20.20
CA GLU K 368 -15.72 -39.42 21.38
C GLU K 368 -16.92 -39.39 22.33
N ARG K 369 -18.07 -38.97 21.81
CA ARG K 369 -19.28 -38.93 22.63
C ARG K 369 -19.67 -40.32 23.12
N LEU K 370 -19.58 -41.33 22.25
CA LEU K 370 -19.89 -42.70 22.65
C LEU K 370 -19.11 -43.12 23.88
N ALA K 371 -17.78 -43.03 23.80
CA ALA K 371 -16.95 -43.44 24.91
C ALA K 371 -17.16 -42.55 26.12
N LYS K 372 -17.27 -41.24 25.91
CA LYS K 372 -17.46 -40.32 27.02
C LYS K 372 -18.76 -40.56 27.74
N LEU K 373 -19.72 -41.19 27.09
CA LEU K 373 -21.00 -41.48 27.70
C LEU K 373 -21.12 -42.91 28.21
N SER K 374 -20.33 -43.84 27.70
CA SER K 374 -20.54 -45.25 28.03
C SER K 374 -19.43 -45.81 28.91
N ASP K 375 -18.18 -45.83 28.46
CA ASP K 375 -17.10 -46.39 29.28
C ASP K 375 -15.81 -45.64 28.96
N GLY K 376 -15.55 -44.57 29.71
CA GLY K 376 -14.26 -43.92 29.78
C GLY K 376 -13.58 -43.58 28.47
N VAL K 377 -12.31 -43.19 28.58
CA VAL K 377 -11.41 -43.04 27.45
C VAL K 377 -9.99 -43.31 27.96
N ALA K 378 -9.27 -44.18 27.27
CA ALA K 378 -7.95 -44.57 27.72
C ALA K 378 -6.90 -43.68 27.07
N VAL K 379 -6.07 -43.06 27.90
CA VAL K 379 -4.91 -42.33 27.41
C VAL K 379 -3.66 -43.08 27.84
N LEU K 380 -2.61 -42.91 27.06
CA LEU K 380 -1.40 -43.73 27.11
C LEU K 380 -0.16 -42.86 27.22
N LYS K 381 -0.14 -41.97 28.22
CA LYS K 381 1.03 -41.16 28.49
C LYS K 381 2.28 -42.01 28.59
N VAL K 382 3.25 -41.72 27.73
CA VAL K 382 4.36 -42.61 27.47
C VAL K 382 5.56 -42.20 28.30
N GLY K 383 6.53 -43.10 28.40
CA GLY K 383 7.80 -42.79 29.01
C GLY K 383 8.69 -42.00 28.08
N GLY K 384 9.99 -42.21 28.19
CA GLY K 384 10.93 -41.50 27.36
C GLY K 384 11.55 -40.32 28.09
N THR K 385 12.69 -39.88 27.57
CA THR K 385 13.41 -38.79 28.20
C THR K 385 13.80 -37.72 27.20
N SER K 386 14.06 -38.11 25.96
CA SER K 386 14.32 -37.16 24.90
C SER K 386 13.12 -37.09 23.97
N ASP K 387 13.02 -35.98 23.26
CA ASP K 387 11.93 -35.82 22.31
C ASP K 387 11.99 -36.88 21.24
N VAL K 388 13.20 -37.28 20.83
CA VAL K 388 13.32 -38.28 19.78
C VAL K 388 12.94 -39.66 20.30
N GLU K 389 13.34 -39.98 21.53
CA GLU K 389 12.85 -41.20 22.18
C GLU K 389 11.34 -41.19 22.26
N VAL K 390 10.76 -40.03 22.60
CA VAL K 390 9.31 -39.90 22.68
C VAL K 390 8.67 -40.22 21.34
N ASN K 391 9.19 -39.62 20.27
CA ASN K 391 8.60 -39.84 18.95
C ASN K 391 8.70 -41.30 18.55
N GLU K 392 9.87 -41.91 18.74
CA GLU K 392 10.05 -43.32 18.41
C GLU K 392 9.05 -44.20 19.15
N LYS K 393 9.07 -44.13 20.49
CA LYS K 393 8.22 -45.00 21.27
C LYS K 393 6.75 -44.76 20.99
N LYS K 394 6.38 -43.50 20.76
CA LYS K 394 4.99 -43.18 20.49
C LYS K 394 4.56 -43.72 19.13
N ASP K 395 5.45 -43.66 18.14
CA ASP K 395 5.13 -44.25 16.85
C ASP K 395 4.89 -45.74 16.98
N ARG K 396 5.80 -46.44 17.65
CA ARG K 396 5.62 -47.88 17.82
C ARG K 396 4.33 -48.19 18.57
N VAL K 397 4.01 -47.39 19.58
CA VAL K 397 2.82 -47.64 20.38
C VAL K 397 1.57 -47.46 19.53
N THR K 398 1.50 -46.35 18.78
CA THR K 398 0.34 -46.10 17.93
C THR K 398 0.20 -47.20 16.89
N ASP K 399 1.32 -47.67 16.36
CA ASP K 399 1.25 -48.74 15.38
C ASP K 399 0.69 -50.02 16.00
N ALA K 400 1.17 -50.36 17.18
CA ALA K 400 0.64 -51.54 17.87
C ALA K 400 -0.85 -51.38 18.13
N LEU K 401 -1.27 -50.18 18.51
CA LEU K 401 -2.68 -49.93 18.78
C LEU K 401 -3.52 -50.14 17.52
N ASN K 402 -3.08 -49.58 16.40
CA ASN K 402 -3.82 -49.76 15.16
C ASN K 402 -3.85 -51.22 14.74
N ALA K 403 -2.75 -51.93 14.91
CA ALA K 403 -2.73 -53.34 14.57
C ALA K 403 -3.72 -54.12 15.43
N THR K 404 -3.79 -53.80 16.72
CA THR K 404 -4.72 -54.48 17.59
C THR K 404 -6.17 -54.20 17.19
N ARG K 405 -6.49 -52.94 16.93
CA ARG K 405 -7.87 -52.63 16.55
C ARG K 405 -8.22 -53.25 15.21
N ALA K 406 -7.26 -53.36 14.30
CA ALA K 406 -7.54 -54.08 13.07
C ALA K 406 -7.75 -55.56 13.32
N ALA K 407 -7.02 -56.13 14.25
CA ALA K 407 -7.10 -57.56 14.50
C ALA K 407 -8.35 -57.95 15.27
N VAL K 408 -8.88 -57.03 16.08
CA VAL K 408 -10.02 -57.40 16.92
C VAL K 408 -11.24 -57.68 16.07
N GLU K 409 -11.43 -56.92 15.01
CA GLU K 409 -12.65 -57.09 14.23
C GLU K 409 -12.51 -58.17 13.17
N GLU K 410 -11.45 -58.13 12.39
CA GLU K 410 -11.24 -59.14 11.36
C GLU K 410 -10.15 -60.10 11.83
N GLY K 411 -10.22 -61.32 11.32
CA GLY K 411 -9.47 -62.44 11.89
C GLY K 411 -7.98 -62.22 11.90
N ILE K 412 -7.29 -63.17 12.52
CA ILE K 412 -5.83 -63.17 12.59
C ILE K 412 -5.30 -64.36 11.83
N VAL K 413 -3.98 -64.46 11.74
CA VAL K 413 -3.31 -65.57 11.08
C VAL K 413 -1.94 -65.74 11.74
N LEU K 414 -1.28 -66.84 11.43
CA LEU K 414 0.07 -67.07 11.94
C LEU K 414 0.99 -65.95 11.46
N GLY K 415 1.77 -65.42 12.39
CA GLY K 415 2.66 -64.32 12.07
C GLY K 415 3.91 -64.80 11.37
N GLY K 416 4.83 -63.87 11.17
CA GLY K 416 6.09 -64.20 10.53
C GLY K 416 5.95 -64.70 9.12
N GLY K 417 4.98 -64.17 8.38
CA GLY K 417 4.87 -64.44 6.96
C GLY K 417 4.39 -65.82 6.58
N CYS K 418 4.13 -66.70 7.56
CA CYS K 418 3.83 -68.09 7.24
C CYS K 418 2.55 -68.21 6.42
N ALA K 419 1.64 -67.26 6.55
CA ALA K 419 0.33 -67.36 5.90
C ALA K 419 0.48 -67.40 4.38
N LEU K 420 1.26 -66.48 3.84
CA LEU K 420 1.41 -66.41 2.38
C LEU K 420 2.07 -67.68 1.84
N LEU K 421 3.09 -68.16 2.54
CA LEU K 421 3.74 -69.39 2.13
C LEU K 421 2.75 -70.55 2.15
N ARG K 422 1.83 -70.54 3.13
CA ARG K 422 0.80 -71.57 3.13
C ARG K 422 -0.22 -71.36 2.04
N CYS K 423 -0.39 -70.12 1.58
CA CYS K 423 -1.32 -69.83 0.50
C CYS K 423 -0.76 -70.15 -0.87
N ILE K 424 0.56 -70.33 -0.97
CA ILE K 424 1.16 -70.65 -2.28
C ILE K 424 0.54 -71.85 -2.97
N PRO K 425 0.15 -72.93 -2.27
CA PRO K 425 -0.56 -74.01 -2.98
C PRO K 425 -1.83 -73.55 -3.67
N ALA K 426 -2.47 -72.49 -3.18
CA ALA K 426 -3.57 -71.90 -3.92
C ALA K 426 -3.12 -71.44 -5.31
N LEU K 427 -1.99 -70.74 -5.38
CA LEU K 427 -1.43 -70.37 -6.67
C LEU K 427 -1.08 -71.59 -7.49
N ASP K 428 -0.64 -72.66 -6.85
CA ASP K 428 -0.44 -73.90 -7.58
C ASP K 428 -1.75 -74.53 -8.02
N SER K 429 -2.88 -74.04 -7.51
CA SER K 429 -4.19 -74.58 -7.84
C SER K 429 -4.88 -73.82 -8.97
N LEU K 430 -4.35 -72.67 -9.37
CA LEU K 430 -5.00 -71.90 -10.43
C LEU K 430 -4.68 -72.48 -11.80
N THR K 431 -5.51 -72.13 -12.77
CA THR K 431 -5.29 -72.49 -14.17
C THR K 431 -5.37 -71.23 -15.02
N PRO K 432 -4.26 -70.80 -15.62
CA PRO K 432 -4.27 -69.52 -16.34
C PRO K 432 -5.08 -69.61 -17.62
N ALA K 433 -5.70 -68.49 -17.98
CA ALA K 433 -6.39 -68.42 -19.26
C ALA K 433 -5.43 -68.63 -20.42
N ASN K 434 -4.24 -68.06 -20.32
CA ASN K 434 -3.22 -68.20 -21.36
C ASN K 434 -1.85 -68.01 -20.72
N GLU K 435 -0.84 -67.81 -21.56
CA GLU K 435 0.53 -67.79 -21.06
C GLU K 435 0.79 -66.59 -20.16
N ASP K 436 0.29 -65.42 -20.53
CA ASP K 436 0.68 -64.20 -19.83
C ASP K 436 0.17 -64.19 -18.40
N GLN K 437 -1.09 -64.56 -18.20
CA GLN K 437 -1.63 -64.66 -16.85
C GLN K 437 -0.83 -65.69 -16.04
N LYS K 438 -0.37 -66.75 -16.68
CA LYS K 438 0.45 -67.72 -15.99
C LYS K 438 1.78 -67.11 -15.58
N ILE K 439 2.33 -66.23 -16.43
CA ILE K 439 3.54 -65.50 -16.07
C ILE K 439 3.31 -64.69 -14.82
N GLY K 440 2.20 -63.94 -14.79
CA GLY K 440 1.88 -63.17 -13.60
C GLY K 440 1.71 -64.05 -12.38
N ILE K 441 1.13 -65.23 -12.56
CA ILE K 441 0.94 -66.16 -11.46
C ILE K 441 2.29 -66.56 -10.89
N GLU K 442 3.23 -66.90 -11.77
CA GLU K 442 4.56 -67.27 -11.28
C GLU K 442 5.24 -66.08 -10.63
N ILE K 443 4.95 -64.87 -11.09
CA ILE K 443 5.47 -63.67 -10.46
C ILE K 443 5.03 -63.61 -9.00
N ILE K 444 3.72 -63.71 -8.78
CA ILE K 444 3.23 -63.65 -7.41
C ILE K 444 3.75 -64.82 -6.59
N LYS K 445 3.89 -65.98 -7.22
CA LYS K 445 4.40 -67.15 -6.51
C LYS K 445 5.80 -66.92 -5.98
N ARG K 446 6.66 -66.33 -6.82
CA ARG K 446 7.99 -65.95 -6.33
C ARG K 446 7.89 -64.87 -5.28
N THR K 447 6.97 -63.93 -5.46
CA THR K 447 6.87 -62.79 -4.55
C THR K 447 6.57 -63.24 -3.13
N LEU K 448 5.72 -64.25 -2.99
CA LEU K 448 5.27 -64.65 -1.66
C LEU K 448 6.43 -65.10 -0.77
N LYS K 449 7.49 -65.63 -1.35
CA LYS K 449 8.65 -66.02 -0.56
C LYS K 449 9.53 -64.85 -0.19
N ILE K 450 9.28 -63.68 -0.77
CA ILE K 450 10.16 -62.53 -0.53
C ILE K 450 10.24 -62.11 0.93
N PRO K 451 9.14 -61.89 1.64
CA PRO K 451 9.22 -61.24 2.95
C PRO K 451 10.01 -62.01 3.99
N ALA K 452 9.66 -63.28 4.21
CA ALA K 452 10.44 -64.09 5.14
C ALA K 452 11.89 -64.16 4.72
N MET K 453 12.15 -64.15 3.41
CA MET K 453 13.51 -64.05 2.92
C MET K 453 14.19 -62.79 3.45
N THR K 454 13.53 -61.64 3.29
CA THR K 454 14.08 -60.39 3.80
C THR K 454 14.31 -60.46 5.29
N ILE K 455 13.41 -61.15 5.99
CA ILE K 455 13.49 -61.18 7.44
C ILE K 455 14.69 -62.00 7.88
N ALA K 456 14.84 -63.21 7.33
CA ALA K 456 16.02 -64.00 7.57
C ALA K 456 17.28 -63.24 7.19
N LYS K 457 17.22 -62.46 6.11
CA LYS K 457 18.33 -61.61 5.72
C LYS K 457 18.69 -60.65 6.84
N ASN K 458 17.69 -59.95 7.38
CA ASN K 458 17.94 -59.02 8.47
C ASN K 458 18.50 -59.74 9.69
N ALA K 459 18.02 -60.94 9.96
CA ALA K 459 18.57 -61.71 11.07
C ALA K 459 20.03 -62.05 10.85
N GLY K 460 20.47 -62.10 9.60
CA GLY K 460 21.81 -62.56 9.30
C GLY K 460 21.89 -64.04 9.01
N VAL K 461 20.87 -64.61 8.38
CA VAL K 461 20.82 -66.02 8.07
C VAL K 461 20.52 -66.18 6.59
N GLU K 462 20.52 -67.43 6.14
CA GLU K 462 20.29 -67.73 4.73
C GLU K 462 18.80 -67.65 4.44
N GLY K 463 18.42 -66.70 3.60
CA GLY K 463 17.02 -66.46 3.31
C GLY K 463 16.31 -67.66 2.70
N SER K 464 16.70 -68.01 1.48
CA SER K 464 16.03 -69.09 0.76
C SER K 464 16.08 -70.40 1.53
N LEU K 465 17.18 -70.64 2.25
CA LEU K 465 17.26 -71.85 3.08
C LEU K 465 16.15 -71.87 4.11
N ILE K 466 15.98 -70.77 4.85
CA ILE K 466 14.97 -70.75 5.90
C ILE K 466 13.58 -70.82 5.29
N VAL K 467 13.37 -70.16 4.16
CA VAL K 467 12.07 -70.20 3.50
C VAL K 467 11.72 -71.63 3.12
N GLU K 468 12.67 -72.33 2.50
CA GLU K 468 12.42 -73.71 2.09
C GLU K 468 12.18 -74.60 3.29
N LYS K 469 13.01 -74.46 4.33
CA LYS K 469 12.87 -75.34 5.48
C LYS K 469 11.58 -75.07 6.23
N ILE K 470 11.05 -73.84 6.13
CA ILE K 470 9.74 -73.56 6.68
C ILE K 470 8.66 -74.22 5.83
N MET K 471 8.77 -74.11 4.51
CA MET K 471 7.77 -74.72 3.65
C MET K 471 7.72 -76.24 3.84
N GLN K 472 8.86 -76.85 4.16
CA GLN K 472 8.84 -78.28 4.41
C GLN K 472 8.11 -78.62 5.70
N SER K 473 8.08 -77.70 6.66
CA SER K 473 7.54 -77.99 7.96
C SER K 473 6.01 -77.98 7.91
N SER K 474 5.38 -78.08 9.08
CA SER K 474 3.93 -78.20 9.17
C SER K 474 3.26 -76.87 8.85
N SER K 475 1.94 -76.85 9.02
CA SER K 475 1.17 -75.64 8.76
C SER K 475 1.44 -74.57 9.82
N GLU K 476 1.51 -74.98 11.08
CA GLU K 476 1.65 -74.05 12.19
C GLU K 476 3.09 -73.85 12.61
N VAL K 477 4.00 -74.64 12.12
CA VAL K 477 5.41 -74.49 12.46
C VAL K 477 6.02 -73.45 11.54
N GLY K 478 6.92 -72.66 12.09
CA GLY K 478 7.61 -71.66 11.31
C GLY K 478 8.83 -71.19 12.05
N TYR K 479 9.30 -70.01 11.70
CA TYR K 479 10.59 -69.50 12.14
C TYR K 479 10.43 -68.26 13.01
N ASP K 480 10.96 -68.33 14.22
CA ASP K 480 11.23 -67.15 15.01
C ASP K 480 12.64 -66.68 14.74
N ALA K 481 12.80 -65.36 14.69
CA ALA K 481 14.10 -64.73 14.53
C ALA K 481 14.74 -64.39 15.86
N MET K 482 13.95 -64.17 16.90
CA MET K 482 14.53 -63.87 18.18
C MET K 482 15.15 -65.12 18.79
N ALA K 483 14.43 -66.23 18.77
CA ALA K 483 15.01 -67.50 19.14
C ALA K 483 15.78 -68.12 17.98
N GLY K 484 15.67 -67.54 16.77
CA GLY K 484 16.41 -68.00 15.61
C GLY K 484 16.27 -69.48 15.34
N ASP K 485 15.05 -69.96 15.25
CA ASP K 485 14.80 -71.39 15.21
C ASP K 485 13.35 -71.60 14.80
N PHE K 486 12.91 -72.85 14.81
CA PHE K 486 11.54 -73.18 14.40
C PHE K 486 10.70 -73.52 15.63
N VAL K 487 9.49 -72.97 15.66
CA VAL K 487 8.51 -73.26 16.70
C VAL K 487 7.12 -73.13 16.12
N ASN K 488 6.12 -73.51 16.90
CA ASN K 488 4.74 -73.17 16.57
C ASN K 488 4.46 -71.74 17.03
N MET K 489 3.85 -70.96 16.15
CA MET K 489 3.74 -69.53 16.41
C MET K 489 2.72 -69.26 17.51
N VAL K 490 1.48 -69.68 17.30
CA VAL K 490 0.45 -69.52 18.31
C VAL K 490 0.87 -70.19 19.60
N GLU K 491 1.56 -71.31 19.50
CA GLU K 491 2.24 -71.87 20.67
C GLU K 491 3.23 -70.86 21.24
N LYS K 492 4.06 -70.27 20.37
CA LYS K 492 5.06 -69.33 20.81
C LYS K 492 4.47 -67.95 21.12
N GLY K 493 3.31 -67.64 20.57
CA GLY K 493 2.68 -66.36 20.83
C GLY K 493 2.99 -65.33 19.77
N ILE K 494 2.98 -65.75 18.50
CA ILE K 494 3.15 -64.86 17.37
C ILE K 494 1.96 -65.03 16.46
N ILE K 495 1.28 -63.94 16.15
CA ILE K 495 0.17 -63.90 15.21
C ILE K 495 0.18 -62.51 14.58
N ASP K 496 -0.71 -62.31 13.62
CA ASP K 496 -0.82 -61.01 12.98
C ASP K 496 -2.25 -60.83 12.47
N PRO K 497 -2.66 -59.60 12.20
CA PRO K 497 -4.01 -59.38 11.69
C PRO K 497 -4.13 -59.84 10.25
N THR K 498 -5.32 -60.30 9.90
CA THR K 498 -5.58 -60.64 8.51
C THR K 498 -5.80 -59.40 7.67
N LYS K 499 -6.44 -58.38 8.24
CA LYS K 499 -6.73 -57.18 7.45
C LYS K 499 -5.46 -56.48 7.02
N VAL K 500 -4.48 -56.37 7.92
CA VAL K 500 -3.21 -55.74 7.56
C VAL K 500 -2.56 -56.46 6.39
N VAL K 501 -2.49 -57.78 6.47
CA VAL K 501 -1.84 -58.57 5.43
C VAL K 501 -2.56 -58.40 4.11
N ARG K 502 -3.89 -58.57 4.13
CA ARG K 502 -4.66 -58.49 2.90
C ARG K 502 -4.55 -57.11 2.27
N THR K 503 -4.68 -56.05 3.06
CA THR K 503 -4.61 -54.70 2.51
C THR K 503 -3.23 -54.42 1.94
N ALA K 504 -2.17 -54.78 2.67
CA ALA K 504 -0.83 -54.53 2.18
C ALA K 504 -0.58 -55.27 0.88
N LEU K 505 -0.90 -56.56 0.86
CA LEU K 505 -0.72 -57.35 -0.35
C LEU K 505 -1.47 -56.75 -1.52
N LEU K 506 -2.73 -56.38 -1.31
CA LEU K 506 -3.53 -55.86 -2.40
C LEU K 506 -2.97 -54.55 -2.93
N ASP K 507 -2.63 -53.62 -2.04
CA ASP K 507 -2.08 -52.34 -2.47
C ASP K 507 -0.79 -52.53 -3.26
N ALA K 508 0.15 -53.29 -2.69
CA ALA K 508 1.43 -53.46 -3.34
C ALA K 508 1.27 -54.12 -4.69
N ALA K 509 0.51 -55.21 -4.76
CA ALA K 509 0.30 -55.90 -6.01
C ALA K 509 -0.33 -54.98 -7.04
N GLY K 510 -1.37 -54.25 -6.66
CA GLY K 510 -2.05 -53.39 -7.60
C GLY K 510 -1.12 -52.34 -8.20
N VAL K 511 -0.47 -51.57 -7.34
CA VAL K 511 0.34 -50.47 -7.85
C VAL K 511 1.53 -50.99 -8.64
N ALA K 512 2.16 -52.08 -8.16
CA ALA K 512 3.32 -52.60 -8.88
C ALA K 512 2.93 -53.15 -10.23
N SER K 513 1.85 -53.93 -10.29
CA SER K 513 1.41 -54.48 -11.57
C SER K 513 1.05 -53.36 -12.53
N LEU K 514 0.42 -52.29 -12.03
CA LEU K 514 0.16 -51.15 -12.91
C LEU K 514 1.46 -50.54 -13.40
N LEU K 515 2.47 -50.46 -12.53
CA LEU K 515 3.75 -49.92 -12.95
C LEU K 515 4.39 -50.77 -14.03
N THR K 516 4.15 -52.08 -13.99
CA THR K 516 4.84 -53.00 -14.89
C THR K 516 4.55 -52.69 -16.35
N THR K 517 3.34 -52.27 -16.67
CA THR K 517 2.97 -52.00 -18.05
C THR K 517 3.53 -50.70 -18.59
N ALA K 518 4.35 -50.00 -17.83
CA ALA K 518 4.94 -48.77 -18.32
C ALA K 518 5.86 -49.05 -19.49
N GLU K 519 5.83 -48.16 -20.49
CA GLU K 519 6.58 -48.39 -21.72
C GLU K 519 7.38 -47.17 -22.10
N VAL K 520 6.90 -45.99 -21.73
CA VAL K 520 7.48 -44.73 -22.15
C VAL K 520 7.30 -43.71 -21.04
N VAL K 521 8.38 -43.04 -20.66
CA VAL K 521 8.34 -42.10 -19.56
C VAL K 521 8.59 -40.70 -20.08
N VAL K 522 7.81 -39.75 -19.59
CA VAL K 522 8.00 -38.34 -19.89
C VAL K 522 8.23 -37.60 -18.58
N THR K 523 9.21 -36.72 -18.58
CA THR K 523 9.61 -36.00 -17.38
C THR K 523 9.83 -34.54 -17.69
N GLU K 524 9.73 -33.72 -16.65
CA GLU K 524 10.07 -32.32 -16.80
C GLU K 524 11.55 -32.17 -17.10
N ILE K 525 11.89 -31.18 -17.91
CA ILE K 525 13.28 -30.87 -18.18
C ILE K 525 13.86 -30.38 -16.86
N PRO K 526 15.15 -30.60 -16.59
CA PRO K 526 15.69 -30.36 -15.25
C PRO K 526 16.03 -28.91 -14.94
N LYS K 527 15.40 -27.96 -15.67
CA LYS K 527 15.70 -26.53 -15.55
C LYS K 527 15.90 -26.04 -14.11
N GLU K 528 14.84 -26.10 -13.30
CA GLU K 528 14.92 -25.64 -11.93
C GLU K 528 13.91 -26.37 -11.05
N GLY L 1 8.94 -31.11 -1.15
CA GLY L 1 10.00 -31.92 -0.58
C GLY L 1 11.27 -31.88 -1.40
N SER L 2 12.31 -31.29 -0.85
CA SER L 2 13.58 -31.19 -1.56
C SER L 2 14.18 -32.56 -1.80
N ALA L 3 14.83 -32.71 -2.95
CA ALA L 3 15.52 -33.96 -3.26
C ALA L 3 16.56 -34.23 -2.18
N LYS L 4 16.55 -35.45 -1.66
CA LYS L 4 17.37 -35.79 -0.53
C LYS L 4 18.48 -36.75 -0.97
N ASP L 5 19.28 -37.17 0.00
CA ASP L 5 20.38 -38.09 -0.26
C ASP L 5 20.45 -39.08 0.90
N VAL L 6 20.86 -40.31 0.57
CA VAL L 6 20.85 -41.39 1.54
C VAL L 6 22.24 -41.97 1.65
N LYS L 7 22.57 -42.46 2.84
CA LYS L 7 23.80 -43.20 3.07
C LYS L 7 23.50 -44.39 3.98
N PHE L 8 24.32 -45.43 3.81
CA PHE L 8 24.08 -46.72 4.42
C PHE L 8 25.24 -47.14 5.29
N GLY L 9 24.92 -47.72 6.44
CA GLY L 9 25.87 -48.53 7.18
C GLY L 9 27.10 -47.77 7.64
N ALA L 10 28.26 -48.35 7.35
CA ALA L 10 29.50 -47.84 7.93
C ALA L 10 29.79 -46.42 7.51
N ASP L 11 29.34 -46.02 6.32
CA ASP L 11 29.60 -44.65 5.86
C ASP L 11 28.92 -43.64 6.76
N ALA L 12 27.59 -43.74 6.87
CA ALA L 12 26.84 -42.82 7.71
C ALA L 12 27.29 -42.91 9.15
N ARG L 13 27.62 -44.12 9.61
CA ARG L 13 28.11 -44.29 10.97
C ARG L 13 29.39 -43.50 11.18
N ALA L 14 30.34 -43.65 10.26
CA ALA L 14 31.61 -42.94 10.41
C ALA L 14 31.40 -41.43 10.36
N LEU L 15 30.52 -40.96 9.48
CA LEU L 15 30.30 -39.52 9.39
C LEU L 15 29.67 -38.97 10.67
N MET L 16 28.62 -39.63 11.15
CA MET L 16 27.97 -39.16 12.37
C MET L 16 28.93 -39.22 13.55
N LEU L 17 29.71 -40.29 13.65
CA LEU L 17 30.66 -40.37 14.75
C LEU L 17 31.74 -39.31 14.63
N GLN L 18 32.16 -38.98 13.41
CA GLN L 18 33.12 -37.89 13.25
C GLN L 18 32.53 -36.58 13.73
N GLY L 19 31.29 -36.30 13.36
CA GLY L 19 30.65 -35.08 13.83
C GLY L 19 30.55 -35.02 15.34
N VAL L 20 30.13 -36.13 15.95
CA VAL L 20 29.99 -36.16 17.40
C VAL L 20 31.35 -36.03 18.06
N ASP L 21 32.39 -36.64 17.49
CA ASP L 21 33.72 -36.51 18.05
C ASP L 21 34.21 -35.08 17.94
N LEU L 22 33.90 -34.40 16.85
CA LEU L 22 34.22 -32.98 16.75
C LEU L 22 33.54 -32.21 17.87
N LEU L 23 32.24 -32.40 18.03
CA LEU L 23 31.51 -31.61 19.01
C LEU L 23 31.92 -31.94 20.43
N ALA L 24 32.34 -33.17 20.69
CA ALA L 24 32.72 -33.58 22.04
C ALA L 24 34.17 -33.25 22.37
N ASP L 25 35.06 -33.33 21.39
CA ASP L 25 36.40 -32.82 21.62
C ASP L 25 36.38 -31.32 21.86
N ALA L 26 35.38 -30.64 21.28
CA ALA L 26 35.25 -29.20 21.49
C ALA L 26 34.99 -28.85 22.94
N VAL L 27 34.44 -29.79 23.70
CA VAL L 27 33.88 -29.51 25.01
C VAL L 27 34.60 -30.27 26.12
N ALA L 28 35.08 -31.48 25.84
CA ALA L 28 35.54 -32.39 26.88
C ALA L 28 36.61 -31.80 27.77
N VAL L 29 37.27 -30.72 27.33
CA VAL L 29 38.26 -30.05 28.15
C VAL L 29 37.63 -29.50 29.42
N THR L 30 36.42 -28.96 29.31
CA THR L 30 35.84 -28.15 30.38
C THR L 30 35.16 -29.03 31.42
N MET L 31 35.99 -29.79 32.11
CA MET L 31 35.55 -30.60 33.22
C MET L 31 36.53 -30.45 34.36
N GLY L 32 35.99 -30.26 35.56
CA GLY L 32 36.81 -30.15 36.74
C GLY L 32 37.79 -29.00 36.66
N PRO L 33 38.62 -28.86 37.68
CA PRO L 33 39.71 -27.89 37.60
C PRO L 33 40.66 -28.28 36.49
N LYS L 34 41.43 -27.29 36.05
CA LYS L 34 42.34 -27.39 34.92
C LYS L 34 41.62 -27.51 33.58
N GLY L 35 40.29 -27.54 33.56
CA GLY L 35 39.59 -27.30 32.32
C GLY L 35 39.91 -25.91 31.78
N ARG L 36 39.61 -25.71 30.50
CA ARG L 36 40.04 -24.50 29.81
C ARG L 36 38.89 -23.90 29.03
N THR L 37 38.78 -22.58 29.12
CA THR L 37 37.64 -21.86 28.58
C THR L 37 37.59 -21.97 27.06
N VAL L 38 36.50 -21.45 26.51
CA VAL L 38 36.22 -21.48 25.08
C VAL L 38 35.69 -20.13 24.68
N ILE L 39 36.20 -19.59 23.58
CA ILE L 39 35.74 -18.32 23.03
C ILE L 39 34.86 -18.60 21.84
N ILE L 40 33.65 -18.07 21.86
CA ILE L 40 32.74 -18.15 20.73
C ILE L 40 32.53 -16.74 20.21
N GLU L 41 32.37 -16.61 18.89
CA GLU L 41 32.22 -15.32 18.27
C GLU L 41 30.75 -14.91 18.28
N GLN L 42 30.44 -13.86 19.04
CA GLN L 42 29.11 -13.26 18.98
C GLN L 42 29.00 -12.44 17.71
N SER L 43 27.89 -12.60 17.00
CA SER L 43 27.80 -12.03 15.66
C SER L 43 27.72 -10.51 15.65
N TRP L 44 27.43 -9.87 16.78
CA TRP L 44 27.19 -8.44 16.78
C TRP L 44 28.09 -7.64 17.70
N GLY L 45 28.52 -8.21 18.82
CA GLY L 45 29.31 -7.47 19.78
C GLY L 45 30.53 -8.25 20.20
N SER L 46 30.89 -8.13 21.48
CA SER L 46 32.02 -8.85 22.00
C SER L 46 31.74 -10.36 21.98
N PRO L 47 32.77 -11.17 21.79
CA PRO L 47 32.56 -12.61 21.80
C PRO L 47 32.34 -13.12 23.21
N LYS L 48 31.68 -14.27 23.30
CA LYS L 48 31.46 -14.91 24.58
C LYS L 48 32.67 -15.74 24.98
N VAL L 49 32.85 -15.88 26.29
CA VAL L 49 33.92 -16.72 26.85
C VAL L 49 33.29 -17.57 27.94
N THR L 50 33.56 -18.89 27.90
CA THR L 50 32.81 -19.82 28.72
C THR L 50 33.68 -20.95 29.24
N LYS L 51 33.13 -21.65 30.23
CA LYS L 51 33.45 -23.02 30.52
C LYS L 51 32.25 -23.94 30.36
N ASP L 52 31.05 -23.37 30.33
CA ASP L 52 29.83 -24.14 30.19
C ASP L 52 29.84 -24.93 28.89
N GLY L 53 29.10 -26.03 28.89
CA GLY L 53 29.14 -26.98 27.81
C GLY L 53 27.90 -27.04 26.95
N VAL L 54 27.10 -25.98 26.97
CA VAL L 54 25.88 -25.92 26.17
C VAL L 54 25.96 -24.69 25.28
N THR L 55 26.37 -23.57 25.86
CA THR L 55 26.85 -22.46 25.06
C THR L 55 27.85 -22.98 24.04
N VAL L 56 28.85 -23.71 24.53
CA VAL L 56 29.76 -24.42 23.62
C VAL L 56 28.99 -25.37 22.73
N ALA L 57 28.14 -26.21 23.32
CA ALA L 57 27.42 -27.19 22.52
C ALA L 57 26.44 -26.51 21.57
N LYS L 58 25.51 -25.71 22.12
CA LYS L 58 24.48 -25.11 21.28
C LYS L 58 25.04 -24.16 20.25
N SER L 59 26.25 -23.64 20.46
CA SER L 59 26.82 -22.74 19.48
C SER L 59 27.27 -23.48 18.24
N ILE L 60 27.81 -24.69 18.41
CA ILE L 60 28.44 -25.38 17.29
C ILE L 60 27.41 -25.80 16.26
N ASP L 61 27.69 -25.50 15.01
CA ASP L 61 26.88 -25.98 13.89
C ASP L 61 27.81 -26.36 12.76
N LEU L 62 27.59 -27.52 12.17
CA LEU L 62 28.51 -28.09 11.21
C LEU L 62 28.00 -27.91 9.80
N LYS L 63 28.94 -27.62 8.89
CA LYS L 63 28.58 -27.46 7.48
C LYS L 63 27.99 -28.73 6.90
N ASP L 64 28.72 -29.83 7.00
CA ASP L 64 28.27 -31.09 6.42
C ASP L 64 27.03 -31.58 7.14
N LYS L 65 26.13 -32.21 6.38
CA LYS L 65 24.84 -32.61 6.92
C LYS L 65 25.00 -33.66 8.01
N TYR L 66 25.74 -34.72 7.73
CA TYR L 66 25.80 -35.85 8.65
C TYR L 66 26.48 -35.45 9.95
N LYS L 67 27.59 -34.72 9.85
CA LYS L 67 28.20 -34.17 11.04
C LYS L 67 27.24 -33.27 11.78
N ASN L 68 26.38 -32.56 11.06
CA ASN L 68 25.36 -31.76 11.71
C ASN L 68 24.39 -32.64 12.48
N ILE L 69 24.08 -33.82 11.94
CA ILE L 69 23.20 -34.74 12.65
C ILE L 69 23.83 -35.20 13.95
N GLY L 70 25.11 -35.54 13.90
CA GLY L 70 25.83 -35.88 15.13
C GLY L 70 25.79 -34.75 16.13
N ALA L 71 26.05 -33.52 15.66
CA ALA L 71 26.05 -32.38 16.54
C ALA L 71 24.68 -32.17 17.17
N LYS L 72 23.62 -32.37 16.41
CA LYS L 72 22.28 -32.20 16.96
C LYS L 72 21.98 -33.25 18.01
N LEU L 73 22.35 -34.50 17.75
CA LEU L 73 22.09 -35.53 18.76
C LEU L 73 22.91 -35.32 20.02
N VAL L 74 24.04 -34.61 19.93
CA VAL L 74 24.74 -34.29 21.17
C VAL L 74 24.12 -33.09 21.87
N GLN L 75 23.77 -32.06 21.09
CA GLN L 75 23.16 -30.88 21.69
C GLN L 75 21.84 -31.20 22.37
N ASP L 76 21.10 -32.18 21.85
CA ASP L 76 19.85 -32.53 22.50
C ASP L 76 20.10 -33.15 23.87
N VAL L 77 21.12 -34.00 23.97
CA VAL L 77 21.51 -34.53 25.27
C VAL L 77 21.86 -33.38 26.20
N ALA L 78 22.69 -32.46 25.72
CA ALA L 78 23.09 -31.33 26.53
C ALA L 78 21.89 -30.51 26.98
N ASN L 79 20.95 -30.28 26.07
CA ASN L 79 19.82 -29.42 26.37
C ASN L 79 18.87 -30.08 27.36
N ASN L 80 18.60 -31.37 27.19
CA ASN L 80 17.79 -32.08 28.17
C ASN L 80 18.45 -32.07 29.53
N THR L 81 19.76 -32.31 29.57
CA THR L 81 20.45 -32.30 30.85
C THR L 81 20.35 -30.92 31.51
N ASN L 82 20.54 -29.86 30.73
CA ASN L 82 20.41 -28.52 31.26
C ASN L 82 19.03 -28.29 31.84
N GLU L 83 18.00 -28.47 31.00
CA GLU L 83 16.65 -28.16 31.44
C GLU L 83 16.17 -29.07 32.55
N GLU L 84 16.79 -30.23 32.73
CA GLU L 84 16.37 -31.12 33.80
C GLU L 84 17.08 -30.82 35.11
N ALA L 85 18.41 -30.82 35.10
CA ALA L 85 19.17 -30.67 36.32
C ALA L 85 20.06 -29.44 36.35
N GLY L 86 20.14 -28.69 35.27
CA GLY L 86 20.84 -27.41 35.29
C GLY L 86 22.32 -27.50 35.08
N ASP L 87 22.97 -28.47 35.70
CA ASP L 87 24.39 -28.72 35.53
C ASP L 87 24.60 -30.19 35.25
N GLY L 88 25.76 -30.51 34.67
CA GLY L 88 26.07 -31.86 34.28
C GLY L 88 25.95 -32.01 32.79
N THR L 89 26.32 -30.94 32.09
CA THR L 89 26.23 -30.93 30.64
C THR L 89 27.43 -31.61 30.03
N THR L 90 28.60 -31.23 30.50
CA THR L 90 29.84 -31.77 29.96
C THR L 90 29.90 -33.27 30.16
N THR L 91 29.51 -33.71 31.34
CA THR L 91 29.47 -35.13 31.63
C THR L 91 28.54 -35.84 30.66
N ALA L 92 27.37 -35.24 30.41
CA ALA L 92 26.44 -35.83 29.45
C ALA L 92 27.08 -35.96 28.09
N THR L 93 27.76 -34.91 27.63
CA THR L 93 28.36 -34.94 26.30
C THR L 93 29.42 -36.03 26.22
N VAL L 94 30.30 -36.10 27.22
CA VAL L 94 31.39 -37.05 27.13
C VAL L 94 30.87 -38.48 27.21
N LEU L 95 29.93 -38.75 28.11
CA LEU L 95 29.36 -40.08 28.19
C LEU L 95 28.63 -40.43 26.91
N ALA L 96 27.95 -39.46 26.31
CA ALA L 96 27.29 -39.71 25.04
C ALA L 96 28.28 -40.08 23.96
N ARG L 97 29.40 -39.35 23.88
CA ARG L 97 30.38 -39.67 22.87
C ARG L 97 30.98 -41.05 23.08
N SER L 98 31.31 -41.38 24.32
CA SER L 98 31.89 -42.69 24.58
C SER L 98 30.92 -43.79 24.25
N ILE L 99 29.65 -43.63 24.63
CA ILE L 99 28.66 -44.65 24.34
C ILE L 99 28.45 -44.78 22.85
N ALA L 100 28.45 -43.66 22.14
CA ALA L 100 28.27 -43.72 20.69
C ALA L 100 29.44 -44.44 20.03
N LYS L 101 30.66 -44.13 20.46
CA LYS L 101 31.82 -44.77 19.85
C LYS L 101 31.83 -46.26 20.15
N GLU L 102 31.51 -46.64 21.39
CA GLU L 102 31.40 -48.06 21.70
C GLU L 102 30.30 -48.72 20.88
N GLY L 103 29.20 -48.01 20.64
CA GLY L 103 28.14 -48.57 19.83
C GLY L 103 28.57 -48.81 18.41
N PHE L 104 29.25 -47.84 17.82
CA PHE L 104 29.73 -48.00 16.46
C PHE L 104 31.03 -48.80 16.44
N GLU L 105 31.09 -49.89 17.19
CA GLU L 105 32.06 -50.95 17.00
C GLU L 105 31.46 -52.35 17.09
N LYS L 106 30.38 -52.54 17.83
CA LYS L 106 29.73 -53.82 17.96
C LYS L 106 28.63 -54.02 16.94
N ILE L 107 28.57 -53.15 15.93
CA ILE L 107 27.49 -53.20 14.94
C ILE L 107 27.86 -54.22 13.88
N SER L 108 27.56 -55.48 14.13
CA SER L 108 27.92 -56.56 13.24
C SER L 108 26.82 -56.77 12.20
N LYS L 109 26.94 -57.82 11.42
CA LYS L 109 25.83 -58.29 10.61
C LYS L 109 25.00 -59.33 11.35
N GLY L 110 25.45 -59.76 12.52
CA GLY L 110 24.70 -60.72 13.31
C GLY L 110 24.10 -60.12 14.56
N ALA L 111 24.55 -58.92 14.92
CA ALA L 111 24.08 -58.28 16.14
C ALA L 111 22.71 -57.64 15.93
N ASN L 112 21.95 -57.53 17.02
CA ASN L 112 20.64 -56.89 17.01
C ASN L 112 20.70 -55.64 17.87
N PRO L 113 20.81 -54.45 17.27
CA PRO L 113 21.07 -53.24 18.07
C PRO L 113 19.96 -52.91 19.07
N VAL L 114 18.73 -53.32 18.80
CA VAL L 114 17.64 -53.01 19.72
C VAL L 114 17.86 -53.72 21.06
N GLU L 115 18.31 -54.97 21.01
CA GLU L 115 18.73 -55.66 22.23
C GLU L 115 19.86 -54.91 22.91
N ILE L 116 20.74 -54.29 22.12
CA ILE L 116 21.82 -53.49 22.70
C ILE L 116 21.25 -52.33 23.50
N ARG L 117 20.27 -51.64 22.92
CA ARG L 117 19.58 -50.58 23.63
C ARG L 117 18.95 -51.10 24.92
N ARG L 118 18.31 -52.27 24.84
CA ARG L 118 17.68 -52.84 26.02
C ARG L 118 18.70 -53.07 27.13
N GLY L 119 19.81 -53.70 26.78
CA GLY L 119 20.83 -53.98 27.78
C GLY L 119 21.40 -52.70 28.38
N VAL L 120 21.60 -51.69 27.54
CA VAL L 120 22.08 -50.41 28.05
C VAL L 120 21.09 -49.83 29.04
N MET L 121 19.79 -49.98 28.75
CA MET L 121 18.79 -49.46 29.67
C MET L 121 18.84 -50.20 31.00
N LEU L 122 18.99 -51.53 30.95
CA LEU L 122 19.16 -52.29 32.18
C LEU L 122 20.37 -51.81 32.97
N ALA L 123 21.46 -51.54 32.27
CA ALA L 123 22.67 -51.07 32.94
C ALA L 123 22.42 -49.74 33.62
N VAL L 124 21.75 -48.82 32.92
CA VAL L 124 21.48 -47.51 33.50
C VAL L 124 20.61 -47.65 34.73
N ASP L 125 19.61 -48.53 34.66
CA ASP L 125 18.74 -48.74 35.81
C ASP L 125 19.54 -49.24 37.00
N ALA L 126 20.36 -50.27 36.78
CA ALA L 126 21.15 -50.83 37.87
C ALA L 126 22.07 -49.78 38.47
N VAL L 127 22.72 -48.99 37.63
CA VAL L 127 23.69 -48.04 38.14
C VAL L 127 23.00 -46.90 38.89
N ILE L 128 21.85 -46.44 38.40
CA ILE L 128 21.16 -45.37 39.11
C ILE L 128 20.63 -45.86 40.44
N ALA L 129 20.17 -47.11 40.48
CA ALA L 129 19.76 -47.69 41.75
C ALA L 129 20.92 -47.74 42.72
N GLU L 130 22.08 -48.20 42.25
CA GLU L 130 23.24 -48.25 43.13
C GLU L 130 23.64 -46.86 43.61
N LEU L 131 23.51 -45.87 42.74
CA LEU L 131 23.77 -44.48 43.14
C LEU L 131 22.87 -44.08 44.29
N LYS L 132 21.56 -44.18 44.10
CA LYS L 132 20.62 -43.76 45.13
C LYS L 132 20.83 -44.54 46.42
N LYS L 133 21.26 -45.79 46.33
CA LYS L 133 21.55 -46.54 47.54
C LYS L 133 22.78 -45.98 48.24
N GLN L 134 23.79 -45.60 47.48
CA GLN L 134 25.02 -45.04 48.05
C GLN L 134 24.96 -43.55 48.22
N SER L 135 23.80 -42.93 48.06
CA SER L 135 23.67 -41.51 48.27
C SER L 135 23.73 -41.18 49.76
N LYS L 136 23.54 -39.91 50.07
CA LYS L 136 23.40 -39.48 51.46
C LYS L 136 22.93 -38.05 51.50
N PRO L 137 21.98 -37.72 52.38
CA PRO L 137 21.38 -36.38 52.36
C PRO L 137 22.33 -35.32 52.85
N VAL L 138 21.97 -34.07 52.56
CA VAL L 138 22.72 -32.92 53.02
C VAL L 138 22.09 -32.40 54.30
N THR L 139 22.91 -32.26 55.34
CA THR L 139 22.44 -31.78 56.63
C THR L 139 23.12 -30.49 57.07
N THR L 140 24.38 -30.46 57.05
CA THR L 140 24.99 -29.27 57.62
C THR L 140 25.29 -28.25 56.53
N PRO L 141 25.30 -26.96 56.85
CA PRO L 141 25.66 -25.95 55.83
C PRO L 141 27.10 -26.04 55.37
N GLU L 142 27.97 -26.77 56.06
CA GLU L 142 29.31 -27.01 55.56
C GLU L 142 29.27 -27.70 54.22
N GLU L 143 28.36 -28.67 54.07
CA GLU L 143 28.23 -29.36 52.79
C GLU L 143 27.79 -28.40 51.70
N ILE L 144 26.85 -27.51 52.02
CA ILE L 144 26.42 -26.52 51.05
C ILE L 144 27.58 -25.63 50.65
N ALA L 145 28.36 -25.18 51.64
CA ALA L 145 29.51 -24.34 51.36
C ALA L 145 30.48 -25.06 50.45
N GLN L 146 30.73 -26.34 50.72
CA GLN L 146 31.65 -27.11 49.90
C GLN L 146 31.14 -27.22 48.47
N VAL L 147 29.86 -27.60 48.32
CA VAL L 147 29.30 -27.81 46.98
C VAL L 147 29.36 -26.53 46.17
N ALA L 148 28.94 -25.42 46.78
CA ALA L 148 29.01 -24.15 46.08
C ALA L 148 30.46 -23.80 45.74
N THR L 149 31.38 -24.09 46.66
CA THR L 149 32.79 -23.81 46.39
C THR L 149 33.28 -24.58 45.19
N ILE L 150 32.80 -25.81 45.03
CA ILE L 150 33.12 -26.57 43.83
C ILE L 150 32.59 -25.85 42.60
N SER L 151 31.28 -25.69 42.56
CA SER L 151 30.63 -25.42 41.28
C SER L 151 30.83 -24.01 40.78
N ALA L 152 31.61 -23.19 41.48
CA ALA L 152 32.19 -21.99 40.88
C ALA L 152 33.51 -22.29 40.20
N ASN L 153 33.75 -23.55 39.83
CA ASN L 153 35.04 -24.00 39.34
C ASN L 153 36.10 -23.79 40.42
N GLY L 154 35.76 -24.21 41.64
CA GLY L 154 36.71 -24.18 42.72
C GLY L 154 36.86 -22.85 43.42
N ASP L 155 35.87 -21.98 43.30
CA ASP L 155 35.91 -20.67 43.95
C ASP L 155 35.29 -20.78 45.33
N LYS L 156 35.93 -20.18 46.33
CA LYS L 156 35.43 -20.26 47.68
C LYS L 156 34.49 -19.10 48.04
N GLU L 157 34.72 -17.92 47.47
CA GLU L 157 33.82 -16.81 47.74
C GLU L 157 32.41 -17.12 47.28
N ILE L 158 32.26 -17.76 46.13
CA ILE L 158 30.95 -18.15 45.65
C ILE L 158 30.29 -19.10 46.64
N GLY L 159 31.07 -20.03 47.18
CA GLY L 159 30.52 -20.96 48.15
C GLY L 159 30.04 -20.27 49.40
N ASN L 160 30.87 -19.40 49.97
CA ASN L 160 30.48 -18.67 51.16
C ASN L 160 29.24 -17.83 50.91
N ILE L 161 29.18 -17.18 49.76
CA ILE L 161 28.05 -16.31 49.46
C ILE L 161 26.77 -17.11 49.35
N ILE L 162 26.79 -18.21 48.60
CA ILE L 162 25.58 -19.00 48.45
C ILE L 162 25.18 -19.62 49.77
N SER L 163 26.16 -19.99 50.59
CA SER L 163 25.86 -20.52 51.92
C SER L 163 25.12 -19.48 52.75
N ASP L 164 25.65 -18.27 52.79
CA ASP L 164 24.99 -17.23 53.59
C ASP L 164 23.62 -16.90 53.04
N ALA L 165 23.46 -16.92 51.71
CA ALA L 165 22.15 -16.71 51.13
C ALA L 165 21.16 -17.77 51.60
N MET L 166 21.54 -19.04 51.48
CA MET L 166 20.63 -20.11 51.87
C MET L 166 20.38 -20.13 53.37
N LYS L 167 21.32 -19.62 54.17
CA LYS L 167 21.10 -19.57 55.61
C LYS L 167 20.13 -18.45 55.97
N LYS L 168 20.36 -17.25 55.44
CA LYS L 168 19.51 -16.12 55.74
C LYS L 168 18.20 -16.14 54.97
N VAL L 169 18.00 -17.13 54.10
CA VAL L 169 16.74 -17.26 53.37
C VAL L 169 16.14 -18.65 53.47
N GLY L 170 16.89 -19.64 53.92
CA GLY L 170 16.34 -20.98 54.01
C GLY L 170 16.69 -21.81 52.79
N ARG L 171 16.72 -23.12 52.99
CA ARG L 171 17.17 -24.02 51.93
C ARG L 171 16.25 -24.05 50.72
N LYS L 172 15.04 -23.49 50.82
CA LYS L 172 14.16 -23.36 49.68
C LYS L 172 13.73 -21.91 49.48
N GLY L 173 14.59 -20.99 49.85
CA GLY L 173 14.33 -19.59 49.59
C GLY L 173 14.43 -19.28 48.11
N VAL L 174 14.34 -17.99 47.81
CA VAL L 174 14.37 -17.50 46.43
C VAL L 174 15.59 -16.62 46.29
N ILE L 175 16.68 -17.18 45.75
CA ILE L 175 17.88 -16.41 45.45
C ILE L 175 17.92 -16.18 43.95
N THR L 176 18.34 -14.99 43.55
CA THR L 176 18.47 -14.68 42.14
C THR L 176 19.67 -13.77 41.96
N VAL L 177 20.27 -13.84 40.76
CA VAL L 177 21.49 -13.10 40.49
C VAL L 177 21.21 -12.06 39.41
N LYS L 178 21.90 -10.93 39.53
CA LYS L 178 21.84 -9.89 38.53
C LYS L 178 23.25 -9.44 38.20
N ASP L 179 23.37 -8.75 37.07
CA ASP L 179 24.67 -8.30 36.58
C ASP L 179 25.22 -7.25 37.54
N GLY L 180 26.26 -7.62 38.27
CA GLY L 180 26.85 -6.71 39.24
C GLY L 180 27.38 -5.45 38.58
N LYS L 181 27.76 -4.51 39.43
CA LYS L 181 28.19 -3.19 38.98
C LYS L 181 29.52 -2.76 39.58
N THR L 182 30.04 -3.48 40.56
CA THR L 182 31.26 -3.10 41.23
C THR L 182 32.33 -4.15 40.98
N LEU L 183 33.51 -3.90 41.54
CA LEU L 183 34.65 -4.79 41.35
C LEU L 183 34.41 -6.15 42.01
N ASN L 184 33.59 -6.20 43.05
CA ASN L 184 33.43 -7.39 43.85
C ASN L 184 31.98 -7.86 43.80
N ASP L 185 31.76 -9.07 44.30
CA ASP L 185 30.42 -9.60 44.38
C ASP L 185 29.67 -8.94 45.53
N GLU L 186 28.36 -9.14 45.56
CA GLU L 186 27.54 -8.56 46.62
C GLU L 186 26.37 -9.49 46.90
N LEU L 187 26.11 -9.72 48.17
CA LEU L 187 24.95 -10.49 48.61
C LEU L 187 23.98 -9.53 49.28
N GLU L 188 22.88 -9.22 48.59
CA GLU L 188 21.87 -8.33 49.14
C GLU L 188 20.63 -9.12 49.50
N ILE L 189 19.99 -8.74 50.60
CA ILE L 189 18.81 -9.42 51.12
C ILE L 189 17.64 -8.44 51.05
N ILE L 190 16.83 -8.54 50.01
CA ILE L 190 15.63 -7.72 49.95
C ILE L 190 14.60 -8.32 50.91
N GLU L 191 14.45 -7.70 52.07
CA GLU L 191 13.55 -8.19 53.10
C GLU L 191 12.30 -7.32 53.14
N GLY L 192 11.22 -7.89 53.66
CA GLY L 192 9.95 -7.20 53.69
C GLY L 192 9.27 -7.29 52.34
N MET L 193 8.18 -6.54 52.20
CA MET L 193 7.40 -6.54 50.96
C MET L 193 7.80 -5.32 50.16
N LYS L 194 8.64 -5.52 49.16
CA LYS L 194 9.25 -4.42 48.44
C LYS L 194 9.09 -4.66 46.96
N PHE L 195 8.99 -3.58 46.20
CA PHE L 195 8.80 -3.79 44.77
C PHE L 195 9.10 -2.53 43.98
N ASP L 196 9.39 -2.78 42.71
CA ASP L 196 9.92 -1.85 41.72
C ASP L 196 9.23 -0.49 41.62
N ARG L 197 7.95 -0.40 41.94
CA ARG L 197 7.24 0.84 41.65
C ARG L 197 7.61 1.93 42.65
N GLY L 198 7.75 3.16 42.13
CA GLY L 198 8.15 4.29 42.93
C GLY L 198 7.01 5.28 43.17
N TYR L 199 7.23 6.19 44.13
CA TYR L 199 6.22 7.16 44.49
C TYR L 199 5.93 8.10 43.32
N ILE L 200 4.65 8.38 43.11
CA ILE L 200 4.25 9.17 41.94
C ILE L 200 4.69 10.61 42.09
N SER L 201 4.14 11.31 43.06
CA SER L 201 4.43 12.73 43.16
C SER L 201 5.71 12.98 43.93
N PRO L 202 6.63 13.77 43.41
CA PRO L 202 7.80 14.13 44.19
C PRO L 202 7.54 15.31 45.12
N TYR L 203 6.39 15.30 45.78
CA TYR L 203 6.09 16.24 46.85
C TYR L 203 5.99 15.55 48.20
N PHE L 204 5.89 14.23 48.22
CA PHE L 204 5.89 13.43 49.43
C PHE L 204 7.30 13.25 49.99
N ILE L 205 8.28 13.96 49.44
CA ILE L 205 9.68 13.73 49.74
C ILE L 205 10.02 14.37 51.08
N ASN L 206 9.83 13.63 52.16
CA ASN L 206 10.13 14.10 53.50
C ASN L 206 11.45 13.56 54.02
N THR L 207 12.21 12.89 53.16
CA THR L 207 13.42 12.20 53.61
C THR L 207 14.63 13.11 53.71
N SER L 208 14.65 14.21 52.97
CA SER L 208 15.84 15.05 52.88
C SER L 208 17.03 14.23 52.41
N LYS L 209 16.78 13.36 51.45
CA LYS L 209 17.75 12.36 51.01
C LYS L 209 17.45 12.10 49.53
N GLY L 210 17.99 11.00 49.00
CA GLY L 210 17.85 10.70 47.60
C GLY L 210 16.45 10.26 47.22
N GLN L 211 15.49 11.18 47.29
CA GLN L 211 14.15 10.95 46.77
C GLN L 211 13.44 9.84 47.53
N LYS L 212 13.34 9.98 48.84
CA LYS L 212 12.70 8.99 49.69
C LYS L 212 11.50 9.59 50.40
N CYS L 213 10.55 8.73 50.74
CA CYS L 213 9.44 9.06 51.63
C CYS L 213 9.40 8.00 52.72
N GLU L 214 9.69 8.41 53.95
CA GLU L 214 9.78 7.50 55.08
C GLU L 214 8.63 7.77 56.03
N PHE L 215 7.86 6.73 56.32
CA PHE L 215 6.77 6.80 57.29
C PHE L 215 6.95 5.69 58.32
N GLN L 216 6.43 5.94 59.52
CA GLN L 216 6.53 5.00 60.62
C GLN L 216 5.14 4.77 61.18
N ASP L 217 4.69 3.52 61.17
CA ASP L 217 3.40 3.11 61.72
C ASP L 217 2.24 3.67 60.91
N ALA L 218 2.44 3.86 59.61
CA ALA L 218 1.42 4.49 58.80
C ALA L 218 0.29 3.51 58.46
N TYR L 219 -0.86 4.06 58.15
CA TYR L 219 -1.96 3.27 57.65
C TYR L 219 -1.75 2.94 56.18
N VAL L 220 -2.56 2.04 55.67
CA VAL L 220 -2.47 1.64 54.27
C VAL L 220 -3.86 1.68 53.66
N LEU L 221 -3.92 2.07 52.40
CA LEU L 221 -5.12 1.95 51.60
C LEU L 221 -4.81 1.06 50.41
N LEU L 222 -5.70 0.12 50.12
CA LEU L 222 -5.44 -0.94 49.15
C LEU L 222 -6.65 -1.10 48.23
N SER L 223 -6.60 -0.42 47.08
CA SER L 223 -7.67 -0.47 46.09
C SER L 223 -7.21 -1.25 44.87
N GLU L 224 -8.06 -2.16 44.40
CA GLU L 224 -7.80 -2.85 43.15
C GLU L 224 -8.03 -1.92 41.96
N LYS L 225 -8.87 -0.91 42.13
CA LYS L 225 -9.20 0.04 41.09
C LYS L 225 -8.45 1.34 41.29
N LYS L 226 -8.58 2.24 40.31
CA LYS L 226 -7.95 3.54 40.43
C LYS L 226 -8.66 4.38 41.49
N ILE L 227 -8.10 5.55 41.74
CA ILE L 227 -8.66 6.51 42.69
C ILE L 227 -8.84 7.83 41.94
N SER L 228 -10.03 8.02 41.38
CA SER L 228 -10.33 9.22 40.59
C SER L 228 -11.05 10.29 41.39
N SER L 229 -12.23 10.00 41.90
CA SER L 229 -13.06 11.03 42.49
C SER L 229 -12.50 11.51 43.82
N ILE L 230 -12.71 12.80 44.09
CA ILE L 230 -12.34 13.35 45.38
C ILE L 230 -13.19 12.76 46.48
N GLN L 231 -14.45 12.43 46.17
CA GLN L 231 -15.31 11.80 47.17
C GLN L 231 -14.75 10.46 47.60
N SER L 232 -14.14 9.73 46.68
CA SER L 232 -13.59 8.41 47.01
C SER L 232 -12.38 8.55 47.93
N ILE L 233 -11.43 9.41 47.57
CA ILE L 233 -10.19 9.51 48.32
C ILE L 233 -10.40 10.23 49.64
N VAL L 234 -11.41 11.11 49.71
CA VAL L 234 -11.53 11.99 50.87
C VAL L 234 -11.75 11.25 52.18
N PRO L 235 -12.61 10.23 52.29
CA PRO L 235 -12.85 9.65 53.62
C PRO L 235 -11.64 8.96 54.20
N ALA L 236 -10.82 8.34 53.35
CA ALA L 236 -9.58 7.73 53.83
C ALA L 236 -8.68 8.76 54.48
N LEU L 237 -8.45 9.88 53.78
CA LEU L 237 -7.64 10.96 54.34
C LEU L 237 -8.28 11.52 55.60
N GLU L 238 -9.61 11.52 55.65
CA GLU L 238 -10.30 11.97 56.85
C GLU L 238 -9.94 11.08 58.04
N ILE L 239 -10.01 9.77 57.84
CA ILE L 239 -9.70 8.84 58.93
C ILE L 239 -8.24 8.96 59.32
N ALA L 240 -7.35 9.10 58.33
CA ALA L 240 -5.94 9.22 58.63
C ALA L 240 -5.64 10.48 59.43
N ASN L 241 -6.23 11.61 59.02
CA ASN L 241 -6.00 12.85 59.73
C ASN L 241 -6.61 12.81 61.12
N ALA L 242 -7.75 12.14 61.28
CA ALA L 242 -8.33 11.97 62.61
C ALA L 242 -7.39 11.21 63.51
N HIS L 243 -6.90 10.05 63.04
CA HIS L 243 -5.91 9.32 63.81
C HIS L 243 -4.58 10.06 63.88
N ARG L 244 -4.30 10.96 62.92
CA ARG L 244 -3.05 11.70 62.88
C ARG L 244 -1.86 10.74 62.73
N LYS L 245 -1.86 10.03 61.61
CA LYS L 245 -0.79 9.12 61.24
C LYS L 245 -0.57 9.18 59.74
N PRO L 246 0.63 8.88 59.28
CA PRO L 246 0.88 8.87 57.83
C PRO L 246 0.08 7.77 57.15
N LEU L 247 -0.11 7.95 55.85
CA LEU L 247 -0.93 7.01 55.08
C LEU L 247 -0.26 6.70 53.76
N VAL L 248 -0.26 5.42 53.40
CA VAL L 248 0.19 4.99 52.08
C VAL L 248 -1.03 4.67 51.26
N ILE L 249 -0.93 4.91 49.96
CA ILE L 249 -2.03 4.67 49.04
C ILE L 249 -1.51 3.75 47.95
N ILE L 250 -1.75 2.47 48.11
CA ILE L 250 -1.39 1.45 47.12
C ILE L 250 -2.66 1.11 46.37
N ALA L 251 -2.75 1.56 45.12
CA ALA L 251 -3.93 1.31 44.32
C ALA L 251 -3.51 1.25 42.86
N GLU L 252 -4.50 1.09 41.98
CA GLU L 252 -4.23 1.05 40.55
C GLU L 252 -3.55 2.33 40.08
N ASP L 253 -4.13 3.47 40.40
CA ASP L 253 -3.57 4.74 39.94
C ASP L 253 -4.34 5.88 40.59
N VAL L 254 -3.68 7.03 40.68
CA VAL L 254 -4.20 8.20 41.39
C VAL L 254 -4.65 9.23 40.38
N ASP L 255 -5.87 9.72 40.55
CA ASP L 255 -6.36 10.84 39.76
C ASP L 255 -5.47 12.06 39.97
N GLY L 256 -5.39 12.91 38.95
CA GLY L 256 -4.76 14.20 39.12
C GLY L 256 -5.50 15.09 40.09
N GLU L 257 -6.80 14.87 40.28
CA GLU L 257 -7.57 15.72 41.18
C GLU L 257 -7.36 15.32 42.63
N ALA L 258 -7.51 14.03 42.95
CA ALA L 258 -7.14 13.57 44.27
C ALA L 258 -5.66 13.81 44.53
N LEU L 259 -4.83 13.68 43.49
CA LEU L 259 -3.42 14.05 43.62
C LEU L 259 -3.29 15.52 43.99
N SER L 260 -4.11 16.38 43.40
CA SER L 260 -4.05 17.80 43.71
C SER L 260 -4.44 18.03 45.16
N THR L 261 -5.48 17.34 45.64
CA THR L 261 -5.85 17.42 47.04
C THR L 261 -4.70 16.98 47.94
N LEU L 262 -4.05 15.88 47.57
CA LEU L 262 -2.93 15.37 48.34
C LEU L 262 -1.79 16.38 48.40
N VAL L 263 -1.38 16.88 47.25
CA VAL L 263 -0.29 17.85 47.21
C VAL L 263 -0.67 19.12 47.94
N LEU L 264 -1.95 19.49 47.90
CA LEU L 264 -2.42 20.64 48.65
C LEU L 264 -2.19 20.43 50.14
N ASN L 265 -2.73 19.34 50.68
CA ASN L 265 -2.60 19.07 52.09
C ASN L 265 -1.19 18.66 52.49
N ARG L 266 -0.30 18.42 51.52
CA ARG L 266 1.06 18.02 51.82
C ARG L 266 2.03 19.20 51.80
N LEU L 267 1.97 20.02 50.77
CA LEU L 267 2.84 21.19 50.69
C LEU L 267 2.63 22.12 51.87
N LYS L 268 1.40 22.58 52.06
CA LYS L 268 1.00 23.14 53.35
C LYS L 268 0.59 21.98 54.24
N VAL L 269 -0.21 22.20 55.29
CA VAL L 269 -0.03 21.64 56.63
C VAL L 269 0.64 20.27 56.69
N GLY L 270 0.42 19.41 55.71
CA GLY L 270 1.32 18.28 55.57
C GLY L 270 0.77 16.98 56.09
N LEU L 271 -0.46 16.67 55.73
CA LEU L 271 -1.02 15.36 56.03
C LEU L 271 -0.10 14.28 55.47
N GLN L 272 0.51 13.51 56.37
CA GLN L 272 1.51 12.52 55.99
C GLN L 272 0.85 11.46 55.13
N VAL L 273 1.12 11.50 53.82
CA VAL L 273 0.54 10.57 52.88
C VAL L 273 1.60 10.23 51.83
N VAL L 274 1.24 9.30 50.96
CA VAL L 274 2.14 8.89 49.89
C VAL L 274 1.33 8.07 48.88
N ALA L 275 1.65 8.21 47.61
CA ALA L 275 0.87 7.57 46.55
C ALA L 275 1.79 6.67 45.73
N VAL L 276 1.40 5.41 45.57
CA VAL L 276 2.12 4.46 44.74
C VAL L 276 1.11 3.56 44.05
N LYS L 277 1.33 3.27 42.79
CA LYS L 277 0.44 2.40 42.04
C LYS L 277 0.65 0.96 42.48
N ALA L 278 0.00 0.04 41.79
CA ALA L 278 0.13 -1.38 42.09
C ALA L 278 1.39 -1.90 41.42
N PRO L 279 1.75 -3.18 41.62
CA PRO L 279 2.91 -3.71 40.90
C PRO L 279 2.76 -3.64 39.39
N GLY L 280 1.58 -3.97 38.89
CA GLY L 280 1.27 -3.86 37.47
C GLY L 280 1.29 -5.19 36.76
N PHE L 281 0.10 -5.76 36.57
CA PHE L 281 -0.07 -7.05 35.90
C PHE L 281 -1.57 -7.34 35.91
N GLY L 282 -1.95 -8.54 35.47
CA GLY L 282 -3.31 -8.99 35.64
C GLY L 282 -3.48 -9.79 36.92
N ASP L 283 -3.70 -11.10 36.77
CA ASP L 283 -4.07 -11.95 37.90
C ASP L 283 -3.02 -11.91 39.01
N ASN L 284 -1.73 -11.95 38.64
CA ASN L 284 -0.68 -11.93 39.64
C ASN L 284 -0.74 -10.63 40.44
N ARG L 285 -1.05 -9.51 39.79
CA ARG L 285 -1.14 -8.26 40.52
C ARG L 285 -2.27 -8.29 41.53
N LYS L 286 -3.42 -8.84 41.15
CA LYS L 286 -4.54 -8.93 42.10
C LYS L 286 -4.18 -9.82 43.27
N ASN L 287 -3.58 -10.98 42.99
CA ASN L 287 -3.17 -11.85 44.08
C ASN L 287 -2.14 -11.18 44.97
N GLN L 288 -1.25 -10.38 44.38
CA GLN L 288 -0.23 -9.73 45.18
C GLN L 288 -0.83 -8.65 46.06
N LEU L 289 -1.81 -7.92 45.54
CA LEU L 289 -2.49 -6.94 46.40
C LEU L 289 -3.24 -7.64 47.53
N LYS L 290 -3.90 -8.76 47.22
CA LYS L 290 -4.56 -9.54 48.27
C LYS L 290 -3.55 -9.96 49.33
N ASP L 291 -2.40 -10.45 48.90
CA ASP L 291 -1.38 -10.89 49.83
C ASP L 291 -0.84 -9.72 50.64
N MET L 292 -0.70 -8.56 50.00
CA MET L 292 -0.24 -7.38 50.73
C MET L 292 -1.24 -7.00 51.80
N ALA L 293 -2.52 -7.04 51.47
CA ALA L 293 -3.55 -6.71 52.45
C ALA L 293 -3.51 -7.68 53.62
N ILE L 294 -3.49 -8.98 53.32
CA ILE L 294 -3.49 -9.98 54.39
C ILE L 294 -2.19 -9.94 55.17
N ALA L 295 -1.11 -9.45 54.56
CA ALA L 295 0.14 -9.34 55.28
C ALA L 295 0.11 -8.16 56.24
N THR L 296 -0.26 -6.99 55.74
CA THR L 296 -0.37 -5.83 56.60
C THR L 296 -1.53 -5.93 57.56
N GLY L 297 -2.57 -6.68 57.18
CA GLY L 297 -3.77 -6.76 57.98
C GLY L 297 -4.74 -5.69 57.56
N GLY L 298 -5.84 -6.09 56.92
CA GLY L 298 -6.80 -5.12 56.43
C GLY L 298 -7.77 -5.71 55.44
N ALA L 299 -7.91 -5.06 54.29
CA ALA L 299 -8.81 -5.55 53.26
C ALA L 299 -8.58 -4.82 51.95
N VAL L 300 -8.44 -5.57 50.86
CA VAL L 300 -8.29 -4.95 49.54
C VAL L 300 -9.59 -4.23 49.18
N PHE L 301 -9.45 -3.14 48.43
CA PHE L 301 -10.59 -2.38 47.95
C PHE L 301 -10.67 -2.45 46.43
N GLY L 302 -11.84 -2.14 45.90
CA GLY L 302 -12.08 -2.31 44.48
C GLY L 302 -12.41 -3.72 44.10
N GLU L 303 -12.86 -4.54 45.05
CA GLU L 303 -13.16 -5.94 44.80
C GLU L 303 -14.29 -6.08 43.77
N GLU L 304 -14.36 -7.27 43.18
CA GLU L 304 -15.50 -7.63 42.34
C GLU L 304 -16.61 -8.28 43.16
N GLY L 305 -16.24 -9.25 44.01
CA GLY L 305 -17.23 -10.10 44.65
C GLY L 305 -17.89 -9.50 45.86
N LEU L 306 -17.22 -8.56 46.53
CA LEU L 306 -17.82 -7.89 47.69
C LEU L 306 -17.67 -6.40 47.45
N THR L 307 -16.58 -6.03 46.78
CA THR L 307 -16.26 -4.78 46.11
C THR L 307 -15.92 -3.64 47.07
N LEU L 308 -16.24 -3.77 48.37
CA LEU L 308 -15.68 -2.97 49.47
C LEU L 308 -15.49 -1.50 49.13
N ASN L 309 -16.61 -0.83 48.84
CA ASN L 309 -16.57 0.57 48.38
C ASN L 309 -15.79 1.46 49.35
N LEU L 310 -15.04 2.39 48.78
CA LEU L 310 -14.14 3.22 49.56
C LEU L 310 -14.89 4.21 50.44
N GLU L 311 -16.13 4.54 50.08
CA GLU L 311 -16.88 5.53 50.83
C GLU L 311 -17.05 5.14 52.28
N ASP L 312 -17.24 3.85 52.54
CA ASP L 312 -17.40 3.33 53.90
C ASP L 312 -16.18 2.47 54.22
N VAL L 313 -15.12 3.13 54.69
CA VAL L 313 -13.97 2.44 55.24
C VAL L 313 -13.97 2.64 56.75
N GLN L 314 -13.17 1.83 57.43
CA GLN L 314 -13.22 1.78 58.88
C GLN L 314 -11.82 1.65 59.43
N PRO L 315 -11.58 2.14 60.65
CA PRO L 315 -10.21 2.14 61.20
C PRO L 315 -9.59 0.76 61.29
N HIS L 316 -10.39 -0.29 61.38
CA HIS L 316 -9.86 -1.64 61.28
C HIS L 316 -9.86 -2.16 59.86
N ASP L 317 -10.21 -1.31 58.88
CA ASP L 317 -10.24 -1.70 57.48
C ASP L 317 -8.99 -1.26 56.75
N LEU L 318 -8.03 -0.67 57.44
CA LEU L 318 -6.82 -0.15 56.83
C LEU L 318 -5.65 -1.10 57.00
N GLY L 319 -4.71 -1.03 56.07
CA GLY L 319 -3.46 -1.75 56.20
C GLY L 319 -2.57 -1.01 57.19
N LYS L 320 -1.98 -1.77 58.11
CA LYS L 320 -1.17 -1.18 59.16
C LYS L 320 0.18 -1.88 59.19
N VAL L 321 1.24 -1.09 59.15
CA VAL L 321 2.61 -1.61 59.14
C VAL L 321 3.48 -0.71 59.99
N GLY L 322 4.59 -1.26 60.47
CA GLY L 322 5.46 -0.50 61.35
C GLY L 322 6.16 0.64 60.63
N GLU L 323 6.74 0.35 59.47
CA GLU L 323 7.49 1.36 58.75
C GLU L 323 7.41 1.11 57.26
N VAL L 324 7.42 2.20 56.49
CA VAL L 324 7.33 2.16 55.04
C VAL L 324 8.34 3.12 54.47
N ILE L 325 9.07 2.69 53.44
CA ILE L 325 10.04 3.56 52.80
C ILE L 325 9.85 3.49 51.29
N VAL L 326 9.82 4.65 50.65
CA VAL L 326 9.55 4.71 49.21
C VAL L 326 10.71 5.42 48.52
N THR L 327 11.22 4.80 47.47
CA THR L 327 12.15 5.45 46.56
C THR L 327 11.39 5.91 45.34
N LYS L 328 12.08 6.63 44.45
CA LYS L 328 11.47 6.95 43.17
C LYS L 328 11.22 5.71 42.33
N ASP L 329 11.88 4.61 42.63
CA ASP L 329 11.76 3.43 41.79
C ASP L 329 11.68 2.15 42.60
N ASP L 330 11.22 2.21 43.84
CA ASP L 330 10.73 1.04 44.58
C ASP L 330 10.29 1.49 45.96
N ALA L 331 9.54 0.63 46.63
CA ALA L 331 9.07 0.91 47.97
C ALA L 331 9.00 -0.38 48.76
N MET L 332 9.01 -0.23 50.09
CA MET L 332 9.14 -1.34 51.01
C MET L 332 8.18 -1.16 52.18
N LEU L 333 7.43 -2.23 52.46
CA LEU L 333 6.60 -2.38 53.64
C LEU L 333 7.28 -3.35 54.58
N LEU L 334 7.19 -3.08 55.89
CA LEU L 334 8.05 -3.75 56.86
C LEU L 334 7.30 -4.61 57.86
N LYS L 335 6.32 -4.07 58.57
CA LYS L 335 5.76 -4.73 59.75
C LYS L 335 4.25 -4.87 59.64
N GLY L 336 3.77 -5.40 58.53
CA GLY L 336 2.35 -5.62 58.36
C GLY L 336 1.74 -6.54 59.39
N LYS L 337 0.87 -6.00 60.25
CA LYS L 337 0.18 -6.81 61.26
C LYS L 337 -1.01 -7.49 60.59
N GLY L 338 -0.74 -8.64 59.98
CA GLY L 338 -1.75 -9.27 59.17
C GLY L 338 -2.24 -10.63 59.61
N ASP L 339 -2.43 -10.83 60.93
CA ASP L 339 -3.04 -12.07 61.43
C ASP L 339 -2.20 -13.29 61.03
N LYS L 340 -1.01 -13.37 61.63
CA LYS L 340 0.02 -14.37 61.33
C LYS L 340 -0.53 -15.77 61.08
N ALA L 341 -1.56 -16.18 61.82
CA ALA L 341 -2.25 -17.41 61.48
C ALA L 341 -2.91 -17.30 60.11
N GLN L 342 -3.50 -16.16 59.81
CA GLN L 342 -4.18 -15.97 58.52
C GLN L 342 -3.17 -15.99 57.38
N ILE L 343 -2.07 -15.25 57.53
CA ILE L 343 -1.03 -15.29 56.51
C ILE L 343 -0.43 -16.68 56.41
N GLU L 344 -0.38 -17.40 57.52
CA GLU L 344 0.06 -18.79 57.49
C GLU L 344 -0.86 -19.63 56.62
N LYS L 345 -2.16 -19.46 56.79
CA LYS L 345 -3.12 -20.19 55.97
C LYS L 345 -2.98 -19.81 54.50
N ARG L 346 -2.74 -18.53 54.23
CA ARG L 346 -2.49 -18.09 52.87
C ARG L 346 -1.26 -18.79 52.29
N ILE L 347 -0.19 -18.85 53.08
CA ILE L 347 1.03 -19.54 52.65
C ILE L 347 0.73 -20.99 52.32
N GLN L 348 -0.04 -21.65 53.19
CA GLN L 348 -0.40 -23.04 52.94
C GLN L 348 -1.19 -23.17 51.65
N GLU L 349 -2.09 -22.23 51.39
CA GLU L 349 -2.83 -22.22 50.14
C GLU L 349 -1.88 -22.17 48.94
N ILE L 350 -1.01 -21.15 48.91
CA ILE L 350 -0.18 -20.98 47.73
C ILE L 350 0.85 -22.10 47.61
N ILE L 351 1.25 -22.71 48.73
CA ILE L 351 2.23 -23.79 48.65
C ILE L 351 1.58 -25.05 48.13
N GLU L 352 0.36 -25.37 48.57
CA GLU L 352 -0.36 -26.47 47.96
C GLU L 352 -0.60 -26.19 46.48
N GLN L 353 -0.83 -24.92 46.15
CA GLN L 353 -0.97 -24.52 44.75
C GLN L 353 0.27 -24.90 43.95
N LEU L 354 1.43 -24.42 44.39
CA LEU L 354 2.68 -24.74 43.68
C LEU L 354 2.91 -26.24 43.64
N ASP L 355 2.56 -26.95 44.72
CA ASP L 355 2.70 -28.39 44.74
C ASP L 355 1.85 -29.05 43.66
N VAL L 356 0.66 -28.49 43.41
CA VAL L 356 -0.23 -29.05 42.41
C VAL L 356 0.04 -28.47 41.03
N THR L 357 0.03 -27.14 40.92
CA THR L 357 0.16 -26.50 39.62
C THR L 357 1.57 -25.96 39.43
N THR L 358 1.96 -25.84 38.16
CA THR L 358 3.22 -25.22 37.79
C THR L 358 3.29 -25.12 36.28
N SER L 359 3.97 -24.08 35.81
CA SER L 359 4.25 -23.93 34.39
C SER L 359 5.66 -23.41 34.15
N GLU L 360 6.51 -23.38 35.18
CA GLU L 360 7.88 -22.89 35.13
C GLU L 360 7.93 -21.36 35.07
N TYR L 361 6.80 -20.74 34.91
CA TYR L 361 6.65 -19.30 34.97
C TYR L 361 5.54 -18.89 35.94
N GLU L 362 4.44 -19.65 35.97
CA GLU L 362 3.47 -19.51 37.04
C GLU L 362 4.14 -19.75 38.39
N LYS L 363 4.79 -20.91 38.54
CA LYS L 363 5.43 -21.25 39.79
C LYS L 363 6.58 -20.30 40.12
N GLU L 364 7.16 -19.65 39.11
CA GLU L 364 8.17 -18.65 39.36
C GLU L 364 7.63 -17.53 40.24
N LYS L 365 6.64 -16.80 39.75
CA LYS L 365 6.02 -15.75 40.56
C LYS L 365 5.32 -16.33 41.78
N LEU L 366 4.95 -17.60 41.74
CA LEU L 366 4.41 -18.27 42.91
C LEU L 366 5.41 -18.23 44.05
N ASN L 367 6.59 -18.80 43.83
CA ASN L 367 7.67 -18.74 44.82
C ASN L 367 8.08 -17.30 45.09
N GLU L 368 7.93 -16.43 44.08
CA GLU L 368 8.12 -14.99 44.28
C GLU L 368 7.28 -14.49 45.44
N ARG L 369 5.98 -14.75 45.40
CA ARG L 369 5.09 -14.32 46.47
C ARG L 369 5.46 -15.02 47.78
N LEU L 370 5.75 -16.31 47.72
CA LEU L 370 6.15 -17.05 48.93
C LEU L 370 7.30 -16.37 49.65
N ALA L 371 8.41 -16.18 48.94
CA ALA L 371 9.58 -15.58 49.57
C ALA L 371 9.31 -14.13 49.96
N LYS L 372 8.62 -13.38 49.10
CA LYS L 372 8.33 -11.99 49.41
C LYS L 372 7.46 -11.84 50.64
N LEU L 373 6.71 -12.88 51.00
CA LEU L 373 5.87 -12.84 52.18
C LEU L 373 6.49 -13.51 53.40
N SER L 374 7.48 -14.39 53.22
CA SER L 374 7.98 -15.17 54.34
C SER L 374 9.38 -14.76 54.75
N ASP L 375 10.38 -14.89 53.89
CA ASP L 375 11.75 -14.55 54.27
C ASP L 375 12.50 -14.06 53.03
N GLY L 376 12.44 -12.74 52.81
CA GLY L 376 13.32 -12.03 51.91
C GLY L 376 13.47 -12.59 50.50
N VAL L 377 14.46 -12.06 49.79
CA VAL L 377 14.91 -12.57 48.50
C VAL L 377 16.39 -12.22 48.37
N ALA L 378 17.20 -13.21 48.03
CA ALA L 378 18.64 -12.99 47.95
C ALA L 378 19.03 -12.64 46.52
N VAL L 379 19.68 -11.50 46.36
CA VAL L 379 20.27 -11.14 45.08
C VAL L 379 21.78 -11.19 45.22
N LEU L 380 22.43 -11.45 44.09
CA LEU L 380 23.83 -11.83 44.03
C LEU L 380 24.58 -10.96 43.04
N LYS L 381 24.46 -9.64 43.21
CA LYS L 381 25.21 -8.70 42.38
C LYS L 381 26.68 -9.06 42.38
N VAL L 382 27.20 -9.32 41.19
CA VAL L 382 28.49 -9.95 41.01
C VAL L 382 29.56 -8.89 40.78
N GLY L 383 30.81 -9.31 40.91
CA GLY L 383 31.94 -8.46 40.58
C GLY L 383 32.14 -8.37 39.09
N GLY L 384 33.39 -8.24 38.67
CA GLY L 384 33.71 -8.16 37.27
C GLY L 384 33.94 -6.73 36.81
N THR L 385 34.63 -6.60 35.68
CA THR L 385 34.96 -5.29 35.15
C THR L 385 34.62 -5.17 33.68
N SER L 386 34.69 -6.27 32.95
CA SER L 386 34.27 -6.30 31.56
C SER L 386 32.98 -7.09 31.43
N ASP L 387 32.25 -6.82 30.35
CA ASP L 387 31.01 -7.54 30.11
C ASP L 387 31.25 -9.04 29.98
N VAL L 388 32.37 -9.42 29.37
CA VAL L 388 32.66 -10.84 29.17
C VAL L 388 33.02 -11.50 30.49
N GLU L 389 33.82 -10.82 31.32
CA GLU L 389 34.05 -11.29 32.69
C GLU L 389 32.73 -11.46 33.43
N VAL L 390 31.83 -10.49 33.25
CA VAL L 390 30.52 -10.56 33.88
C VAL L 390 29.79 -11.82 33.47
N ASN L 391 29.73 -12.08 32.17
CA ASN L 391 28.99 -13.24 31.69
C ASN L 391 29.61 -14.54 32.20
N GLU L 392 30.93 -14.64 32.13
CA GLU L 392 31.60 -15.84 32.64
C GLU L 392 31.29 -16.08 34.10
N LYS L 393 31.58 -15.10 34.95
CA LYS L 393 31.41 -15.30 36.38
C LYS L 393 29.95 -15.55 36.72
N LYS L 394 29.03 -14.88 36.01
CA LYS L 394 27.62 -15.07 36.29
C LYS L 394 27.17 -16.46 35.89
N ASP L 395 27.68 -16.99 34.77
CA ASP L 395 27.34 -18.34 34.38
C ASP L 395 27.80 -19.34 35.43
N ARG L 396 29.05 -19.22 35.87
CA ARG L 396 29.55 -20.15 36.88
C ARG L 396 28.73 -20.03 38.17
N VAL L 397 28.35 -18.81 38.55
CA VAL L 397 27.58 -18.63 39.77
C VAL L 397 26.22 -19.31 39.65
N THR L 398 25.51 -19.07 38.54
CA THR L 398 24.20 -19.68 38.36
C THR L 398 24.30 -21.18 38.35
N ASP L 399 25.37 -21.72 37.74
CA ASP L 399 25.54 -23.17 37.74
C ASP L 399 25.73 -23.69 39.15
N ALA L 400 26.57 -23.01 39.94
CA ALA L 400 26.76 -23.43 41.32
C ALA L 400 25.46 -23.38 42.09
N LEU L 401 24.66 -22.35 41.84
CA LEU L 401 23.39 -22.20 42.54
C LEU L 401 22.45 -23.34 42.21
N ASN L 402 22.32 -23.66 40.92
CA ASN L 402 21.45 -24.76 40.53
C ASN L 402 21.94 -26.08 41.09
N ALA L 403 23.26 -26.28 41.11
CA ALA L 403 23.80 -27.51 41.68
C ALA L 403 23.47 -27.60 43.17
N THR L 404 23.57 -26.48 43.88
CA THR L 404 23.26 -26.49 45.30
C THR L 404 21.79 -26.81 45.54
N ARG L 405 20.90 -26.18 44.79
CA ARG L 405 19.48 -26.46 44.99
C ARG L 405 19.13 -27.88 44.60
N ALA L 406 19.82 -28.44 43.62
CA ALA L 406 19.58 -29.84 43.33
C ALA L 406 20.10 -30.73 44.46
N ALA L 407 21.21 -30.35 45.08
CA ALA L 407 21.81 -31.18 46.10
C ALA L 407 21.06 -31.10 47.42
N VAL L 408 20.38 -29.99 47.69
CA VAL L 408 19.73 -29.83 48.99
C VAL L 408 18.58 -30.82 49.13
N GLU L 409 17.84 -31.07 48.06
CA GLU L 409 16.66 -31.91 48.20
C GLU L 409 16.99 -33.39 48.03
N GLU L 410 17.73 -33.75 46.99
CA GLU L 410 18.11 -35.13 46.78
C GLU L 410 19.56 -35.31 47.18
N GLY L 411 19.90 -36.55 47.54
CA GLY L 411 21.16 -36.81 48.22
C GLY L 411 22.38 -36.38 47.42
N ILE L 412 23.53 -36.52 48.08
CA ILE L 412 24.81 -36.23 47.46
C ILE L 412 25.61 -37.52 47.36
N VAL L 413 26.79 -37.44 46.76
CA VAL L 413 27.69 -38.57 46.61
C VAL L 413 29.11 -38.03 46.55
N LEU L 414 30.09 -38.92 46.68
CA LEU L 414 31.48 -38.53 46.55
C LEU L 414 31.72 -37.94 45.15
N GLY L 415 32.38 -36.80 45.11
CA GLY L 415 32.62 -36.13 43.85
C GLY L 415 33.74 -36.76 43.07
N GLY L 416 34.10 -36.10 41.97
CA GLY L 416 35.18 -36.58 41.13
C GLY L 416 34.93 -37.94 40.52
N GLY L 417 33.68 -38.24 40.19
CA GLY L 417 33.35 -39.43 39.44
C GLY L 417 33.47 -40.73 40.20
N CYS L 418 33.85 -40.70 41.47
CA CYS L 418 34.08 -41.94 42.20
C CYS L 418 32.82 -42.79 42.31
N ALA L 419 31.65 -42.15 42.25
CA ALA L 419 30.40 -42.87 42.45
C ALA L 419 30.19 -43.93 41.37
N LEU L 420 30.38 -43.56 40.11
CA LEU L 420 30.15 -44.50 39.02
C LEU L 420 31.15 -45.66 39.10
N LEU L 421 32.40 -45.35 39.38
CA LEU L 421 33.40 -46.39 39.53
C LEU L 421 33.03 -47.34 40.66
N ARG L 422 32.45 -46.80 41.73
CA ARG L 422 31.99 -47.69 42.80
C ARG L 422 30.76 -48.47 42.39
N CYS L 423 29.97 -47.94 41.46
CA CYS L 423 28.78 -48.64 41.00
C CYS L 423 29.08 -49.73 40.00
N ILE L 424 30.29 -49.73 39.41
CA ILE L 424 30.65 -50.76 38.43
C ILE L 424 30.45 -52.19 38.94
N PRO L 425 30.72 -52.53 40.20
CA PRO L 425 30.40 -53.89 40.66
C PRO L 425 28.94 -54.26 40.50
N ALA L 426 28.03 -53.29 40.56
CA ALA L 426 26.65 -53.57 40.23
C ALA L 426 26.53 -54.10 38.82
N LEU L 427 27.21 -53.47 37.86
CA LEU L 427 27.24 -54.01 36.51
C LEU L 427 27.87 -55.39 36.47
N ASP L 428 28.85 -55.64 37.33
CA ASP L 428 29.38 -56.99 37.43
C ASP L 428 28.39 -57.95 38.08
N SER L 429 27.31 -57.44 38.66
CA SER L 429 26.33 -58.26 39.35
C SER L 429 25.13 -58.63 38.48
N LEU L 430 24.98 -58.02 37.32
CA LEU L 430 23.84 -58.32 36.46
C LEU L 430 24.05 -59.61 35.70
N THR L 431 22.95 -60.17 35.21
CA THR L 431 22.96 -61.34 34.35
C THR L 431 22.19 -61.03 33.08
N PRO L 432 22.84 -60.98 31.92
CA PRO L 432 22.13 -60.60 30.70
C PRO L 432 21.15 -61.68 30.25
N ALA L 433 20.05 -61.24 29.66
CA ALA L 433 19.10 -62.18 29.08
C ALA L 433 19.76 -63.00 27.97
N ASN L 434 20.59 -62.35 27.16
CA ASN L 434 21.27 -63.02 26.06
C ASN L 434 22.55 -62.25 25.76
N GLU L 435 23.15 -62.55 24.60
CA GLU L 435 24.45 -61.97 24.30
C GLU L 435 24.37 -60.47 24.12
N ASP L 436 23.34 -59.97 23.44
CA ASP L 436 23.33 -58.57 23.05
C ASP L 436 23.23 -57.66 24.27
N GLN L 437 22.35 -57.99 25.21
CA GLN L 437 22.26 -57.22 26.43
C GLN L 437 23.58 -57.24 27.18
N LYS L 438 24.29 -58.37 27.12
CA LYS L 438 25.60 -58.43 27.75
C LYS L 438 26.58 -57.50 27.06
N ILE L 439 26.48 -57.39 25.74
CA ILE L 439 27.31 -56.44 25.00
C ILE L 439 27.05 -55.03 25.47
N GLY L 440 25.77 -54.67 25.57
CA GLY L 440 25.43 -53.35 26.08
C GLY L 440 25.93 -53.11 27.48
N ILE L 441 25.88 -54.16 28.32
CA ILE L 441 26.38 -54.05 29.67
C ILE L 441 27.87 -53.73 29.67
N GLU L 442 28.62 -54.43 28.82
CA GLU L 442 30.05 -54.16 28.74
C GLU L 442 30.31 -52.76 28.21
N ILE L 443 29.42 -52.28 27.32
CA ILE L 443 29.53 -50.91 26.83
C ILE L 443 29.44 -49.93 27.99
N ILE L 444 28.39 -50.07 28.81
CA ILE L 444 28.24 -49.15 29.92
C ILE L 444 29.37 -49.30 30.92
N LYS L 445 29.85 -50.53 31.11
CA LYS L 445 30.94 -50.77 32.05
C LYS L 445 32.20 -50.05 31.63
N ARG L 446 32.52 -50.07 30.34
CA ARG L 446 33.63 -49.27 29.85
C ARG L 446 33.34 -47.79 30.00
N THR L 447 32.10 -47.38 29.72
CA THR L 447 31.76 -45.96 29.72
C THR L 447 32.00 -45.33 31.07
N LEU L 448 31.70 -46.08 32.15
CA LEU L 448 31.79 -45.50 33.48
C LEU L 448 33.20 -45.03 33.82
N LYS L 449 34.21 -45.64 33.23
CA LYS L 449 35.58 -45.20 33.47
C LYS L 449 35.96 -43.99 32.65
N ILE L 450 35.11 -43.59 31.70
CA ILE L 450 35.45 -42.49 30.80
C ILE L 450 35.70 -41.17 31.52
N PRO L 451 34.81 -40.68 32.38
CA PRO L 451 34.92 -39.31 32.88
C PRO L 451 36.19 -39.01 33.65
N ALA L 452 36.49 -39.81 34.68
CA ALA L 452 37.74 -39.60 35.42
C ALA L 452 38.93 -39.70 34.49
N MET L 453 38.84 -40.56 33.47
CA MET L 453 39.87 -40.61 32.45
C MET L 453 40.03 -39.26 31.77
N THR L 454 38.92 -38.67 31.33
CA THR L 454 38.98 -37.35 30.70
C THR L 454 39.56 -36.32 31.65
N ILE L 455 39.24 -36.45 32.92
CA ILE L 455 39.67 -35.46 33.89
C ILE L 455 41.17 -35.53 34.09
N ALA L 456 41.69 -36.74 34.35
CA ALA L 456 43.12 -36.94 34.42
C ALA L 456 43.80 -36.49 33.13
N LYS L 457 43.14 -36.69 31.99
CA LYS L 457 43.67 -36.21 30.72
C LYS L 457 43.85 -34.70 30.76
N ASN L 458 42.81 -33.98 31.17
CA ASN L 458 42.90 -32.52 31.27
C ASN L 458 43.99 -32.11 32.25
N ALA L 459 44.13 -32.84 33.35
CA ALA L 459 45.18 -32.53 34.31
C ALA L 459 46.56 -32.70 33.69
N GLY L 460 46.70 -33.54 32.67
CA GLY L 460 48.00 -33.86 32.15
C GLY L 460 48.63 -35.08 32.80
N VAL L 461 47.82 -36.07 33.15
CA VAL L 461 48.30 -37.29 33.79
C VAL L 461 47.76 -38.48 33.02
N GLU L 462 48.19 -39.67 33.42
CA GLU L 462 47.78 -40.89 32.74
C GLU L 462 46.37 -41.26 33.19
N GLY L 463 45.43 -41.23 32.24
CA GLY L 463 44.04 -41.47 32.56
C GLY L 463 43.78 -42.84 33.15
N SER L 464 44.00 -43.87 32.34
CA SER L 464 43.69 -45.23 32.78
C SER L 464 44.47 -45.61 34.03
N LEU L 465 45.71 -45.12 34.16
CA LEU L 465 46.48 -45.38 35.37
C LEU L 465 45.77 -44.87 36.60
N ILE L 466 45.37 -43.60 36.56
CA ILE L 466 44.73 -43.01 37.73
C ILE L 466 43.39 -43.68 38.01
N VAL L 467 42.66 -44.01 36.94
CA VAL L 467 41.38 -44.69 37.12
C VAL L 467 41.57 -46.02 37.82
N GLU L 468 42.54 -46.80 37.36
CA GLU L 468 42.80 -48.10 37.97
C GLU L 468 43.24 -47.94 39.41
N LYS L 469 44.16 -47.01 39.66
CA LYS L 469 44.68 -46.86 41.02
C LYS L 469 43.62 -46.34 41.96
N ILE L 470 42.62 -45.62 41.44
CA ILE L 470 41.48 -45.25 42.27
C ILE L 470 40.62 -46.47 42.55
N MET L 471 40.36 -47.28 41.53
CA MET L 471 39.54 -48.46 41.74
C MET L 471 40.18 -49.41 42.74
N GLN L 472 41.51 -49.44 42.81
CA GLN L 472 42.15 -50.27 43.82
C GLN L 472 41.96 -49.72 45.21
N SER L 473 41.79 -48.41 45.35
CA SER L 473 41.75 -47.78 46.66
C SER L 473 40.39 -48.02 47.31
N SER L 474 40.15 -47.37 48.44
CA SER L 474 38.96 -47.60 49.22
C SER L 474 37.74 -46.98 48.55
N SER L 475 36.60 -47.07 49.24
CA SER L 475 35.37 -46.52 48.69
C SER L 475 35.39 -45.00 48.70
N GLU L 476 35.91 -44.40 49.76
CA GLU L 476 35.89 -42.96 49.93
C GLU L 476 37.18 -42.30 49.47
N VAL L 477 38.20 -43.06 49.18
CA VAL L 477 39.45 -42.49 48.69
C VAL L 477 39.33 -42.33 47.19
N GLY L 478 39.90 -41.26 46.68
CA GLY L 478 39.88 -40.99 45.26
C GLY L 478 40.94 -39.98 44.93
N TYR L 479 40.75 -39.30 43.81
CA TYR L 479 41.76 -38.44 43.22
C TYR L 479 41.32 -36.99 43.18
N ASP L 480 42.10 -36.13 43.81
CA ASP L 480 42.03 -34.70 43.54
C ASP L 480 42.98 -34.37 42.42
N ALA L 481 42.53 -33.46 41.56
CA ALA L 481 43.35 -32.94 40.48
C ALA L 481 44.09 -31.68 40.87
N MET L 482 43.56 -30.94 41.84
CA MET L 482 44.24 -29.74 42.27
C MET L 482 45.47 -30.09 43.10
N ALA L 483 45.29 -30.98 44.07
CA ALA L 483 46.44 -31.54 44.77
C ALA L 483 47.10 -32.66 43.99
N GLY L 484 46.49 -33.10 42.89
CA GLY L 484 47.05 -34.11 42.02
C GLY L 484 47.50 -35.36 42.75
N ASP L 485 46.61 -35.95 43.52
CA ASP L 485 46.98 -37.03 44.43
C ASP L 485 45.70 -37.68 44.92
N PHE L 486 45.85 -38.61 45.86
CA PHE L 486 44.70 -39.32 46.39
C PHE L 486 44.39 -38.83 47.80
N VAL L 487 43.11 -38.59 48.07
CA VAL L 487 42.63 -38.19 49.39
C VAL L 487 41.21 -38.72 49.55
N ASN L 488 40.67 -38.58 50.76
CA ASN L 488 39.26 -38.80 50.96
C ASN L 488 38.49 -37.54 50.61
N MET L 489 37.43 -37.69 49.84
CA MET L 489 36.76 -36.54 49.25
C MET L 489 36.01 -35.74 50.30
N VAL L 490 35.05 -36.39 50.97
CA VAL L 490 34.32 -35.73 52.04
C VAL L 490 35.28 -35.26 53.11
N GLU L 491 36.34 -36.01 53.36
CA GLU L 491 37.44 -35.49 54.16
C GLU L 491 38.02 -34.24 53.51
N LYS L 492 38.28 -34.30 52.21
CA LYS L 492 38.87 -33.17 51.51
C LYS L 492 37.86 -32.07 51.20
N GLY L 493 36.57 -32.40 51.18
CA GLY L 493 35.55 -31.41 50.91
C GLY L 493 35.15 -31.37 49.46
N ILE L 494 35.00 -32.55 48.86
CA ILE L 494 34.49 -32.68 47.49
C ILE L 494 33.31 -33.63 47.54
N ILE L 495 32.18 -33.19 47.00
CA ILE L 495 30.98 -34.00 46.87
C ILE L 495 30.24 -33.47 45.65
N ASP L 496 29.16 -34.13 45.28
CA ASP L 496 28.34 -33.69 44.15
C ASP L 496 26.91 -34.13 44.37
N PRO L 497 25.96 -33.53 43.66
CA PRO L 497 24.56 -33.94 43.81
C PRO L 497 24.33 -35.28 43.16
N THR L 498 23.41 -36.04 43.75
CA THR L 498 23.01 -37.29 43.12
C THR L 498 22.09 -37.04 41.94
N LYS L 499 21.24 -36.03 42.03
CA LYS L 499 20.30 -35.78 40.95
C LYS L 499 21.01 -35.40 39.66
N VAL L 500 22.03 -34.55 39.75
CA VAL L 500 22.77 -34.16 38.56
C VAL L 500 23.39 -35.38 37.89
N VAL L 501 24.03 -36.24 38.68
CA VAL L 501 24.68 -37.42 38.14
C VAL L 501 23.66 -38.33 37.48
N ARG L 502 22.58 -38.63 38.20
CA ARG L 502 21.58 -39.56 37.68
C ARG L 502 20.94 -39.03 36.40
N THR L 503 20.56 -37.76 36.38
CA THR L 503 19.93 -37.20 35.19
C THR L 503 20.89 -37.19 34.01
N ALA L 504 22.13 -36.76 34.24
CA ALA L 504 23.11 -36.72 33.16
C ALA L 504 23.34 -38.10 32.59
N LEU L 505 23.59 -39.07 33.46
CA LEU L 505 23.80 -40.45 33.01
C LEU L 505 22.61 -40.94 32.21
N LEU L 506 21.40 -40.72 32.71
CA LEU L 506 20.22 -41.24 32.06
C LEU L 506 20.04 -40.62 30.68
N ASP L 507 20.15 -39.29 30.59
CA ASP L 507 19.98 -38.62 29.31
C ASP L 507 21.01 -39.11 28.30
N ALA L 508 22.28 -39.10 28.69
CA ALA L 508 23.34 -39.49 27.76
C ALA L 508 23.15 -40.92 27.29
N ALA L 509 22.92 -41.84 28.23
CA ALA L 509 22.73 -43.24 27.86
C ALA L 509 21.54 -43.40 26.93
N GLY L 510 20.42 -42.76 27.27
CA GLY L 510 19.23 -42.91 26.44
C GLY L 510 19.45 -42.46 25.01
N VAL L 511 19.91 -41.22 24.84
CA VAL L 511 20.04 -40.69 23.49
C VAL L 511 21.11 -41.44 22.71
N ALA L 512 22.23 -41.77 23.35
CA ALA L 512 23.28 -42.45 22.63
C ALA L 512 22.86 -43.85 22.22
N SER L 513 22.24 -44.60 23.14
CA SER L 513 21.78 -45.93 22.82
C SER L 513 20.76 -45.89 21.70
N LEU L 514 19.89 -44.88 21.70
CA LEU L 514 18.98 -44.73 20.57
C LEU L 514 19.75 -44.47 19.29
N LEU L 515 20.80 -43.65 19.36
CA LEU L 515 21.58 -43.34 18.18
C LEU L 515 22.24 -44.58 17.60
N THR L 516 22.61 -45.52 18.46
CA THR L 516 23.39 -46.67 18.03
C THR L 516 22.65 -47.48 16.97
N THR L 517 21.34 -47.63 17.12
CA THR L 517 20.58 -48.49 16.22
C THR L 517 20.36 -47.88 14.84
N ALA L 518 20.92 -46.70 14.57
CA ALA L 518 20.74 -46.10 13.27
C ALA L 518 21.43 -46.93 12.19
N GLU L 519 20.80 -47.01 11.03
CA GLU L 519 21.28 -47.89 9.98
C GLU L 519 21.37 -47.17 8.65
N VAL L 520 20.52 -46.17 8.46
CA VAL L 520 20.43 -45.45 7.19
C VAL L 520 20.13 -44.00 7.49
N VAL L 521 20.89 -43.09 6.90
CA VAL L 521 20.75 -41.67 7.16
C VAL L 521 20.30 -40.98 5.89
N VAL L 522 19.32 -40.10 6.02
CA VAL L 522 18.82 -39.30 4.91
C VAL L 522 18.98 -37.83 5.26
N THR L 523 19.48 -37.07 4.29
CA THR L 523 19.77 -35.66 4.51
C THR L 523 19.25 -34.84 3.35
N GLU L 524 19.02 -33.56 3.61
CA GLU L 524 18.71 -32.63 2.55
C GLU L 524 19.89 -32.51 1.61
N ILE L 525 19.59 -32.33 0.34
CA ILE L 525 20.63 -32.09 -0.66
C ILE L 525 21.26 -30.74 -0.31
N PRO L 526 22.54 -30.53 -0.61
CA PRO L 526 23.23 -29.32 -0.13
C PRO L 526 22.96 -28.06 -0.95
N LYS L 527 21.85 -28.01 -1.69
CA LYS L 527 21.51 -26.89 -2.57
C LYS L 527 21.80 -25.52 -1.98
N GLU L 528 21.09 -25.15 -0.92
CA GLU L 528 21.27 -23.86 -0.28
C GLU L 528 20.91 -23.91 1.19
N GLY M 1 20.92 -21.24 13.07
CA GLY M 1 22.34 -21.23 13.39
C GLY M 1 23.21 -21.59 12.20
N SER M 2 23.99 -20.62 11.73
CA SER M 2 24.85 -20.87 10.58
C SER M 2 25.92 -21.90 10.93
N ALA M 3 26.29 -22.70 9.93
CA ALA M 3 27.38 -23.65 10.11
C ALA M 3 28.64 -22.91 10.50
N LYS M 4 29.30 -23.39 11.54
CA LYS M 4 30.43 -22.70 12.10
C LYS M 4 31.71 -23.48 11.84
N ASP M 5 32.80 -22.99 12.41
CA ASP M 5 34.11 -23.63 12.27
C ASP M 5 34.82 -23.56 13.61
N VAL M 6 35.64 -24.57 13.89
CA VAL M 6 36.29 -24.66 15.17
C VAL M 6 37.80 -24.81 14.96
N LYS M 7 38.56 -24.29 15.92
CA LYS M 7 40.01 -24.45 15.92
C LYS M 7 40.48 -24.66 17.35
N PHE M 8 41.60 -25.36 17.47
CA PHE M 8 42.11 -25.85 18.74
C PHE M 8 43.51 -25.34 19.02
N GLY M 9 43.76 -25.04 20.28
CA GLY M 9 45.12 -24.95 20.79
C GLY M 9 45.96 -23.88 20.14
N ALA M 10 47.17 -24.27 19.75
CA ALA M 10 48.16 -23.30 19.32
C ALA M 10 47.72 -22.55 18.07
N ASP M 11 46.88 -23.18 17.24
CA ASP M 11 46.41 -22.52 16.03
C ASP M 11 45.57 -21.30 16.37
N ALA M 12 44.48 -21.51 17.11
CA ALA M 12 43.62 -20.41 17.49
C ALA M 12 44.38 -19.39 18.32
N ARG M 13 45.28 -19.86 19.18
CA ARG M 13 46.08 -18.94 19.97
C ARG M 13 46.92 -18.04 19.08
N ALA M 14 47.60 -18.63 18.10
CA ALA M 14 48.44 -17.84 17.21
C ALA M 14 47.62 -16.86 16.41
N LEU M 15 46.44 -17.28 15.93
CA LEU M 15 45.63 -16.38 15.13
C LEU M 15 45.13 -15.20 15.96
N MET M 16 44.59 -15.48 17.15
CA MET M 16 44.10 -14.40 17.99
C MET M 16 45.24 -13.46 18.38
N LEU M 17 46.40 -14.02 18.71
CA LEU M 17 47.53 -13.17 19.06
C LEU M 17 48.00 -12.35 17.87
N GLN M 18 47.93 -12.90 16.66
CA GLN M 18 48.28 -12.12 15.47
C GLN M 18 47.33 -10.96 15.30
N GLY M 19 46.03 -11.20 15.47
CA GLY M 19 45.07 -10.11 15.37
C GLY M 19 45.32 -9.04 16.40
N VAL M 20 45.56 -9.43 17.64
CA VAL M 20 45.80 -8.44 18.68
C VAL M 20 47.10 -7.70 18.42
N ASP M 21 48.12 -8.38 17.92
CA ASP M 21 49.37 -7.69 17.60
C ASP M 21 49.17 -6.70 16.48
N LEU M 22 48.35 -7.05 15.48
CA LEU M 22 48.00 -6.08 14.45
C LEU M 22 47.35 -4.85 15.07
N LEU M 23 46.33 -5.06 15.88
CA LEU M 23 45.58 -3.92 16.40
C LEU M 23 46.42 -3.09 17.37
N ALA M 24 47.35 -3.71 18.07
CA ALA M 24 48.16 -3.00 19.04
C ALA M 24 49.37 -2.31 18.41
N ASP M 25 49.94 -2.90 17.36
CA ASP M 25 50.95 -2.18 16.60
C ASP M 25 50.34 -0.98 15.90
N ALA M 26 49.05 -1.04 15.59
CA ALA M 26 48.38 0.07 14.96
C ALA M 26 48.34 1.29 15.87
N VAL M 27 48.42 1.07 17.18
CA VAL M 27 48.11 2.09 18.17
C VAL M 27 49.31 2.46 19.01
N ALA M 28 50.18 1.49 19.32
CA ALA M 28 51.20 1.65 20.35
C ALA M 28 52.11 2.84 20.11
N VAL M 29 52.14 3.36 18.89
CA VAL M 29 52.92 4.56 18.59
C VAL M 29 52.44 5.75 19.41
N THR M 30 51.13 5.87 19.59
CA THR M 30 50.53 7.10 20.12
C THR M 30 50.55 7.12 21.65
N MET M 31 51.76 7.18 22.18
CA MET M 31 51.97 7.32 23.61
C MET M 31 53.03 8.37 23.84
N GLY M 32 52.76 9.26 24.78
CA GLY M 32 53.71 10.28 25.15
C GLY M 32 54.06 11.19 23.99
N PRO M 33 54.96 12.12 24.21
CA PRO M 33 55.48 12.91 23.10
C PRO M 33 56.19 12.01 22.11
N LYS M 34 56.34 12.54 20.90
CA LYS M 34 56.93 11.84 19.76
C LYS M 34 56.02 10.75 19.23
N GLY M 35 54.86 10.51 19.82
CA GLY M 35 53.86 9.70 19.17
C GLY M 35 53.45 10.29 17.84
N ARG M 36 52.81 9.48 17.01
CA ARG M 36 52.49 9.88 15.65
C ARG M 36 51.04 9.59 15.32
N THR M 37 50.39 10.57 14.70
CA THR M 37 48.96 10.52 14.47
C THR M 37 48.59 9.39 13.51
N VAL M 38 47.30 9.17 13.39
CA VAL M 38 46.73 8.11 12.57
C VAL M 38 45.60 8.70 11.76
N ILE M 39 45.57 8.41 10.46
CA ILE M 39 44.51 8.86 9.58
C ILE M 39 43.58 7.69 9.33
N ILE M 40 42.30 7.87 9.62
CA ILE M 40 41.28 6.88 9.34
C ILE M 40 40.38 7.43 8.26
N GLU M 41 39.90 6.56 7.38
CA GLU M 41 39.05 6.99 6.28
C GLU M 41 37.60 7.04 6.75
N GLN M 42 37.06 8.26 6.83
CA GLN M 42 35.64 8.43 7.07
C GLN M 42 34.88 8.13 5.79
N SER M 43 33.81 7.35 5.90
CA SER M 43 33.18 6.80 4.70
C SER M 43 32.46 7.84 3.85
N TRP M 44 32.22 9.04 4.38
CA TRP M 44 31.40 10.00 3.66
C TRP M 44 32.07 11.33 3.39
N GLY M 45 32.95 11.80 4.26
CA GLY M 45 33.56 13.11 4.10
C GLY M 45 35.05 13.04 4.29
N SER M 46 35.59 14.06 4.94
CA SER M 46 37.01 14.10 5.20
C SER M 46 37.40 12.97 6.17
N PRO M 47 38.60 12.43 6.03
CA PRO M 47 39.06 11.41 6.97
C PRO M 47 39.41 12.02 8.31
N LYS M 48 39.36 11.20 9.34
CA LYS M 48 39.72 11.63 10.68
C LYS M 48 41.22 11.52 10.88
N VAL M 49 41.75 12.39 11.74
CA VAL M 49 43.16 12.36 12.11
C VAL M 49 43.24 12.41 13.63
N THR M 50 44.03 11.51 14.21
CA THR M 50 43.96 11.28 15.65
C THR M 50 45.32 11.00 16.26
N LYS M 51 45.35 11.10 17.58
CA LYS M 51 46.31 10.40 18.42
C LYS M 51 45.61 9.46 19.39
N ASP M 52 44.31 9.63 19.58
CA ASP M 52 43.54 8.80 20.49
C ASP M 52 43.60 7.34 20.07
N GLY M 53 43.39 6.47 21.04
CA GLY M 53 43.58 5.04 20.85
C GLY M 53 42.31 4.23 20.86
N VAL M 54 41.17 4.86 20.61
CA VAL M 54 39.89 4.17 20.61
C VAL M 54 39.23 4.41 19.27
N THR M 55 39.24 5.66 18.82
CA THR M 55 38.97 5.93 17.41
C THR M 55 39.83 5.04 16.55
N VAL M 56 41.14 5.02 16.85
CA VAL M 56 42.03 4.05 16.23
C VAL M 56 41.55 2.63 16.50
N ALA M 57 41.29 2.33 17.77
CA ALA M 57 40.89 0.97 18.12
C ALA M 57 39.52 0.65 17.53
N LYS M 58 38.50 1.43 17.86
CA LYS M 58 37.15 1.11 17.43
C LYS M 58 36.99 1.14 15.92
N SER M 59 37.86 1.86 15.21
CA SER M 59 37.75 1.88 13.76
C SER M 59 38.18 0.56 13.16
N ILE M 60 39.20 -0.07 13.74
CA ILE M 60 39.79 -1.25 13.12
C ILE M 60 38.82 -2.42 13.17
N ASP M 61 38.64 -3.09 12.02
CA ASP M 61 37.90 -4.33 11.94
C ASP M 61 38.61 -5.25 10.96
N LEU M 62 38.78 -6.50 11.33
CA LEU M 62 39.62 -7.41 10.58
C LEU M 62 38.77 -8.36 9.75
N LYS M 63 39.25 -8.65 8.54
CA LYS M 63 38.54 -9.56 7.65
C LYS M 63 38.43 -10.95 8.25
N ASP M 64 39.56 -11.55 8.61
CA ASP M 64 39.56 -12.90 9.14
C ASP M 64 38.84 -12.95 10.48
N LYS M 65 38.11 -14.04 10.70
CA LYS M 65 37.27 -14.13 11.89
C LYS M 65 38.09 -14.10 13.16
N TYR M 66 39.13 -14.93 13.24
CA TYR M 66 39.88 -15.07 14.48
C TYR M 66 40.61 -13.77 14.82
N LYS M 67 41.24 -13.17 13.81
CA LYS M 67 41.83 -11.86 14.03
C LYS M 67 40.79 -10.84 14.45
N ASN M 68 39.56 -10.98 13.93
CA ASN M 68 38.47 -10.12 14.38
C ASN M 68 38.20 -10.33 15.86
N ILE M 69 38.30 -11.58 16.32
CA ILE M 69 38.08 -11.86 17.74
C ILE M 69 39.14 -11.18 18.59
N GLY M 70 40.40 -11.27 18.14
CA GLY M 70 41.45 -10.55 18.85
C GLY M 70 41.18 -9.06 18.91
N ALA M 71 40.78 -8.48 17.77
CA ALA M 71 40.50 -7.05 17.73
C ALA M 71 39.36 -6.69 18.66
N LYS M 72 38.35 -7.55 18.75
CA LYS M 72 37.23 -7.26 19.64
C LYS M 72 37.67 -7.30 21.10
N LEU M 73 38.44 -8.30 21.47
CA LEU M 73 38.89 -8.36 22.86
C LEU M 73 39.84 -7.23 23.21
N VAL M 74 40.47 -6.61 22.22
CA VAL M 74 41.25 -5.41 22.53
C VAL M 74 40.37 -4.17 22.61
N GLN M 75 39.43 -4.03 21.66
CA GLN M 75 38.55 -2.88 21.68
C GLN M 75 37.71 -2.83 22.93
N ASP M 76 37.36 -3.98 23.49
CA ASP M 76 36.57 -3.96 24.72
C ASP M 76 37.37 -3.39 25.87
N VAL M 77 38.65 -3.76 25.96
CA VAL M 77 39.52 -3.15 26.96
C VAL M 77 39.56 -1.65 26.75
N ALA M 78 39.76 -1.23 25.51
CA ALA M 78 39.83 0.20 25.21
C ALA M 78 38.55 0.90 25.61
N ASN M 79 37.40 0.30 25.28
CA ASN M 79 36.12 0.95 25.52
C ASN M 79 35.81 1.03 27.01
N ASN M 80 36.09 -0.04 27.74
CA ASN M 80 35.89 0.01 29.19
C ASN M 80 36.79 1.05 29.82
N THR M 81 38.05 1.12 29.41
CA THR M 81 38.94 2.12 29.97
C THR M 81 38.44 3.53 29.68
N ASN M 82 37.97 3.76 28.45
CA ASN M 82 37.41 5.05 28.09
C ASN M 82 36.23 5.40 28.98
N GLU M 83 35.22 4.54 28.99
CA GLU M 83 34.00 4.84 29.73
C GLU M 83 34.23 4.90 31.22
N GLU M 84 35.31 4.32 31.72
CA GLU M 84 35.57 4.39 33.16
C GLU M 84 36.37 5.62 33.53
N ALA M 85 37.54 5.81 32.93
CA ALA M 85 38.42 6.89 33.29
C ALA M 85 38.66 7.91 32.19
N GLY M 86 38.14 7.68 31.00
CA GLY M 86 38.19 8.69 29.96
C GLY M 86 39.48 8.70 29.16
N ASP M 87 40.61 8.51 29.84
CA ASP M 87 41.91 8.42 29.20
C ASP M 87 42.66 7.24 29.80
N GLY M 88 43.67 6.79 29.06
CA GLY M 88 44.42 5.61 29.45
C GLY M 88 44.07 4.46 28.54
N THR M 89 43.80 4.80 27.29
CA THR M 89 43.38 3.81 26.32
C THR M 89 44.58 3.12 25.71
N THR M 90 45.56 3.91 25.31
CA THR M 90 46.76 3.38 24.70
C THR M 90 47.49 2.46 25.67
N THR M 91 47.61 2.92 26.91
CA THR M 91 48.22 2.11 27.95
C THR M 91 47.46 0.81 28.10
N ALA M 92 46.13 0.88 28.09
CA ALA M 92 45.32 -0.32 28.21
C ALA M 92 45.64 -1.30 27.09
N THR M 93 45.65 -0.81 25.85
CA THR M 93 45.90 -1.70 24.73
C THR M 93 47.28 -2.33 24.80
N VAL M 94 48.29 -1.54 25.13
CA VAL M 94 49.65 -2.08 25.12
C VAL M 94 49.83 -3.09 26.23
N LEU M 95 49.34 -2.78 27.44
CA LEU M 95 49.43 -3.75 28.52
C LEU M 95 48.64 -5.00 28.19
N ALA M 96 47.49 -4.85 27.54
CA ALA M 96 46.72 -6.01 27.14
C ALA M 96 47.50 -6.88 26.17
N ARG M 97 48.15 -6.25 25.18
CA ARG M 97 48.91 -7.04 24.21
C ARG M 97 50.07 -7.75 24.88
N SER M 98 50.79 -7.05 25.75
CA SER M 98 51.91 -7.70 26.42
C SER M 98 51.44 -8.86 27.28
N ILE M 99 50.34 -8.67 28.01
CA ILE M 99 49.84 -9.74 28.84
C ILE M 99 49.37 -10.92 28.00
N ALA M 100 48.75 -10.63 26.85
CA ALA M 100 48.31 -11.70 25.98
C ALA M 100 49.50 -12.48 25.43
N LYS M 101 50.54 -11.77 25.00
CA LYS M 101 51.69 -12.44 24.44
C LYS M 101 52.39 -13.29 25.50
N GLU M 102 52.55 -12.75 26.70
CA GLU M 102 53.12 -13.55 27.77
C GLU M 102 52.25 -14.75 28.10
N GLY M 103 50.93 -14.59 28.03
CA GLY M 103 50.05 -15.71 28.29
C GLY M 103 50.20 -16.81 27.26
N PHE M 104 50.27 -16.43 25.99
CA PHE M 104 50.45 -17.43 24.96
C PHE M 104 51.92 -17.80 24.80
N GLU M 105 52.60 -18.02 25.93
CA GLU M 105 53.87 -18.75 25.97
C GLU M 105 53.94 -19.76 27.11
N LYS M 106 53.24 -19.54 28.21
CA LYS M 106 53.25 -20.45 29.34
C LYS M 106 52.12 -21.47 29.27
N ILE M 107 51.47 -21.59 28.12
CA ILE M 107 50.33 -22.48 27.99
C ILE M 107 50.84 -23.89 27.70
N SER M 108 51.17 -24.63 28.74
CA SER M 108 51.73 -25.96 28.60
C SER M 108 50.60 -26.97 28.50
N LYS M 109 50.95 -28.24 28.51
CA LYS M 109 49.98 -29.30 28.72
C LYS M 109 49.84 -29.64 30.20
N GLY M 110 50.68 -29.07 31.06
CA GLY M 110 50.59 -29.31 32.48
C GLY M 110 50.14 -28.12 33.28
N ALA M 111 50.18 -26.93 32.67
CA ALA M 111 49.80 -25.72 33.37
C ALA M 111 48.28 -25.58 33.44
N ASN M 112 47.82 -24.90 34.47
CA ASN M 112 46.39 -24.65 34.68
C ASN M 112 46.10 -23.16 34.51
N PRO M 113 45.53 -22.75 33.38
CA PRO M 113 45.40 -21.31 33.11
C PRO M 113 44.55 -20.56 34.11
N VAL M 114 43.60 -21.23 34.76
CA VAL M 114 42.74 -20.53 35.72
C VAL M 114 43.56 -20.06 36.91
N GLU M 115 44.49 -20.89 37.38
CA GLU M 115 45.43 -20.45 38.40
C GLU M 115 46.25 -19.27 37.90
N ILE M 116 46.57 -19.25 36.62
CA ILE M 116 47.29 -18.13 36.04
C ILE M 116 46.48 -16.86 36.18
N ARG M 117 45.19 -16.94 35.84
CA ARG M 117 44.30 -15.81 36.03
C ARG M 117 44.27 -15.36 37.49
N ARG M 118 44.20 -16.31 38.41
CA ARG M 118 44.17 -15.97 39.83
C ARG M 118 45.42 -15.22 40.23
N GLY M 119 46.58 -15.73 39.84
CA GLY M 119 47.82 -15.07 40.20
C GLY M 119 47.91 -13.67 39.60
N VAL M 120 47.46 -13.52 38.36
CA VAL M 120 47.44 -12.20 37.75
C VAL M 120 46.56 -11.26 38.55
N MET M 121 45.44 -11.76 39.05
CA MET M 121 44.55 -10.92 39.85
C MET M 121 45.23 -10.50 41.14
N LEU M 122 45.92 -11.42 41.80
CA LEU M 122 46.68 -11.07 42.99
C LEU M 122 47.72 -10.01 42.69
N ALA M 123 48.42 -10.15 41.57
CA ALA M 123 49.42 -9.17 41.20
C ALA M 123 48.79 -7.80 41.00
N VAL M 124 47.65 -7.76 40.31
CA VAL M 124 46.99 -6.49 40.05
C VAL M 124 46.57 -5.83 41.35
N ASP M 125 46.06 -6.64 42.29
CA ASP M 125 45.67 -6.10 43.58
C ASP M 125 46.88 -5.49 44.29
N ALA M 126 47.98 -6.22 44.33
CA ALA M 126 49.18 -5.72 44.99
C ALA M 126 49.66 -4.43 44.35
N VAL M 127 49.67 -4.37 43.03
CA VAL M 127 50.21 -3.21 42.36
C VAL M 127 49.29 -2.00 42.56
N ILE M 128 47.97 -2.21 42.52
CA ILE M 128 47.08 -1.07 42.70
C ILE M 128 47.15 -0.56 44.13
N ALA M 129 47.28 -1.46 45.10
CA ALA M 129 47.47 -1.03 46.47
C ALA M 129 48.75 -0.22 46.61
N GLU M 130 49.84 -0.69 46.00
CA GLU M 130 51.09 0.06 46.08
C GLU M 130 50.97 1.41 45.41
N LEU M 131 50.20 1.48 44.32
CA LEU M 131 49.93 2.77 43.69
C LEU M 131 49.27 3.72 44.68
N LYS M 132 48.12 3.31 45.22
CA LYS M 132 47.38 4.20 46.10
C LYS M 132 48.20 4.59 47.32
N LYS M 133 49.09 3.72 47.79
CA LYS M 133 49.94 4.09 48.90
C LYS M 133 50.93 5.17 48.49
N GLN M 134 51.49 5.06 47.28
CA GLN M 134 52.44 6.02 46.77
C GLN M 134 51.78 7.18 46.04
N SER M 135 50.47 7.31 46.12
CA SER M 135 49.79 8.42 45.48
C SER M 135 50.05 9.70 46.25
N LYS M 136 49.41 10.78 45.81
CA LYS M 136 49.43 12.02 46.56
C LYS M 136 48.40 12.98 46.00
N PRO M 137 47.61 13.63 46.86
CA PRO M 137 46.51 14.45 46.37
C PRO M 137 47.00 15.72 45.69
N VAL M 138 46.11 16.31 44.92
CA VAL M 138 46.38 17.55 44.22
C VAL M 138 45.93 18.73 45.07
N THR M 139 46.83 19.67 45.30
CA THR M 139 46.55 20.84 46.12
C THR M 139 46.70 22.14 45.36
N THR M 140 47.77 22.33 44.75
CA THR M 140 47.92 23.65 44.17
C THR M 140 47.47 23.66 42.72
N PRO M 141 47.02 24.81 42.19
CA PRO M 141 46.68 24.87 40.77
C PRO M 141 47.86 24.69 39.84
N GLU M 142 49.09 24.77 40.34
CA GLU M 142 50.24 24.46 39.49
C GLU M 142 50.19 23.02 39.02
N GLU M 143 49.80 22.11 39.89
CA GLU M 143 49.68 20.72 39.50
C GLU M 143 48.62 20.55 38.42
N ILE M 144 47.49 21.25 38.57
CA ILE M 144 46.46 21.20 37.55
C ILE M 144 46.98 21.71 36.22
N ALA M 145 47.68 22.85 36.26
CA ALA M 145 48.25 23.41 35.05
C ALA M 145 49.20 22.43 34.39
N GLN M 146 50.04 21.79 35.19
CA GLN M 146 50.98 20.82 34.64
C GLN M 146 50.25 19.67 33.98
N VAL M 147 49.27 19.09 34.69
CA VAL M 147 48.56 17.92 34.18
C VAL M 147 47.87 18.25 32.87
N ALA M 148 47.17 19.38 32.84
CA ALA M 148 46.52 19.79 31.59
C ALA M 148 47.55 20.00 30.50
N THR M 149 48.70 20.59 30.83
CA THR M 149 49.72 20.83 29.83
C THR M 149 50.23 19.52 29.25
N ILE M 150 50.32 18.49 30.09
CA ILE M 150 50.65 17.16 29.59
C ILE M 150 49.60 16.73 28.59
N SER M 151 48.36 16.62 29.05
CA SER M 151 47.40 15.82 28.33
C SER M 151 46.84 16.51 27.10
N ALA M 152 47.34 17.69 26.75
CA ALA M 152 47.19 18.20 25.41
C ALA M 152 48.31 17.74 24.51
N ASN M 153 48.97 16.63 24.85
CA ASN M 153 50.15 16.17 24.16
C ASN M 153 51.27 17.21 24.27
N GLY M 154 51.47 17.70 25.49
CA GLY M 154 52.54 18.64 25.74
C GLY M 154 52.24 20.07 25.38
N ASP M 155 50.97 20.44 25.29
CA ASP M 155 50.59 21.81 24.96
C ASP M 155 50.41 22.61 26.24
N LYS M 156 50.95 23.82 26.27
CA LYS M 156 50.83 24.65 27.45
C LYS M 156 49.61 25.54 27.45
N GLU M 157 49.15 25.98 26.28
CA GLU M 157 47.96 26.82 26.21
C GLU M 157 46.75 26.07 26.74
N ILE M 158 46.62 24.79 26.40
CA ILE M 158 45.52 23.99 26.92
C ILE M 158 45.58 23.92 28.43
N GLY M 159 46.79 23.77 28.97
CA GLY M 159 46.94 23.72 30.41
C GLY M 159 46.52 25.02 31.08
N ASN M 160 47.00 26.15 30.55
CA ASN M 160 46.61 27.44 31.11
C ASN M 160 45.11 27.65 31.04
N ILE M 161 44.49 27.26 29.92
CA ILE M 161 43.08 27.50 29.74
C ILE M 161 42.27 26.66 30.72
N ILE M 162 42.57 25.38 30.82
CA ILE M 162 41.82 24.53 31.74
C ILE M 162 42.06 24.97 33.18
N SER M 163 43.27 25.42 33.49
CA SER M 163 43.56 25.92 34.83
C SER M 163 42.68 27.12 35.16
N ASP M 164 42.62 28.09 34.24
CA ASP M 164 41.81 29.27 34.50
C ASP M 164 40.35 28.92 34.58
N ALA M 165 39.89 27.96 33.78
CA ALA M 165 38.51 27.50 33.88
C ALA M 165 38.24 26.95 35.27
N MET M 166 39.09 26.04 35.74
CA MET M 166 38.85 25.44 37.04
C MET M 166 39.00 26.43 38.18
N LYS M 167 39.79 27.49 37.98
CA LYS M 167 39.93 28.49 39.03
C LYS M 167 38.71 29.39 39.08
N LYS M 168 38.25 29.88 37.93
CA LYS M 168 37.09 30.76 37.89
C LYS M 168 35.77 30.01 38.00
N VAL M 169 35.81 28.68 38.06
CA VAL M 169 34.59 27.90 38.23
C VAL M 169 34.69 26.89 39.37
N GLY M 170 35.86 26.61 39.89
CA GLY M 170 35.97 25.65 40.97
C GLY M 170 36.34 24.28 40.45
N ARG M 171 36.99 23.50 41.32
CA ARG M 171 37.52 22.21 40.91
C ARG M 171 36.44 21.21 40.53
N LYS M 172 35.19 21.46 40.87
CA LYS M 172 34.08 20.62 40.43
C LYS M 172 33.05 21.43 39.67
N GLY M 173 33.50 22.48 38.99
CA GLY M 173 32.62 23.22 38.12
C GLY M 173 32.24 22.40 36.91
N VAL M 174 31.55 23.06 35.98
CA VAL M 174 31.04 22.42 34.79
C VAL M 174 31.66 23.14 33.60
N ILE M 175 32.73 22.57 33.05
CA ILE M 175 33.36 23.08 31.85
C ILE M 175 32.95 22.18 30.70
N THR M 176 32.70 22.79 29.55
CA THR M 176 32.33 22.03 28.37
C THR M 176 32.93 22.71 27.14
N VAL M 177 33.20 21.93 26.11
CA VAL M 177 33.88 22.43 24.94
C VAL M 177 32.94 22.36 23.74
N LYS M 178 33.08 23.35 22.86
CA LYS M 178 32.35 23.36 21.61
C LYS M 178 33.32 23.66 20.47
N ASP M 179 32.88 23.36 19.26
CA ASP M 179 33.71 23.53 18.08
C ASP M 179 33.98 25.01 17.88
N GLY M 180 35.20 25.44 18.17
CA GLY M 180 35.55 26.83 18.04
C GLY M 180 35.43 27.33 16.61
N LYS M 181 35.54 28.64 16.46
CA LYS M 181 35.40 29.27 15.16
C LYS M 181 36.65 30.02 14.73
N THR M 182 37.20 30.87 15.60
CA THR M 182 38.31 31.71 15.21
C THR M 182 39.59 30.89 15.10
N LEU M 183 40.68 31.59 14.79
CA LEU M 183 41.98 30.94 14.62
C LEU M 183 42.48 30.36 15.94
N ASN M 184 42.08 30.95 17.05
CA ASN M 184 42.64 30.62 18.35
C ASN M 184 41.57 30.05 19.27
N ASP M 185 42.02 29.49 20.38
CA ASP M 185 41.10 28.97 21.37
C ASP M 185 40.44 30.12 22.13
N GLU M 186 39.39 29.80 22.87
CA GLU M 186 38.68 30.81 23.63
C GLU M 186 38.12 30.18 24.89
N LEU M 187 38.31 30.86 26.01
CA LEU M 187 37.74 30.46 27.30
C LEU M 187 36.64 31.45 27.66
N GLU M 188 35.39 31.01 27.53
CA GLU M 188 34.25 31.85 27.85
C GLU M 188 33.59 31.38 29.13
N ILE M 189 33.14 32.32 29.94
CA ILE M 189 32.52 32.02 31.23
C ILE M 189 31.06 32.48 31.15
N ILE M 190 30.15 31.57 30.85
CA ILE M 190 28.75 31.91 30.88
C ILE M 190 28.32 32.01 32.34
N GLU M 191 28.20 33.23 32.83
CA GLU M 191 27.88 33.49 34.23
C GLU M 191 26.43 33.92 34.36
N GLY M 192 25.88 33.73 35.56
CA GLY M 192 24.49 34.02 35.79
C GLY M 192 23.62 32.91 35.27
N MET M 193 22.32 33.17 35.23
CA MET M 193 21.35 32.18 34.77
C MET M 193 21.00 32.51 33.33
N LYS M 194 21.60 31.80 32.39
CA LYS M 194 21.46 32.11 30.98
C LYS M 194 21.04 30.85 30.26
N PHE M 195 20.29 31.03 29.17
CA PHE M 195 19.71 29.86 28.53
C PHE M 195 19.29 30.21 27.12
N ASP M 196 19.28 29.17 26.28
CA ASP M 196 19.07 29.29 24.84
C ASP M 196 17.61 29.50 24.50
N ARG M 197 17.17 30.76 24.55
CA ARG M 197 15.83 31.09 24.10
C ARG M 197 15.73 32.61 24.05
N GLY M 198 14.93 33.10 23.09
CA GLY M 198 15.01 34.48 22.69
C GLY M 198 13.68 35.21 22.85
N TYR M 199 13.79 36.55 22.85
CA TYR M 199 12.61 37.39 22.94
C TYR M 199 11.69 37.14 21.77
N ILE M 200 10.41 36.93 22.07
CA ILE M 200 9.47 36.52 21.03
C ILE M 200 9.18 37.66 20.07
N SER M 201 8.64 38.75 20.56
CA SER M 201 8.40 39.87 19.67
C SER M 201 9.67 40.68 19.50
N PRO M 202 10.07 40.97 18.27
CA PRO M 202 11.18 41.91 18.07
C PRO M 202 10.71 43.36 18.13
N TYR M 203 9.87 43.67 19.11
CA TYR M 203 9.47 45.03 19.40
C TYR M 203 9.99 45.47 20.76
N PHE M 204 10.46 44.55 21.58
CA PHE M 204 11.11 44.83 22.85
C PHE M 204 12.54 45.31 22.67
N ILE M 205 12.94 45.58 21.44
CA ILE M 205 14.34 45.84 21.11
C ILE M 205 14.68 47.27 21.48
N ASN M 206 15.08 47.47 22.73
CA ASN M 206 15.46 48.77 23.24
C ASN M 206 16.96 48.95 23.32
N THR M 207 17.71 47.99 22.80
CA THR M 207 19.16 47.99 22.96
C THR M 207 19.88 48.87 21.96
N SER M 208 19.27 49.15 20.81
CA SER M 208 19.96 49.86 19.73
C SER M 208 21.22 49.12 19.34
N LYS M 209 21.13 47.79 19.30
CA LYS M 209 22.29 46.95 19.11
C LYS M 209 21.80 45.67 18.41
N GLY M 210 22.63 44.64 18.40
CA GLY M 210 22.31 43.43 17.68
C GLY M 210 21.21 42.62 18.34
N GLN M 211 19.99 43.16 18.31
CA GLN M 211 18.81 42.40 18.72
C GLN M 211 18.85 42.05 20.21
N LYS M 212 18.98 43.07 21.04
CA LYS M 212 19.05 42.90 22.48
C LYS M 212 17.89 43.63 23.15
N CYS M 213 17.52 43.12 24.32
CA CYS M 213 16.60 43.79 25.23
C CYS M 213 17.27 43.83 26.60
N GLU M 214 17.60 45.02 27.06
CA GLU M 214 18.34 45.19 28.30
C GLU M 214 17.45 45.88 29.33
N PHE M 215 17.28 45.24 30.48
CA PHE M 215 16.54 45.81 31.59
C PHE M 215 17.41 45.79 32.84
N GLN M 216 17.16 46.74 33.74
CA GLN M 216 17.90 46.86 34.97
C GLN M 216 16.92 46.90 36.13
N ASP M 217 17.06 45.96 37.07
CA ASP M 217 16.24 45.89 38.27
C ASP M 217 14.79 45.54 37.94
N ALA M 218 14.57 44.77 36.87
CA ALA M 218 13.22 44.49 36.42
C ALA M 218 12.58 43.41 37.28
N TYR M 219 11.25 43.39 37.26
CA TYR M 219 10.50 42.33 37.90
C TYR M 219 10.48 41.11 36.99
N VAL M 220 10.03 39.99 37.55
CA VAL M 220 9.96 38.73 36.81
C VAL M 220 8.60 38.11 37.02
N LEU M 221 8.09 37.48 35.97
CA LEU M 221 6.90 36.65 36.07
C LEU M 221 7.27 35.25 35.63
N LEU M 222 6.80 34.25 36.37
CA LEU M 222 7.25 32.86 36.19
C LEU M 222 6.03 31.94 36.18
N SER M 223 5.52 31.63 35.00
CA SER M 223 4.37 30.75 34.84
C SER M 223 4.81 29.41 34.27
N GLU M 224 4.36 28.33 34.89
CA GLU M 224 4.58 27.01 34.33
C GLU M 224 3.71 26.76 33.11
N LYS M 225 2.58 27.46 33.03
CA LYS M 225 1.64 27.33 31.92
C LYS M 225 1.79 28.51 30.97
N LYS M 226 1.08 28.43 29.85
CA LYS M 226 1.11 29.51 28.89
C LYS M 226 0.38 30.73 29.45
N ILE M 227 0.44 31.82 28.70
CA ILE M 227 -0.23 33.07 29.06
C ILE M 227 -1.13 33.43 27.88
N SER M 228 -2.38 33.00 27.94
CA SER M 228 -3.33 33.22 26.85
C SER M 228 -4.23 34.43 27.09
N SER M 229 -5.02 34.41 28.16
CA SER M 229 -6.04 35.42 28.33
C SER M 229 -5.44 36.77 28.68
N ILE M 230 -6.12 37.83 28.21
CA ILE M 230 -5.73 39.17 28.62
C ILE M 230 -5.98 39.37 30.11
N GLN M 231 -7.00 38.71 30.64
CA GLN M 231 -7.28 38.82 32.06
C GLN M 231 -6.13 38.28 32.90
N SER M 232 -5.50 37.21 32.43
CA SER M 232 -4.40 36.62 33.18
C SER M 232 -3.18 37.53 33.18
N ILE M 233 -2.78 38.02 32.00
CA ILE M 233 -1.56 38.79 31.89
C ILE M 233 -1.73 40.19 32.45
N VAL M 234 -2.96 40.72 32.43
CA VAL M 234 -3.16 42.13 32.75
C VAL M 234 -2.72 42.52 34.16
N PRO M 235 -3.02 41.76 35.23
CA PRO M 235 -2.67 42.26 36.56
C PRO M 235 -1.17 42.37 36.79
N ALA M 236 -0.39 41.47 36.19
CA ALA M 236 1.06 41.57 36.30
C ALA M 236 1.56 42.88 35.72
N LEU M 237 1.12 43.20 34.50
CA LEU M 237 1.51 44.46 33.90
C LEU M 237 0.99 45.64 34.71
N GLU M 238 -0.16 45.47 35.35
CA GLU M 238 -0.68 46.52 36.22
C GLU M 238 0.29 46.80 37.36
N ILE M 239 0.74 45.74 38.03
CA ILE M 239 1.65 45.90 39.16
C ILE M 239 2.96 46.49 38.69
N ALA M 240 3.46 46.02 37.55
CA ALA M 240 4.73 46.52 37.03
C ALA M 240 4.63 48.01 36.71
N ASN M 241 3.55 48.41 36.04
CA ASN M 241 3.38 49.81 35.68
C ASN M 241 3.18 50.67 36.92
N ALA M 242 2.50 50.13 37.94
CA ALA M 242 2.38 50.86 39.20
C ALA M 242 3.75 51.11 39.81
N HIS M 243 4.57 50.07 39.91
CA HIS M 243 5.93 50.27 40.38
C HIS M 243 6.79 51.03 39.39
N ARG M 244 6.43 51.03 38.11
CA ARG M 244 7.20 51.71 37.08
C ARG M 244 8.61 51.11 36.99
N LYS M 245 8.64 49.83 36.63
CA LYS M 245 9.89 49.10 36.42
C LYS M 245 9.69 48.11 35.28
N PRO M 246 10.76 47.77 34.57
CA PRO M 246 10.64 46.79 33.49
C PRO M 246 10.25 45.42 34.03
N LEU M 247 9.69 44.60 33.15
CA LEU M 247 9.20 43.29 33.54
C LEU M 247 9.59 42.25 32.51
N VAL M 248 10.05 41.11 33.01
CA VAL M 248 10.32 39.96 32.17
C VAL M 248 9.20 38.96 32.37
N ILE M 249 8.88 38.22 31.31
CA ILE M 249 7.81 37.24 31.33
C ILE M 249 8.43 35.93 30.91
N ILE M 250 8.85 35.12 31.88
CA ILE M 250 9.37 33.78 31.63
C ILE M 250 8.22 32.82 31.88
N ALA M 251 7.67 32.26 30.81
CA ALA M 251 6.54 31.35 30.94
C ALA M 251 6.59 30.35 29.80
N GLU M 252 5.60 29.46 29.78
CA GLU M 252 5.52 28.46 28.72
C GLU M 252 5.44 29.13 27.35
N ASP M 253 4.51 30.06 27.18
CA ASP M 253 4.34 30.71 25.89
C ASP M 253 3.33 31.84 26.04
N VAL M 254 3.43 32.82 25.13
CA VAL M 254 2.63 34.03 25.18
C VAL M 254 1.56 33.96 24.09
N ASP M 255 0.31 34.22 24.49
CA ASP M 255 -0.76 34.37 23.52
C ASP M 255 -0.45 35.51 22.56
N GLY M 256 -0.96 35.39 21.34
CA GLY M 256 -0.93 36.51 20.43
C GLY M 256 -1.75 37.69 20.92
N GLU M 257 -2.74 37.46 21.77
CA GLU M 257 -3.57 38.55 22.25
C GLU M 257 -2.88 39.34 23.35
N ALA M 258 -2.40 38.64 24.38
CA ALA M 258 -1.57 39.30 25.37
C ALA M 258 -0.31 39.88 24.74
N LEU M 259 0.23 39.19 23.72
CA LEU M 259 1.33 39.75 22.96
C LEU M 259 0.92 41.05 22.29
N SER M 260 -0.32 41.10 21.78
CA SER M 260 -0.80 42.32 21.14
C SER M 260 -0.89 43.45 22.16
N THR M 261 -1.38 43.15 23.35
CA THR M 261 -1.42 44.14 24.42
C THR M 261 -0.01 44.63 24.75
N LEU M 262 0.93 43.69 24.85
CA LEU M 262 2.31 44.04 25.18
C LEU M 262 2.90 44.95 24.12
N VAL M 263 2.79 44.57 22.85
CA VAL M 263 3.34 45.37 21.77
C VAL M 263 2.64 46.70 21.67
N LEU M 264 1.35 46.74 22.00
CA LEU M 264 0.62 48.00 22.02
C LEU M 264 1.23 48.95 23.05
N ASN M 265 1.36 48.47 24.28
CA ASN M 265 1.93 49.31 25.33
C ASN M 265 3.42 49.55 25.15
N ARG M 266 4.08 48.81 24.27
CA ARG M 266 5.52 48.96 24.06
C ARG M 266 5.84 49.92 22.93
N LEU M 267 5.19 49.75 21.77
CA LEU M 267 5.44 50.64 20.64
C LEU M 267 5.14 52.08 20.99
N LYS M 268 3.92 52.34 21.44
CA LYS M 268 3.62 53.58 22.16
C LYS M 268 3.99 53.35 23.62
N VAL M 269 3.44 54.13 24.56
CA VAL M 269 4.16 54.71 25.70
C VAL M 269 5.34 53.89 26.24
N GLY M 270 5.27 52.57 26.17
CA GLY M 270 6.50 51.82 26.35
C GLY M 270 6.67 51.20 27.71
N LEU M 271 5.62 50.54 28.20
CA LEU M 271 5.76 49.74 29.40
C LEU M 271 6.89 48.74 29.24
N GLN M 272 7.96 48.93 30.00
CA GLN M 272 9.16 48.13 29.86
C GLN M 272 8.84 46.68 30.20
N VAL M 273 8.75 45.84 29.18
CA VAL M 273 8.44 44.44 29.34
C VAL M 273 9.26 43.64 28.33
N VAL M 274 9.15 42.32 28.44
CA VAL M 274 9.83 41.41 27.54
C VAL M 274 9.24 40.02 27.72
N ALA M 275 9.15 39.26 26.64
CA ALA M 275 8.51 37.94 26.66
C ALA M 275 9.50 36.89 26.20
N VAL M 276 9.63 35.81 26.98
CA VAL M 276 10.52 34.70 26.66
C VAL M 276 9.87 33.41 27.11
N LYS M 277 10.05 32.35 26.35
CA LYS M 277 9.46 31.06 26.69
C LYS M 277 10.30 30.39 27.77
N ALA M 278 9.99 29.12 28.07
CA ALA M 278 10.62 28.35 29.13
C ALA M 278 11.81 27.59 28.57
N PRO M 279 12.96 27.61 29.26
CA PRO M 279 14.15 26.93 28.71
C PRO M 279 14.06 25.43 28.74
N GLY M 280 13.63 24.84 29.85
CA GLY M 280 13.65 23.39 29.98
C GLY M 280 12.68 22.74 29.02
N PHE M 281 13.03 21.53 28.56
CA PHE M 281 12.19 20.81 27.61
C PHE M 281 10.98 20.19 28.28
N GLY M 282 11.19 19.52 29.41
CA GLY M 282 10.14 18.72 30.04
C GLY M 282 10.08 18.95 31.54
N ASP M 283 10.15 17.87 32.33
CA ASP M 283 10.31 18.00 33.77
C ASP M 283 11.50 18.89 34.11
N ASN M 284 12.54 18.84 33.27
CA ASN M 284 13.68 19.72 33.43
C ASN M 284 13.25 21.18 33.45
N ARG M 285 12.24 21.55 32.64
CA ARG M 285 11.79 22.94 32.70
C ARG M 285 11.11 23.22 34.03
N LYS M 286 10.36 22.25 34.56
CA LYS M 286 9.72 22.46 35.85
C LYS M 286 10.77 22.73 36.92
N ASN M 287 11.78 21.87 36.99
CA ASN M 287 12.85 22.09 37.96
C ASN M 287 13.59 23.39 37.69
N GLN M 288 13.83 23.71 36.41
CA GLN M 288 14.61 24.91 36.10
C GLN M 288 13.84 26.16 36.46
N LEU M 289 12.54 26.18 36.20
CA LEU M 289 11.74 27.34 36.58
C LEU M 289 11.65 27.47 38.09
N LYS M 290 11.52 26.35 38.80
CA LYS M 290 11.55 26.40 40.26
C LYS M 290 12.85 27.01 40.75
N ASP M 291 13.96 26.57 40.18
CA ASP M 291 15.26 27.10 40.57
C ASP M 291 15.38 28.57 40.21
N MET M 292 14.84 28.95 39.05
CA MET M 292 14.90 30.35 38.66
C MET M 292 14.13 31.22 39.63
N ALA M 293 12.94 30.77 40.03
CA ALA M 293 12.15 31.52 41.00
C ALA M 293 12.90 31.66 42.31
N ILE M 294 13.41 30.55 42.83
CA ILE M 294 14.09 30.60 44.12
C ILE M 294 15.39 31.38 44.03
N ALA M 295 15.99 31.45 42.84
CA ALA M 295 17.20 32.23 42.68
C ALA M 295 16.88 33.73 42.66
N THR M 296 15.93 34.12 41.82
CA THR M 296 15.54 35.53 41.76
C THR M 296 14.77 35.96 42.99
N GLY M 297 14.10 35.02 43.66
CA GLY M 297 13.25 35.37 44.77
C GLY M 297 11.85 35.64 44.28
N GLY M 298 10.91 34.75 44.58
CA GLY M 298 9.56 34.92 44.11
C GLY M 298 8.73 33.66 44.23
N ALA M 299 8.06 33.27 43.14
CA ALA M 299 7.23 32.08 43.17
C ALA M 299 6.81 31.68 41.76
N VAL M 300 6.99 30.41 41.43
CA VAL M 300 6.55 29.92 40.13
C VAL M 300 5.03 29.96 40.05
N PHE M 301 4.52 30.20 38.86
CA PHE M 301 3.08 30.24 38.61
C PHE M 301 2.70 29.12 37.65
N GLY M 302 1.41 28.79 37.65
CA GLY M 302 0.96 27.65 36.90
C GLY M 302 1.17 26.33 37.60
N GLU M 303 1.37 26.37 38.93
CA GLU M 303 1.65 25.18 39.71
C GLU M 303 0.50 24.18 39.62
N GLU M 304 0.80 22.93 39.95
CA GLU M 304 -0.25 21.93 40.12
C GLU M 304 -0.74 21.88 41.56
N GLY M 305 0.19 21.84 42.51
CA GLY M 305 -0.16 21.55 43.89
C GLY M 305 -0.71 22.72 44.67
N LEU M 306 -0.36 23.94 44.29
CA LEU M 306 -0.91 25.12 44.94
C LEU M 306 -1.48 26.02 43.85
N THR M 307 -0.84 25.96 42.69
CA THR M 307 -1.25 26.41 41.37
C THR M 307 -1.21 27.94 41.21
N LEU M 308 -1.14 28.71 42.30
CA LEU M 308 -0.74 30.11 42.34
C LEU M 308 -1.29 30.94 41.16
N ASN M 309 -2.62 31.03 41.10
CA ASN M 309 -3.27 31.69 39.97
C ASN M 309 -2.74 33.10 39.75
N LEU M 310 -2.60 33.47 38.47
CA LEU M 310 -2.02 34.75 38.12
C LEU M 310 -2.90 35.92 38.48
N GLU M 311 -4.20 35.67 38.66
CA GLU M 311 -5.14 36.75 38.96
C GLU M 311 -4.76 37.47 40.24
N ASP M 312 -4.30 36.73 41.23
CA ASP M 312 -3.90 37.30 42.52
C ASP M 312 -2.39 37.15 42.67
N VAL M 313 -1.66 38.12 42.14
CA VAL M 313 -0.22 38.21 42.35
C VAL M 313 0.05 39.40 43.25
N GLN M 314 1.24 39.45 43.80
CA GLN M 314 1.58 40.42 44.83
C GLN M 314 2.99 40.92 44.62
N PRO M 315 3.28 42.15 45.05
CA PRO M 315 4.60 42.74 44.76
C PRO M 315 5.76 41.96 45.32
N HIS M 316 5.54 41.16 46.36
CA HIS M 316 6.56 40.22 46.82
C HIS M 316 6.44 38.86 46.16
N ASP M 317 5.54 38.72 45.19
CA ASP M 317 5.35 37.46 44.49
C ASP M 317 6.09 37.42 43.15
N LEU M 318 6.84 38.46 42.83
CA LEU M 318 7.52 38.57 41.56
C LEU M 318 9.01 38.22 41.70
N GLY M 319 9.58 37.75 40.60
CA GLY M 319 11.02 37.56 40.54
C GLY M 319 11.71 38.89 40.37
N LYS M 320 12.77 39.10 41.12
CA LYS M 320 13.49 40.36 41.12
C LYS M 320 14.97 40.10 40.91
N VAL M 321 15.55 40.80 39.95
CA VAL M 321 16.95 40.62 39.59
C VAL M 321 17.55 41.99 39.27
N GLY M 322 18.87 42.08 39.38
CA GLY M 322 19.53 43.35 39.11
C GLY M 322 19.45 43.75 37.66
N GLU M 323 19.78 42.83 36.76
CA GLU M 323 19.78 43.13 35.34
C GLU M 323 19.44 41.89 34.53
N VAL M 324 18.78 42.12 33.41
CA VAL M 324 18.36 41.07 32.49
C VAL M 324 18.73 41.48 31.09
N ILE M 325 19.26 40.55 30.30
CA ILE M 325 19.57 40.82 28.91
C ILE M 325 19.00 39.70 28.06
N VAL M 326 18.45 40.06 26.91
CA VAL M 326 17.86 39.09 26.00
C VAL M 326 18.50 39.28 24.64
N THR M 327 19.01 38.19 24.09
CA THR M 327 19.50 38.15 22.72
C THR M 327 18.38 37.62 21.83
N LYS M 328 18.72 37.44 20.56
CA LYS M 328 17.79 36.78 19.64
C LYS M 328 17.41 35.41 20.15
N ASP M 329 18.38 34.64 20.62
CA ASP M 329 18.18 33.22 20.88
C ASP M 329 18.53 32.80 22.30
N ASP M 330 19.05 33.68 23.14
CA ASP M 330 19.31 33.33 24.53
C ASP M 330 19.22 34.57 25.39
N ALA M 331 19.03 34.33 26.69
CA ALA M 331 18.87 35.41 27.65
C ALA M 331 19.58 35.07 28.95
N MET M 332 19.90 36.14 29.70
CA MET M 332 20.67 36.05 30.93
C MET M 332 20.00 36.86 32.04
N LEU M 333 19.87 36.22 33.20
CA LEU M 333 19.46 36.84 34.45
C LEU M 333 20.68 36.93 35.35
N LEU M 334 20.80 38.02 36.10
CA LEU M 334 22.06 38.37 36.74
C LEU M 334 21.99 38.35 38.26
N LYS M 335 21.09 39.10 38.89
CA LYS M 335 21.18 39.39 40.33
C LYS M 335 19.88 39.01 41.04
N GLY M 336 19.42 37.79 40.81
CA GLY M 336 18.22 37.32 41.48
C GLY M 336 18.33 37.32 43.00
N LYS M 337 17.51 38.13 43.68
CA LYS M 337 17.50 38.19 45.14
C LYS M 337 16.59 37.07 45.66
N GLY M 338 17.18 35.88 45.81
CA GLY M 338 16.36 34.72 46.11
C GLY M 338 16.64 34.01 47.41
N ASP M 339 16.87 34.73 48.51
CA ASP M 339 17.00 34.13 49.83
C ASP M 339 18.15 33.11 49.85
N LYS M 340 19.37 33.66 49.74
CA LYS M 340 20.62 32.90 49.62
C LYS M 340 20.69 31.67 50.51
N ALA M 341 20.15 31.74 51.72
CA ALA M 341 20.01 30.53 52.53
C ALA M 341 19.06 29.54 51.86
N GLN M 342 17.97 30.04 51.27
CA GLN M 342 17.02 29.16 50.61
C GLN M 342 17.62 28.50 49.38
N ILE M 343 18.29 29.28 48.55
CA ILE M 343 18.97 28.71 47.39
C ILE M 343 20.06 27.75 47.85
N GLU M 344 20.69 28.05 48.98
CA GLU M 344 21.66 27.12 49.56
C GLU M 344 21.01 25.78 49.88
N LYS M 345 19.84 25.82 50.51
CA LYS M 345 19.13 24.59 50.83
C LYS M 345 18.73 23.85 49.56
N ARG M 346 18.33 24.59 48.53
CA ARG M 346 18.04 23.97 47.24
C ARG M 346 19.27 23.27 46.69
N ILE M 347 20.41 23.94 46.76
CA ILE M 347 21.67 23.36 46.29
C ILE M 347 21.96 22.08 47.05
N GLN M 348 21.78 22.10 48.37
CA GLN M 348 22.00 20.90 49.16
C GLN M 348 21.06 19.78 48.74
N GLU M 349 19.81 20.13 48.44
CA GLU M 349 18.86 19.16 47.91
C GLU M 349 19.40 18.48 46.66
N ILE M 350 19.72 19.30 45.64
CA ILE M 350 20.11 18.71 44.36
C ILE M 350 21.46 18.02 44.47
N ILE M 351 22.32 18.43 45.39
CA ILE M 351 23.61 17.77 45.52
C ILE M 351 23.46 16.42 46.20
N GLU M 352 22.61 16.33 47.23
CA GLU M 352 22.31 15.01 47.77
C GLU M 352 21.63 14.15 46.73
N GLN M 353 20.83 14.76 45.86
CA GLN M 353 20.22 14.05 44.76
C GLN M 353 21.26 13.42 43.86
N LEU M 354 22.20 14.22 43.36
CA LEU M 354 23.26 13.69 42.50
C LEU M 354 24.08 12.65 43.24
N ASP M 355 24.32 12.85 44.53
CA ASP M 355 25.06 11.88 45.32
C ASP M 355 24.34 10.54 45.35
N VAL M 356 23.02 10.58 45.41
CA VAL M 356 22.24 9.35 45.45
C VAL M 356 21.90 8.84 44.06
N THR M 357 21.31 9.68 43.23
CA THR M 357 20.84 9.26 41.92
C THR M 357 21.79 9.70 40.83
N THR M 358 21.77 8.98 39.71
CA THR M 358 22.52 9.34 38.52
C THR M 358 22.18 8.36 37.41
N SER M 359 22.23 8.86 36.18
CA SER M 359 22.08 8.01 35.01
C SER M 359 23.05 8.40 33.90
N GLU M 360 24.03 9.26 34.20
CA GLU M 360 25.02 9.77 33.25
C GLU M 360 24.41 10.82 32.32
N TYR M 361 23.11 10.98 32.38
CA TYR M 361 22.38 12.01 31.67
C TYR M 361 21.46 12.78 32.60
N GLU M 362 20.83 12.11 33.55
CA GLU M 362 20.15 12.80 34.64
C GLU M 362 21.14 13.69 35.38
N LYS M 363 22.22 13.09 35.87
CA LYS M 363 23.23 13.84 36.61
C LYS M 363 23.91 14.89 35.75
N GLU M 364 23.90 14.72 34.43
CA GLU M 364 24.42 15.76 33.55
C GLU M 364 23.67 17.07 33.74
N LYS M 365 22.36 17.07 33.45
CA LYS M 365 21.57 18.28 33.67
C LYS M 365 21.50 18.64 35.15
N LEU M 366 21.69 17.66 36.03
CA LEU M 366 21.79 17.92 37.46
C LEU M 366 22.91 18.92 37.72
N ASN M 367 24.14 18.54 37.36
CA ASN M 367 25.27 19.45 37.49
C ASN M 367 25.09 20.70 36.64
N GLU M 368 24.35 20.57 35.54
CA GLU M 368 23.96 21.74 34.75
C GLU M 368 23.30 22.79 35.63
N ARG M 369 22.25 22.38 36.34
CA ARG M 369 21.55 23.30 37.23
C ARG M 369 22.47 23.78 38.35
N LEU M 370 23.27 22.88 38.92
CA LEU M 370 24.21 23.27 39.97
C LEU M 370 25.09 24.43 39.52
N ALA M 371 25.82 24.24 38.42
CA ALA M 371 26.72 25.27 37.94
C ALA M 371 25.97 26.52 37.50
N LYS M 372 24.83 26.34 36.82
CA LYS M 372 24.06 27.48 36.37
C LYS M 372 23.54 28.32 37.52
N LEU M 373 23.41 27.71 38.70
CA LEU M 373 22.93 28.44 39.86
C LEU M 373 24.04 28.92 40.79
N SER M 374 25.23 28.32 40.73
CA SER M 374 26.26 28.62 41.71
C SER M 374 27.42 29.42 41.12
N ASP M 375 28.14 28.89 40.14
CA ASP M 375 29.28 29.61 39.57
C ASP M 375 29.43 29.23 38.10
N GLY M 376 28.77 29.97 37.23
CA GLY M 376 29.00 29.96 35.80
C GLY M 376 29.06 28.61 35.12
N VAL M 377 29.52 28.62 33.86
CA VAL M 377 29.85 27.42 33.11
C VAL M 377 30.95 27.80 32.13
N ALA M 378 32.00 27.00 32.10
CA ALA M 378 33.15 27.30 31.25
C ALA M 378 32.99 26.59 29.91
N VAL M 379 33.04 27.37 28.84
CA VAL M 379 33.10 26.82 27.50
C VAL M 379 34.47 27.11 26.93
N LEU M 380 34.89 26.24 26.01
CA LEU M 380 36.26 26.18 25.52
C LEU M 380 36.29 26.20 24.00
N LYS M 381 35.65 27.20 23.41
CA LYS M 381 35.70 27.39 21.97
C LYS M 381 37.14 27.39 21.49
N VAL M 382 37.43 26.46 20.57
CA VAL M 382 38.79 26.12 20.22
C VAL M 382 39.22 26.87 18.98
N GLY M 383 40.52 26.84 18.71
CA GLY M 383 41.07 27.37 17.47
C GLY M 383 40.84 26.40 16.33
N GLY M 384 41.79 26.37 15.42
CA GLY M 384 41.69 25.48 14.28
C GLY M 384 41.21 26.22 13.03
N THR M 385 41.52 25.62 11.88
CA THR M 385 41.16 26.24 10.62
C THR M 385 40.48 25.25 9.70
N SER M 386 40.84 23.98 9.81
CA SER M 386 40.16 22.91 9.09
C SER M 386 39.33 22.10 10.07
N ASP M 387 38.32 21.42 9.53
CA ASP M 387 37.47 20.59 10.37
C ASP M 387 38.29 19.49 11.03
N VAL M 388 39.28 18.95 10.32
CA VAL M 388 40.07 17.87 10.88
C VAL M 388 40.99 18.38 11.98
N GLU M 389 41.57 19.57 11.78
CA GLU M 389 42.29 20.22 12.87
C GLU M 389 41.39 20.42 14.07
N VAL M 390 40.14 20.82 13.82
CA VAL M 390 39.17 20.99 14.89
C VAL M 390 38.99 19.71 15.66
N ASN M 391 38.75 18.61 14.95
CA ASN M 391 38.50 17.33 15.63
C ASN M 391 39.70 16.89 16.43
N GLU M 392 40.89 16.97 15.84
CA GLU M 392 42.11 16.61 16.56
C GLU M 392 42.29 17.41 17.83
N LYS M 393 42.31 18.74 17.71
CA LYS M 393 42.59 19.58 18.85
C LYS M 393 41.51 19.41 19.91
N LYS M 394 40.26 19.24 19.48
CA LYS M 394 39.17 19.08 20.44
C LYS M 394 39.28 17.76 21.17
N ASP M 395 39.66 16.70 20.47
CA ASP M 395 39.86 15.42 21.15
C ASP M 395 40.94 15.54 22.21
N ARG M 396 42.08 16.13 21.86
CA ARG M 396 43.15 16.27 22.84
C ARG M 396 42.70 17.11 24.02
N VAL M 397 41.94 18.18 23.75
CA VAL M 397 41.49 19.05 24.82
C VAL M 397 40.57 18.31 25.77
N THR M 398 39.57 17.60 25.22
CA THR M 398 38.64 16.86 26.06
C THR M 398 39.36 15.80 26.86
N ASP M 399 40.35 15.16 26.26
CA ASP M 399 41.12 14.16 27.00
C ASP M 399 41.84 14.79 28.17
N ALA M 400 42.49 15.93 27.93
CA ALA M 400 43.17 16.62 29.03
C ALA M 400 42.18 17.00 30.12
N LEU M 401 41.00 17.44 29.72
CA LEU M 401 39.99 17.83 30.69
C LEU M 401 39.57 16.66 31.56
N ASN M 402 39.28 15.53 30.94
CA ASN M 402 38.89 14.34 31.70
C ASN M 402 40.02 13.89 32.61
N ALA M 403 41.26 13.97 32.13
CA ALA M 403 42.39 13.59 32.98
C ALA M 403 42.50 14.50 34.19
N THR M 404 42.29 15.80 33.99
CA THR M 404 42.35 16.72 35.11
C THR M 404 41.26 16.46 36.13
N ARG M 405 40.03 16.24 35.65
CA ARG M 405 38.95 15.98 36.60
C ARG M 405 39.15 14.66 37.33
N ALA M 406 39.74 13.66 36.67
CA ALA M 406 40.07 12.45 37.38
C ALA M 406 41.15 12.69 38.41
N ALA M 407 42.11 13.56 38.10
CA ALA M 407 43.23 13.78 39.00
C ALA M 407 42.85 14.63 40.20
N VAL M 408 41.84 15.49 40.06
CA VAL M 408 41.51 16.41 41.15
C VAL M 408 40.95 15.65 42.34
N GLU M 409 40.17 14.60 42.09
CA GLU M 409 39.53 13.93 43.21
C GLU M 409 40.42 12.84 43.81
N GLU M 410 40.98 11.98 42.98
CA GLU M 410 41.87 10.94 43.46
C GLU M 410 43.30 11.31 43.13
N GLY M 411 44.22 10.80 43.94
CA GLY M 411 45.59 11.30 43.94
C GLY M 411 46.28 11.18 42.60
N ILE M 412 47.48 11.73 42.56
CA ILE M 412 48.33 11.67 41.37
C ILE M 412 49.57 10.86 41.70
N VAL M 413 50.42 10.66 40.70
CA VAL M 413 51.66 9.91 40.85
C VAL M 413 52.65 10.45 39.82
N LEU M 414 53.92 10.07 39.97
CA LEU M 414 54.93 10.45 39.00
C LEU M 414 54.55 9.94 37.63
N GLY M 415 54.63 10.80 36.64
CA GLY M 415 54.25 10.44 35.29
C GLY M 415 55.33 9.61 34.61
N GLY M 416 55.08 9.32 33.34
CA GLY M 416 56.03 8.55 32.55
C GLY M 416 56.27 7.15 33.08
N GLY M 417 55.23 6.52 33.60
CA GLY M 417 55.28 5.12 33.95
C GLY M 417 56.10 4.77 35.17
N CYS M 418 56.73 5.76 35.82
CA CYS M 418 57.64 5.46 36.91
C CYS M 418 56.93 4.75 38.06
N ALA M 419 55.63 4.97 38.21
CA ALA M 419 54.90 4.40 39.35
C ALA M 419 54.93 2.87 39.31
N LEU M 420 54.65 2.29 38.14
CA LEU M 420 54.61 0.83 38.04
C LEU M 420 55.99 0.24 38.30
N LEU M 421 57.02 0.86 37.73
CA LEU M 421 58.38 0.40 37.99
C LEU M 421 58.72 0.47 39.47
N ARG M 422 58.20 1.48 40.16
CA ARG M 422 58.42 1.55 41.59
C ARG M 422 57.57 0.52 42.33
N CYS M 423 56.45 0.11 41.75
CA CYS M 423 55.60 -0.89 42.38
C CYS M 423 56.10 -2.31 42.19
N ILE M 424 57.03 -2.51 41.25
CA ILE M 424 57.57 -3.85 41.02
C ILE M 424 58.13 -4.51 42.27
N PRO M 425 58.80 -3.82 43.19
CA PRO M 425 59.21 -4.48 44.44
C PRO M 425 58.05 -5.07 45.22
N ALA M 426 56.85 -4.49 45.10
CA ALA M 426 55.67 -5.12 45.68
C ALA M 426 55.47 -6.52 45.10
N LEU M 427 55.58 -6.65 43.78
CA LEU M 427 55.51 -7.97 43.17
C LEU M 427 56.63 -8.87 43.66
N ASP M 428 57.81 -8.30 43.91
CA ASP M 428 58.86 -9.09 44.52
C ASP M 428 58.56 -9.43 45.97
N SER M 429 57.54 -8.82 46.56
CA SER M 429 57.16 -9.07 47.94
C SER M 429 56.08 -10.12 48.10
N LEU M 430 55.43 -10.53 47.02
CA LEU M 430 54.36 -11.52 47.11
C LEU M 430 54.93 -12.92 47.27
N THR M 431 54.09 -13.81 47.78
CA THR M 431 54.39 -15.24 47.87
C THR M 431 53.28 -16.03 47.20
N PRO M 432 53.54 -16.68 46.08
CA PRO M 432 52.47 -17.36 45.35
C PRO M 432 51.98 -18.58 46.12
N ALA M 433 50.69 -18.86 45.99
CA ALA M 433 50.14 -20.06 46.60
C ALA M 433 50.80 -21.31 46.05
N ASN M 434 51.05 -21.33 44.74
CA ASN M 434 51.71 -22.46 44.11
C ASN M 434 52.41 -21.94 42.84
N GLU M 435 52.80 -22.87 41.97
CA GLU M 435 53.62 -22.50 40.83
C GLU M 435 52.87 -21.60 39.85
N ASP M 436 51.60 -21.90 39.60
CA ASP M 436 50.90 -21.21 38.52
C ASP M 436 50.69 -19.74 38.84
N GLN M 437 50.25 -19.44 40.06
CA GLN M 437 50.12 -18.05 40.47
C GLN M 437 51.46 -17.35 40.41
N LYS M 438 52.55 -18.06 40.71
CA LYS M 438 53.86 -17.45 40.58
C LYS M 438 54.17 -17.14 39.12
N ILE M 439 53.73 -18.01 38.21
CA ILE M 439 53.88 -17.75 36.78
C ILE M 439 53.16 -16.47 36.41
N GLY M 440 51.92 -16.33 36.87
CA GLY M 440 51.18 -15.11 36.60
C GLY M 440 51.85 -13.88 37.17
N ILE M 441 52.45 -14.04 38.36
CA ILE M 441 53.15 -12.93 38.98
C ILE M 441 54.31 -12.49 38.11
N GLU M 442 55.08 -13.45 37.61
CA GLU M 442 56.19 -13.10 36.74
C GLU M 442 55.68 -12.48 35.45
N ILE M 443 54.51 -12.91 34.99
CA ILE M 443 53.90 -12.30 33.81
C ILE M 443 53.68 -10.82 34.04
N ILE M 444 53.00 -10.48 35.14
CA ILE M 444 52.73 -9.07 35.41
C ILE M 444 54.03 -8.32 35.66
N LYS M 445 55.02 -8.97 36.27
CA LYS M 445 56.29 -8.32 36.55
C LYS M 445 56.98 -7.92 35.26
N ARG M 446 56.96 -8.79 34.26
CA ARG M 446 57.48 -8.41 32.95
C ARG M 446 56.62 -7.33 32.32
N THR M 447 55.30 -7.43 32.50
CA THR M 447 54.38 -6.51 31.84
C THR M 447 54.62 -5.07 32.29
N LEU M 448 54.92 -4.88 33.56
CA LEU M 448 55.06 -3.52 34.08
C LEU M 448 56.17 -2.74 33.38
N LYS M 449 57.19 -3.43 32.88
CA LYS M 449 58.26 -2.74 32.17
C LYS M 449 57.88 -2.38 30.75
N ILE M 450 56.72 -2.86 30.27
CA ILE M 450 56.37 -2.68 28.87
C ILE M 450 56.21 -1.22 28.47
N PRO M 451 55.41 -0.40 29.17
CA PRO M 451 55.07 0.92 28.64
C PRO M 451 56.23 1.87 28.42
N ALA M 452 57.07 2.07 29.44
CA ALA M 452 58.25 2.89 29.25
C ALA M 452 59.11 2.35 28.13
N MET M 453 59.14 1.02 27.98
CA MET M 453 59.82 0.42 26.84
C MET M 453 59.23 0.93 25.52
N THR M 454 57.91 0.86 25.39
CA THR M 454 57.24 1.35 24.19
C THR M 454 57.55 2.81 23.96
N ILE M 455 57.63 3.58 25.03
CA ILE M 455 57.81 5.01 24.90
C ILE M 455 59.20 5.32 24.40
N ALA M 456 60.21 4.74 25.04
CA ALA M 456 61.57 4.85 24.54
C ALA M 456 61.68 4.38 23.10
N LYS M 457 60.93 3.34 22.75
CA LYS M 457 60.87 2.87 21.37
C LYS M 457 60.40 3.98 20.45
N ASN M 458 59.29 4.63 20.81
CA ASN M 458 58.79 5.74 20.00
C ASN M 458 59.80 6.86 19.92
N ALA M 459 60.51 7.13 21.00
CA ALA M 459 61.51 8.17 20.99
C ALA M 459 62.65 7.86 20.04
N GLY M 460 62.86 6.58 19.73
CA GLY M 460 64.01 6.18 18.96
C GLY M 460 65.22 5.87 19.80
N VAL M 461 65.01 5.30 20.99
CA VAL M 461 66.09 4.99 21.91
C VAL M 461 65.94 3.53 22.33
N GLU M 462 66.90 3.07 23.12
CA GLU M 462 66.93 1.67 23.56
C GLU M 462 65.96 1.49 24.71
N GLY M 463 64.91 0.70 24.49
CA GLY M 463 63.89 0.51 25.48
C GLY M 463 64.38 -0.06 26.78
N SER M 464 64.84 -1.32 26.73
CA SER M 464 65.27 -2.00 27.95
C SER M 464 66.39 -1.26 28.65
N LEU M 465 67.28 -0.63 27.89
CA LEU M 465 68.35 0.15 28.51
C LEU M 465 67.78 1.28 29.35
N ILE M 466 66.87 2.06 28.77
CA ILE M 466 66.32 3.20 29.50
C ILE M 466 65.52 2.71 30.70
N VAL M 467 64.78 1.62 30.53
CA VAL M 467 63.98 1.08 31.62
C VAL M 467 64.89 0.67 32.78
N GLU M 468 65.95 -0.07 32.48
CA GLU M 468 66.88 -0.50 33.52
C GLU M 468 67.53 0.69 34.19
N LYS M 469 68.01 1.66 33.41
CA LYS M 469 68.71 2.78 34.00
C LYS M 469 67.77 3.64 34.83
N ILE M 470 66.48 3.65 34.49
CA ILE M 470 65.51 4.30 35.36
C ILE M 470 65.35 3.53 36.66
N MET M 471 65.22 2.21 36.56
CA MET M 471 65.07 1.41 37.78
C MET M 471 66.27 1.55 38.70
N GLN M 472 67.45 1.79 38.13
CA GLN M 472 68.61 2.03 38.98
C GLN M 472 68.52 3.37 39.68
N SER M 473 67.82 4.33 39.10
CA SER M 473 67.82 5.70 39.61
C SER M 473 66.95 5.79 40.86
N SER M 474 66.74 7.00 41.35
CA SER M 474 66.02 7.21 42.59
C SER M 474 64.52 6.97 42.39
N SER M 475 63.75 7.24 43.45
CA SER M 475 62.31 7.04 43.38
C SER M 475 61.65 8.09 42.50
N GLU M 476 62.08 9.33 42.62
CA GLU M 476 61.47 10.44 41.89
C GLU M 476 62.16 10.74 40.58
N VAL M 477 63.32 10.17 40.35
CA VAL M 477 64.04 10.40 39.11
C VAL M 477 63.53 9.44 38.06
N GLY M 478 63.44 9.92 36.84
CA GLY M 478 62.99 9.10 35.73
C GLY M 478 63.40 9.75 34.45
N TYR M 479 62.69 9.40 33.37
CA TYR M 479 63.09 9.75 32.02
C TYR M 479 62.06 10.64 31.36
N ASP M 480 62.52 11.80 30.90
CA ASP M 480 61.79 12.58 29.93
C ASP M 480 62.22 12.21 28.54
N ALA M 481 61.26 12.16 27.64
CA ALA M 481 61.49 11.91 26.23
C ALA M 481 61.70 13.18 25.44
N MET M 482 61.13 14.29 25.90
CA MET M 482 61.34 15.54 25.20
C MET M 482 62.76 16.04 25.39
N ALA M 483 63.22 16.08 26.63
CA ALA M 483 64.62 16.36 26.90
C ALA M 483 65.49 15.14 26.73
N GLY M 484 64.88 13.96 26.54
CA GLY M 484 65.60 12.72 26.28
C GLY M 484 66.69 12.45 27.30
N ASP M 485 66.33 12.44 28.57
CA ASP M 485 67.33 12.41 29.64
C ASP M 485 66.61 12.10 30.94
N PHE M 486 67.34 12.11 32.04
CA PHE M 486 66.78 11.81 33.35
C PHE M 486 66.63 13.09 34.15
N VAL M 487 65.47 13.25 34.78
CA VAL M 487 65.19 14.37 35.68
C VAL M 487 64.21 13.91 36.75
N ASN M 488 63.98 14.76 37.74
CA ASN M 488 62.87 14.54 38.64
C ASN M 488 61.60 15.07 38.00
N MET M 489 60.54 14.25 38.06
CA MET M 489 59.34 14.55 37.29
C MET M 489 58.59 15.74 37.86
N VAL M 490 58.16 15.63 39.12
CA VAL M 490 57.50 16.74 39.79
C VAL M 490 58.39 17.97 39.78
N GLU M 491 59.70 17.76 39.91
CA GLU M 491 60.63 18.86 39.63
C GLU M 491 60.46 19.36 38.20
N LYS M 492 60.38 18.43 37.24
CA LYS M 492 60.25 18.83 35.85
C LYS M 492 58.84 19.23 35.49
N GLY M 493 57.85 18.78 36.24
CA GLY M 493 56.47 19.11 35.97
C GLY M 493 55.75 18.06 35.15
N ILE M 494 56.00 16.80 35.47
CA ILE M 494 55.29 15.68 34.85
C ILE M 494 54.67 14.86 35.98
N ILE M 495 53.36 14.65 35.91
CA ILE M 495 52.63 13.82 36.85
C ILE M 495 51.45 13.23 36.07
N ASP M 496 50.71 12.34 36.73
CA ASP M 496 49.56 11.72 36.08
C ASP M 496 48.56 11.33 37.15
N PRO M 497 47.31 11.08 36.75
CA PRO M 497 46.31 10.69 37.74
C PRO M 497 46.51 9.26 38.18
N THR M 498 46.20 9.00 39.45
CA THR M 498 46.23 7.63 39.93
C THR M 498 45.04 6.84 39.41
N LYS M 499 43.87 7.50 39.28
CA LYS M 499 42.68 6.77 38.86
C LYS M 499 42.82 6.25 37.44
N VAL M 500 43.37 7.06 36.54
CA VAL M 500 43.54 6.63 35.16
C VAL M 500 44.44 5.40 35.10
N VAL M 501 45.56 5.45 35.81
CA VAL M 501 46.51 4.34 35.77
C VAL M 501 45.89 3.09 36.35
N ARG M 502 45.26 3.21 37.52
CA ARG M 502 44.67 2.04 38.16
C ARG M 502 43.59 1.42 37.31
N THR M 503 42.70 2.25 36.74
CA THR M 503 41.62 1.71 35.92
C THR M 503 42.16 1.04 34.67
N ALA M 504 43.12 1.68 34.00
CA ALA M 504 43.69 1.10 32.79
C ALA M 504 44.35 -0.24 33.08
N LEU M 505 45.20 -0.27 34.10
CA LEU M 505 45.86 -1.52 34.49
C LEU M 505 44.84 -2.59 34.81
N LEU M 506 43.82 -2.25 35.58
CA LEU M 506 42.84 -3.25 36.00
C LEU M 506 42.10 -3.81 34.80
N ASP M 507 41.62 -2.94 33.91
CA ASP M 507 40.88 -3.40 32.74
C ASP M 507 41.74 -4.30 31.87
N ALA M 508 42.95 -3.83 31.54
CA ALA M 508 43.82 -4.59 30.64
C ALA M 508 44.15 -5.95 31.25
N ALA M 509 44.56 -5.97 32.51
CA ALA M 509 44.89 -7.22 33.18
C ALA M 509 43.69 -8.16 33.17
N GLY M 510 42.51 -7.66 33.53
CA GLY M 510 41.35 -8.51 33.59
C GLY M 510 41.03 -9.16 32.26
N VAL M 511 40.86 -8.35 31.22
CA VAL M 511 40.42 -8.90 29.95
C VAL M 511 41.49 -9.80 29.35
N ALA M 512 42.75 -9.40 29.42
CA ALA M 512 43.80 -10.23 28.84
C ALA M 512 43.94 -11.55 29.58
N SER M 513 43.93 -11.51 30.91
CA SER M 513 44.04 -12.73 31.68
C SER M 513 42.89 -13.67 31.39
N LEU M 514 41.68 -13.11 31.23
CA LEU M 514 40.56 -13.95 30.82
C LEU M 514 40.81 -14.55 29.46
N LEU M 515 41.37 -13.76 28.53
CA LEU M 515 41.64 -14.26 27.20
C LEU M 515 42.63 -15.41 27.21
N THR M 516 43.56 -15.38 28.15
CA THR M 516 44.65 -16.36 28.16
C THR M 516 44.13 -17.78 28.29
N THR M 517 43.08 -17.98 29.09
CA THR M 517 42.59 -19.32 29.36
C THR M 517 41.78 -19.90 28.21
N ALA M 518 41.69 -19.20 27.08
CA ALA M 518 40.98 -19.74 25.93
C ALA M 518 41.71 -20.97 25.39
N GLU M 519 40.94 -21.94 24.92
CA GLU M 519 41.51 -23.21 24.51
C GLU M 519 41.00 -23.62 23.15
N VAL M 520 39.79 -23.19 22.80
CA VAL M 520 39.11 -23.61 21.58
C VAL M 520 38.25 -22.46 21.10
N VAL M 521 38.36 -22.13 19.81
CA VAL M 521 37.65 -21.00 19.25
C VAL M 521 36.66 -21.49 18.22
N VAL M 522 35.46 -20.92 18.24
CA VAL M 522 34.42 -21.20 17.26
C VAL M 522 34.03 -19.91 16.57
N THR M 523 33.90 -19.96 15.26
CA THR M 523 33.61 -18.78 14.46
C THR M 523 32.54 -19.09 13.44
N GLU M 524 31.89 -18.03 12.97
CA GLU M 524 30.96 -18.17 11.87
C GLU M 524 31.70 -18.56 10.60
N ILE M 525 31.05 -19.36 9.76
CA ILE M 525 31.62 -19.74 8.47
C ILE M 525 31.69 -18.46 7.63
N PRO M 526 32.65 -18.33 6.73
CA PRO M 526 32.87 -17.06 6.03
C PRO M 526 31.92 -16.79 4.87
N LYS M 527 30.75 -17.44 4.85
CA LYS M 527 29.77 -17.31 3.77
C LYS M 527 29.59 -15.87 3.28
N GLU M 528 29.04 -15.01 4.12
CA GLU M 528 28.81 -13.63 3.74
C GLU M 528 28.85 -12.71 4.96
N GLY N 1 30.29 -2.51 11.37
CA GLY N 1 31.60 -2.06 10.96
C GLY N 1 32.24 -2.99 9.96
N SER N 2 32.41 -2.51 8.73
CA SER N 2 33.01 -3.33 7.69
C SER N 2 34.45 -3.67 8.02
N ALA N 3 34.86 -4.86 7.62
CA ALA N 3 36.26 -5.26 7.76
C ALA N 3 37.14 -4.26 7.02
N LYS N 4 38.19 -3.81 7.69
CA LYS N 4 39.02 -2.75 7.16
C LYS N 4 40.41 -3.28 6.84
N ASP N 5 41.29 -2.38 6.42
CA ASP N 5 42.66 -2.72 6.09
C ASP N 5 43.57 -1.62 6.60
N VAL N 6 44.77 -2.00 7.00
CA VAL N 6 45.71 -1.07 7.61
C VAL N 6 47.01 -1.08 6.83
N LYS N 7 47.68 0.06 6.82
CA LYS N 7 49.02 0.16 6.25
C LYS N 7 49.86 1.08 7.11
N PHE N 8 51.17 0.84 7.07
CA PHE N 8 52.12 1.45 8.00
C PHE N 8 53.19 2.22 7.25
N GLY N 9 53.56 3.36 7.83
CA GLY N 9 54.83 3.99 7.51
C GLY N 9 54.97 4.40 6.05
N ALA N 10 56.10 4.02 5.47
CA ALA N 10 56.47 4.53 4.16
C ALA N 10 55.47 4.13 3.09
N ASP N 11 54.81 2.98 3.26
CA ASP N 11 53.84 2.54 2.26
C ASP N 11 52.66 3.50 2.18
N ALA N 12 51.98 3.70 3.31
CA ALA N 12 50.84 4.60 3.33
C ALA N 12 51.26 6.01 2.96
N ARG N 13 52.44 6.43 3.39
CA ARG N 13 52.94 7.75 3.02
C ARG N 13 53.07 7.88 1.51
N ALA N 14 53.70 6.89 0.87
CA ALA N 14 53.89 6.95 -0.57
C ALA N 14 52.56 6.94 -1.29
N LEU N 15 51.62 6.13 -0.83
CA LEU N 15 50.31 6.07 -1.50
C LEU N 15 49.58 7.40 -1.40
N MET N 16 49.50 7.96 -0.19
CA MET N 16 48.81 9.23 -0.02
C MET N 16 49.49 10.33 -0.82
N LEU N 17 50.82 10.35 -0.82
CA LEU N 17 51.52 11.35 -1.60
C LEU N 17 51.29 11.16 -3.09
N GLN N 18 51.18 9.92 -3.56
CA GLN N 18 50.87 9.68 -4.96
C GLN N 18 49.50 10.23 -5.31
N GLY N 19 48.52 9.97 -4.45
CA GLY N 19 47.18 10.50 -4.71
C GLY N 19 47.17 12.02 -4.73
N VAL N 20 47.84 12.64 -3.76
CA VAL N 20 47.87 14.10 -3.73
C VAL N 20 48.61 14.65 -4.93
N ASP N 21 49.67 13.98 -5.36
CA ASP N 21 50.39 14.43 -6.54
C ASP N 21 49.53 14.31 -7.78
N LEU N 22 48.73 13.25 -7.87
CA LEU N 22 47.78 13.17 -8.98
C LEU N 22 46.83 14.36 -8.95
N LEU N 23 46.22 14.61 -7.80
CA LEU N 23 45.22 15.67 -7.75
C LEU N 23 45.82 17.04 -7.94
N ALA N 24 47.08 17.24 -7.55
CA ALA N 24 47.72 18.54 -7.65
C ALA N 24 48.35 18.77 -9.01
N ASP N 25 48.84 17.73 -9.66
CA ASP N 25 49.23 17.85 -11.05
C ASP N 25 48.03 18.13 -11.92
N ALA N 26 46.86 17.66 -11.50
CA ALA N 26 45.63 17.89 -12.26
C ALA N 26 45.29 19.37 -12.31
N VAL N 27 45.77 20.15 -11.34
CA VAL N 27 45.31 21.51 -11.13
C VAL N 27 46.41 22.53 -11.36
N ALA N 28 47.66 22.18 -11.04
CA ALA N 28 48.73 23.16 -10.94
C ALA N 28 48.93 23.98 -12.21
N VAL N 29 48.40 23.50 -13.34
CA VAL N 29 48.51 24.25 -14.59
C VAL N 29 47.78 25.58 -14.47
N THR N 30 46.63 25.59 -13.80
CA THR N 30 45.72 26.73 -13.86
C THR N 30 46.11 27.81 -12.85
N MET N 31 47.25 28.41 -13.10
CA MET N 31 47.72 29.53 -12.32
C MET N 31 48.27 30.58 -13.26
N GLY N 32 47.91 31.83 -12.99
CA GLY N 32 48.38 32.94 -13.77
C GLY N 32 47.97 32.83 -15.22
N PRO N 33 48.42 33.77 -16.04
CA PRO N 33 48.24 33.61 -17.47
C PRO N 33 49.03 32.42 -17.96
N LYS N 34 48.66 31.95 -19.14
CA LYS N 34 49.22 30.76 -19.77
C LYS N 34 48.78 29.48 -19.07
N GLY N 35 48.00 29.57 -17.99
CA GLY N 35 47.31 28.40 -17.50
C GLY N 35 46.37 27.84 -18.55
N ARG N 36 45.95 26.60 -18.35
CA ARG N 36 45.19 25.88 -19.36
C ARG N 36 43.98 25.21 -18.74
N THR N 37 42.85 25.33 -19.43
CA THR N 37 41.56 24.92 -18.89
C THR N 37 41.52 23.41 -18.68
N VAL N 38 40.42 22.96 -18.09
CA VAL N 38 40.18 21.56 -17.79
C VAL N 38 38.74 21.25 -18.17
N ILE N 39 38.54 20.14 -18.87
CA ILE N 39 37.22 19.67 -19.23
C ILE N 39 36.84 18.55 -18.30
N ILE N 40 35.71 18.69 -17.63
CA ILE N 40 35.16 17.64 -16.78
C ILE N 40 33.88 17.16 -17.41
N GLU N 41 33.60 15.87 -17.27
CA GLU N 41 32.42 15.26 -17.86
C GLU N 41 31.25 15.39 -16.90
N GLN N 42 30.25 16.18 -17.28
CA GLN N 42 29.00 16.24 -16.54
C GLN N 42 28.18 15.00 -16.87
N SER N 43 27.62 14.36 -15.85
CA SER N 43 27.02 13.05 -16.06
C SER N 43 25.75 13.09 -16.88
N TRP N 44 25.15 14.26 -17.11
CA TRP N 44 23.85 14.32 -17.77
C TRP N 44 23.81 15.17 -19.02
N GLY N 45 24.60 16.24 -19.11
CA GLY N 45 24.54 17.14 -20.25
C GLY N 45 25.91 17.43 -20.79
N SER N 46 26.09 18.67 -21.23
CA SER N 46 27.37 19.09 -21.75
C SER N 46 28.43 19.08 -20.65
N PRO N 47 29.69 18.83 -21.00
CA PRO N 47 30.75 18.86 -19.99
C PRO N 47 31.03 20.28 -19.55
N LYS N 48 31.62 20.39 -18.36
CA LYS N 48 32.08 21.66 -17.85
C LYS N 48 33.49 21.95 -18.36
N VAL N 49 33.79 23.23 -18.51
CA VAL N 49 35.13 23.68 -18.88
C VAL N 49 35.53 24.78 -17.92
N THR N 50 36.74 24.67 -17.36
CA THR N 50 37.10 25.50 -16.22
C THR N 50 38.56 25.93 -16.27
N LYS N 51 38.85 26.92 -15.44
CA LYS N 51 40.18 27.18 -14.92
C LYS N 51 40.21 27.13 -13.41
N ASP N 52 39.05 27.21 -12.77
CA ASP N 52 38.95 27.14 -11.32
C ASP N 52 39.50 25.82 -10.81
N GLY N 53 39.94 25.84 -9.56
CA GLY N 53 40.66 24.73 -8.99
C GLY N 53 39.92 23.96 -7.93
N VAL N 54 38.59 24.09 -7.90
CA VAL N 54 37.77 23.40 -6.90
C VAL N 54 36.76 22.54 -7.63
N THR N 55 36.15 23.11 -8.67
CA THR N 55 35.48 22.27 -9.65
C THR N 55 36.42 21.16 -10.08
N VAL N 56 37.63 21.54 -10.48
CA VAL N 56 38.68 20.55 -10.74
C VAL N 56 38.93 19.70 -9.50
N ALA N 57 39.14 20.35 -8.36
CA ALA N 57 39.45 19.60 -7.15
C ALA N 57 38.27 18.75 -6.72
N LYS N 58 37.11 19.38 -6.48
CA LYS N 58 35.96 18.65 -5.96
C LYS N 58 35.47 17.59 -6.94
N SER N 59 35.80 17.70 -8.21
CA SER N 59 35.36 16.68 -9.17
C SER N 59 36.16 15.40 -9.00
N ILE N 60 37.46 15.50 -8.73
CA ILE N 60 38.33 14.33 -8.75
C ILE N 60 37.98 13.39 -7.61
N ASP N 61 37.82 12.11 -7.92
CA ASP N 61 37.66 11.05 -6.94
C ASP N 61 38.44 9.84 -7.41
N LEU N 62 39.19 9.23 -6.51
CA LEU N 62 40.13 8.19 -6.89
C LEU N 62 39.57 6.82 -6.52
N LYS N 63 39.83 5.84 -7.38
CA LYS N 63 39.40 4.47 -7.12
C LYS N 63 40.05 3.92 -5.86
N ASP N 64 41.38 3.96 -5.80
CA ASP N 64 42.09 3.42 -4.66
C ASP N 64 41.77 4.21 -3.40
N LYS N 65 41.69 3.50 -2.29
CA LYS N 65 41.27 4.13 -1.04
C LYS N 65 42.30 5.17 -0.60
N TYR N 66 43.57 4.80 -0.59
CA TYR N 66 44.59 5.68 -0.04
C TYR N 66 44.74 6.94 -0.88
N LYS N 67 44.77 6.77 -2.20
CA LYS N 67 44.77 7.92 -3.08
C LYS N 67 43.51 8.75 -2.87
N ASN N 68 42.40 8.09 -2.56
CA ASN N 68 41.19 8.84 -2.22
C ASN N 68 41.40 9.68 -0.97
N ILE N 69 42.15 9.16 0.00
CA ILE N 69 42.43 9.93 1.21
C ILE N 69 43.25 11.16 0.87
N GLY N 70 44.27 10.99 0.04
CA GLY N 70 45.03 12.14 -0.41
C GLY N 70 44.15 13.17 -1.10
N ALA N 71 43.27 12.70 -1.98
CA ALA N 71 42.38 13.61 -2.71
C ALA N 71 41.47 14.36 -1.74
N LYS N 72 40.97 13.68 -0.72
CA LYS N 72 40.10 14.35 0.23
C LYS N 72 40.85 15.40 1.02
N LEU N 73 42.07 15.07 1.47
CA LEU N 73 42.81 16.07 2.22
C LEU N 73 43.23 17.25 1.37
N VAL N 74 43.28 17.10 0.06
CA VAL N 74 43.54 18.28 -0.77
C VAL N 74 42.25 19.06 -1.01
N GLN N 75 41.15 18.35 -1.29
CA GLN N 75 39.89 19.03 -1.54
C GLN N 75 39.42 19.81 -0.32
N ASP N 76 39.76 19.34 0.88
CA ASP N 76 39.35 20.10 2.06
C ASP N 76 40.08 21.42 2.14
N VAL N 77 41.37 21.43 1.81
CA VAL N 77 42.10 22.69 1.71
C VAL N 77 41.44 23.59 0.69
N ALA N 78 41.13 23.03 -0.48
CA ALA N 78 40.50 23.81 -1.54
C ALA N 78 39.17 24.40 -1.06
N ASN N 79 38.35 23.60 -0.40
CA ASN N 79 37.02 24.03 -0.01
C ASN N 79 37.09 25.08 1.09
N ASN N 80 37.98 24.89 2.07
CA ASN N 80 38.14 25.91 3.08
C ASN N 80 38.62 27.22 2.49
N THR N 81 39.57 27.15 1.57
CA THR N 81 40.07 28.37 0.93
C THR N 81 38.94 29.08 0.19
N ASN N 82 38.13 28.32 -0.55
CA ASN N 82 37.01 28.91 -1.27
C ASN N 82 36.06 29.58 -0.29
N GLU N 83 35.54 28.81 0.66
CA GLU N 83 34.53 29.34 1.57
C GLU N 83 35.06 30.46 2.45
N GLU N 84 36.37 30.57 2.60
CA GLU N 84 36.91 31.64 3.42
C GLU N 84 37.17 32.91 2.62
N ALA N 85 37.94 32.80 1.54
CA ALA N 85 38.34 33.96 0.77
C ALA N 85 37.86 33.95 -0.66
N GLY N 86 37.21 32.88 -1.12
CA GLY N 86 36.60 32.88 -2.43
C GLY N 86 37.54 32.53 -3.56
N ASP N 87 38.75 33.08 -3.54
CA ASP N 87 39.78 32.78 -4.51
C ASP N 87 41.07 32.48 -3.78
N GLY N 88 41.98 31.80 -4.47
CA GLY N 88 43.22 31.36 -3.90
C GLY N 88 43.20 29.87 -3.69
N THR N 89 42.53 29.18 -4.60
CA THR N 89 42.35 27.75 -4.48
C THR N 89 43.56 27.01 -5.01
N THR N 90 43.99 27.40 -6.22
CA THR N 90 45.10 26.75 -6.86
C THR N 90 46.36 26.89 -6.03
N THR N 91 46.57 28.10 -5.51
CA THR N 91 47.69 28.33 -4.62
C THR N 91 47.64 27.43 -3.42
N ALA N 92 46.45 27.27 -2.84
CA ALA N 92 46.28 26.39 -1.70
C ALA N 92 46.69 24.97 -2.06
N THR N 93 46.21 24.48 -3.20
CA THR N 93 46.51 23.10 -3.59
C THR N 93 48.01 22.92 -3.78
N VAL N 94 48.65 23.85 -4.48
CA VAL N 94 50.07 23.65 -4.79
C VAL N 94 50.91 23.75 -3.53
N LEU N 95 50.62 24.72 -2.67
CA LEU N 95 51.38 24.83 -1.43
C LEU N 95 51.16 23.61 -0.57
N ALA N 96 49.93 23.09 -0.54
CA ALA N 96 49.67 21.89 0.23
C ALA N 96 50.48 20.72 -0.30
N ARG N 97 50.54 20.57 -1.63
CA ARG N 97 51.31 19.47 -2.19
C ARG N 97 52.78 19.60 -1.86
N SER N 98 53.33 20.80 -2.02
CA SER N 98 54.76 20.98 -1.75
C SER N 98 55.07 20.74 -0.29
N ILE N 99 54.21 21.22 0.61
CA ILE N 99 54.43 21.00 2.03
C ILE N 99 54.32 19.52 2.36
N ALA N 100 53.38 18.83 1.74
CA ALA N 100 53.26 17.40 1.98
C ALA N 100 54.48 16.65 1.50
N LYS N 101 54.98 17.00 0.32
CA LYS N 101 56.14 16.31 -0.21
C LYS N 101 57.37 16.57 0.66
N GLU N 102 57.57 17.81 1.07
CA GLU N 102 58.67 18.10 1.98
C GLU N 102 58.50 17.36 3.30
N GLY N 103 57.25 17.21 3.76
CA GLY N 103 57.03 16.48 5.00
C GLY N 103 57.38 15.01 4.86
N PHE N 104 56.96 14.39 3.76
CA PHE N 104 57.29 13.00 3.54
C PHE N 104 58.69 12.85 2.96
N GLU N 105 59.65 13.59 3.51
CA GLU N 105 61.07 13.30 3.38
C GLU N 105 61.83 13.40 4.69
N LYS N 106 61.39 14.22 5.63
CA LYS N 106 62.05 14.38 6.91
C LYS N 106 61.49 13.46 7.98
N ILE N 107 60.71 12.46 7.58
CA ILE N 107 60.07 11.57 8.53
C ILE N 107 61.07 10.48 8.90
N SER N 108 61.92 10.74 9.87
CA SER N 108 62.95 9.81 10.26
C SER N 108 62.38 8.84 11.29
N LYS N 109 63.25 8.02 11.87
CA LYS N 109 62.91 7.29 13.08
C LYS N 109 63.27 8.08 14.33
N GLY N 110 63.97 9.20 14.18
CA GLY N 110 64.34 10.02 15.32
C GLY N 110 63.60 11.34 15.36
N ALA N 111 62.93 11.68 14.27
CA ALA N 111 62.22 12.95 14.20
C ALA N 111 60.88 12.86 14.93
N ASN N 112 60.44 14.00 15.47
CA ASN N 112 59.15 14.10 16.14
C ASN N 112 58.23 14.99 15.32
N PRO N 113 57.30 14.41 14.56
CA PRO N 113 56.53 15.23 13.60
C PRO N 113 55.69 16.32 14.24
N VAL N 114 55.28 16.15 15.50
CA VAL N 114 54.46 17.17 16.14
C VAL N 114 55.25 18.46 16.29
N GLU N 115 56.52 18.35 16.67
CA GLU N 115 57.39 19.52 16.67
C GLU N 115 57.50 20.14 15.28
N ILE N 116 57.47 19.30 14.24
CA ILE N 116 57.50 19.79 12.88
C ILE N 116 56.28 20.65 12.61
N ARG N 117 55.10 20.15 13.00
CA ARG N 117 53.88 20.92 12.90
C ARG N 117 54.01 22.25 13.63
N ARG N 118 54.57 22.21 14.84
CA ARG N 118 54.71 23.44 15.62
C ARG N 118 55.58 24.45 14.88
N GLY N 119 56.72 24.00 14.38
CA GLY N 119 57.61 24.90 13.65
C GLY N 119 56.94 25.47 12.41
N VAL N 120 56.19 24.64 11.69
CA VAL N 120 55.47 25.13 10.54
C VAL N 120 54.48 26.21 10.95
N MET N 121 53.83 26.02 12.09
CA MET N 121 52.87 27.03 12.55
C MET N 121 53.59 28.34 12.88
N LEU N 122 54.74 28.25 13.54
CA LEU N 122 55.53 29.45 13.80
C LEU N 122 55.91 30.15 12.51
N ALA N 123 56.32 29.37 11.50
CA ALA N 123 56.69 29.96 10.23
C ALA N 123 55.51 30.66 9.59
N VAL N 124 54.33 30.04 9.64
CA VAL N 124 53.15 30.63 9.04
C VAL N 124 52.81 31.94 9.73
N ASP N 125 52.92 31.95 11.06
CA ASP N 125 52.65 33.17 11.81
C ASP N 125 53.60 34.28 11.38
N ALA N 126 54.90 33.96 11.33
CA ALA N 126 55.87 34.97 10.95
C ALA N 126 55.60 35.50 9.55
N VAL N 127 55.27 34.61 8.62
CA VAL N 127 55.11 35.04 7.24
C VAL N 127 53.84 35.86 7.09
N ILE N 128 52.76 35.49 7.78
CA ILE N 128 51.54 36.28 7.66
C ILE N 128 51.72 37.65 8.30
N ALA N 129 52.47 37.71 9.40
CA ALA N 129 52.76 39.00 10.00
C ALA N 129 53.56 39.87 9.04
N GLU N 130 54.58 39.29 8.41
CA GLU N 130 55.37 40.05 7.46
C GLU N 130 54.53 40.51 6.28
N LEU N 131 53.57 39.68 5.87
CA LEU N 131 52.64 40.08 4.81
C LEU N 131 51.87 41.33 5.23
N LYS N 132 51.17 41.25 6.36
CA LYS N 132 50.34 42.38 6.78
C LYS N 132 51.17 43.63 7.01
N LYS N 133 52.42 43.48 7.43
CA LYS N 133 53.27 44.64 7.57
C LYS N 133 53.59 45.27 6.22
N GLN N 134 53.81 44.44 5.21
CA GLN N 134 54.15 44.92 3.89
C GLN N 134 52.92 45.14 3.02
N SER N 135 51.72 45.07 3.59
CA SER N 135 50.52 45.32 2.83
C SER N 135 50.38 46.81 2.52
N LYS N 136 49.26 47.17 1.89
CA LYS N 136 48.93 48.57 1.70
C LYS N 136 47.49 48.70 1.22
N PRO N 137 46.73 49.65 1.76
CA PRO N 137 45.31 49.71 1.46
C PRO N 137 45.04 50.16 0.04
N VAL N 138 43.81 49.89 -0.39
CA VAL N 138 43.35 50.30 -1.71
C VAL N 138 42.65 51.64 -1.59
N THR N 139 43.07 52.61 -2.41
CA THR N 139 42.51 53.95 -2.38
C THR N 139 41.89 54.36 -3.70
N THR N 140 42.58 54.23 -4.75
CA THR N 140 42.01 54.77 -5.97
C THR N 140 41.30 53.67 -6.75
N PRO N 141 40.29 54.02 -7.55
CA PRO N 141 39.62 53.00 -8.37
C PRO N 141 40.51 52.39 -9.44
N GLU N 142 41.66 52.99 -9.73
CA GLU N 142 42.60 52.37 -10.66
C GLU N 142 43.06 51.02 -10.14
N GLU N 143 43.30 50.92 -8.84
CA GLU N 143 43.69 49.65 -8.25
C GLU N 143 42.58 48.62 -8.39
N ILE N 144 41.34 49.05 -8.19
CA ILE N 144 40.20 48.15 -8.37
C ILE N 144 40.14 47.66 -9.80
N ALA N 145 40.29 48.58 -10.75
CA ALA N 145 40.26 48.22 -12.16
C ALA N 145 41.36 47.22 -12.48
N GLN N 146 42.55 47.45 -11.94
CA GLN N 146 43.65 46.54 -12.18
C GLN N 146 43.33 45.16 -11.62
N VAL N 147 42.91 45.10 -10.36
CA VAL N 147 42.67 43.81 -9.71
C VAL N 147 41.61 43.01 -10.46
N ALA N 148 40.50 43.68 -10.80
CA ALA N 148 39.47 43.00 -11.56
C ALA N 148 40.00 42.55 -12.91
N THR N 149 40.84 43.37 -13.54
CA THR N 149 41.42 42.99 -14.82
C THR N 149 42.25 41.73 -14.69
N ILE N 150 42.96 41.60 -13.57
CA ILE N 150 43.69 40.36 -13.31
C ILE N 150 42.73 39.20 -13.24
N SER N 151 41.81 39.26 -12.29
CA SER N 151 41.12 38.05 -11.87
C SER N 151 40.06 37.59 -12.85
N ALA N 152 39.93 38.24 -14.01
CA ALA N 152 39.27 37.62 -15.14
C ALA N 152 40.25 36.83 -15.99
N ASN N 153 41.37 36.40 -15.40
CA ASN N 153 42.47 35.78 -16.13
C ASN N 153 43.01 36.76 -17.16
N GLY N 154 43.21 38.00 -16.72
CA GLY N 154 43.82 39.01 -17.57
C GLY N 154 42.87 39.71 -18.52
N ASP N 155 41.57 39.70 -18.23
CA ASP N 155 40.60 40.37 -19.08
C ASP N 155 40.41 41.79 -18.58
N LYS N 156 40.37 42.75 -19.51
CA LYS N 156 40.20 44.15 -19.13
C LYS N 156 38.75 44.58 -19.06
N GLU N 157 37.88 44.01 -19.89
CA GLU N 157 36.47 44.37 -19.84
C GLU N 157 35.86 44.02 -18.50
N ILE N 158 36.22 42.86 -17.95
CA ILE N 158 35.73 42.50 -16.63
C ILE N 158 36.17 43.51 -15.60
N GLY N 159 37.42 43.98 -15.71
CA GLY N 159 37.91 44.97 -14.78
C GLY N 159 37.15 46.28 -14.87
N ASN N 160 36.96 46.78 -16.09
CA ASN N 160 36.24 48.02 -16.27
C ASN N 160 34.81 47.90 -15.76
N ILE N 161 34.16 46.77 -16.02
CA ILE N 161 32.78 46.60 -15.61
C ILE N 161 32.67 46.57 -14.10
N ILE N 162 33.52 45.78 -13.44
CA ILE N 162 33.45 45.72 -11.98
C ILE N 162 33.80 47.06 -11.37
N SER N 163 34.72 47.79 -11.98
CA SER N 163 35.06 49.12 -11.50
C SER N 163 33.86 50.05 -11.57
N ASP N 164 33.18 50.06 -12.71
CA ASP N 164 32.03 50.93 -12.84
C ASP N 164 30.91 50.53 -11.90
N ALA N 165 30.74 49.23 -11.67
CA ALA N 165 29.77 48.77 -10.70
C ALA N 165 30.09 49.30 -9.31
N MET N 166 31.34 49.12 -8.87
CA MET N 166 31.69 49.56 -7.54
C MET N 166 31.68 51.08 -7.40
N LYS N 167 31.84 51.80 -8.51
CA LYS N 167 31.76 53.26 -8.44
C LYS N 167 30.32 53.73 -8.35
N LYS N 168 29.44 53.19 -9.21
CA LYS N 168 28.04 53.59 -9.21
C LYS N 168 27.24 52.94 -8.10
N VAL N 169 27.86 52.07 -7.31
CA VAL N 169 27.18 51.47 -6.17
C VAL N 169 27.97 51.59 -4.88
N GLY N 170 29.24 51.93 -4.92
CA GLY N 170 30.01 52.05 -3.70
C GLY N 170 30.78 50.78 -3.41
N ARG N 171 31.88 50.93 -2.69
CA ARG N 171 32.80 49.83 -2.48
C ARG N 171 32.21 48.70 -1.64
N LYS N 172 31.07 48.93 -0.98
CA LYS N 172 30.39 47.87 -0.28
C LYS N 172 28.95 47.73 -0.77
N GLY N 173 28.72 48.04 -2.03
CA GLY N 173 27.43 47.83 -2.64
C GLY N 173 27.14 46.35 -2.81
N VAL N 174 26.03 46.08 -3.49
CA VAL N 174 25.57 44.71 -3.72
C VAL N 174 25.56 44.49 -5.22
N ILE N 175 26.61 43.88 -5.74
CA ILE N 175 26.69 43.50 -7.14
C ILE N 175 26.47 42.01 -7.23
N THR N 176 25.73 41.58 -8.25
CA THR N 176 25.48 40.17 -8.45
C THR N 176 25.39 39.90 -9.94
N VAL N 177 25.70 38.67 -10.33
CA VAL N 177 25.79 38.31 -11.73
C VAL N 177 24.72 37.28 -12.05
N LYS N 178 24.19 37.34 -13.26
CA LYS N 178 23.26 36.35 -13.75
C LYS N 178 23.72 35.88 -15.13
N ASP N 179 23.17 34.75 -15.56
CA ASP N 179 23.54 34.16 -16.85
C ASP N 179 23.09 35.09 -17.95
N GLY N 180 24.05 35.80 -18.54
CA GLY N 180 23.74 36.75 -19.59
C GLY N 180 23.09 36.09 -20.79
N LYS N 181 22.57 36.92 -21.67
CA LYS N 181 21.83 36.45 -22.84
C LYS N 181 22.49 36.86 -24.15
N THR N 182 22.81 38.13 -24.32
CA THR N 182 23.31 38.61 -25.59
C THR N 182 24.75 38.13 -25.80
N LEU N 183 25.33 38.56 -26.92
CA LEU N 183 26.69 38.18 -27.24
C LEU N 183 27.69 38.78 -26.26
N ASN N 184 27.36 39.91 -25.67
CA ASN N 184 28.30 40.68 -24.88
C ASN N 184 27.85 40.78 -23.44
N ASP N 185 28.75 41.24 -22.58
CA ASP N 185 28.43 41.44 -21.19
C ASP N 185 27.55 42.68 -21.03
N GLU N 186 26.97 42.81 -19.84
CA GLU N 186 26.09 43.94 -19.57
C GLU N 186 26.17 44.28 -18.09
N LEU N 187 26.29 45.57 -17.81
CA LEU N 187 26.27 46.11 -16.45
C LEU N 187 24.97 46.89 -16.29
N GLU N 188 24.02 46.31 -15.56
CA GLU N 188 22.74 46.95 -15.32
C GLU N 188 22.66 47.40 -13.86
N ILE N 189 22.06 48.56 -13.65
CA ILE N 189 21.93 49.16 -12.32
C ILE N 189 20.46 49.21 -11.97
N ILE N 190 19.99 48.24 -11.19
CA ILE N 190 18.62 48.31 -10.71
C ILE N 190 18.57 49.33 -9.58
N GLU N 191 18.06 50.51 -9.87
CA GLU N 191 18.01 51.60 -8.91
C GLU N 191 16.58 51.76 -8.38
N GLY N 192 16.49 52.35 -7.20
CA GLY N 192 15.21 52.48 -6.55
C GLY N 192 14.81 51.19 -5.87
N MET N 193 13.56 51.13 -5.45
CA MET N 193 13.03 49.95 -4.77
C MET N 193 12.24 49.14 -5.79
N LYS N 194 12.88 48.12 -6.35
CA LYS N 194 12.27 47.37 -7.44
C LYS N 194 12.24 45.91 -7.02
N PHE N 195 11.21 45.21 -7.47
CA PHE N 195 11.06 43.85 -7.00
C PHE N 195 10.21 43.04 -7.95
N ASP N 196 10.49 41.74 -7.97
CA ASP N 196 9.93 40.81 -8.94
C ASP N 196 8.48 40.47 -8.65
N ARG N 197 7.56 41.29 -9.15
CA ARG N 197 6.15 41.00 -9.00
C ARG N 197 5.33 41.94 -9.86
N GLY N 198 4.40 41.40 -10.64
CA GLY N 198 3.70 42.15 -11.65
C GLY N 198 2.30 42.59 -11.23
N TYR N 199 1.78 43.55 -11.97
CA TYR N 199 0.42 44.03 -11.74
C TYR N 199 -0.57 42.90 -11.94
N ILE N 200 -1.51 42.78 -10.99
CA ILE N 200 -2.41 41.62 -11.01
C ILE N 200 -3.37 41.71 -12.17
N SER N 201 -4.20 42.74 -12.21
CA SER N 201 -5.12 42.86 -13.31
C SER N 201 -4.43 43.50 -14.51
N PRO N 202 -4.50 42.90 -15.67
CA PRO N 202 -4.00 43.58 -16.87
C PRO N 202 -5.02 44.54 -17.45
N TYR N 203 -5.66 45.33 -16.57
CA TYR N 203 -6.52 46.42 -16.98
C TYR N 203 -5.94 47.77 -16.58
N PHE N 204 -4.94 47.78 -15.71
CA PHE N 204 -4.22 48.99 -15.32
C PHE N 204 -3.22 49.42 -16.37
N ILE N 205 -3.27 48.83 -17.56
CA ILE N 205 -2.23 49.00 -18.57
C ILE N 205 -2.45 50.31 -19.29
N ASN N 206 -1.87 51.39 -18.76
CA ASN N 206 -1.97 52.71 -19.35
C ASN N 206 -0.72 53.10 -20.12
N THR N 207 0.20 52.17 -20.31
CA THR N 207 1.49 52.49 -20.89
C THR N 207 1.47 52.51 -22.41
N SER N 208 0.53 51.83 -23.04
CA SER N 208 0.53 51.65 -24.49
C SER N 208 1.86 51.04 -24.94
N LYS N 209 2.33 50.08 -24.17
CA LYS N 209 3.67 49.54 -24.33
C LYS N 209 3.63 48.09 -23.84
N GLY N 210 4.80 47.51 -23.62
CA GLY N 210 4.88 46.11 -23.24
C GLY N 210 4.44 45.85 -21.82
N GLN N 211 3.15 46.02 -21.56
CA GLN N 211 2.55 45.59 -20.30
C GLN N 211 3.11 46.39 -19.12
N LYS N 212 2.99 47.70 -19.21
CA LYS N 212 3.46 48.60 -18.18
C LYS N 212 2.31 49.41 -17.61
N CYS N 213 2.46 49.79 -16.35
CA CYS N 213 1.58 50.76 -15.70
C CYS N 213 2.47 51.84 -15.12
N GLU N 214 2.36 53.06 -15.65
CA GLU N 214 3.21 54.17 -15.25
C GLU N 214 2.37 55.22 -14.55
N PHE N 215 2.77 55.58 -13.33
CA PHE N 215 2.14 56.64 -12.56
C PHE N 215 3.21 57.62 -12.10
N GLN N 216 2.79 58.86 -11.89
CA GLN N 216 3.69 59.94 -11.46
C GLN N 216 3.10 60.59 -10.23
N ASP N 217 3.87 60.62 -9.14
CA ASP N 217 3.48 61.28 -7.90
C ASP N 217 2.30 60.60 -7.23
N ALA N 218 2.18 59.29 -7.43
CA ALA N 218 1.01 58.57 -6.94
C ALA N 218 1.12 58.29 -5.45
N TYR N 219 -0.02 58.07 -4.84
CA TYR N 219 -0.07 57.63 -3.45
C TYR N 219 0.21 56.15 -3.36
N VAL N 220 0.46 55.68 -2.14
CA VAL N 220 0.74 54.28 -1.90
C VAL N 220 -0.15 53.78 -0.78
N LEU N 221 -0.57 52.53 -0.89
CA LEU N 221 -1.24 51.83 0.20
C LEU N 221 -0.42 50.61 0.55
N LEU N 222 -0.22 50.37 1.85
CA LEU N 222 0.72 49.36 2.33
C LEU N 222 0.07 48.54 3.43
N SER N 223 -0.50 47.40 3.06
CA SER N 223 -1.16 46.52 4.01
C SER N 223 -0.33 45.24 4.17
N GLU N 224 -0.11 44.84 5.43
CA GLU N 224 0.51 43.56 5.69
C GLU N 224 -0.44 42.41 5.41
N LYS N 225 -1.74 42.67 5.48
CA LYS N 225 -2.78 41.68 5.25
C LYS N 225 -3.36 41.86 3.85
N LYS N 226 -4.22 40.92 3.48
CA LYS N 226 -4.89 41.01 2.18
C LYS N 226 -5.91 42.14 2.19
N ILE N 227 -6.52 42.36 1.04
CA ILE N 227 -7.55 43.37 0.86
C ILE N 227 -8.77 42.65 0.28
N SER N 228 -9.67 42.23 1.17
CA SER N 228 -10.86 41.48 0.76
C SER N 228 -12.09 42.37 0.64
N SER N 229 -12.52 42.99 1.73
CA SER N 229 -13.80 43.66 1.74
C SER N 229 -13.78 44.93 0.91
N ILE N 230 -14.93 45.25 0.32
CA ILE N 230 -15.07 46.52 -0.37
C ILE N 230 -15.02 47.66 0.62
N GLN N 231 -15.53 47.44 1.83
CA GLN N 231 -15.46 48.47 2.86
C GLN N 231 -14.03 48.83 3.20
N SER N 232 -13.14 47.84 3.19
CA SER N 232 -11.74 48.10 3.52
C SER N 232 -11.06 48.92 2.43
N ILE N 233 -11.21 48.50 1.17
CA ILE N 233 -10.50 49.15 0.09
C ILE N 233 -11.12 50.51 -0.24
N VAL N 234 -12.41 50.68 0.06
CA VAL N 234 -13.13 51.86 -0.43
C VAL N 234 -12.58 53.17 0.10
N PRO N 235 -12.25 53.34 1.39
CA PRO N 235 -11.84 54.68 1.84
C PRO N 235 -10.53 55.13 1.24
N ALA N 236 -9.61 54.20 0.97
CA ALA N 236 -8.37 54.57 0.31
C ALA N 236 -8.63 55.15 -1.06
N LEU N 237 -9.42 54.46 -1.87
CA LEU N 237 -9.77 54.98 -3.18
C LEU N 237 -10.54 56.28 -3.07
N GLU N 238 -11.33 56.44 -2.01
CA GLU N 238 -12.02 57.70 -1.78
C GLU N 238 -11.02 58.84 -1.62
N ILE N 239 -10.01 58.64 -0.77
CA ILE N 239 -9.02 59.67 -0.53
C ILE N 239 -8.23 59.95 -1.80
N ALA N 240 -7.88 58.90 -2.54
CA ALA N 240 -7.13 59.08 -3.77
C ALA N 240 -7.92 59.87 -4.79
N ASN N 241 -9.20 59.52 -4.97
CA ASN N 241 -10.04 60.22 -5.93
C ASN N 241 -10.28 61.66 -5.50
N ALA N 242 -10.39 61.90 -4.19
CA ALA N 242 -10.51 63.27 -3.70
C ALA N 242 -9.27 64.08 -4.06
N HIS N 243 -8.09 63.56 -3.75
CA HIS N 243 -6.86 64.23 -4.16
C HIS N 243 -6.68 64.22 -5.67
N ARG N 244 -7.29 63.26 -6.37
CA ARG N 244 -7.14 63.14 -7.82
C ARG N 244 -5.68 62.86 -8.19
N LYS N 245 -5.18 61.73 -7.70
CA LYS N 245 -3.84 61.26 -8.02
C LYS N 245 -3.87 59.74 -8.13
N PRO N 246 -2.98 59.17 -8.91
CA PRO N 246 -2.93 57.71 -9.03
C PRO N 246 -2.55 57.06 -7.71
N LEU N 247 -2.88 55.78 -7.59
CA LEU N 247 -2.66 55.06 -6.35
C LEU N 247 -2.10 53.67 -6.63
N VAL N 248 -1.10 53.29 -5.86
CA VAL N 248 -0.56 51.95 -5.89
C VAL N 248 -1.07 51.20 -4.67
N ILE N 249 -1.26 49.91 -4.82
CA ILE N 249 -1.76 49.07 -3.74
C ILE N 249 -0.77 47.94 -3.56
N ILE N 250 0.16 48.11 -2.63
CA ILE N 250 1.12 47.09 -2.26
C ILE N 250 0.59 46.40 -1.02
N ALA N 251 0.09 45.18 -1.18
CA ALA N 251 -0.50 44.46 -0.06
C ALA N 251 -0.26 42.98 -0.27
N GLU N 252 -0.74 42.19 0.69
CA GLU N 252 -0.65 40.74 0.60
C GLU N 252 -1.32 40.23 -0.66
N ASP N 253 -2.58 40.62 -0.87
CA ASP N 253 -3.31 40.13 -2.02
C ASP N 253 -4.63 40.88 -2.11
N VAL N 254 -5.19 40.94 -3.32
CA VAL N 254 -6.38 41.72 -3.61
C VAL N 254 -7.56 40.77 -3.81
N ASP N 255 -8.65 41.06 -3.11
CA ASP N 255 -9.89 40.33 -3.34
C ASP N 255 -10.34 40.49 -4.79
N GLY N 256 -11.03 39.47 -5.28
CA GLY N 256 -11.71 39.61 -6.56
C GLY N 256 -12.81 40.64 -6.54
N GLU N 257 -13.38 40.93 -5.37
CA GLU N 257 -14.45 41.91 -5.29
C GLU N 257 -13.92 43.33 -5.32
N ALA N 258 -12.95 43.63 -4.45
CA ALA N 258 -12.28 44.91 -4.55
C ALA N 258 -11.59 45.06 -5.89
N LEU N 259 -11.06 43.97 -6.43
CA LEU N 259 -10.51 44.00 -7.78
C LEU N 259 -11.59 44.36 -8.78
N SER N 260 -12.79 43.84 -8.60
CA SER N 260 -13.88 44.17 -9.50
C SER N 260 -14.22 45.65 -9.43
N THR N 261 -14.25 46.19 -8.22
CA THR N 261 -14.45 47.63 -8.06
C THR N 261 -13.36 48.41 -8.77
N LEU N 262 -12.11 47.98 -8.60
CA LEU N 262 -10.98 48.64 -9.23
C LEU N 262 -11.13 48.64 -10.75
N VAL N 263 -11.37 47.47 -11.33
CA VAL N 263 -11.50 47.37 -12.77
C VAL N 263 -12.70 48.14 -13.27
N LEU N 264 -13.77 48.18 -12.46
CA LEU N 264 -14.94 48.98 -12.84
C LEU N 264 -14.57 50.44 -12.96
N ASN N 265 -13.97 51.00 -11.91
CA ASN N 265 -13.59 52.40 -11.94
C ASN N 265 -12.42 52.69 -12.85
N ARG N 266 -11.75 51.65 -13.36
CA ARG N 266 -10.60 51.83 -14.23
C ARG N 266 -10.97 51.77 -15.71
N LEU N 267 -11.75 50.76 -16.11
CA LEU N 267 -12.16 50.65 -17.51
C LEU N 267 -12.94 51.88 -17.95
N LYS N 268 -14.03 52.18 -17.26
CA LYS N 268 -14.63 53.50 -17.33
C LYS N 268 -13.88 54.39 -16.36
N VAL N 269 -14.47 55.52 -15.93
CA VAL N 269 -13.82 56.82 -15.80
C VAL N 269 -12.32 56.81 -15.49
N GLY N 270 -11.85 55.82 -14.74
CA GLY N 270 -10.42 55.57 -14.77
C GLY N 270 -9.66 56.12 -13.59
N LEU N 271 -10.15 55.86 -12.39
CA LEU N 271 -9.39 56.18 -11.18
C LEU N 271 -8.01 55.54 -11.28
N GLN N 272 -6.98 56.36 -11.38
CA GLN N 272 -5.62 55.88 -11.61
C GLN N 272 -5.19 55.06 -10.41
N VAL N 273 -5.13 53.75 -10.57
CA VAL N 273 -4.76 52.83 -9.52
C VAL N 273 -3.97 51.68 -10.12
N VAL N 274 -3.47 50.82 -9.25
CA VAL N 274 -2.69 49.66 -9.66
C VAL N 274 -2.56 48.73 -8.46
N ALA N 275 -2.55 47.42 -8.71
CA ALA N 275 -2.54 46.42 -7.65
C ALA N 275 -1.32 45.53 -7.80
N VAL N 276 -0.57 45.34 -6.71
CA VAL N 276 0.62 44.48 -6.70
C VAL N 276 0.71 43.81 -5.35
N LYS N 277 1.18 42.57 -5.34
CA LYS N 277 1.30 41.80 -4.11
C LYS N 277 2.55 42.23 -3.36
N ALA N 278 2.91 41.49 -2.31
CA ALA N 278 3.98 41.79 -1.37
C ALA N 278 5.31 41.21 -1.86
N PRO N 279 6.40 41.97 -1.80
CA PRO N 279 7.67 41.44 -2.33
C PRO N 279 8.25 40.30 -1.50
N GLY N 280 8.41 40.50 -0.20
CA GLY N 280 9.07 39.49 0.62
C GLY N 280 8.26 38.21 0.70
N PHE N 281 8.96 37.09 0.84
CA PHE N 281 8.30 35.79 0.89
C PHE N 281 7.64 35.56 2.24
N GLY N 282 8.32 35.91 3.32
CA GLY N 282 7.90 35.54 4.65
C GLY N 282 8.13 36.69 5.61
N ASP N 283 8.79 36.43 6.75
CA ASP N 283 9.20 37.51 7.64
C ASP N 283 9.97 38.58 6.89
N ASN N 284 10.70 38.18 5.85
CA ASN N 284 11.39 39.14 5.00
C ASN N 284 10.42 40.17 4.43
N ARG N 285 9.20 39.76 4.06
CA ARG N 285 8.22 40.77 3.66
C ARG N 285 7.79 41.59 4.86
N LYS N 286 7.68 40.96 6.03
CA LYS N 286 7.29 41.69 7.23
C LYS N 286 8.26 42.81 7.56
N ASN N 287 9.51 42.67 7.17
CA ASN N 287 10.47 43.76 7.25
C ASN N 287 10.45 44.65 6.02
N GLN N 288 10.23 44.05 4.84
CA GLN N 288 10.40 44.80 3.60
C GLN N 288 9.28 45.81 3.41
N LEU N 289 8.06 45.45 3.77
CA LEU N 289 6.97 46.41 3.67
C LEU N 289 7.18 47.58 4.61
N LYS N 290 7.67 47.30 5.82
CA LYS N 290 8.03 48.37 6.75
C LYS N 290 9.08 49.28 6.13
N ASP N 291 10.12 48.68 5.55
CA ASP N 291 11.16 49.48 4.92
C ASP N 291 10.62 50.28 3.76
N MET N 292 9.71 49.70 2.98
CA MET N 292 9.12 50.41 1.86
C MET N 292 8.33 51.60 2.35
N ALA N 293 7.54 51.41 3.41
CA ALA N 293 6.76 52.50 3.96
C ALA N 293 7.66 53.63 4.44
N ILE N 294 8.67 53.28 5.23
CA ILE N 294 9.56 54.30 5.76
C ILE N 294 10.37 54.96 4.66
N ALA N 295 10.60 54.25 3.55
CA ALA N 295 11.28 54.87 2.42
C ALA N 295 10.37 55.87 1.73
N THR N 296 9.15 55.44 1.39
CA THR N 296 8.21 56.34 0.73
C THR N 296 7.64 57.38 1.67
N GLY N 297 7.60 57.07 2.96
CA GLY N 297 6.98 57.98 3.90
C GLY N 297 5.51 57.64 4.06
N GLY N 298 5.13 57.08 5.21
CA GLY N 298 3.76 56.68 5.41
C GLY N 298 3.60 55.77 6.60
N ALA N 299 2.93 54.63 6.41
CA ALA N 299 2.74 53.67 7.49
C ALA N 299 2.20 52.37 6.95
N VAL N 300 2.83 51.26 7.31
CA VAL N 300 2.32 49.96 6.90
C VAL N 300 0.98 49.70 7.58
N PHE N 301 0.11 48.97 6.88
CA PHE N 301 -1.19 48.62 7.40
C PHE N 301 -1.29 47.11 7.58
N GLY N 302 -2.25 46.69 8.38
CA GLY N 302 -2.34 45.29 8.75
C GLY N 302 -1.42 44.90 9.87
N GLU N 303 -0.96 45.87 10.66
CA GLU N 303 -0.03 45.63 11.74
C GLU N 303 -0.63 44.69 12.79
N GLU N 304 0.24 44.10 13.60
CA GLU N 304 -0.20 43.35 14.77
C GLU N 304 -0.26 44.23 16.01
N GLY N 305 0.79 45.03 16.23
CA GLY N 305 0.94 45.75 17.48
C GLY N 305 0.15 47.02 17.59
N LEU N 306 -0.17 47.65 16.46
CA LEU N 306 -0.99 48.85 16.48
C LEU N 306 -2.13 48.63 15.49
N THR N 307 -1.83 47.87 14.45
CA THR N 307 -2.70 47.20 13.48
C THR N 307 -3.35 48.15 12.48
N LEU N 308 -3.34 49.46 12.73
CA LEU N 308 -3.59 50.53 11.74
C LEU N 308 -4.70 50.19 10.75
N ASN N 309 -5.91 50.00 11.28
CA ASN N 309 -7.04 49.59 10.45
C ASN N 309 -7.24 50.52 9.26
N LEU N 310 -7.57 49.90 8.12
CA LEU N 310 -7.68 50.65 6.87
C LEU N 310 -8.87 51.59 6.86
N GLU N 311 -9.87 51.34 7.69
CA GLU N 311 -11.08 52.14 7.69
C GLU N 311 -10.77 53.60 7.97
N ASP N 312 -9.83 53.85 8.88
CA ASP N 312 -9.41 55.21 9.23
C ASP N 312 -7.99 55.42 8.74
N VAL N 313 -7.87 55.82 7.48
CA VAL N 313 -6.59 56.24 6.91
C VAL N 313 -6.65 57.75 6.71
N GLN N 314 -5.50 58.34 6.47
CA GLN N 314 -5.38 59.78 6.44
C GLN N 314 -4.43 60.20 5.34
N PRO N 315 -4.61 61.40 4.79
CA PRO N 315 -3.77 61.83 3.65
C PRO N 315 -2.29 61.85 3.96
N HIS N 316 -1.90 62.00 5.22
CA HIS N 316 -0.51 61.84 5.60
C HIS N 316 -0.18 60.40 5.98
N ASP N 317 -1.13 59.48 5.82
CA ASP N 317 -0.93 58.09 6.17
C ASP N 317 -0.62 57.23 4.94
N LEU N 318 -0.48 57.83 3.77
CA LEU N 318 -0.22 57.11 2.54
C LEU N 318 1.25 57.21 2.15
N GLY N 319 1.71 56.20 1.41
CA GLY N 319 3.03 56.25 0.84
C GLY N 319 3.03 57.14 -0.38
N LYS N 320 4.03 58.00 -0.48
CA LYS N 320 4.10 59.00 -1.54
C LYS N 320 5.46 58.89 -2.22
N VAL N 321 5.43 58.80 -3.55
CA VAL N 321 6.65 58.65 -4.34
C VAL N 321 6.50 59.46 -5.62
N GLY N 322 7.63 59.81 -6.22
CA GLY N 322 7.60 60.62 -7.43
C GLY N 322 7.03 59.86 -8.62
N GLU N 323 7.53 58.65 -8.85
CA GLU N 323 7.14 57.89 -10.04
C GLU N 323 7.12 56.41 -9.72
N VAL N 324 6.22 55.69 -10.37
CA VAL N 324 6.07 54.25 -10.20
C VAL N 324 5.83 53.63 -11.57
N ILE N 325 6.49 52.50 -11.81
CA ILE N 325 6.28 51.73 -13.04
C ILE N 325 6.15 50.27 -12.68
N VAL N 326 5.23 49.59 -13.36
CA VAL N 326 4.96 48.18 -13.09
C VAL N 326 4.99 47.41 -14.40
N THR N 327 5.73 46.30 -14.40
CA THR N 327 5.69 45.34 -15.49
C THR N 327 4.79 44.18 -15.10
N LYS N 328 4.70 43.20 -15.98
CA LYS N 328 3.97 41.99 -15.62
C LYS N 328 4.70 41.14 -14.59
N ASP N 329 5.95 41.45 -14.26
CA ASP N 329 6.67 40.62 -13.32
C ASP N 329 7.53 41.42 -12.35
N ASP N 330 7.45 42.75 -12.35
CA ASP N 330 8.19 43.53 -11.36
C ASP N 330 7.76 44.98 -11.45
N ALA N 331 8.06 45.73 -10.39
CA ALA N 331 7.71 47.14 -10.32
C ALA N 331 8.80 47.88 -9.57
N MET N 332 8.77 49.20 -9.72
CA MET N 332 9.82 50.07 -9.21
C MET N 332 9.22 51.28 -8.51
N LEU N 333 9.73 51.58 -7.32
CA LEU N 333 9.43 52.80 -6.59
C LEU N 333 10.65 53.70 -6.64
N LEU N 334 10.42 54.99 -6.85
CA LEU N 334 11.48 55.90 -7.27
C LEU N 334 11.80 56.98 -6.24
N LYS N 335 10.82 57.76 -5.82
CA LYS N 335 11.07 58.99 -5.05
C LYS N 335 10.27 58.98 -3.75
N GLY N 336 10.35 57.90 -3.00
CA GLY N 336 9.67 57.84 -1.72
C GLY N 336 10.13 58.90 -0.74
N LYS N 337 9.23 59.83 -0.39
CA LYS N 337 9.53 60.89 0.58
C LYS N 337 9.36 60.32 1.97
N GLY N 338 10.42 59.67 2.46
CA GLY N 338 10.29 58.92 3.69
C GLY N 338 11.12 59.38 4.87
N ASP N 339 11.25 60.68 5.09
CA ASP N 339 11.92 61.21 6.28
C ASP N 339 13.37 60.72 6.36
N LYS N 340 14.17 61.22 5.40
CA LYS N 340 15.56 60.80 5.18
C LYS N 340 16.37 60.58 6.46
N ALA N 341 16.12 61.39 7.49
CA ALA N 341 16.70 61.09 8.79
C ALA N 341 16.15 59.77 9.32
N GLN N 342 14.85 59.54 9.14
CA GLN N 342 14.23 58.31 9.65
C GLN N 342 14.75 57.09 8.91
N ILE N 343 14.83 57.18 7.58
CA ILE N 343 15.40 56.07 6.81
C ILE N 343 16.86 55.90 7.17
N GLU N 344 17.55 57.00 7.49
CA GLU N 344 18.93 56.90 7.96
C GLU N 344 19.00 56.08 9.25
N LYS N 345 18.11 56.36 10.18
CA LYS N 345 18.09 55.62 11.43
C LYS N 345 17.77 54.15 11.20
N ARG N 346 16.84 53.88 10.27
CA ARG N 346 16.55 52.50 9.90
C ARG N 346 17.80 51.81 9.35
N ILE N 347 18.52 52.50 8.47
CA ILE N 347 19.75 51.97 7.91
C ILE N 347 20.74 51.66 9.01
N GLN N 348 20.90 52.57 9.97
CA GLN N 348 21.80 52.32 11.08
C GLN N 348 21.37 51.10 11.87
N GLU N 349 20.06 50.94 12.07
CA GLU N 349 19.53 49.76 12.72
C GLU N 349 19.97 48.49 12.00
N ILE N 350 19.66 48.40 10.70
CA ILE N 350 19.93 47.15 9.99
C ILE N 350 21.44 46.95 9.82
N ILE N 351 22.23 48.01 9.79
CA ILE N 351 23.67 47.83 9.65
C ILE N 351 24.29 47.34 10.94
N GLU N 352 23.85 47.88 12.09
CA GLU N 352 24.28 47.29 13.35
C GLU N 352 23.81 45.86 13.46
N GLN N 353 22.64 45.56 12.90
CA GLN N 353 22.14 44.19 12.86
C GLN N 353 23.11 43.28 12.13
N LEU N 354 23.45 43.63 10.89
CA LEU N 354 24.40 42.81 10.13
C LEU N 354 25.74 42.73 10.83
N ASP N 355 26.15 43.82 11.48
CA ASP N 355 27.41 43.81 12.22
C ASP N 355 27.36 42.79 13.34
N VAL N 356 26.21 42.64 13.98
CA VAL N 356 26.08 41.70 15.09
C VAL N 356 25.67 40.32 14.59
N THR N 357 24.59 40.24 13.83
CA THR N 357 24.05 38.96 13.41
C THR N 357 24.42 38.66 11.97
N THR N 358 24.46 37.37 11.65
CA THR N 358 24.67 36.91 10.29
C THR N 358 24.54 35.40 10.25
N SER N 359 24.08 34.88 9.12
CA SER N 359 24.04 33.45 8.89
C SER N 359 24.43 33.09 7.46
N GLU N 360 24.98 34.05 6.70
CA GLU N 360 25.39 33.88 5.31
C GLU N 360 24.17 33.86 4.38
N TYR N 361 22.99 33.80 4.94
CA TYR N 361 21.73 33.91 4.22
C TYR N 361 20.83 34.96 4.82
N GLU N 362 20.81 35.08 6.15
CA GLU N 362 20.19 36.23 6.80
C GLU N 362 20.85 37.50 6.32
N LYS N 363 22.18 37.58 6.47
CA LYS N 363 22.92 38.78 6.08
C LYS N 363 22.85 39.03 4.59
N GLU N 364 22.61 37.99 3.79
CA GLU N 364 22.42 38.18 2.37
C GLU N 364 21.24 39.12 2.09
N LYS N 365 20.04 38.71 2.49
CA LYS N 365 18.88 39.59 2.32
C LYS N 365 19.01 40.85 3.15
N LEU N 366 19.80 40.82 4.21
CA LEU N 366 20.11 42.02 4.97
C LEU N 366 20.73 43.08 4.07
N ASN N 367 21.88 42.75 3.47
CA ASN N 367 22.51 43.64 2.50
C ASN N 367 21.61 43.89 1.31
N GLU N 368 20.75 42.92 0.97
CA GLU N 368 19.72 43.12 -0.04
C GLU N 368 18.91 44.37 0.25
N ARG N 369 18.33 44.42 1.45
CA ARG N 369 17.54 45.57 1.85
C ARG N 369 18.40 46.84 1.90
N LEU N 370 19.61 46.73 2.44
CA LEU N 370 20.51 47.89 2.48
C LEU N 370 20.68 48.51 1.11
N ALA N 371 21.13 47.71 0.14
CA ALA N 371 21.37 48.25 -1.20
C ALA N 371 20.08 48.71 -1.84
N LYS N 372 19.00 47.93 -1.69
CA LYS N 372 17.73 48.30 -2.30
C LYS N 372 17.20 49.60 -1.75
N LEU N 373 17.62 49.99 -0.55
CA LEU N 373 17.17 51.24 0.05
C LEU N 373 18.16 52.37 -0.13
N SER N 374 19.43 52.09 -0.38
CA SER N 374 20.44 53.15 -0.37
C SER N 374 20.97 53.47 -1.75
N ASP N 375 21.60 52.52 -2.45
CA ASP N 375 22.14 52.80 -3.78
C ASP N 375 22.09 51.52 -4.61
N GLY N 376 20.98 51.33 -5.32
CA GLY N 376 20.86 50.35 -6.39
C GLY N 376 21.34 48.94 -6.11
N VAL N 377 21.43 48.16 -7.17
CA VAL N 377 22.03 46.83 -7.16
C VAL N 377 22.59 46.58 -8.54
N ALA N 378 23.83 46.12 -8.61
CA ALA N 378 24.49 45.90 -9.90
C ALA N 378 24.32 44.47 -10.33
N VAL N 379 23.77 44.27 -11.52
CA VAL N 379 23.75 42.96 -12.16
C VAL N 379 24.70 43.00 -13.34
N LEU N 380 25.24 41.83 -13.65
CA LEU N 380 26.36 41.68 -14.58
C LEU N 380 26.05 40.64 -15.63
N LYS N 381 24.91 40.81 -16.30
CA LYS N 381 24.54 39.93 -17.41
C LYS N 381 25.67 39.81 -18.40
N VAL N 382 26.11 38.57 -18.62
CA VAL N 382 27.36 38.28 -19.27
C VAL N 382 27.11 37.99 -20.75
N GLY N 383 28.19 38.01 -21.53
CA GLY N 383 28.15 37.60 -22.91
C GLY N 383 28.15 36.09 -23.03
N GLY N 384 28.75 35.58 -24.08
CA GLY N 384 28.80 34.15 -24.30
C GLY N 384 27.75 33.71 -25.31
N THR N 385 27.98 32.52 -25.86
CA THR N 385 27.09 31.99 -26.88
C THR N 385 26.68 30.56 -26.57
N SER N 386 27.56 29.80 -25.94
CA SER N 386 27.24 28.45 -25.50
C SER N 386 27.12 28.43 -23.99
N ASP N 387 26.40 27.42 -23.50
CA ASP N 387 26.24 27.28 -22.06
C ASP N 387 27.59 27.10 -21.37
N VAL N 388 28.52 26.40 -22.02
CA VAL N 388 29.82 26.16 -21.41
C VAL N 388 30.65 27.43 -21.38
N GLU N 389 30.62 28.20 -22.47
CA GLU N 389 31.23 29.52 -22.46
C GLU N 389 30.65 30.38 -21.35
N VAL N 390 29.32 30.31 -21.18
CA VAL N 390 28.65 31.05 -20.13
C VAL N 390 29.22 30.67 -18.78
N ASN N 391 29.30 29.37 -18.50
CA ASN N 391 29.78 28.92 -17.21
C ASN N 391 31.21 29.36 -16.96
N GLU N 392 32.07 29.18 -17.95
CA GLU N 392 33.46 29.61 -17.81
C GLU N 392 33.57 31.09 -17.50
N LYS N 393 33.01 31.93 -18.37
CA LYS N 393 33.16 33.37 -18.21
C LYS N 393 32.53 33.83 -16.91
N LYS N 394 31.40 33.24 -16.52
CA LYS N 394 30.75 33.63 -15.28
C LYS N 394 31.58 33.23 -14.07
N ASP N 395 32.20 32.06 -14.12
CA ASP N 395 33.08 31.66 -13.02
C ASP N 395 34.22 32.64 -12.87
N ARG N 396 34.88 32.99 -13.97
CA ARG N 396 35.99 33.93 -13.89
C ARG N 396 35.51 35.28 -13.35
N VAL N 397 34.33 35.72 -13.78
CA VAL N 397 33.82 37.01 -13.34
C VAL N 397 33.54 36.99 -11.84
N THR N 398 32.86 35.95 -11.36
CA THR N 398 32.55 35.87 -9.94
C THR N 398 33.83 35.81 -9.11
N ASP N 399 34.84 35.09 -9.62
CA ASP N 399 36.10 35.03 -8.91
C ASP N 399 36.73 36.42 -8.82
N ALA N 400 36.74 37.14 -9.94
CA ALA N 400 37.29 38.50 -9.92
C ALA N 400 36.54 39.38 -8.95
N LEU N 401 35.21 39.24 -8.91
CA LEU N 401 34.40 40.04 -8.01
C LEU N 401 34.75 39.76 -6.55
N ASN N 402 34.83 38.48 -6.21
CA ASN N 402 35.19 38.13 -4.84
C ASN N 402 36.57 38.63 -4.48
N ALA N 403 37.51 38.52 -5.42
CA ALA N 403 38.86 39.01 -5.15
C ALA N 403 38.85 40.52 -4.91
N THR N 404 38.07 41.25 -5.70
CA THR N 404 37.98 42.70 -5.53
C THR N 404 37.38 43.06 -4.18
N ARG N 405 36.29 42.39 -3.80
CA ARG N 405 35.70 42.72 -2.50
C ARG N 405 36.61 42.33 -1.35
N ALA N 406 37.40 41.27 -1.51
CA ALA N 406 38.38 40.96 -0.48
C ALA N 406 39.45 42.03 -0.43
N ALA N 407 39.86 42.56 -1.58
CA ALA N 407 40.95 43.52 -1.61
C ALA N 407 40.52 44.90 -1.14
N VAL N 408 39.24 45.24 -1.30
CA VAL N 408 38.82 46.59 -0.94
C VAL N 408 38.91 46.81 0.56
N GLU N 409 38.62 45.78 1.36
CA GLU N 409 38.61 46.00 2.79
C GLU N 409 39.99 45.79 3.41
N GLU N 410 40.65 44.69 3.09
CA GLU N 410 41.98 44.43 3.62
C GLU N 410 43.00 44.68 2.53
N GLY N 411 44.23 44.99 2.96
CA GLY N 411 45.23 45.56 2.08
C GLY N 411 45.57 44.66 0.90
N ILE N 412 46.38 45.22 0.01
CA ILE N 412 46.87 44.49 -1.16
C ILE N 412 48.37 44.32 -1.04
N VAL N 413 48.95 43.62 -2.01
CA VAL N 413 50.39 43.37 -2.05
C VAL N 413 50.79 43.21 -3.51
N LEU N 414 52.09 43.25 -3.77
CA LEU N 414 52.59 42.99 -5.11
C LEU N 414 52.16 41.60 -5.56
N GLY N 415 51.63 41.52 -6.77
CA GLY N 415 51.15 40.26 -7.28
C GLY N 415 52.27 39.39 -7.78
N GLY N 416 51.88 38.27 -8.40
CA GLY N 416 52.86 37.34 -8.93
C GLY N 416 53.76 36.72 -7.89
N GLY N 417 53.23 36.46 -6.70
CA GLY N 417 53.94 35.72 -5.69
C GLY N 417 55.09 36.45 -5.03
N CYS N 418 55.38 37.69 -5.43
CA CYS N 418 56.57 38.37 -4.94
C CYS N 418 56.54 38.59 -3.43
N ALA N 419 55.33 38.65 -2.85
CA ALA N 419 55.22 38.95 -1.44
C ALA N 419 55.88 37.88 -0.58
N LEU N 420 55.59 36.61 -0.88
CA LEU N 420 56.17 35.52 -0.09
C LEU N 420 57.69 35.50 -0.22
N LEU N 421 58.19 35.71 -1.43
CA LEU N 421 59.63 35.76 -1.62
C LEU N 421 60.24 36.90 -0.82
N ARG N 422 59.54 38.01 -0.72
CA ARG N 422 60.05 39.10 0.10
C ARG N 422 59.92 38.79 1.59
N CYS N 423 58.99 37.92 1.96
CA CYS N 423 58.82 37.54 3.35
C CYS N 423 59.81 36.48 3.80
N ILE N 424 60.47 35.80 2.85
CA ILE N 424 61.44 34.76 3.22
C ILE N 424 62.52 35.26 4.19
N PRO N 425 63.04 36.50 4.09
CA PRO N 425 63.97 36.96 5.13
C PRO N 425 63.39 36.91 6.53
N ALA N 426 62.07 37.05 6.67
CA ALA N 426 61.45 36.83 7.97
C ALA N 426 61.74 35.43 8.48
N LEU N 427 61.57 34.42 7.62
CA LEU N 427 61.93 33.06 7.99
C LEU N 427 63.41 32.95 8.30
N ASP N 428 64.24 33.71 7.60
CA ASP N 428 65.65 33.74 7.96
C ASP N 428 65.89 34.46 9.28
N SER N 429 64.89 35.15 9.82
CA SER N 429 65.01 35.89 11.06
C SER N 429 64.57 35.10 12.29
N LEU N 430 63.91 33.96 12.11
CA LEU N 430 63.43 33.20 13.24
C LEU N 430 64.55 32.38 13.89
N THR N 431 64.32 32.01 15.15
CA THR N 431 65.23 31.13 15.88
C THR N 431 64.44 29.94 16.40
N PRO N 432 64.70 28.73 15.92
CA PRO N 432 63.90 27.59 16.35
C PRO N 432 64.17 27.21 17.79
N ALA N 433 63.12 26.71 18.45
CA ALA N 433 63.30 26.19 19.80
C ALA N 433 64.26 25.02 19.82
N ASN N 434 64.18 24.15 18.81
CA ASN N 434 65.05 22.99 18.71
C ASN N 434 65.16 22.60 17.24
N GLU N 435 65.68 21.40 16.99
CA GLU N 435 65.96 21.00 15.62
C GLU N 435 64.69 20.86 14.80
N ASP N 436 63.65 20.26 15.38
CA ASP N 436 62.48 19.90 14.60
C ASP N 436 61.75 21.13 14.07
N GLN N 437 61.55 22.12 14.94
CA GLN N 437 60.95 23.37 14.47
C GLN N 437 61.79 24.01 13.38
N LYS N 438 63.12 23.88 13.48
CA LYS N 438 63.97 24.41 12.44
C LYS N 438 63.75 23.66 11.13
N ILE N 439 63.52 22.35 11.22
CA ILE N 439 63.20 21.57 10.04
C ILE N 439 61.93 22.09 9.39
N GLY N 440 60.90 22.31 10.20
CA GLY N 440 59.67 22.88 9.67
C GLY N 440 59.88 24.24 9.04
N ILE N 441 60.75 25.04 9.65
CA ILE N 441 61.05 26.36 9.11
C ILE N 441 61.66 26.22 7.73
N GLU N 442 62.61 25.31 7.57
CA GLU N 442 63.21 25.10 6.26
C GLU N 442 62.18 24.56 5.27
N ILE N 443 61.24 23.77 5.76
CA ILE N 443 60.16 23.28 4.88
C ILE N 443 59.39 24.46 4.31
N ILE N 444 58.92 25.35 5.17
CA ILE N 444 58.16 26.49 4.68
C ILE N 444 59.02 27.39 3.82
N LYS N 445 60.30 27.50 4.14
CA LYS N 445 61.20 28.34 3.35
C LYS N 445 61.31 27.82 1.93
N ARG N 446 61.45 26.51 1.77
CA ARG N 446 61.42 25.94 0.42
C ARG N 446 60.06 26.12 -0.22
N THR N 447 59.00 26.02 0.59
CA THR N 447 57.65 26.08 0.06
C THR N 447 57.39 27.43 -0.60
N LEU N 448 57.87 28.50 0.01
CA LEU N 448 57.56 29.83 -0.48
C LEU N 448 58.01 30.05 -1.92
N LYS N 449 59.07 29.37 -2.33
CA LYS N 449 59.54 29.50 -3.70
C LYS N 449 58.71 28.68 -4.69
N ILE N 450 57.82 27.82 -4.19
CA ILE N 450 57.08 26.92 -5.08
C ILE N 450 56.22 27.65 -6.11
N PRO N 451 55.37 28.60 -5.73
CA PRO N 451 54.36 29.10 -6.66
C PRO N 451 54.90 29.79 -7.90
N ALA N 452 55.78 30.77 -7.74
CA ALA N 452 56.39 31.40 -8.90
C ALA N 452 57.14 30.38 -9.74
N MET N 453 57.70 29.36 -9.09
CA MET N 453 58.29 28.24 -9.83
C MET N 453 57.26 27.59 -10.74
N THR N 454 56.10 27.23 -10.17
CA THR N 454 55.03 26.62 -10.97
C THR N 454 54.60 27.53 -12.09
N ILE N 455 54.59 28.82 -11.83
CA ILE N 455 54.10 29.77 -12.82
C ILE N 455 55.06 29.86 -13.98
N ALA N 456 56.35 30.05 -13.69
CA ALA N 456 57.36 30.00 -14.73
C ALA N 456 57.31 28.68 -15.49
N LYS N 457 57.02 27.59 -14.77
CA LYS N 457 56.84 26.30 -15.41
C LYS N 457 55.74 26.36 -16.46
N ASN N 458 54.57 26.88 -16.06
CA ASN N 458 53.46 27.00 -17.01
C ASN N 458 53.83 27.89 -18.17
N ALA N 459 54.58 28.96 -17.91
CA ALA N 459 55.01 29.84 -18.98
C ALA N 459 55.91 29.12 -19.98
N GLY N 460 56.60 28.06 -19.55
CA GLY N 460 57.59 27.42 -20.38
C GLY N 460 58.98 27.98 -20.20
N VAL N 461 59.32 28.38 -18.97
CA VAL N 461 60.62 28.96 -18.67
C VAL N 461 61.21 28.21 -17.48
N GLU N 462 62.43 28.57 -17.12
CA GLU N 462 63.15 27.88 -16.06
C GLU N 462 62.68 28.39 -14.70
N GLY N 463 62.04 27.53 -13.93
CA GLY N 463 61.46 27.92 -12.66
C GLY N 463 62.45 28.50 -11.68
N SER N 464 63.37 27.66 -11.20
CA SER N 464 64.32 28.09 -10.19
C SER N 464 65.15 29.28 -10.67
N LEU N 465 65.48 29.31 -11.96
CA LEU N 465 66.20 30.46 -12.50
C LEU N 465 65.43 31.75 -12.30
N ILE N 466 64.15 31.75 -12.71
CA ILE N 466 63.37 32.97 -12.60
C ILE N 466 63.16 33.34 -11.14
N VAL N 467 62.95 32.35 -10.28
CA VAL N 467 62.75 32.63 -8.86
C VAL N 467 63.99 33.29 -8.28
N GLU N 468 65.16 32.74 -8.58
CA GLU N 468 66.41 33.30 -8.07
C GLU N 468 66.63 34.71 -8.60
N LYS N 469 66.43 34.90 -9.91
CA LYS N 469 66.71 36.20 -10.49
C LYS N 469 65.72 37.24 -10.00
N ILE N 470 64.51 36.83 -9.62
CA ILE N 470 63.58 37.74 -8.98
C ILE N 470 64.05 38.09 -7.58
N MET N 471 64.49 37.08 -6.83
CA MET N 471 64.96 37.34 -5.47
C MET N 471 66.17 38.27 -5.46
N GLN N 472 66.99 38.20 -6.50
CA GLN N 472 68.13 39.12 -6.56
C GLN N 472 67.68 40.54 -6.78
N SER N 473 66.55 40.74 -7.44
CA SER N 473 66.12 42.08 -7.85
C SER N 473 65.55 42.83 -6.65
N SER N 474 64.97 44.00 -6.91
CA SER N 474 64.51 44.87 -5.86
C SER N 474 63.24 44.32 -5.21
N SER N 475 62.67 45.11 -4.30
CA SER N 475 61.47 44.69 -3.60
C SER N 475 60.26 44.70 -4.52
N GLU N 476 60.13 45.72 -5.35
CA GLU N 476 58.97 45.91 -6.20
C GLU N 476 59.15 45.32 -7.59
N VAL N 477 60.34 44.92 -7.93
CA VAL N 477 60.60 44.34 -9.24
C VAL N 477 60.28 42.86 -9.18
N GLY N 478 59.71 42.34 -10.25
CA GLY N 478 59.40 40.93 -10.33
C GLY N 478 59.18 40.55 -11.77
N TYR N 479 58.44 39.46 -11.96
CA TYR N 479 58.31 38.82 -13.26
C TYR N 479 56.87 38.84 -13.75
N ASP N 480 56.67 39.40 -14.94
CA ASP N 480 55.46 39.15 -15.70
C ASP N 480 55.68 37.96 -16.62
N ALA N 481 54.63 37.15 -16.73
CA ALA N 481 54.62 36.04 -17.65
C ALA N 481 54.06 36.40 -19.00
N MET N 482 53.21 37.41 -19.06
CA MET N 482 52.67 37.82 -20.34
C MET N 482 53.73 38.53 -21.15
N ALA N 483 54.41 39.49 -20.54
CA ALA N 483 55.57 40.10 -21.18
C ALA N 483 56.82 39.25 -21.02
N GLY N 484 56.76 38.20 -20.20
CA GLY N 484 57.86 37.27 -20.01
C GLY N 484 59.16 37.94 -19.68
N ASP N 485 59.16 38.76 -18.64
CA ASP N 485 60.32 39.63 -18.36
C ASP N 485 60.13 40.20 -16.97
N PHE N 486 61.03 41.08 -16.57
CA PHE N 486 60.96 41.71 -15.25
C PHE N 486 60.48 43.14 -15.38
N VAL N 487 59.56 43.52 -14.51
CA VAL N 487 59.06 44.90 -14.41
C VAL N 487 58.67 45.17 -12.97
N ASN N 488 58.33 46.42 -12.68
CA ASN N 488 57.68 46.74 -11.43
C ASN N 488 56.19 46.46 -11.56
N MET N 489 55.63 45.78 -10.56
CA MET N 489 54.28 45.27 -10.68
C MET N 489 53.26 46.40 -10.63
N VAL N 490 53.24 47.13 -9.52
CA VAL N 490 52.33 48.26 -9.38
C VAL N 490 52.57 49.27 -10.48
N GLU N 491 53.82 49.43 -10.91
CA GLU N 491 54.09 50.13 -12.15
C GLU N 491 53.37 49.47 -13.30
N LYS N 492 53.49 48.14 -13.41
CA LYS N 492 52.87 47.42 -14.51
C LYS N 492 51.38 47.22 -14.32
N GLY N 493 50.89 47.28 -13.08
CA GLY N 493 49.48 47.11 -12.83
C GLY N 493 49.12 45.70 -12.43
N ILE N 494 49.96 45.08 -11.60
CA ILE N 494 49.69 43.77 -11.02
C ILE N 494 49.77 43.91 -9.52
N ILE N 495 48.71 43.50 -8.84
CA ILE N 495 48.65 43.46 -7.39
C ILE N 495 47.70 42.31 -7.03
N ASP N 496 47.58 42.04 -5.75
CA ASP N 496 46.68 40.97 -5.30
C ASP N 496 46.20 41.30 -3.90
N PRO N 497 45.10 40.68 -3.46
CA PRO N 497 44.61 40.93 -2.11
C PRO N 497 45.52 40.28 -1.08
N THR N 498 45.61 40.90 0.08
CA THR N 498 46.35 40.29 1.16
C THR N 498 45.53 39.20 1.83
N LYS N 499 44.21 39.37 1.91
CA LYS N 499 43.39 38.38 2.59
C LYS N 499 43.43 37.05 1.86
N VAL N 500 43.35 37.08 0.53
CA VAL N 500 43.41 35.83 -0.23
C VAL N 500 44.72 35.11 0.03
N VAL N 501 45.83 35.83 -0.02
CA VAL N 501 47.14 35.21 0.17
C VAL N 501 47.24 34.61 1.57
N ARG N 502 46.90 35.41 2.58
CA ARG N 502 47.02 34.95 3.96
C ARG N 502 46.14 33.75 4.23
N THR N 503 44.88 33.79 3.78
CA THR N 503 43.98 32.67 4.01
C THR N 503 44.46 31.41 3.31
N ALA N 504 44.88 31.54 2.05
CA ALA N 504 45.34 30.38 1.30
C ALA N 504 46.56 29.76 1.97
N LEU N 505 47.55 30.59 2.29
CA LEU N 505 48.75 30.10 2.96
C LEU N 505 48.40 29.40 4.26
N LEU N 506 47.55 30.02 5.06
CA LEU N 506 47.22 29.45 6.36
C LEU N 506 46.52 28.11 6.21
N ASP N 507 45.53 28.03 5.33
CA ASP N 507 44.80 26.78 5.13
C ASP N 507 45.73 25.67 4.68
N ALA N 508 46.51 25.96 3.62
CA ALA N 508 47.38 24.93 3.06
C ALA N 508 48.40 24.46 4.10
N ALA N 509 49.06 25.41 4.76
CA ALA N 509 50.05 25.05 5.76
C ALA N 509 49.45 24.21 6.86
N GLY N 510 48.31 24.64 7.40
CA GLY N 510 47.69 23.90 8.49
C GLY N 510 47.35 22.49 8.11
N VAL N 511 46.59 22.31 7.04
CA VAL N 511 46.12 20.98 6.69
C VAL N 511 47.29 20.08 6.30
N ALA N 512 48.24 20.61 5.53
CA ALA N 512 49.36 19.76 5.11
C ALA N 512 50.22 19.36 6.30
N SER N 513 50.53 20.30 7.18
CA SER N 513 51.32 19.97 8.36
C SER N 513 50.62 18.93 9.21
N LEU N 514 49.30 19.04 9.33
CA LEU N 514 48.56 18.00 10.05
C LEU N 514 48.69 16.67 9.33
N LEU N 515 48.64 16.68 8.01
CA LEU N 515 48.78 15.45 7.25
C LEU N 515 50.13 14.80 7.48
N THR N 516 51.17 15.62 7.68
CA THR N 516 52.53 15.09 7.74
C THR N 516 52.70 14.09 8.87
N THR N 517 52.07 14.35 10.01
CA THR N 517 52.26 13.50 11.17
C THR N 517 51.56 12.16 11.07
N ALA N 518 50.93 11.85 9.94
CA ALA N 518 50.27 10.57 9.80
C ALA N 518 51.29 9.45 9.81
N GLU N 519 50.91 8.32 10.40
CA GLU N 519 51.84 7.23 10.58
C GLU N 519 51.23 5.91 10.12
N VAL N 520 49.91 5.82 10.23
CA VAL N 520 49.20 4.57 9.99
C VAL N 520 47.85 4.90 9.39
N VAL N 521 47.51 4.26 8.28
CA VAL N 521 46.28 4.56 7.57
C VAL N 521 45.37 3.34 7.60
N VAL N 522 44.10 3.57 7.88
CA VAL N 522 43.08 2.53 7.87
C VAL N 522 42.03 2.90 6.83
N THR N 523 41.63 1.92 6.03
CA THR N 523 40.71 2.14 4.93
C THR N 523 39.66 1.04 4.93
N GLU N 524 38.52 1.36 4.32
CA GLU N 524 37.50 0.35 4.10
C GLU N 524 38.02 -0.69 3.13
N ILE N 525 37.63 -1.93 3.35
CA ILE N 525 37.96 -3.03 2.45
C ILE N 525 37.26 -2.73 1.14
N PRO N 526 37.81 -3.12 -0.01
CA PRO N 526 37.27 -2.67 -1.29
C PRO N 526 36.05 -3.42 -1.79
N LYS N 527 35.30 -4.07 -0.87
CA LYS N 527 34.14 -4.89 -1.21
C LYS N 527 33.25 -4.28 -2.29
N GLU N 528 32.61 -3.16 -1.99
CA GLU N 528 31.73 -2.50 -2.95
C GLU N 528 31.66 -1.00 -2.68
PB ADP O . 23.51 22.93 -43.02
O1B ADP O . 22.33 22.18 -42.41
O2B ADP O . 24.60 23.05 -42.01
O3B ADP O . 23.04 24.28 -43.50
PA ADP O . 23.21 22.14 -45.83
O1A ADP O . 22.11 23.16 -45.71
O2A ADP O . 22.57 20.80 -46.13
O3A ADP O . 24.05 22.09 -44.40
O5' ADP O . 24.19 22.61 -47.04
C5' ADP O . 23.68 23.61 -47.93
C4' ADP O . 24.85 24.54 -48.35
O4' ADP O . 25.36 24.10 -49.46
C3' ADP O . 24.31 25.93 -48.66
O3' ADP O . 24.79 26.80 -47.72
C2' ADP O . 24.83 26.33 -50.04
O2' ADP O . 25.86 27.44 -49.88
C1' ADP O . 25.41 25.28 -50.53
N9 ADP O . 24.64 24.85 -51.72
C8 ADP O . 23.37 24.41 -51.71
N7 ADP O . 23.04 24.11 -52.99
C5 ADP O . 24.12 24.36 -53.76
C6 ADP O . 24.32 24.23 -55.11
N6 ADP O . 23.52 23.79 -56.20
N1 ADP O . 25.47 24.54 -55.62
C2 ADP O . 26.48 25.01 -54.83
N3 ADP O . 26.28 25.14 -53.49
C4 ADP O . 25.11 24.82 -52.97
MG MG P . 21.38 23.08 -43.91
PB ADP Q . 0.58 -10.45 -53.15
O1B ADP Q . -0.03 -10.75 -51.78
O2B ADP Q . 1.72 -9.49 -53.00
O3B ADP Q . -0.50 -9.89 -54.04
PA ADP Q . 0.03 -12.97 -54.53
O1A ADP Q . -1.33 -12.32 -54.63
O2A ADP Q . -0.12 -14.19 -53.66
O3A ADP Q . 1.10 -11.90 -53.86
O5' ADP Q . 0.49 -13.38 -56.05
C5' ADP Q . -0.54 -13.41 -57.04
C4' ADP Q . -0.05 -12.62 -58.28
O4' ADP Q . 0.50 -13.44 -59.12
C3' ADP Q . -1.23 -11.96 -59.01
O3' ADP Q . -1.04 -10.61 -59.05
C2' ADP Q . -1.22 -12.51 -60.44
O2' ADP Q . -0.78 -11.43 -61.40
C1' ADP Q . -0.37 -13.49 -60.46
N9 ADP Q . -1.12 -14.75 -60.51
C8 ADP Q . -1.94 -15.26 -59.57
N7 ADP Q . -2.41 -16.43 -60.03
C5 ADP Q . -1.90 -16.63 -61.26
C6 ADP Q . -2.04 -17.65 -62.16
N6 ADP Q . -2.79 -18.86 -62.18
N1 ADP Q . -1.43 -17.62 -63.30
C2 ADP Q . -0.62 -16.56 -63.61
N3 ADP Q . -0.46 -15.56 -62.72
C4 ADP Q . -1.09 -15.60 -61.56
MG MG R . -1.56 -11.26 -53.00
PB ADP S . -10.23 -45.44 -32.30
O1B ADP S . -10.99 -44.55 -31.33
O2B ADP S . -9.96 -44.69 -33.56
O3B ADP S . -11.05 -46.70 -32.60
PA ADP S . -8.66 -46.94 -30.35
O1A ADP S . -8.59 -46.18 -29.05
O2A ADP S . -9.89 -47.80 -30.32
O3A ADP S . -8.75 -45.87 -31.62
O5' ADP S . -7.38 -47.93 -30.52
C5' ADP S . -7.72 -49.33 -30.41
C4' ADP S . -7.81 -50.02 -31.79
O4' ADP S . -7.51 -51.28 -31.65
C3' ADP S . -9.25 -50.01 -32.28
O3' ADP S . -9.29 -49.50 -33.54
C2' ADP S . -9.73 -51.45 -32.30
O2' ADP S . -10.53 -51.67 -33.57
C1' ADP S . -8.64 -52.16 -32.34
N9 ADP S . -8.82 -53.38 -31.54
C8 ADP S . -9.24 -53.44 -30.25
N7 ADP S . -9.25 -54.74 -29.89
C5 ADP S . -8.85 -55.48 -30.94
C6 ADP S . -8.69 -56.83 -31.09
N6 ADP S . -8.87 -57.96 -30.27
N1 ADP S . -8.28 -57.31 -32.24
C2 ADP S . -8.01 -56.47 -33.28
N3 ADP S . -8.17 -55.12 -33.12
C4 ADP S . -8.58 -54.64 -31.96
MG MG T . -6.82 -45.56 -29.76
PB ADP U . 5.25 -53.27 8.47
O1B ADP U . 4.04 -53.99 9.06
O2B ADP U . 5.12 -53.12 6.99
O3B ADP U . 5.36 -51.91 9.13
PA ADP U . 6.84 -54.75 10.43
O1A ADP U . 5.53 -54.69 11.16
O2A ADP U . 7.80 -53.84 11.16
O3A ADP U . 6.60 -54.20 8.88
O5' ADP U . 7.37 -56.29 10.43
C5' ADP U . 6.81 -57.16 11.42
C4' ADP U . 6.40 -58.48 10.74
O4' ADP U . 7.35 -59.34 10.89
C3' ADP U . 5.16 -59.07 11.40
O3' ADP U . 4.12 -59.03 10.51
C2' ADP U . 5.49 -60.52 11.72
O2' ADP U . 4.85 -61.42 10.70
C1' ADP U . 6.79 -60.62 11.64
N9 ADP U . 7.34 -60.67 13.00
C8 ADP U . 7.26 -59.70 13.94
N7 ADP U . 7.91 -60.15 15.04
C5 ADP U . 8.37 -61.39 14.77
C6 ADP U . 9.09 -62.28 15.53
N6 ADP U . 9.61 -62.26 16.86
N1 ADP U . 9.43 -63.43 15.04
C2 ADP U . 9.07 -63.76 13.77
N3 ADP U . 8.37 -62.88 13.01
C4 ADP U . 8.03 -61.71 13.52
MG MG V . 4.72 -52.98 10.70
PB ADP W . 29.38 -30.35 33.83
O1B ADP W . 28.91 -28.95 33.44
O2B ADP W . 28.88 -31.34 32.82
O3B ADP W . 28.84 -30.68 35.20
PA ADP W . 31.84 -29.66 35.22
O1A ADP W . 30.84 -29.32 36.29
O2A ADP W . 32.51 -28.37 34.79
O3A ADP W . 31.05 -30.37 33.94
O5' ADP W . 32.92 -30.69 35.89
C5' ADP W . 32.90 -30.76 37.32
C4' ADP W . 33.11 -32.22 37.76
O4' ADP W . 34.38 -32.41 37.97
C3' ADP W . 32.41 -32.48 39.09
O3' ADP W . 31.38 -33.36 38.88
C2' ADP W . 33.44 -33.12 40.02
O2' ADP W . 33.10 -34.58 40.21
C1' ADP W . 34.59 -33.01 39.43
N9 ADP W . 35.43 -32.08 40.20
C8 ADP W . 35.18 -30.77 40.42
N7 ADP W . 36.20 -30.29 41.17
C5 ADP W . 37.07 -31.29 41.39
C6 ADP W . 38.25 -31.36 42.08
N6 ADP W . 39.01 -30.41 42.81
N1 ADP W . 38.90 -32.48 42.16
C2 ADP W . 38.42 -33.58 41.56
N3 ADP W . 37.25 -33.54 40.88
C4 ADP W . 36.59 -32.41 40.80
MG MG X . 29.22 -28.70 35.43
PB ADP Y . 46.71 6.99 26.83
O1B ADP Y . 46.53 7.62 28.19
O2B ADP Y . 46.38 5.53 26.88
O3B ADP Y . 45.81 7.70 25.84
PA ADP Y . 48.86 8.74 25.95
O1A ADP Y . 47.83 9.69 26.50
O2A ADP Y . 48.94 8.91 24.45
O3A ADP Y . 48.32 7.23 26.35
O5' ADP Y . 50.31 9.02 26.65
C5' ADP Y . 50.28 9.60 27.96
C4' ADP Y . 51.29 8.82 28.84
O4' ADP Y . 52.49 9.04 28.40
C3' ADP Y . 51.23 9.33 30.27
O3' ADP Y . 50.87 8.31 31.11
C2' ADP Y . 52.64 9.81 30.63
O2' ADP Y . 53.17 8.97 31.77
C1' ADP Y . 53.38 9.64 29.58
N9 ADP Y . 53.88 10.95 29.15
C8 ADP Y . 53.15 11.94 28.58
N7 ADP Y . 53.99 12.97 28.35
C5 ADP Y . 55.22 12.62 28.78
C6 ADP Y . 56.41 13.29 28.78
N6 ADP Y . 56.83 14.57 28.35
N1 ADP Y . 57.48 12.73 29.27
C2 ADP Y . 57.41 11.46 29.77
N3 ADP Y . 56.23 10.80 29.78
C4 ADP Y . 55.15 11.37 29.29
MG MG Z . 48.25 8.51 28.17
PB ADP AA . 43.89 30.63 -7.41
O1B ADP AA . 42.47 30.24 -7.79
O2B ADP AA . 44.42 29.64 -6.40
O3B ADP AA . 43.91 32.02 -6.85
PA ADP AA . 44.85 31.92 -9.85
O1A ADP AA . 44.03 33.03 -9.27
O2A ADP AA . 44.22 31.51 -11.15
O3A ADP AA . 44.86 30.63 -8.79
O5' ADP AA . 46.36 32.46 -10.10
C5' ADP AA . 46.53 33.89 -10.16
C4' ADP AA . 47.86 34.23 -9.47
O4' ADP AA . 48.79 34.29 -10.38
C3' ADP AA . 47.79 35.62 -8.83
O3' ADP AA . 47.90 35.50 -7.48
C2' ADP AA . 48.96 36.43 -9.38
O2' ADP AA . 49.97 36.65 -8.27
C1' ADP AA . 49.49 35.72 -10.32
N9 ADP AA . 49.26 36.40 -11.60
C8 ADP AA . 48.07 36.61 -12.20
N7 ADP AA . 48.30 37.27 -13.34
C5 ADP AA . 49.63 37.48 -13.46
C6 ADP AA . 50.39 38.09 -14.41
N6 ADP AA . 50.09 38.73 -15.64
N1 ADP AA . 51.68 38.15 -14.29
C2 ADP AA . 52.28 37.61 -13.20
N3 ADP AA . 51.53 37.01 -12.24
C4 ADP AA . 50.23 36.94 -12.37
MG MG BA . 42.50 32.13 -8.48
#